data_8PMK
#
_entry.id   8PMK
#
_cell.length_a   1.00
_cell.length_b   1.00
_cell.length_c   1.00
_cell.angle_alpha   90.00
_cell.angle_beta   90.00
_cell.angle_gamma   90.00
#
_symmetry.space_group_name_H-M   'P 1'
#
loop_
_entity.id
_entity.type
_entity.pdbx_description
1 polymer 'Phthaloyl-CoA decarboxylase'
2 non-polymer 'hydroxylated prenyl-FMN'
3 non-polymer 'FE (III) ION'
4 non-polymer 'POTASSIUM ION'
#
_entity_poly.entity_id   1
_entity_poly.type   'polypeptide(L)'
_entity_poly.pdbx_seq_one_letter_code
;MNDLATKGISEAAERVGEKDLRAALEWFRSKGYLVETNKEVNPDLEITGLQKIFDGSLPMLFNNVKDMPHARAITNLFGD
IRVVEELFGWENSLDRVKKVARAIDHPLKPVIIGQDEAPVQEEVLTTDLDVNKWLTAIRHTPLETEMTIGSGISCVVGPY
FDGGSHIGYNRMNFRWGNVGTFQISPGSHMWQVMTEHYKDDEPIPLTMCFGVPPSCTYVAGAGFDYAILPKGCDEIGIAG
AIQGSPVRLVKCRTIDAYTLADAEYVLEGYLHPRDKRYETAESEAADIQGRFHFHPEWAGYMGKAYKAPTFHVTAITMRR
RESKPIIFPLGVHTADDANIDTSVRESAIFALCERLQPGIVQNVHIPYCMTDWGGCIIQVKKRNQIEEGWQRNFLAAILA
CSQGMRLAIAVSEDVDIYSMDDIMWCLTTRVNPQTDILNPLPGGRGQTFMPAERMTSGDKQWTASNTQFEGGMGIDATVP
YGYESDFHRPVYGVDLVKPENFFDAKDIDKMKSRMAGWVLSLARTGR
;
_entity_poly.pdbx_strand_id   A,B,C,D,E,F
#
# COMPACT_ATOMS: atom_id res chain seq x y z
N ALA A 13 17.12 -45.13 -54.34
CA ALA A 13 16.47 -46.27 -53.69
C ALA A 13 15.86 -45.85 -52.36
N GLU A 14 16.72 -45.37 -51.46
CA GLU A 14 16.26 -44.93 -50.13
C GLU A 14 17.14 -43.78 -49.68
N ARG A 15 16.50 -42.73 -49.16
CA ARG A 15 17.19 -41.55 -48.69
C ARG A 15 17.30 -41.56 -47.17
N VAL A 16 18.42 -41.06 -46.67
CA VAL A 16 18.75 -41.11 -45.25
C VAL A 16 18.94 -39.68 -44.73
N GLY A 17 18.29 -39.37 -43.61
CA GLY A 17 18.49 -38.08 -42.98
C GLY A 17 19.80 -37.99 -42.25
N GLU A 18 20.18 -36.76 -41.92
CA GLU A 18 21.47 -36.52 -41.25
C GLU A 18 21.38 -36.83 -39.76
N LYS A 19 20.53 -36.12 -39.04
CA LYS A 19 20.39 -36.26 -37.60
C LYS A 19 18.92 -36.29 -37.21
N ASP A 20 18.16 -37.13 -37.91
CA ASP A 20 16.71 -37.16 -37.78
C ASP A 20 16.27 -38.02 -36.60
N LEU A 21 14.97 -38.32 -36.55
CA LEU A 21 14.42 -39.12 -35.47
C LEU A 21 14.77 -40.59 -35.59
N ARG A 22 15.03 -41.08 -36.80
CA ARG A 22 15.43 -42.46 -36.97
C ARG A 22 16.86 -42.70 -36.54
N ALA A 23 17.72 -41.69 -36.70
CA ALA A 23 19.10 -41.81 -36.22
C ALA A 23 19.17 -41.67 -34.70
N ALA A 24 18.25 -40.90 -34.11
CA ALA A 24 18.19 -40.78 -32.66
C ALA A 24 17.59 -42.02 -32.01
N LEU A 25 16.72 -42.72 -32.73
CA LEU A 25 16.15 -43.96 -32.21
C LEU A 25 17.16 -45.10 -32.22
N GLU A 26 18.10 -45.07 -33.17
CA GLU A 26 19.16 -46.06 -33.19
C GLU A 26 20.21 -45.78 -32.11
N TRP A 27 20.36 -44.51 -31.72
CA TRP A 27 21.26 -44.17 -30.62
C TRP A 27 20.68 -44.58 -29.28
N PHE A 28 19.35 -44.58 -29.16
CA PHE A 28 18.71 -45.02 -27.92
C PHE A 28 18.75 -46.54 -27.78
N ARG A 29 18.81 -47.26 -28.90
CA ARG A 29 18.93 -48.71 -28.85
C ARG A 29 20.34 -49.13 -28.45
N SER A 30 21.35 -48.32 -28.78
CA SER A 30 22.73 -48.66 -28.43
C SER A 30 23.00 -48.44 -26.94
N LYS A 31 22.39 -47.43 -26.35
CA LYS A 31 22.55 -47.15 -24.93
C LYS A 31 21.54 -47.88 -24.07
N GLY A 32 20.60 -48.62 -24.68
CA GLY A 32 19.60 -49.33 -23.93
C GLY A 32 18.49 -48.48 -23.38
N TYR A 33 18.32 -47.27 -23.89
CA TYR A 33 17.30 -46.35 -23.38
C TYR A 33 15.95 -46.51 -24.06
N LEU A 34 15.87 -47.30 -25.12
CA LEU A 34 14.63 -47.43 -25.89
C LEU A 34 13.86 -48.66 -25.44
N VAL A 35 12.58 -48.48 -25.16
CA VAL A 35 11.69 -49.57 -24.79
C VAL A 35 10.64 -49.69 -25.89
N GLU A 36 10.65 -50.82 -26.58
CA GLU A 36 9.74 -51.04 -27.70
C GLU A 36 8.73 -52.11 -27.37
N THR A 37 7.64 -52.11 -28.13
CA THR A 37 6.60 -53.12 -27.99
C THR A 37 5.91 -53.31 -29.34
N ASN A 38 5.23 -54.44 -29.47
CA ASN A 38 4.49 -54.75 -30.69
C ASN A 38 3.00 -54.95 -30.43
N LYS A 39 2.53 -54.67 -29.22
CA LYS A 39 1.11 -54.71 -28.93
C LYS A 39 0.43 -53.49 -29.52
N GLU A 40 -0.84 -53.66 -29.90
CA GLU A 40 -1.58 -52.60 -30.56
C GLU A 40 -2.09 -51.63 -29.52
N VAL A 41 -1.38 -50.50 -29.37
CA VAL A 41 -1.84 -49.45 -28.48
C VAL A 41 -2.97 -48.67 -29.16
N ASN A 42 -3.81 -48.05 -28.35
CA ASN A 42 -4.91 -47.21 -28.79
C ASN A 42 -4.47 -45.75 -28.79
N PRO A 43 -4.77 -44.98 -29.84
CA PRO A 43 -4.64 -43.52 -29.74
C PRO A 43 -5.64 -42.87 -28.81
N ASP A 44 -6.79 -43.51 -28.58
CA ASP A 44 -7.77 -43.03 -27.60
C ASP A 44 -7.39 -43.57 -26.23
N LEU A 45 -6.83 -42.66 -25.39
CA LEU A 45 -6.65 -42.81 -23.94
C LEU A 45 -5.71 -43.94 -23.53
N GLU A 46 -4.74 -44.28 -24.38
CA GLU A 46 -3.80 -45.33 -24.00
C GLU A 46 -2.36 -44.89 -24.22
N ILE A 47 -2.15 -43.98 -25.16
CA ILE A 47 -0.80 -43.44 -25.38
C ILE A 47 -0.46 -42.46 -24.27
N THR A 48 -1.34 -41.50 -24.01
CA THR A 48 -1.13 -40.55 -22.93
C THR A 48 -1.38 -41.14 -21.55
N GLY A 49 -2.15 -42.23 -21.48
CA GLY A 49 -2.28 -42.95 -20.22
C GLY A 49 -1.00 -43.66 -19.83
N LEU A 50 -0.33 -44.28 -20.78
CA LEU A 50 0.96 -44.91 -20.53
C LEU A 50 2.08 -43.90 -20.39
N GLN A 51 1.91 -42.71 -20.96
CA GLN A 51 2.88 -41.63 -20.78
C GLN A 51 2.83 -41.06 -19.38
N LYS A 52 1.64 -41.02 -18.77
CA LYS A 52 1.50 -40.47 -17.43
C LYS A 52 1.98 -41.43 -16.35
N ILE A 53 1.92 -42.74 -16.62
CA ILE A 53 2.46 -43.74 -15.70
C ILE A 53 3.98 -43.66 -15.67
N PHE A 54 4.59 -43.45 -16.82
CA PHE A 54 6.04 -43.41 -16.93
C PHE A 54 6.51 -42.00 -17.27
N ASP A 55 5.97 -41.02 -16.55
CA ASP A 55 6.33 -39.62 -16.72
C ASP A 55 7.76 -39.36 -16.27
N GLY A 56 8.52 -38.65 -17.11
CA GLY A 56 9.92 -38.36 -16.85
C GLY A 56 10.82 -39.58 -16.90
N SER A 57 10.65 -40.41 -17.92
CA SER A 57 11.35 -41.69 -17.95
C SER A 57 11.80 -41.95 -19.40
N LEU A 58 12.11 -43.22 -19.68
CA LEU A 58 12.73 -43.65 -20.93
C LEU A 58 11.77 -43.52 -22.12
N PRO A 59 12.29 -43.35 -23.34
CA PRO A 59 11.41 -43.31 -24.53
C PRO A 59 10.75 -44.63 -24.84
N MET A 60 9.46 -44.55 -25.14
CA MET A 60 8.61 -45.70 -25.40
C MET A 60 8.20 -45.66 -26.86
N LEU A 61 8.44 -46.76 -27.58
CA LEU A 61 8.15 -46.86 -29.00
C LEU A 61 7.01 -47.85 -29.21
N PHE A 62 5.95 -47.39 -29.88
CA PHE A 62 4.79 -48.22 -30.20
C PHE A 62 4.82 -48.53 -31.69
N ASN A 63 5.07 -49.80 -32.02
CA ASN A 63 5.12 -50.19 -33.43
C ASN A 63 3.73 -50.32 -34.02
N ASN A 64 2.76 -50.80 -33.25
CA ASN A 64 1.41 -51.01 -33.73
C ASN A 64 0.47 -50.02 -33.03
N VAL A 65 -0.14 -49.15 -33.82
CA VAL A 65 -1.14 -48.19 -33.36
C VAL A 65 -2.47 -48.59 -33.95
N LYS A 66 -3.55 -48.47 -33.17
CA LYS A 66 -4.88 -48.90 -33.59
C LYS A 66 -5.46 -47.98 -34.65
N ASP A 67 -5.96 -48.59 -35.74
CA ASP A 67 -6.43 -47.97 -36.99
C ASP A 67 -5.37 -47.09 -37.65
N MET A 68 -4.11 -47.49 -37.53
CA MET A 68 -2.97 -46.76 -38.12
C MET A 68 -2.02 -47.82 -38.64
N PRO A 69 -2.26 -48.33 -39.85
CA PRO A 69 -1.45 -49.46 -40.34
C PRO A 69 -0.08 -49.08 -40.85
N HIS A 70 0.18 -47.79 -41.05
CA HIS A 70 1.47 -47.33 -41.52
C HIS A 70 2.21 -46.46 -40.52
N ALA A 71 1.59 -46.09 -39.41
CA ALA A 71 2.18 -45.14 -38.48
C ALA A 71 2.81 -45.87 -37.30
N ARG A 72 3.98 -45.40 -36.89
CA ARG A 72 4.60 -45.76 -35.63
C ARG A 72 4.52 -44.57 -34.68
N ALA A 73 4.51 -44.85 -33.39
CA ALA A 73 4.38 -43.79 -32.40
C ALA A 73 5.50 -43.91 -31.37
N ILE A 74 6.24 -42.83 -31.18
CA ILE A 74 7.22 -42.70 -30.11
C ILE A 74 6.62 -41.78 -29.06
N THR A 75 6.84 -42.09 -27.79
CA THR A 75 6.47 -41.18 -26.72
C THR A 75 7.54 -41.27 -25.63
N ASN A 76 7.47 -40.28 -24.72
CA ASN A 76 8.40 -40.04 -23.60
C ASN A 76 9.85 -39.83 -24.06
N LEU A 77 10.01 -39.19 -25.22
CA LEU A 77 11.33 -39.00 -25.81
C LEU A 77 12.12 -37.92 -25.10
N PHE A 78 11.44 -36.88 -24.62
CA PHE A 78 12.07 -35.82 -23.85
C PHE A 78 11.72 -35.90 -22.38
N GLY A 79 11.45 -37.12 -21.89
CA GLY A 79 11.01 -37.32 -20.52
C GLY A 79 12.11 -37.14 -19.50
N ASP A 80 13.14 -37.98 -19.60
CA ASP A 80 14.31 -37.81 -18.78
C ASP A 80 15.21 -36.77 -19.43
N ILE A 81 15.62 -35.76 -18.66
CA ILE A 81 16.55 -34.76 -19.17
C ILE A 81 17.99 -35.25 -19.17
N ARG A 82 18.28 -36.36 -18.48
CA ARG A 82 19.61 -36.93 -18.50
C ARG A 82 19.91 -37.67 -19.80
N VAL A 83 18.89 -38.11 -20.53
CA VAL A 83 19.12 -38.74 -21.83
C VAL A 83 18.93 -37.77 -22.99
N VAL A 84 18.30 -36.62 -22.76
CA VAL A 84 18.35 -35.54 -23.74
C VAL A 84 19.74 -34.91 -23.75
N GLU A 85 20.33 -34.73 -22.56
CA GLU A 85 21.66 -34.16 -22.44
C GLU A 85 22.74 -35.12 -22.90
N GLU A 86 22.50 -36.43 -22.78
CA GLU A 86 23.43 -37.40 -23.32
C GLU A 86 23.34 -37.50 -24.83
N LEU A 87 22.18 -37.14 -25.41
CA LEU A 87 22.00 -37.19 -26.85
C LEU A 87 22.76 -36.06 -27.55
N PHE A 88 22.70 -34.86 -26.99
CA PHE A 88 23.35 -33.70 -27.57
C PHE A 88 24.75 -33.45 -27.02
N GLY A 89 25.26 -34.37 -26.21
CA GLY A 89 26.61 -34.25 -25.68
C GLY A 89 26.80 -33.20 -24.61
N TRP A 90 25.86 -33.10 -23.68
CA TRP A 90 25.94 -32.16 -22.56
C TRP A 90 26.15 -32.93 -21.27
N GLU A 91 26.94 -32.35 -20.37
CA GLU A 91 27.30 -33.05 -19.13
C GLU A 91 26.17 -32.99 -18.11
N ASN A 92 25.63 -31.79 -17.87
CA ASN A 92 24.54 -31.63 -16.92
C ASN A 92 23.64 -30.51 -17.42
N SER A 93 22.73 -30.07 -16.55
CA SER A 93 21.81 -29.00 -16.90
C SER A 93 22.48 -27.64 -16.92
N LEU A 94 23.56 -27.47 -16.16
CA LEU A 94 24.32 -26.22 -16.22
C LEU A 94 25.11 -26.11 -17.52
N ASP A 95 25.62 -27.24 -18.02
CA ASP A 95 26.27 -27.25 -19.32
C ASP A 95 25.26 -27.16 -20.45
N ARG A 96 24.02 -27.57 -20.22
CA ARG A 96 22.97 -27.47 -21.23
C ARG A 96 22.54 -26.03 -21.45
N VAL A 97 22.42 -25.27 -20.35
CA VAL A 97 21.92 -23.89 -20.40
C VAL A 97 22.97 -22.96 -21.03
N LYS A 98 24.23 -23.13 -20.66
CA LYS A 98 25.30 -22.27 -21.17
C LYS A 98 25.70 -22.55 -22.61
N LYS A 99 25.34 -23.72 -23.15
CA LYS A 99 25.71 -24.03 -24.52
C LYS A 99 24.61 -23.70 -25.52
N VAL A 100 23.35 -23.81 -25.12
CA VAL A 100 22.23 -23.40 -25.97
C VAL A 100 22.19 -21.86 -26.07
N ALA A 101 22.51 -21.17 -24.97
CA ALA A 101 22.60 -19.72 -24.98
C ALA A 101 23.84 -19.22 -25.73
N ARG A 102 24.88 -20.05 -25.81
CA ARG A 102 25.96 -19.80 -26.76
C ARG A 102 25.48 -20.00 -28.19
N ALA A 103 24.67 -21.04 -28.42
CA ALA A 103 24.16 -21.37 -29.74
C ALA A 103 23.05 -20.45 -30.21
N ILE A 104 22.44 -19.69 -29.30
CA ILE A 104 21.48 -18.67 -29.68
C ILE A 104 22.20 -17.52 -30.38
N ASP A 105 23.34 -17.09 -29.85
CA ASP A 105 24.10 -15.99 -30.40
C ASP A 105 24.84 -16.33 -31.69
N HIS A 106 25.10 -17.60 -31.94
CA HIS A 106 25.76 -18.05 -33.17
C HIS A 106 24.92 -19.12 -33.86
N PRO A 107 23.90 -18.73 -34.62
CA PRO A 107 23.13 -19.73 -35.36
C PRO A 107 23.85 -20.20 -36.61
N LEU A 108 23.53 -21.43 -37.01
CA LEU A 108 24.08 -22.04 -38.21
C LEU A 108 23.09 -21.87 -39.35
N LYS A 109 23.61 -21.51 -40.52
CA LYS A 109 22.75 -21.26 -41.68
C LYS A 109 22.22 -22.56 -42.25
N PRO A 110 20.90 -22.75 -42.35
CA PRO A 110 20.36 -24.02 -42.86
C PRO A 110 20.50 -24.16 -44.37
N VAL A 111 20.80 -25.37 -44.79
CA VAL A 111 21.07 -25.65 -46.19
C VAL A 111 19.78 -26.09 -46.88
N ILE A 112 19.75 -25.90 -48.19
CA ILE A 112 18.60 -26.28 -49.01
C ILE A 112 19.06 -27.36 -49.97
N ILE A 113 18.43 -28.53 -49.90
CA ILE A 113 18.77 -29.65 -50.76
C ILE A 113 17.68 -29.80 -51.83
N GLY A 114 17.95 -30.67 -52.80
CA GLY A 114 17.01 -30.87 -53.88
C GLY A 114 15.84 -31.74 -53.48
N GLN A 115 14.81 -31.73 -54.33
CA GLN A 115 13.57 -32.45 -54.04
C GLN A 115 13.70 -33.96 -54.22
N ASP A 116 14.69 -34.42 -54.98
CA ASP A 116 14.93 -35.85 -55.13
C ASP A 116 15.77 -36.42 -53.99
N GLU A 117 16.39 -35.58 -53.17
CA GLU A 117 17.20 -36.05 -52.05
C GLU A 117 16.52 -35.89 -50.70
N ALA A 118 15.36 -35.25 -50.64
CA ALA A 118 14.66 -35.08 -49.38
C ALA A 118 13.94 -36.37 -49.01
N PRO A 119 14.17 -36.94 -47.83
CA PRO A 119 13.48 -38.18 -47.46
C PRO A 119 12.01 -38.02 -47.13
N VAL A 120 11.53 -36.81 -46.83
CA VAL A 120 10.13 -36.63 -46.49
C VAL A 120 9.26 -36.53 -47.74
N GLN A 121 9.85 -36.30 -48.90
CA GLN A 121 9.10 -36.21 -50.15
C GLN A 121 9.18 -37.49 -50.97
N GLU A 122 9.22 -38.64 -50.31
CA GLU A 122 9.17 -39.91 -51.02
C GLU A 122 7.76 -40.20 -51.53
N GLU A 123 6.76 -39.97 -50.69
CA GLU A 123 5.35 -40.18 -51.04
C GLU A 123 4.63 -38.85 -50.92
N VAL A 124 4.28 -38.27 -52.06
CA VAL A 124 3.61 -36.97 -52.10
C VAL A 124 2.16 -37.21 -52.52
N LEU A 125 1.23 -36.80 -51.66
CA LEU A 125 -0.19 -36.92 -51.93
C LEU A 125 -0.78 -35.52 -52.13
N THR A 126 -1.46 -35.33 -53.26
CA THR A 126 -2.09 -34.06 -53.57
C THR A 126 -3.61 -34.13 -53.62
N THR A 127 -4.18 -35.33 -53.78
CA THR A 127 -5.61 -35.53 -53.79
C THR A 127 -5.99 -36.52 -52.69
N ASP A 128 -7.31 -36.59 -52.45
CA ASP A 128 -8.03 -37.19 -51.30
C ASP A 128 -7.29 -36.99 -49.96
N LEU A 129 -7.06 -35.72 -49.65
CA LEU A 129 -6.28 -35.33 -48.47
C LEU A 129 -7.14 -35.48 -47.22
N ASP A 130 -7.18 -36.69 -46.69
CA ASP A 130 -7.77 -36.95 -45.38
C ASP A 130 -6.61 -37.02 -44.38
N VAL A 131 -6.53 -36.01 -43.52
CA VAL A 131 -5.39 -35.90 -42.61
C VAL A 131 -5.54 -36.87 -41.45
N ASN A 132 -6.78 -37.17 -41.04
CA ASN A 132 -7.00 -38.15 -39.99
C ASN A 132 -6.82 -39.60 -40.46
N LYS A 133 -6.82 -39.83 -41.78
CA LYS A 133 -6.44 -41.12 -42.34
C LYS A 133 -4.95 -41.39 -42.14
N TRP A 134 -4.11 -40.35 -42.29
CA TRP A 134 -2.66 -40.54 -42.27
C TRP A 134 -2.00 -40.09 -40.98
N LEU A 135 -2.46 -39.00 -40.36
CA LEU A 135 -1.82 -38.48 -39.15
C LEU A 135 -2.61 -38.92 -37.94
N THR A 136 -1.90 -39.34 -36.89
CA THR A 136 -2.54 -39.93 -35.73
C THR A 136 -3.03 -38.83 -34.79
N ALA A 137 -4.33 -38.80 -34.55
CA ALA A 137 -4.94 -37.94 -33.55
C ALA A 137 -5.10 -38.74 -32.26
N ILE A 138 -4.86 -38.07 -31.13
CA ILE A 138 -4.92 -38.73 -29.83
C ILE A 138 -5.95 -38.04 -28.96
N ARG A 139 -6.33 -38.72 -27.88
CA ARG A 139 -7.20 -38.18 -26.85
C ARG A 139 -6.50 -38.34 -25.51
N HIS A 140 -6.45 -37.26 -24.73
CA HIS A 140 -5.66 -37.27 -23.51
C HIS A 140 -6.48 -37.73 -22.30
N THR A 141 -7.54 -37.00 -21.99
CA THR A 141 -8.38 -37.23 -20.82
C THR A 141 -9.72 -37.80 -21.25
N PRO A 142 -10.41 -38.56 -20.38
CA PRO A 142 -11.73 -39.10 -20.76
C PRO A 142 -12.88 -38.09 -20.81
N LEU A 143 -12.68 -36.84 -20.38
CA LEU A 143 -13.69 -35.81 -20.49
C LEU A 143 -13.73 -35.12 -21.85
N GLU A 144 -12.85 -35.51 -22.78
CA GLU A 144 -12.82 -34.90 -24.10
C GLU A 144 -13.94 -35.42 -24.97
N THR A 145 -14.23 -34.68 -26.04
CA THR A 145 -15.18 -35.12 -27.05
C THR A 145 -14.48 -35.41 -28.37
N GLU A 146 -13.41 -34.68 -28.67
CA GLU A 146 -12.79 -34.71 -29.99
C GLU A 146 -11.40 -35.31 -29.96
N MET A 147 -10.93 -35.69 -31.14
CA MET A 147 -9.61 -36.28 -31.35
C MET A 147 -8.70 -35.19 -31.91
N THR A 148 -7.57 -34.95 -31.26
CA THR A 148 -6.76 -33.76 -31.50
C THR A 148 -5.40 -34.16 -32.06
N ILE A 149 -5.05 -33.62 -33.23
CA ILE A 149 -3.68 -33.70 -33.72
C ILE A 149 -2.87 -32.59 -33.08
N GLY A 150 -1.86 -32.96 -32.31
CA GLY A 150 -1.02 -31.99 -31.66
C GLY A 150 0.46 -32.33 -31.70
N SER A 151 0.89 -32.97 -32.78
CA SER A 151 2.24 -33.50 -32.88
C SER A 151 3.12 -32.72 -33.85
N GLY A 152 2.62 -31.64 -34.44
CA GLY A 152 3.30 -30.95 -35.51
C GLY A 152 3.83 -29.59 -35.09
N ILE A 153 5.01 -29.25 -35.62
CA ILE A 153 5.59 -27.94 -35.43
C ILE A 153 5.41 -27.16 -36.73
N SER A 154 5.38 -25.84 -36.63
CA SER A 154 4.99 -24.98 -37.75
C SER A 154 6.22 -24.31 -38.31
N CYS A 155 6.60 -24.67 -39.53
CA CYS A 155 7.83 -24.21 -40.15
C CYS A 155 7.52 -23.08 -41.12
N VAL A 156 7.86 -21.84 -40.73
CA VAL A 156 7.66 -20.66 -41.56
C VAL A 156 9.04 -20.09 -41.88
N VAL A 157 9.49 -20.28 -43.12
CA VAL A 157 10.78 -19.81 -43.59
C VAL A 157 10.55 -18.87 -44.76
N GLY A 158 11.06 -17.64 -44.67
CA GLY A 158 11.12 -16.78 -45.82
C GLY A 158 10.67 -15.36 -45.57
N PRO A 159 9.88 -14.81 -46.50
CA PRO A 159 9.48 -13.40 -46.38
C PRO A 159 8.39 -13.14 -45.36
N TYR A 160 7.70 -14.17 -44.90
CA TYR A 160 6.68 -14.00 -43.88
C TYR A 160 7.25 -13.97 -42.47
N PHE A 161 8.53 -14.31 -42.31
CA PHE A 161 9.23 -14.15 -41.04
C PHE A 161 10.49 -13.31 -41.22
N ASP A 162 10.43 -12.32 -42.14
CA ASP A 162 11.42 -11.25 -42.38
C ASP A 162 12.79 -11.78 -42.78
N GLY A 163 12.83 -12.89 -43.52
CA GLY A 163 14.08 -13.49 -43.90
C GLY A 163 14.65 -14.48 -42.90
N GLY A 164 14.01 -14.64 -41.75
CA GLY A 164 14.42 -15.61 -40.75
C GLY A 164 13.66 -16.90 -40.87
N SER A 165 13.49 -17.59 -39.75
CA SER A 165 12.77 -18.85 -39.72
C SER A 165 12.11 -19.01 -38.37
N HIS A 166 11.06 -19.81 -38.33
CA HIS A 166 10.31 -20.04 -37.10
C HIS A 166 9.87 -21.49 -37.03
N ILE A 167 10.05 -22.12 -35.88
CA ILE A 167 9.50 -23.43 -35.61
C ILE A 167 8.80 -23.40 -34.25
N GLY A 168 7.61 -23.99 -34.19
CA GLY A 168 6.83 -24.01 -32.97
C GLY A 168 5.56 -24.81 -33.10
N TYR A 169 5.12 -25.42 -32.01
CA TYR A 169 3.98 -26.32 -32.02
C TYR A 169 2.67 -25.56 -32.10
N ASN A 170 1.70 -26.15 -32.81
CA ASN A 170 0.34 -25.65 -32.87
C ASN A 170 -0.60 -26.85 -32.90
N ARG A 171 -1.67 -26.80 -32.11
CA ARG A 171 -2.60 -27.91 -32.10
C ARG A 171 -3.60 -27.78 -33.25
N MET A 172 -4.14 -28.93 -33.67
CA MET A 172 -5.08 -29.00 -34.78
C MET A 172 -6.30 -29.80 -34.38
N ASN A 173 -7.37 -29.60 -35.15
CA ASN A 173 -8.55 -30.46 -35.06
C ASN A 173 -9.14 -30.52 -36.47
N PHE A 174 -8.81 -31.57 -37.21
CA PHE A 174 -9.29 -31.73 -38.56
C PHE A 174 -10.69 -32.33 -38.52
N ARG A 175 -11.69 -31.51 -38.83
CA ARG A 175 -13.07 -31.95 -38.82
C ARG A 175 -13.74 -31.87 -40.18
N TRP A 176 -13.14 -31.18 -41.14
CA TRP A 176 -13.73 -31.00 -42.46
C TRP A 176 -12.82 -31.54 -43.54
N GLY A 177 -12.20 -32.69 -43.28
CA GLY A 177 -11.35 -33.32 -44.27
C GLY A 177 -9.94 -32.75 -44.27
N ASN A 178 -9.65 -31.90 -45.25
CA ASN A 178 -8.35 -31.27 -45.37
C ASN A 178 -8.29 -29.91 -44.67
N VAL A 179 -9.37 -29.49 -44.04
CA VAL A 179 -9.43 -28.21 -43.34
C VAL A 179 -9.56 -28.49 -41.85
N GLY A 180 -8.67 -27.89 -41.05
CA GLY A 180 -8.76 -28.02 -39.61
C GLY A 180 -8.36 -26.72 -38.94
N THR A 181 -8.67 -26.64 -37.66
CA THR A 181 -8.36 -25.46 -36.88
C THR A 181 -6.89 -25.39 -36.55
N PHE A 182 -6.44 -24.20 -36.16
CA PHE A 182 -5.02 -23.91 -36.00
C PHE A 182 -4.91 -22.92 -34.84
N GLN A 183 -4.68 -23.44 -33.64
CA GLN A 183 -4.69 -22.61 -32.45
C GLN A 183 -3.37 -21.87 -32.31
N ILE A 184 -3.43 -20.55 -32.26
CA ILE A 184 -2.27 -19.69 -32.05
C ILE A 184 -2.47 -18.99 -30.72
N SER A 185 -1.50 -19.15 -29.82
CA SER A 185 -1.50 -18.40 -28.58
C SER A 185 -1.20 -16.94 -28.87
N PRO A 186 -1.88 -16.00 -28.20
CA PRO A 186 -1.71 -14.58 -28.54
C PRO A 186 -0.38 -14.02 -28.03
N GLY A 187 0.22 -13.18 -28.86
CA GLY A 187 1.52 -12.63 -28.58
C GLY A 187 2.69 -13.47 -29.01
N SER A 188 2.45 -14.62 -29.67
CA SER A 188 3.51 -15.53 -30.05
C SER A 188 4.12 -15.12 -31.39
N HIS A 189 5.00 -15.96 -31.93
CA HIS A 189 5.63 -15.68 -33.23
C HIS A 189 4.64 -15.85 -34.37
N MET A 190 3.76 -16.85 -34.27
CA MET A 190 2.71 -17.02 -35.26
C MET A 190 1.61 -15.98 -35.14
N TRP A 191 1.43 -15.40 -33.96
CA TRP A 191 0.49 -14.29 -33.80
C TRP A 191 1.01 -13.02 -34.46
N GLN A 192 2.33 -12.81 -34.46
CA GLN A 192 2.91 -11.63 -35.07
C GLN A 192 2.91 -11.71 -36.59
N VAL A 193 2.99 -12.92 -37.15
CA VAL A 193 2.82 -13.11 -38.58
C VAL A 193 1.36 -12.89 -38.96
N MET A 194 0.44 -13.35 -38.11
CA MET A 194 -1.00 -13.30 -38.41
C MET A 194 -1.56 -11.90 -38.29
N THR A 195 -1.09 -11.12 -37.32
CA THR A 195 -1.56 -9.74 -37.18
C THR A 195 -0.97 -8.81 -38.23
N GLU A 196 0.19 -9.16 -38.80
CA GLU A 196 0.75 -8.37 -39.89
C GLU A 196 -0.02 -8.60 -41.18
N HIS A 197 -0.34 -9.86 -41.48
CA HIS A 197 -1.00 -10.24 -42.72
C HIS A 197 -2.46 -10.60 -42.49
N TYR A 198 -3.14 -9.87 -41.58
CA TYR A 198 -4.54 -10.12 -41.33
C TYR A 198 -5.43 -9.58 -42.45
N LYS A 199 -5.12 -8.39 -42.95
CA LYS A 199 -5.93 -7.74 -43.97
C LYS A 199 -5.41 -8.02 -45.38
N ASP A 200 -4.43 -8.89 -45.52
CA ASP A 200 -3.93 -9.27 -46.83
C ASP A 200 -4.93 -10.20 -47.52
N ASP A 201 -5.08 -10.01 -48.84
CA ASP A 201 -5.98 -10.86 -49.61
C ASP A 201 -5.40 -12.24 -49.85
N GLU A 202 -4.09 -12.32 -49.99
CA GLU A 202 -3.42 -13.61 -50.16
C GLU A 202 -3.33 -14.33 -48.82
N PRO A 203 -3.49 -15.66 -48.79
CA PRO A 203 -3.30 -16.40 -47.55
C PRO A 203 -1.83 -16.57 -47.21
N ILE A 204 -1.58 -16.99 -45.98
CA ILE A 204 -0.23 -17.20 -45.49
C ILE A 204 0.14 -18.67 -45.72
N PRO A 205 1.15 -18.97 -46.53
CA PRO A 205 1.56 -20.37 -46.71
C PRO A 205 2.54 -20.79 -45.62
N LEU A 206 2.21 -21.87 -44.94
CA LEU A 206 3.12 -22.46 -43.98
C LEU A 206 3.14 -23.97 -44.18
N THR A 207 3.97 -24.62 -43.37
CA THR A 207 4.22 -26.05 -43.51
C THR A 207 4.26 -26.64 -42.11
N MET A 208 3.43 -27.65 -41.86
CA MET A 208 3.50 -28.36 -40.58
C MET A 208 4.23 -29.68 -40.76
N CYS A 209 5.28 -29.87 -39.97
CA CYS A 209 6.16 -31.02 -40.07
C CYS A 209 5.99 -31.93 -38.86
N PHE A 210 6.03 -33.22 -39.11
CA PHE A 210 5.79 -34.25 -38.10
C PHE A 210 6.95 -35.22 -38.11
N GLY A 211 7.34 -35.69 -36.93
CA GLY A 211 8.48 -36.60 -36.80
C GLY A 211 9.80 -35.93 -37.09
N VAL A 212 9.99 -34.76 -36.49
CA VAL A 212 11.10 -33.85 -36.76
C VAL A 212 12.39 -34.37 -36.13
N PRO A 213 13.56 -33.86 -36.52
CA PRO A 213 14.77 -34.11 -35.73
C PRO A 213 14.66 -33.51 -34.34
N PRO A 214 15.30 -34.14 -33.33
CA PRO A 214 15.10 -33.70 -31.94
C PRO A 214 15.79 -32.38 -31.58
N SER A 215 16.71 -31.89 -32.40
CA SER A 215 17.13 -30.50 -32.24
C SER A 215 16.05 -29.54 -32.70
N CYS A 216 15.26 -29.91 -33.71
CA CYS A 216 14.14 -29.08 -34.13
C CYS A 216 12.94 -29.22 -33.20
N THR A 217 12.84 -30.34 -32.46
CA THR A 217 11.85 -30.45 -31.40
C THR A 217 12.21 -29.58 -30.21
N TYR A 218 13.51 -29.39 -30.01
CA TYR A 218 14.04 -28.66 -28.86
C TYR A 218 13.75 -27.16 -28.94
N VAL A 219 13.95 -26.57 -30.11
CA VAL A 219 13.69 -25.13 -30.28
C VAL A 219 12.20 -24.90 -30.56
N ALA A 220 11.46 -25.93 -30.91
CA ALA A 220 10.02 -25.78 -31.13
C ALA A 220 9.32 -25.21 -29.89
N GLY A 221 9.70 -25.69 -28.69
CA GLY A 221 9.10 -25.22 -27.47
C GLY A 221 9.52 -23.85 -26.97
N ALA A 222 10.50 -23.22 -27.62
CA ALA A 222 10.93 -21.87 -27.24
C ALA A 222 9.88 -20.85 -27.64
N GLY A 223 9.37 -20.12 -26.66
CA GLY A 223 8.42 -19.08 -26.95
C GLY A 223 8.28 -18.14 -25.78
N PHE A 224 7.77 -16.93 -26.09
CA PHE A 224 7.66 -15.77 -25.21
C PHE A 224 9.00 -15.41 -24.55
N ASP A 225 10.02 -15.38 -25.38
CA ASP A 225 11.37 -14.92 -25.02
C ASP A 225 11.89 -14.00 -26.10
N TYR A 226 11.06 -13.05 -26.49
CA TYR A 226 11.22 -12.35 -27.76
C TYR A 226 12.10 -11.13 -27.67
N ALA A 227 12.66 -10.84 -26.50
CA ALA A 227 13.79 -9.92 -26.42
C ALA A 227 15.09 -10.58 -26.84
N ILE A 228 15.13 -11.91 -26.83
CA ILE A 228 16.30 -12.67 -27.24
C ILE A 228 16.12 -13.27 -28.63
N LEU A 229 14.94 -13.83 -28.91
CA LEU A 229 14.64 -14.45 -30.19
C LEU A 229 13.44 -13.75 -30.81
N PRO A 230 13.63 -12.59 -31.44
CA PRO A 230 12.49 -11.84 -31.96
C PRO A 230 11.97 -12.34 -33.30
N LYS A 231 11.02 -11.62 -33.86
CA LYS A 231 10.57 -11.87 -35.23
C LYS A 231 11.66 -11.46 -36.20
N GLY A 232 12.02 -12.36 -37.10
CA GLY A 232 13.16 -12.16 -37.97
C GLY A 232 14.39 -12.95 -37.58
N CYS A 233 14.36 -13.62 -36.44
CA CYS A 233 15.47 -14.46 -36.02
C CYS A 233 15.39 -15.81 -36.74
N ASP A 234 16.44 -16.61 -36.58
CA ASP A 234 16.56 -17.91 -37.24
C ASP A 234 16.34 -18.99 -36.19
N GLU A 235 15.10 -19.47 -36.09
CA GLU A 235 14.78 -20.47 -35.08
C GLU A 235 15.26 -21.86 -35.48
N ILE A 236 15.39 -22.15 -36.78
CA ILE A 236 16.09 -23.36 -37.20
C ILE A 236 17.59 -23.10 -37.32
N GLY A 237 18.02 -21.85 -37.18
CA GLY A 237 19.43 -21.57 -37.00
C GLY A 237 19.96 -22.05 -35.66
N ILE A 238 19.15 -21.94 -34.61
CA ILE A 238 19.54 -22.44 -33.30
C ILE A 238 19.49 -23.97 -33.28
N ALA A 239 18.54 -24.55 -34.02
CA ALA A 239 18.44 -26.01 -34.11
C ALA A 239 19.58 -26.61 -34.93
N GLY A 240 20.14 -25.84 -35.85
CA GLY A 240 21.36 -26.28 -36.51
C GLY A 240 22.57 -26.21 -35.59
N ALA A 241 22.63 -25.19 -34.75
CA ALA A 241 23.80 -24.99 -33.90
C ALA A 241 23.79 -25.87 -32.66
N ILE A 242 22.66 -26.45 -32.30
CA ILE A 242 22.61 -27.36 -31.16
C ILE A 242 23.16 -28.73 -31.55
N GLN A 243 22.72 -29.27 -32.69
CA GLN A 243 23.19 -30.57 -33.13
C GLN A 243 24.53 -30.51 -33.83
N GLY A 244 25.03 -29.32 -34.18
CA GLY A 244 26.33 -29.18 -34.78
C GLY A 244 26.38 -29.28 -36.29
N SER A 245 25.26 -29.61 -36.92
CA SER A 245 25.15 -29.70 -38.37
C SER A 245 23.94 -28.88 -38.82
N PRO A 246 23.99 -28.27 -40.00
CA PRO A 246 22.84 -27.47 -40.46
C PRO A 246 21.65 -28.33 -40.87
N VAL A 247 20.46 -27.83 -40.57
CA VAL A 247 19.22 -28.54 -40.84
C VAL A 247 18.88 -28.41 -42.31
N ARG A 248 18.62 -29.54 -42.96
CA ARG A 248 18.33 -29.54 -44.38
C ARG A 248 16.87 -29.13 -44.62
N LEU A 249 16.67 -28.18 -45.52
CA LEU A 249 15.34 -27.77 -45.95
C LEU A 249 15.15 -28.14 -47.41
N VAL A 250 13.88 -28.15 -47.83
CA VAL A 250 13.52 -28.45 -49.21
C VAL A 250 12.29 -27.63 -49.57
N LYS A 251 12.17 -27.30 -50.85
CA LYS A 251 11.01 -26.58 -51.36
C LYS A 251 9.79 -27.48 -51.35
N CYS A 252 8.63 -26.89 -51.05
CA CYS A 252 7.36 -27.60 -51.15
C CYS A 252 7.00 -27.87 -52.61
N ARG A 253 6.21 -28.92 -52.81
CA ARG A 253 5.80 -29.28 -54.17
C ARG A 253 4.72 -28.35 -54.71
N THR A 254 3.78 -27.93 -53.86
CA THR A 254 2.66 -27.11 -54.30
C THR A 254 2.86 -25.64 -53.94
N ILE A 255 3.01 -25.33 -52.66
CA ILE A 255 3.07 -23.94 -52.21
C ILE A 255 4.50 -23.44 -52.29
N ASP A 256 4.67 -22.12 -52.15
CA ASP A 256 6.00 -21.49 -52.20
C ASP A 256 6.48 -21.26 -50.77
N ALA A 257 7.01 -22.31 -50.17
CA ALA A 257 7.55 -22.24 -48.82
C ALA A 257 8.69 -23.23 -48.70
N TYR A 258 9.08 -23.54 -47.47
CA TYR A 258 10.13 -24.52 -47.22
C TYR A 258 9.72 -25.43 -46.07
N THR A 259 10.10 -26.70 -46.16
CA THR A 259 9.83 -27.68 -45.14
C THR A 259 11.10 -28.02 -44.39
N LEU A 260 11.00 -28.96 -43.47
CA LEU A 260 12.15 -29.66 -42.91
C LEU A 260 12.27 -30.98 -43.65
N ALA A 261 13.45 -31.24 -44.23
CA ALA A 261 13.60 -32.37 -45.13
C ALA A 261 13.71 -33.69 -44.38
N ASP A 262 14.23 -33.68 -43.15
CA ASP A 262 14.45 -34.91 -42.39
C ASP A 262 13.29 -35.24 -41.46
N ALA A 263 12.07 -34.85 -41.80
CA ALA A 263 10.90 -35.16 -41.01
C ALA A 263 10.30 -36.48 -41.52
N GLU A 264 9.15 -36.87 -40.98
CA GLU A 264 8.46 -38.08 -41.40
C GLU A 264 7.17 -37.77 -42.14
N TYR A 265 6.38 -36.82 -41.66
CA TYR A 265 5.18 -36.37 -42.34
C TYR A 265 5.23 -34.85 -42.44
N VAL A 266 4.80 -34.32 -43.58
CA VAL A 266 4.76 -32.89 -43.82
C VAL A 266 3.40 -32.54 -44.40
N LEU A 267 2.71 -31.59 -43.78
CA LEU A 267 1.49 -31.01 -44.32
C LEU A 267 1.83 -29.67 -44.96
N GLU A 268 1.41 -29.48 -46.20
CA GLU A 268 1.61 -28.24 -46.92
C GLU A 268 0.27 -27.57 -47.17
N GLY A 269 0.25 -26.25 -47.08
CA GLY A 269 -0.97 -25.54 -47.39
C GLY A 269 -0.94 -24.11 -46.89
N TYR A 270 -2.14 -23.54 -46.79
CA TYR A 270 -2.31 -22.11 -46.52
C TYR A 270 -3.10 -21.92 -45.23
N LEU A 271 -2.79 -20.83 -44.53
CA LEU A 271 -3.51 -20.44 -43.33
C LEU A 271 -4.41 -19.26 -43.64
N HIS A 272 -5.69 -19.39 -43.29
CA HIS A 272 -6.63 -18.30 -43.51
C HIS A 272 -6.90 -17.64 -42.17
N PRO A 273 -6.46 -16.40 -41.95
CA PRO A 273 -6.68 -15.76 -40.65
C PRO A 273 -8.10 -15.26 -40.44
N ARG A 274 -8.74 -14.82 -41.52
CA ARG A 274 -10.10 -14.30 -41.42
C ARG A 274 -11.13 -15.41 -41.29
N ASP A 275 -10.88 -16.57 -41.90
CA ASP A 275 -11.77 -17.72 -41.78
C ASP A 275 -11.53 -18.38 -40.44
N LYS A 276 -12.50 -18.28 -39.53
CA LYS A 276 -12.36 -18.84 -38.19
C LYS A 276 -13.53 -19.76 -37.89
N ARG A 277 -13.22 -20.91 -37.28
CA ARG A 277 -14.21 -21.92 -36.94
C ARG A 277 -13.95 -22.42 -35.54
N TYR A 278 -14.95 -23.07 -34.97
CA TYR A 278 -14.84 -23.58 -33.60
C TYR A 278 -14.02 -24.87 -33.57
N GLU A 279 -13.35 -25.10 -32.45
CA GLU A 279 -12.50 -26.27 -32.32
C GLU A 279 -13.30 -27.54 -32.06
N THR A 280 -14.37 -27.46 -31.28
CA THR A 280 -15.18 -28.63 -30.97
C THR A 280 -16.58 -28.46 -31.55
N ALA A 281 -17.27 -29.59 -31.67
CA ALA A 281 -18.63 -29.58 -32.20
C ALA A 281 -19.63 -29.08 -31.16
N GLU A 282 -19.39 -29.39 -29.88
CA GLU A 282 -20.33 -29.00 -28.85
C GLU A 282 -20.17 -27.54 -28.44
N SER A 283 -19.03 -26.91 -28.76
CA SER A 283 -18.92 -25.46 -28.70
C SER A 283 -19.30 -24.79 -30.01
N GLU A 284 -19.57 -25.58 -31.06
CA GLU A 284 -20.10 -25.02 -32.29
C GLU A 284 -21.62 -24.99 -32.29
N ALA A 285 -22.25 -25.90 -31.55
CA ALA A 285 -23.71 -25.88 -31.43
C ALA A 285 -24.18 -24.76 -30.53
N ALA A 286 -23.51 -24.56 -29.40
CA ALA A 286 -23.73 -23.41 -28.52
C ALA A 286 -22.56 -22.48 -28.74
N ASP A 287 -22.78 -21.40 -29.49
CA ASP A 287 -21.70 -20.57 -30.03
C ASP A 287 -21.18 -19.57 -29.00
N ILE A 288 -20.51 -20.10 -27.97
CA ILE A 288 -19.77 -19.32 -26.99
C ILE A 288 -18.33 -19.81 -27.02
N GLN A 289 -17.46 -19.11 -26.30
CA GLN A 289 -16.06 -19.45 -26.23
C GLN A 289 -15.58 -19.41 -24.78
N GLY A 290 -14.71 -20.35 -24.44
CA GLY A 290 -13.99 -20.29 -23.18
C GLY A 290 -14.53 -21.11 -22.03
N ARG A 291 -15.52 -21.97 -22.25
CA ARG A 291 -16.04 -22.82 -21.18
C ARG A 291 -16.10 -24.30 -21.52
N PHE A 292 -15.93 -24.69 -22.78
CA PHE A 292 -16.10 -26.07 -23.21
C PHE A 292 -14.75 -26.70 -23.49
N HIS A 293 -14.55 -27.94 -23.01
CA HIS A 293 -13.24 -28.56 -22.98
C HIS A 293 -12.79 -29.06 -24.35
N PHE A 294 -11.49 -28.91 -24.61
CA PHE A 294 -10.88 -29.42 -25.83
C PHE A 294 -9.90 -30.55 -25.53
N HIS A 295 -8.86 -30.27 -24.74
CA HIS A 295 -7.92 -31.20 -24.11
C HIS A 295 -7.36 -30.41 -22.94
N PRO A 296 -6.51 -30.96 -22.07
CA PRO A 296 -5.79 -30.10 -21.11
C PRO A 296 -4.81 -29.12 -21.73
N GLU A 297 -4.40 -28.14 -20.93
CA GLU A 297 -3.51 -27.08 -21.37
C GLU A 297 -2.16 -27.20 -20.65
N TRP A 298 -1.32 -26.20 -20.87
CA TRP A 298 0.06 -26.22 -20.37
C TRP A 298 0.15 -25.96 -18.87
N ALA A 299 -0.90 -25.42 -18.26
CA ALA A 299 -0.88 -25.07 -16.86
C ALA A 299 -1.11 -26.25 -15.93
N GLY A 300 -1.57 -27.37 -16.45
CA GLY A 300 -2.13 -28.40 -15.61
C GLY A 300 -3.61 -28.23 -15.35
N TYR A 301 -4.31 -27.46 -16.18
CA TYR A 301 -5.74 -27.25 -16.11
C TYR A 301 -6.30 -27.81 -17.42
N MET A 302 -7.57 -27.52 -17.73
CA MET A 302 -8.07 -27.78 -19.08
C MET A 302 -8.02 -26.51 -19.92
N GLY A 303 -7.52 -26.66 -21.14
CA GLY A 303 -7.77 -25.65 -22.14
C GLY A 303 -9.20 -25.73 -22.64
N LYS A 304 -9.66 -24.58 -23.11
CA LYS A 304 -11.01 -24.47 -23.63
C LYS A 304 -10.93 -24.24 -25.13
N ALA A 305 -12.05 -24.47 -25.81
CA ALA A 305 -12.11 -24.31 -27.25
C ALA A 305 -12.48 -22.89 -27.60
N TYR A 306 -11.88 -22.38 -28.68
CA TYR A 306 -12.11 -21.00 -29.10
C TYR A 306 -12.37 -20.95 -30.60
N LYS A 307 -12.40 -19.73 -31.16
CA LYS A 307 -12.58 -19.56 -32.59
C LYS A 307 -11.21 -19.45 -33.23
N ALA A 308 -10.60 -20.61 -33.47
CA ALA A 308 -9.27 -20.70 -34.03
C ALA A 308 -9.29 -20.42 -35.53
N PRO A 309 -8.19 -19.91 -36.10
CA PRO A 309 -8.09 -19.84 -37.57
C PRO A 309 -7.91 -21.21 -38.20
N THR A 310 -8.10 -21.26 -39.51
CA THR A 310 -8.15 -22.52 -40.24
C THR A 310 -6.94 -22.68 -41.14
N PHE A 311 -6.37 -23.88 -41.12
CA PHE A 311 -5.24 -24.26 -41.97
C PHE A 311 -5.77 -25.18 -43.06
N HIS A 312 -5.64 -24.75 -44.31
CA HIS A 312 -6.21 -25.46 -45.45
C HIS A 312 -5.09 -26.26 -46.11
N VAL A 313 -5.12 -27.58 -45.93
CA VAL A 313 -4.05 -28.45 -46.42
C VAL A 313 -4.22 -28.68 -47.91
N THR A 314 -3.17 -28.38 -48.69
CA THR A 314 -3.18 -28.63 -50.12
C THR A 314 -2.42 -29.88 -50.51
N ALA A 315 -1.44 -30.32 -49.71
CA ALA A 315 -0.64 -31.49 -50.05
C ALA A 315 -0.13 -32.15 -48.77
N ILE A 316 -0.08 -33.48 -48.78
CA ILE A 316 0.51 -34.27 -47.71
C ILE A 316 1.69 -35.02 -48.28
N THR A 317 2.89 -34.64 -47.86
CA THR A 317 4.10 -35.34 -48.26
C THR A 317 4.64 -36.09 -47.04
N MET A 318 5.10 -37.32 -47.27
CA MET A 318 5.34 -38.27 -46.20
C MET A 318 6.37 -39.27 -46.72
N ARG A 319 7.08 -39.93 -45.80
CA ARG A 319 8.01 -41.01 -46.14
C ARG A 319 7.28 -42.27 -46.64
N ARG A 320 8.07 -43.27 -47.01
CA ARG A 320 7.53 -44.50 -47.57
C ARG A 320 6.89 -45.35 -46.48
N ARG A 321 5.66 -45.81 -46.75
CA ARG A 321 4.80 -46.43 -45.74
C ARG A 321 5.26 -47.84 -45.35
N GLU A 322 6.08 -48.49 -46.18
CA GLU A 322 6.71 -49.74 -45.78
C GLU A 322 7.82 -49.52 -44.77
N SER A 323 8.40 -48.32 -44.71
CA SER A 323 9.43 -48.00 -43.73
C SER A 323 8.85 -47.51 -42.41
N LYS A 324 7.51 -47.35 -42.32
CA LYS A 324 6.69 -47.04 -41.15
C LYS A 324 7.09 -45.73 -40.47
N PRO A 325 6.71 -44.56 -41.02
CA PRO A 325 7.14 -43.28 -40.46
C PRO A 325 6.54 -42.97 -39.10
N ILE A 326 7.31 -42.23 -38.30
CA ILE A 326 7.11 -42.13 -36.87
C ILE A 326 6.49 -40.79 -36.53
N ILE A 327 5.43 -40.80 -35.73
CA ILE A 327 4.84 -39.60 -35.19
C ILE A 327 5.21 -39.54 -33.71
N PHE A 328 5.13 -38.34 -33.13
CA PHE A 328 5.48 -38.10 -31.73
C PHE A 328 4.29 -37.47 -31.01
N PRO A 329 3.33 -38.27 -30.52
CA PRO A 329 2.28 -37.69 -29.68
C PRO A 329 2.74 -37.57 -28.24
N LEU A 330 2.32 -36.50 -27.59
CA LEU A 330 2.75 -36.28 -26.22
C LEU A 330 1.66 -35.57 -25.45
N GLY A 331 1.55 -35.93 -24.18
CA GLY A 331 0.65 -35.23 -23.28
C GLY A 331 1.21 -33.87 -22.91
N VAL A 332 0.34 -33.04 -22.37
CA VAL A 332 0.69 -31.64 -22.17
C VAL A 332 1.02 -31.41 -20.68
N HIS A 333 0.47 -32.21 -19.79
CA HIS A 333 0.99 -32.25 -18.42
C HIS A 333 1.88 -33.46 -18.23
N THR A 334 2.90 -33.54 -19.07
CA THR A 334 3.94 -34.55 -18.96
C THR A 334 5.28 -33.84 -18.85
N ALA A 335 6.32 -34.63 -18.56
CA ALA A 335 7.67 -34.07 -18.50
C ALA A 335 8.32 -33.95 -19.87
N ASP A 336 7.69 -34.51 -20.92
CA ASP A 336 8.05 -34.17 -22.30
C ASP A 336 7.74 -32.71 -22.58
N ASP A 337 6.54 -32.28 -22.21
CA ASP A 337 6.06 -30.93 -22.46
C ASP A 337 6.77 -29.91 -21.57
N ALA A 338 7.26 -30.33 -20.41
CA ALA A 338 8.10 -29.47 -19.60
C ALA A 338 9.49 -29.31 -20.23
N ASN A 339 10.09 -30.40 -20.66
CA ASN A 339 11.46 -30.33 -21.15
C ASN A 339 11.57 -29.88 -22.60
N ILE A 340 10.46 -29.74 -23.31
CA ILE A 340 10.49 -29.12 -24.63
C ILE A 340 10.30 -27.62 -24.52
N ASP A 341 9.30 -27.20 -23.72
CA ASP A 341 8.94 -25.79 -23.64
C ASP A 341 9.91 -24.97 -22.80
N THR A 342 10.49 -25.55 -21.76
CA THR A 342 11.27 -24.78 -20.81
C THR A 342 12.77 -25.02 -20.89
N SER A 343 13.27 -25.50 -22.04
CA SER A 343 14.69 -25.81 -22.09
C SER A 343 15.50 -24.73 -22.79
N VAL A 344 14.99 -24.19 -23.90
CA VAL A 344 15.60 -23.02 -24.51
C VAL A 344 15.23 -21.77 -23.72
N ARG A 345 14.07 -21.80 -23.06
CA ARG A 345 13.64 -20.72 -22.18
C ARG A 345 14.48 -20.60 -20.92
N GLU A 346 15.12 -21.68 -20.48
CA GLU A 346 16.15 -21.56 -19.46
C GLU A 346 17.37 -20.84 -20.00
N SER A 347 17.73 -21.09 -21.26
CA SER A 347 18.89 -20.44 -21.85
C SER A 347 18.61 -19.01 -22.26
N ALA A 348 17.37 -18.72 -22.70
CA ALA A 348 17.03 -17.38 -23.15
C ALA A 348 16.86 -16.40 -21.99
N ILE A 349 16.42 -16.89 -20.83
CA ILE A 349 16.43 -16.08 -19.62
C ILE A 349 17.86 -15.86 -19.14
N PHE A 350 18.71 -16.89 -19.28
CA PHE A 350 20.14 -16.78 -19.01
C PHE A 350 20.85 -15.88 -20.01
N ALA A 351 20.37 -15.84 -21.26
CA ALA A 351 20.94 -14.92 -22.23
C ALA A 351 20.55 -13.47 -21.93
N LEU A 352 19.36 -13.26 -21.38
CA LEU A 352 18.89 -11.91 -21.06
C LEU A 352 19.62 -11.35 -19.84
N CYS A 353 19.88 -12.20 -18.85
CA CYS A 353 20.60 -11.75 -17.67
C CYS A 353 22.09 -11.56 -17.93
N GLU A 354 22.65 -12.32 -18.86
CA GLU A 354 24.02 -12.06 -19.29
C GLU A 354 24.12 -10.88 -20.22
N ARG A 355 23.02 -10.49 -20.88
CA ARG A 355 23.03 -9.28 -21.68
C ARG A 355 23.00 -8.04 -20.82
N LEU A 356 22.24 -8.07 -19.72
CA LEU A 356 22.03 -6.91 -18.88
C LEU A 356 23.26 -6.61 -18.01
N GLN A 357 23.73 -7.60 -17.28
CA GLN A 357 24.97 -7.50 -16.53
C GLN A 357 25.57 -8.89 -16.40
N PRO A 358 26.69 -9.18 -17.09
CA PRO A 358 27.22 -10.54 -17.08
C PRO A 358 28.00 -10.85 -15.81
N GLY A 359 28.13 -12.14 -15.55
CA GLY A 359 28.90 -12.62 -14.43
C GLY A 359 28.15 -12.77 -13.13
N ILE A 360 26.89 -12.35 -13.08
CA ILE A 360 26.11 -12.40 -11.84
C ILE A 360 25.26 -13.65 -11.77
N VAL A 361 24.46 -13.91 -12.81
CA VAL A 361 23.58 -15.07 -12.81
C VAL A 361 24.39 -16.31 -13.17
N GLN A 362 24.37 -17.30 -12.29
CA GLN A 362 25.13 -18.53 -12.47
C GLN A 362 24.30 -19.62 -13.14
N ASN A 363 23.03 -19.76 -12.76
CA ASN A 363 22.21 -20.86 -13.26
C ASN A 363 20.77 -20.40 -13.34
N VAL A 364 20.06 -20.86 -14.36
CA VAL A 364 18.64 -20.62 -14.55
C VAL A 364 17.97 -21.99 -14.65
N HIS A 365 17.00 -22.25 -13.78
CA HIS A 365 16.25 -23.50 -13.84
C HIS A 365 14.76 -23.22 -13.88
N ILE A 366 14.07 -23.82 -14.84
CA ILE A 366 12.62 -23.87 -14.87
C ILE A 366 12.19 -25.32 -14.71
N PRO A 367 11.58 -25.70 -13.61
CA PRO A 367 11.20 -27.11 -13.43
C PRO A 367 9.87 -27.47 -14.08
N TYR A 368 9.47 -28.71 -13.84
CA TYR A 368 8.17 -29.23 -14.26
C TYR A 368 7.05 -28.54 -13.51
N CYS A 369 7.28 -28.21 -12.24
CA CYS A 369 6.27 -27.70 -11.35
C CYS A 369 5.89 -26.23 -11.59
N MET A 370 6.65 -25.49 -12.37
CA MET A 370 6.31 -24.10 -12.70
C MET A 370 5.72 -23.97 -14.09
N THR A 371 5.12 -25.05 -14.60
CA THR A 371 4.38 -25.24 -15.87
C THR A 371 5.32 -24.92 -17.04
N ASP A 372 4.83 -24.32 -18.12
CA ASP A 372 5.67 -23.94 -19.24
C ASP A 372 6.13 -22.50 -19.11
N TRP A 373 5.19 -21.57 -19.07
CA TRP A 373 5.49 -20.15 -18.99
C TRP A 373 4.96 -19.54 -17.70
N GLY A 374 4.85 -20.36 -16.66
CA GLY A 374 4.33 -19.88 -15.40
C GLY A 374 5.38 -19.22 -14.54
N GLY A 375 6.58 -19.78 -14.50
CA GLY A 375 7.59 -19.21 -13.63
C GLY A 375 8.98 -19.67 -13.99
N CYS A 376 9.96 -19.17 -13.23
CA CYS A 376 11.36 -19.52 -13.40
C CYS A 376 12.09 -19.27 -12.09
N ILE A 377 13.22 -19.95 -11.93
CA ILE A 377 14.15 -19.71 -10.82
C ILE A 377 15.52 -19.39 -11.40
N ILE A 378 16.07 -18.24 -11.01
CA ILE A 378 17.43 -17.88 -11.35
C ILE A 378 18.28 -17.93 -10.10
N GLN A 379 19.59 -18.02 -10.29
CA GLN A 379 20.54 -18.11 -9.20
C GLN A 379 21.64 -17.09 -9.44
N VAL A 380 21.76 -16.12 -8.54
CA VAL A 380 22.68 -15.02 -8.73
C VAL A 380 23.86 -15.18 -7.76
N LYS A 381 24.92 -14.42 -8.03
CA LYS A 381 26.08 -14.37 -7.15
C LYS A 381 26.57 -12.93 -7.11
N LYS A 382 26.55 -12.35 -5.92
CA LYS A 382 26.94 -10.95 -5.75
C LYS A 382 28.42 -10.89 -5.40
N ARG A 383 29.22 -10.33 -6.30
CA ARG A 383 30.66 -10.29 -6.09
C ARG A 383 31.08 -9.12 -5.22
N ASN A 384 30.40 -7.98 -5.31
CA ASN A 384 30.79 -6.81 -4.53
C ASN A 384 29.53 -6.01 -4.20
N GLN A 385 29.74 -4.80 -3.67
CA GLN A 385 28.65 -3.95 -3.21
C GLN A 385 27.87 -3.34 -4.38
N ILE A 386 28.54 -3.12 -5.52
CA ILE A 386 27.90 -2.52 -6.68
C ILE A 386 26.92 -3.51 -7.32
N GLU A 387 27.27 -4.80 -7.33
CA GLU A 387 26.42 -5.83 -7.89
C GLU A 387 25.26 -6.24 -7.00
N GLU A 388 25.22 -5.76 -5.76
CA GLU A 388 24.08 -5.95 -4.88
C GLU A 388 22.90 -5.14 -5.39
N GLY A 389 21.73 -5.77 -5.47
CA GLY A 389 20.56 -5.13 -6.01
C GLY A 389 20.35 -5.36 -7.49
N TRP A 390 21.28 -6.05 -8.16
CA TRP A 390 21.12 -6.32 -9.58
C TRP A 390 20.12 -7.43 -9.86
N GLN A 391 19.83 -8.26 -8.87
CA GLN A 391 18.86 -9.32 -9.05
C GLN A 391 17.43 -8.81 -9.03
N ARG A 392 17.17 -7.63 -8.48
CA ARG A 392 15.84 -7.04 -8.61
C ARG A 392 15.63 -6.45 -9.99
N ASN A 393 16.71 -6.00 -10.64
CA ASN A 393 16.65 -5.62 -12.05
C ASN A 393 16.42 -6.81 -12.95
N PHE A 394 16.96 -7.98 -12.55
CA PHE A 394 16.78 -9.19 -13.34
C PHE A 394 15.35 -9.70 -13.27
N LEU A 395 14.76 -9.71 -12.07
CA LEU A 395 13.40 -10.24 -11.87
C LEU A 395 12.34 -9.35 -12.48
N ALA A 396 12.60 -8.04 -12.56
CA ALA A 396 11.68 -7.16 -13.27
C ALA A 396 11.80 -7.34 -14.78
N ALA A 397 13.03 -7.58 -15.27
CA ALA A 397 13.23 -7.77 -16.70
C ALA A 397 12.78 -9.13 -17.19
N ILE A 398 12.85 -10.15 -16.33
CA ILE A 398 12.37 -11.47 -16.70
C ILE A 398 10.84 -11.48 -16.77
N LEU A 399 10.18 -10.85 -15.80
CA LEU A 399 8.73 -10.83 -15.74
C LEU A 399 8.09 -9.91 -16.78
N ALA A 400 8.84 -8.96 -17.34
CA ALA A 400 8.30 -8.10 -18.37
C ALA A 400 8.57 -8.63 -19.78
N CYS A 401 9.77 -9.16 -20.03
CA CYS A 401 10.10 -9.65 -21.36
C CYS A 401 9.54 -11.02 -21.66
N SER A 402 9.11 -11.77 -20.64
CA SER A 402 8.41 -13.03 -20.84
C SER A 402 6.93 -12.80 -20.54
N GLN A 403 6.09 -13.05 -21.52
CA GLN A 403 4.67 -12.77 -21.39
C GLN A 403 4.00 -13.87 -20.58
N GLY A 404 3.37 -13.48 -19.46
CA GLY A 404 2.60 -14.40 -18.68
C GLY A 404 3.36 -15.18 -17.64
N MET A 405 4.62 -14.85 -17.37
CA MET A 405 5.30 -15.35 -16.18
C MET A 405 4.65 -14.80 -14.92
N ARG A 406 4.42 -15.68 -13.95
CA ARG A 406 3.81 -15.27 -12.71
C ARG A 406 4.69 -15.42 -11.48
N LEU A 407 5.81 -16.14 -11.54
CA LEU A 407 6.59 -16.38 -10.32
C LEU A 407 8.06 -16.51 -10.67
N ALA A 408 8.78 -15.40 -10.61
CA ALA A 408 10.23 -15.41 -10.80
C ALA A 408 10.90 -15.31 -9.44
N ILE A 409 11.74 -16.28 -9.11
CA ILE A 409 12.40 -16.37 -7.82
C ILE A 409 13.90 -16.27 -8.04
N ALA A 410 14.55 -15.35 -7.35
CA ALA A 410 16.00 -15.25 -7.36
C ALA A 410 16.55 -15.81 -6.06
N VAL A 411 17.48 -16.76 -6.15
CA VAL A 411 18.10 -17.36 -4.98
C VAL A 411 19.60 -17.12 -5.05
N SER A 412 20.27 -17.40 -3.94
CA SER A 412 21.71 -17.18 -3.83
C SER A 412 22.47 -18.40 -4.32
N GLU A 413 23.80 -18.36 -4.18
CA GLU A 413 24.67 -19.36 -4.76
C GLU A 413 24.80 -20.62 -3.92
N ASP A 414 24.33 -20.61 -2.67
CA ASP A 414 24.44 -21.77 -1.78
C ASP A 414 23.17 -22.60 -1.76
N VAL A 415 22.33 -22.47 -2.78
CA VAL A 415 21.05 -23.16 -2.87
C VAL A 415 21.14 -24.18 -3.99
N ASP A 416 20.62 -25.37 -3.74
CA ASP A 416 20.38 -26.32 -4.83
C ASP A 416 19.20 -25.83 -5.64
N ILE A 417 19.43 -25.52 -6.91
CA ILE A 417 18.38 -24.93 -7.73
C ILE A 417 17.42 -26.00 -8.28
N TYR A 418 17.78 -27.28 -8.21
CA TYR A 418 16.93 -28.34 -8.72
C TYR A 418 16.11 -29.01 -7.64
N SER A 419 16.58 -28.99 -6.39
CA SER A 419 15.81 -29.49 -5.26
C SER A 419 14.74 -28.46 -4.92
N MET A 420 13.49 -28.89 -4.91
CA MET A 420 12.42 -27.92 -4.80
C MET A 420 12.04 -27.67 -3.36
N ASP A 421 12.53 -28.52 -2.46
CA ASP A 421 12.41 -28.23 -1.04
C ASP A 421 13.41 -27.17 -0.61
N ASP A 422 14.52 -27.05 -1.33
CA ASP A 422 15.50 -26.01 -1.05
C ASP A 422 15.01 -24.62 -1.48
N ILE A 423 14.09 -24.55 -2.44
CA ILE A 423 13.50 -23.27 -2.84
C ILE A 423 12.50 -22.79 -1.79
N MET A 424 11.68 -23.71 -1.26
CA MET A 424 10.77 -23.44 -0.14
C MET A 424 11.51 -23.08 1.14
N TRP A 425 12.74 -23.57 1.33
CA TRP A 425 13.57 -23.15 2.46
C TRP A 425 14.02 -21.71 2.32
N CYS A 426 14.25 -21.25 1.10
CA CYS A 426 14.60 -19.85 0.89
C CYS A 426 13.39 -18.93 0.99
N LEU A 427 12.19 -19.44 0.71
CA LEU A 427 10.98 -18.63 0.89
C LEU A 427 10.65 -18.45 2.37
N THR A 428 10.99 -19.43 3.19
CA THR A 428 10.74 -19.33 4.62
C THR A 428 11.74 -18.39 5.29
N THR A 429 13.01 -18.49 4.95
CA THR A 429 14.05 -17.86 5.74
C THR A 429 14.61 -16.57 5.16
N ARG A 430 14.71 -16.43 3.83
CA ARG A 430 15.43 -15.32 3.23
C ARG A 430 14.54 -14.27 2.59
N VAL A 431 13.24 -14.31 2.83
CA VAL A 431 12.30 -13.42 2.15
C VAL A 431 11.69 -12.48 3.18
N ASN A 432 11.90 -11.18 2.98
CA ASN A 432 11.11 -10.17 3.65
C ASN A 432 9.78 -10.04 2.92
N PRO A 433 8.63 -10.21 3.59
CA PRO A 433 7.35 -10.08 2.89
C PRO A 433 6.95 -8.65 2.55
N GLN A 434 7.61 -7.64 3.11
CA GLN A 434 7.31 -6.26 2.78
C GLN A 434 8.17 -5.74 1.64
N THR A 435 9.45 -6.11 1.58
CA THR A 435 10.38 -5.53 0.62
C THR A 435 10.76 -6.47 -0.52
N ASP A 436 10.80 -7.77 -0.30
CA ASP A 436 11.38 -8.69 -1.28
C ASP A 436 10.36 -9.32 -2.20
N ILE A 437 9.12 -8.83 -2.23
CA ILE A 437 8.12 -9.30 -3.16
C ILE A 437 7.85 -8.18 -4.16
N LEU A 438 8.09 -8.47 -5.44
CA LEU A 438 7.95 -7.49 -6.50
C LEU A 438 6.66 -7.75 -7.26
N ASN A 439 5.93 -6.69 -7.56
CA ASN A 439 4.76 -6.74 -8.43
C ASN A 439 4.97 -5.70 -9.52
N PRO A 440 5.71 -6.04 -10.58
CA PRO A 440 6.24 -5.02 -11.49
C PRO A 440 5.25 -4.44 -12.47
N LEU A 441 4.35 -5.26 -13.01
CA LEU A 441 3.43 -4.84 -14.07
C LEU A 441 1.97 -5.19 -13.77
N PRO A 442 1.34 -4.52 -12.76
CA PRO A 442 -0.03 -4.89 -12.38
C PRO A 442 -1.04 -4.31 -13.35
N GLY A 443 -1.65 -5.17 -14.14
CA GLY A 443 -2.53 -4.74 -15.20
C GLY A 443 -1.99 -4.87 -16.59
N GLY A 444 -0.86 -5.55 -16.76
CA GLY A 444 -0.26 -5.76 -18.06
C GLY A 444 -0.83 -6.95 -18.79
N ARG A 445 0.01 -7.59 -19.60
CA ARG A 445 -0.39 -8.72 -20.42
C ARG A 445 0.04 -10.01 -19.76
N GLY A 446 -0.92 -10.89 -19.48
CA GLY A 446 -0.62 -12.20 -18.95
C GLY A 446 -1.01 -13.28 -19.93
N GLN A 447 -1.35 -14.46 -19.43
CA GLN A 447 -1.84 -15.54 -20.27
C GLN A 447 -3.30 -15.81 -19.92
N THR A 448 -4.15 -15.88 -20.95
CA THR A 448 -5.59 -16.05 -20.76
C THR A 448 -5.98 -17.50 -20.46
N PHE A 449 -5.08 -18.45 -20.67
CA PHE A 449 -5.35 -19.86 -20.36
C PHE A 449 -5.35 -20.12 -18.86
N MET A 450 -4.37 -19.56 -18.17
CA MET A 450 -4.18 -19.84 -16.75
C MET A 450 -4.85 -18.77 -15.91
N PRO A 451 -5.89 -19.11 -15.11
CA PRO A 451 -6.73 -18.10 -14.47
C PRO A 451 -6.10 -17.42 -13.26
N SER A 465 -6.93 1.77 -18.14
CA SER A 465 -5.98 1.30 -19.15
C SER A 465 -5.17 0.12 -18.63
N ASN A 466 -5.86 -0.93 -18.17
CA ASN A 466 -5.21 -2.11 -17.63
C ASN A 466 -6.11 -3.32 -17.84
N THR A 467 -5.50 -4.50 -17.77
CA THR A 467 -6.19 -5.76 -17.96
C THR A 467 -6.44 -6.44 -16.62
N GLN A 468 -6.87 -7.70 -16.68
CA GLN A 468 -7.14 -8.51 -15.50
C GLN A 468 -5.92 -9.24 -14.98
N PHE A 469 -4.75 -9.07 -15.60
CA PHE A 469 -3.52 -9.70 -15.12
C PHE A 469 -3.03 -9.02 -13.85
N GLU A 470 -2.67 -9.83 -12.86
CA GLU A 470 -2.38 -9.30 -11.53
C GLU A 470 -0.95 -8.80 -11.39
N GLY A 471 -0.06 -9.14 -12.30
CA GLY A 471 1.25 -8.51 -12.30
C GLY A 471 2.45 -9.43 -12.27
N GLY A 472 2.28 -10.65 -11.82
CA GLY A 472 3.41 -11.52 -11.58
C GLY A 472 4.00 -11.28 -10.22
N MET A 473 4.98 -12.10 -9.87
CA MET A 473 5.57 -12.05 -8.54
C MET A 473 7.07 -12.26 -8.66
N GLY A 474 7.83 -11.21 -8.39
CA GLY A 474 9.26 -11.35 -8.29
C GLY A 474 9.65 -11.51 -6.84
N ILE A 475 10.25 -12.64 -6.47
CA ILE A 475 10.57 -12.92 -5.09
C ILE A 475 12.09 -12.93 -4.94
N ASP A 476 12.59 -12.01 -4.12
CA ASP A 476 14.02 -11.88 -3.84
C ASP A 476 14.34 -12.72 -2.61
N ALA A 477 14.69 -13.98 -2.84
CA ALA A 477 15.13 -14.88 -1.79
C ALA A 477 16.65 -14.93 -1.66
N THR A 478 17.34 -13.90 -2.13
CA THR A 478 18.79 -13.84 -2.03
C THR A 478 19.20 -13.22 -0.70
N VAL A 479 20.44 -13.47 -0.32
CA VAL A 479 21.03 -12.85 0.86
C VAL A 479 21.51 -11.46 0.46
N PRO A 480 21.62 -10.51 1.38
CA PRO A 480 22.33 -9.27 1.07
C PRO A 480 23.83 -9.49 1.00
N TYR A 481 24.50 -8.62 0.28
CA TYR A 481 25.95 -8.66 0.23
C TYR A 481 26.52 -8.11 1.54
N GLY A 482 27.48 -8.82 2.11
CA GLY A 482 28.05 -8.47 3.38
C GLY A 482 27.39 -9.13 4.56
N TYR A 483 26.16 -9.61 4.41
CA TYR A 483 25.47 -10.40 5.42
C TYR A 483 25.52 -11.88 5.12
N GLU A 484 26.55 -12.32 4.39
CA GLU A 484 26.68 -13.72 4.03
C GLU A 484 27.13 -14.58 5.20
N SER A 485 27.79 -13.99 6.20
CA SER A 485 28.20 -14.74 7.38
C SER A 485 27.03 -15.02 8.31
N ASP A 486 26.06 -14.11 8.37
CA ASP A 486 24.87 -14.35 9.17
C ASP A 486 23.93 -15.34 8.50
N PHE A 487 23.97 -15.43 7.17
CA PHE A 487 23.09 -16.32 6.41
C PHE A 487 23.82 -17.55 5.88
N HIS A 488 24.95 -17.92 6.46
CA HIS A 488 25.72 -19.02 5.90
C HIS A 488 25.15 -20.33 6.42
N ARG A 489 24.88 -21.25 5.50
CA ARG A 489 24.41 -22.56 5.89
C ARG A 489 25.59 -23.40 6.36
N PRO A 490 25.55 -23.95 7.58
CA PRO A 490 26.68 -24.76 8.05
C PRO A 490 26.73 -26.13 7.40
N VAL A 491 27.95 -26.63 7.26
CA VAL A 491 28.22 -27.86 6.54
C VAL A 491 28.68 -28.90 7.53
N TYR A 492 27.94 -30.01 7.61
CA TYR A 492 28.31 -31.12 8.48
C TYR A 492 29.45 -31.91 7.85
N GLY A 493 30.13 -32.69 8.67
CA GLY A 493 31.27 -33.46 8.21
C GLY A 493 30.90 -34.75 7.51
N VAL A 494 30.35 -34.66 6.29
CA VAL A 494 30.00 -35.85 5.53
C VAL A 494 31.17 -36.39 4.73
N ASP A 495 32.27 -35.66 4.63
CA ASP A 495 33.47 -36.12 3.95
C ASP A 495 34.59 -36.48 4.91
N LEU A 496 34.51 -36.02 6.16
CA LEU A 496 35.51 -36.37 7.16
C LEU A 496 35.31 -37.76 7.73
N VAL A 497 34.13 -38.35 7.56
CA VAL A 497 33.83 -39.69 8.04
C VAL A 497 33.46 -40.54 6.84
N LYS A 498 33.74 -41.83 6.93
CA LYS A 498 33.40 -42.80 5.90
C LYS A 498 32.46 -43.85 6.48
N PRO A 499 31.31 -44.11 5.86
CA PRO A 499 30.37 -45.09 6.41
C PRO A 499 30.77 -46.54 6.18
N GLU A 500 31.77 -46.81 5.34
CA GLU A 500 32.23 -48.17 5.12
C GLU A 500 33.05 -48.71 6.28
N ASN A 501 33.61 -47.83 7.11
CA ASN A 501 34.37 -48.27 8.27
C ASN A 501 33.49 -48.69 9.43
N PHE A 502 32.20 -48.34 9.41
CA PHE A 502 31.29 -48.62 10.51
C PHE A 502 30.28 -49.71 10.21
N PHE A 503 29.77 -49.77 8.99
CA PHE A 503 28.77 -50.76 8.63
C PHE A 503 29.24 -51.53 7.41
N ASP A 504 28.68 -52.73 7.25
CA ASP A 504 28.89 -53.52 6.06
C ASP A 504 27.98 -53.01 4.94
N ALA A 505 28.21 -53.53 3.73
CA ALA A 505 27.53 -53.07 2.53
C ALA A 505 26.07 -53.49 2.45
N LYS A 506 25.66 -54.50 3.23
CA LYS A 506 24.25 -54.80 3.39
C LYS A 506 23.54 -53.70 4.16
N ASP A 507 24.17 -53.19 5.21
CA ASP A 507 23.54 -52.16 6.04
C ASP A 507 23.58 -50.78 5.42
N ILE A 508 24.47 -50.54 4.45
CA ILE A 508 24.49 -49.23 3.77
C ILE A 508 23.31 -49.12 2.81
N ASP A 509 23.11 -50.15 1.99
CA ASP A 509 22.05 -50.12 0.97
C ASP A 509 20.66 -50.32 1.55
N LYS A 510 20.55 -50.88 2.76
CA LYS A 510 19.28 -50.84 3.47
C LYS A 510 18.98 -49.44 3.95
N MET A 511 20.01 -48.71 4.37
CA MET A 511 19.82 -47.39 4.96
C MET A 511 19.75 -46.30 3.91
N LYS A 512 20.35 -46.51 2.74
CA LYS A 512 20.30 -45.54 1.65
C LYS A 512 19.04 -45.67 0.79
N SER A 513 18.29 -46.76 0.91
CA SER A 513 17.12 -46.96 0.07
C SER A 513 15.87 -46.29 0.61
N ARG A 514 15.93 -45.73 1.83
CA ARG A 514 14.81 -45.02 2.41
C ARG A 514 14.95 -43.52 2.32
N MET A 515 15.89 -43.04 1.51
CA MET A 515 16.21 -41.63 1.41
C MET A 515 15.66 -41.09 0.10
N ALA A 516 14.77 -40.09 0.20
CA ALA A 516 14.16 -39.48 -0.97
C ALA A 516 13.76 -38.05 -0.63
N GLY A 517 13.88 -37.17 -1.62
CA GLY A 517 13.40 -35.80 -1.48
C GLY A 517 14.54 -34.85 -1.17
N TRP A 518 14.39 -34.07 -0.09
CA TRP A 518 15.40 -33.11 0.30
C TRP A 518 16.63 -33.75 0.90
N VAL A 519 16.50 -34.96 1.45
CA VAL A 519 17.61 -35.60 2.12
C VAL A 519 18.65 -36.16 1.16
N LEU A 520 18.29 -36.36 -0.12
CA LEU A 520 19.29 -36.75 -1.11
C LEU A 520 20.17 -35.57 -1.48
N SER A 521 19.60 -34.37 -1.51
CA SER A 521 20.38 -33.17 -1.78
C SER A 521 21.19 -32.73 -0.56
N LEU A 522 20.65 -32.92 0.64
CA LEU A 522 21.34 -32.46 1.83
C LEU A 522 22.48 -33.39 2.25
N ALA A 523 22.38 -34.68 1.94
CA ALA A 523 23.48 -35.59 2.25
C ALA A 523 24.64 -35.45 1.29
N ARG A 524 24.39 -34.96 0.07
CA ARG A 524 25.46 -34.77 -0.89
C ARG A 524 26.31 -33.55 -0.54
N THR A 525 25.66 -32.43 -0.25
CA THR A 525 26.38 -31.21 0.08
C THR A 525 26.79 -31.14 1.54
N GLY A 526 26.22 -31.97 2.40
CA GLY A 526 26.48 -31.88 3.82
C GLY A 526 25.77 -30.75 4.52
N ARG A 527 24.76 -30.17 3.89
CA ARG A 527 24.18 -28.92 4.34
C ARG A 527 23.08 -29.13 5.37
N ALA B 13 16.64 -57.22 41.62
CA ALA B 13 17.78 -57.58 40.79
C ALA B 13 17.93 -56.60 39.62
N GLU B 14 16.90 -56.54 38.78
CA GLU B 14 16.91 -55.63 37.63
C GLU B 14 15.49 -55.14 37.38
N ARG B 15 15.36 -53.84 37.15
CA ARG B 15 14.06 -53.22 36.91
C ARG B 15 13.88 -52.96 35.41
N VAL B 16 12.64 -53.11 34.96
CA VAL B 16 12.31 -53.02 33.55
C VAL B 16 11.28 -51.91 33.34
N GLY B 17 11.53 -51.04 32.37
CA GLY B 17 10.58 -50.01 32.03
C GLY B 17 9.41 -50.55 31.24
N GLU B 18 8.35 -49.74 31.15
CA GLU B 18 7.14 -50.16 30.47
C GLU B 18 7.27 -50.03 28.96
N LYS B 19 7.49 -48.80 28.48
CA LYS B 19 7.58 -48.51 27.06
C LYS B 19 8.75 -47.60 26.79
N ASP B 20 9.92 -47.96 27.33
CA ASP B 20 11.09 -47.11 27.31
C ASP B 20 11.87 -47.26 26.00
N LEU B 21 13.09 -46.73 25.98
CA LEU B 21 13.93 -46.78 24.78
C LEU B 21 14.50 -48.16 24.55
N ARG B 22 14.68 -48.96 25.60
CA ARG B 22 15.18 -50.32 25.44
C ARG B 22 14.12 -51.25 24.87
N ALA B 23 12.85 -51.00 25.17
CA ALA B 23 11.77 -51.78 24.58
C ALA B 23 11.53 -51.38 23.14
N ALA B 24 11.78 -50.10 22.80
CA ALA B 24 11.65 -49.66 21.42
C ALA B 24 12.80 -50.13 20.56
N LEU B 25 13.98 -50.32 21.16
CA LEU B 25 15.12 -50.85 20.42
C LEU B 25 14.97 -52.32 20.12
N GLU B 26 14.26 -53.06 20.97
CA GLU B 26 13.99 -54.47 20.69
C GLU B 26 12.90 -54.62 19.64
N TRP B 27 12.01 -53.64 19.52
CA TRP B 27 11.01 -53.66 18.47
C TRP B 27 11.62 -53.34 17.11
N PHE B 28 12.68 -52.53 17.08
CA PHE B 28 13.37 -52.23 15.83
C PHE B 28 14.21 -53.40 15.36
N ARG B 29 14.67 -54.25 16.28
CA ARG B 29 15.42 -55.44 15.91
C ARG B 29 14.50 -56.50 15.32
N SER B 30 13.24 -56.54 15.74
CA SER B 30 12.30 -57.53 15.23
C SER B 30 11.84 -57.20 13.82
N LYS B 31 11.70 -55.91 13.51
CA LYS B 31 11.30 -55.48 12.18
C LYS B 31 12.48 -55.27 11.25
N GLY B 32 13.70 -55.43 11.75
CA GLY B 32 14.88 -55.23 10.93
C GLY B 32 15.25 -53.79 10.66
N TYR B 33 14.70 -52.85 11.45
CA TYR B 33 14.95 -51.44 11.23
C TYR B 33 16.18 -50.92 11.95
N LEU B 34 16.80 -51.72 12.82
CA LEU B 34 17.93 -51.27 13.62
C LEU B 34 19.23 -51.68 12.96
N VAL B 35 20.14 -50.72 12.83
CA VAL B 35 21.47 -50.97 12.29
C VAL B 35 22.47 -50.70 13.41
N GLU B 36 23.18 -51.73 13.84
CA GLU B 36 24.12 -51.61 14.94
C GLU B 36 25.55 -51.79 14.45
N THR B 37 26.48 -51.31 15.27
CA THR B 37 27.90 -51.46 14.99
C THR B 37 28.66 -51.50 16.31
N ASN B 38 29.89 -52.01 16.24
CA ASN B 38 30.74 -52.10 17.41
C ASN B 38 32.04 -51.31 17.23
N LYS B 39 32.17 -50.56 16.14
CA LYS B 39 33.32 -49.69 15.96
C LYS B 39 33.20 -48.47 16.84
N GLU B 40 34.35 -47.96 17.27
CA GLU B 40 34.37 -46.83 18.20
C GLU B 40 34.14 -45.54 17.44
N VAL B 41 32.91 -45.05 17.49
CA VAL B 41 32.59 -43.76 16.89
C VAL B 41 33.09 -42.65 17.81
N ASN B 42 33.35 -41.49 17.21
CA ASN B 42 33.77 -40.29 17.92
C ASN B 42 32.56 -39.41 18.20
N PRO B 43 32.43 -38.87 19.41
CA PRO B 43 31.46 -37.78 19.63
C PRO B 43 31.83 -36.48 18.94
N ASP B 44 33.11 -36.25 18.66
CA ASP B 44 33.54 -35.08 17.89
C ASP B 44 33.46 -35.43 16.40
N LEU B 45 32.42 -34.86 15.75
CA LEU B 45 32.24 -34.76 14.29
C LEU B 45 32.13 -36.10 13.58
N GLU B 46 31.60 -37.12 14.25
CA GLU B 46 31.43 -38.42 13.59
C GLU B 46 30.03 -38.97 13.80
N ILE B 47 29.38 -38.59 14.91
CA ILE B 47 28.00 -39.00 15.13
C ILE B 47 27.06 -38.19 14.24
N THR B 48 27.20 -36.87 14.26
CA THR B 48 26.39 -36.01 13.41
C THR B 48 26.85 -36.02 11.96
N GLY B 49 28.10 -36.41 11.70
CA GLY B 49 28.53 -36.61 10.32
C GLY B 49 27.89 -37.83 9.69
N LEU B 50 27.78 -38.93 10.44
CA LEU B 50 27.09 -40.11 9.96
C LEU B 50 25.58 -39.94 9.97
N GLN B 51 25.06 -39.04 10.79
CA GLN B 51 23.64 -38.74 10.79
C GLN B 51 23.24 -37.95 9.56
N LYS B 52 24.13 -37.09 9.06
CA LYS B 52 23.83 -36.27 7.88
C LYS B 52 23.93 -37.07 6.59
N ILE B 53 24.76 -38.12 6.56
CA ILE B 53 24.85 -39.00 5.42
C ILE B 53 23.57 -39.84 5.28
N PHE B 54 23.03 -40.28 6.41
CA PHE B 54 21.85 -41.12 6.42
C PHE B 54 20.67 -40.37 7.02
N ASP B 55 20.48 -39.13 6.58
CA ASP B 55 19.38 -38.29 7.04
C ASP B 55 18.04 -38.83 6.55
N GLY B 56 17.07 -38.91 7.46
CA GLY B 56 15.76 -39.44 7.17
C GLY B 56 15.75 -40.93 6.89
N SER B 57 16.44 -41.71 7.70
CA SER B 57 16.64 -43.12 7.41
C SER B 57 16.53 -43.91 8.71
N LEU B 58 17.03 -45.14 8.69
CA LEU B 58 16.88 -46.11 9.77
C LEU B 58 17.67 -45.71 11.01
N PRO B 59 17.23 -46.15 12.21
CA PRO B 59 18.00 -45.86 13.43
C PRO B 59 19.34 -46.58 13.50
N MET B 60 20.35 -45.82 13.91
CA MET B 60 21.74 -46.27 13.97
C MET B 60 22.15 -46.33 15.43
N LEU B 61 22.65 -47.49 15.86
CA LEU B 61 23.05 -47.71 17.25
C LEU B 61 24.57 -47.85 17.32
N PHE B 62 25.20 -47.03 18.14
CA PHE B 62 26.64 -47.07 18.36
C PHE B 62 26.91 -47.66 19.73
N ASN B 63 27.47 -48.86 19.76
CA ASN B 63 27.76 -49.50 21.04
C ASN B 63 29.01 -48.92 21.69
N ASN B 64 30.02 -48.57 20.90
CA ASN B 64 31.27 -48.03 21.41
C ASN B 64 31.39 -46.57 21.02
N VAL B 65 31.43 -45.70 22.04
CA VAL B 65 31.63 -44.27 21.86
C VAL B 65 33.00 -43.93 22.45
N LYS B 66 33.73 -43.03 21.79
CA LYS B 66 35.09 -42.67 22.20
C LYS B 66 35.09 -41.85 23.48
N ASP B 67 35.93 -42.27 24.44
CA ASP B 67 36.05 -41.80 25.83
C ASP B 67 34.72 -41.89 26.59
N MET B 68 33.93 -42.90 26.30
CA MET B 68 32.62 -43.13 26.94
C MET B 68 32.52 -44.63 27.14
N PRO B 69 33.10 -45.16 28.23
CA PRO B 69 33.15 -46.63 28.39
C PRO B 69 31.85 -47.23 28.88
N HIS B 70 30.90 -46.43 29.34
CA HIS B 70 29.62 -46.93 29.80
C HIS B 70 28.44 -46.47 28.97
N ALA B 71 28.65 -45.56 28.02
CA ALA B 71 27.54 -44.97 27.27
C ALA B 71 27.37 -45.65 25.92
N ARG B 72 26.13 -45.87 25.54
CA ARG B 72 25.75 -46.24 24.19
C ARG B 72 25.05 -45.06 23.54
N ALA B 73 25.13 -44.98 22.22
CA ALA B 73 24.53 -43.87 21.49
C ALA B 73 23.63 -44.39 20.40
N ILE B 74 22.39 -43.92 20.39
CA ILE B 74 21.44 -44.17 19.31
C ILE B 74 21.30 -42.86 18.54
N THR B 75 21.22 -42.96 17.22
CA THR B 75 20.91 -41.80 16.39
C THR B 75 20.02 -42.25 15.25
N ASN B 76 19.43 -41.23 14.58
CA ASN B 76 18.45 -41.34 13.48
C ASN B 76 17.20 -42.14 13.87
N LEU B 77 16.78 -41.99 15.13
CA LEU B 77 15.65 -42.74 15.65
C LEU B 77 14.32 -42.21 15.14
N PHE B 78 14.22 -40.89 14.94
CA PHE B 78 13.03 -40.27 14.39
C PHE B 78 13.26 -39.80 12.96
N GLY B 79 14.15 -40.48 12.24
CA GLY B 79 14.53 -40.07 10.89
C GLY B 79 13.46 -40.36 9.86
N ASP B 80 13.14 -41.64 9.69
CA ASP B 80 12.02 -42.01 8.84
C ASP B 80 10.73 -41.87 9.65
N ILE B 81 9.76 -41.16 9.09
CA ILE B 81 8.46 -41.03 9.74
C ILE B 81 7.59 -42.26 9.52
N ARG B 82 7.95 -43.14 8.59
CA ARG B 82 7.21 -44.37 8.39
C ARG B 82 7.49 -45.41 9.48
N VAL B 83 8.64 -45.32 10.16
CA VAL B 83 8.92 -46.22 11.26
C VAL B 83 8.58 -45.62 12.61
N VAL B 84 8.40 -44.29 12.69
CA VAL B 84 7.80 -43.70 13.89
C VAL B 84 6.31 -44.03 13.93
N GLU B 85 5.65 -43.96 12.78
CA GLU B 85 4.22 -44.27 12.68
C GLU B 85 3.95 -45.76 12.83
N GLU B 86 4.90 -46.61 12.45
CA GLU B 86 4.76 -48.04 12.70
C GLU B 86 5.00 -48.39 14.16
N LEU B 87 5.77 -47.57 14.87
CA LEU B 87 6.04 -47.82 16.29
C LEU B 87 4.82 -47.53 17.15
N PHE B 88 4.12 -46.44 16.88
CA PHE B 88 2.97 -46.04 17.66
C PHE B 88 1.65 -46.55 17.07
N GLY B 89 1.71 -47.38 16.04
CA GLY B 89 0.51 -47.96 15.46
C GLY B 89 -0.33 -47.02 14.63
N TRP B 90 0.30 -46.18 13.82
CA TRP B 90 -0.40 -45.26 12.94
C TRP B 90 -0.21 -45.69 11.49
N GLU B 91 -1.25 -45.51 10.68
CA GLU B 91 -1.21 -45.99 9.31
C GLU B 91 -0.41 -45.05 8.42
N ASN B 92 -0.69 -43.75 8.48
CA ASN B 92 0.01 -42.78 7.66
C ASN B 92 0.13 -41.48 8.46
N SER B 93 0.54 -40.42 7.77
CA SER B 93 0.68 -39.13 8.43
C SER B 93 -0.66 -38.45 8.69
N LEU B 94 -1.70 -38.79 7.92
CA LEU B 94 -3.02 -38.27 8.20
C LEU B 94 -3.63 -38.94 9.43
N ASP B 95 -3.35 -40.23 9.62
CA ASP B 95 -3.78 -40.90 10.84
C ASP B 95 -2.93 -40.49 12.04
N ARG B 96 -1.69 -40.04 11.80
CA ARG B 96 -0.84 -39.57 12.89
C ARG B 96 -1.33 -38.23 13.45
N VAL B 97 -1.75 -37.32 12.56
CA VAL B 97 -2.16 -35.98 12.95
C VAL B 97 -3.50 -35.99 13.69
N LYS B 98 -4.45 -36.79 13.20
CA LYS B 98 -5.78 -36.87 13.80
C LYS B 98 -5.83 -37.64 15.11
N LYS B 99 -4.82 -38.45 15.41
CA LYS B 99 -4.82 -39.21 16.65
C LYS B 99 -4.06 -38.53 17.78
N VAL B 100 -3.00 -37.79 17.46
CA VAL B 100 -2.29 -36.99 18.46
C VAL B 100 -3.14 -35.80 18.90
N ALA B 101 -3.88 -35.21 17.95
CA ALA B 101 -4.81 -34.14 18.28
C ALA B 101 -6.05 -34.63 19.02
N ARG B 102 -6.40 -35.91 18.85
CA ARG B 102 -7.35 -36.55 19.75
C ARG B 102 -6.74 -36.75 21.13
N ALA B 103 -5.47 -37.14 21.18
CA ALA B 103 -4.76 -37.39 22.43
C ALA B 103 -4.36 -36.12 23.16
N ILE B 104 -4.39 -34.97 22.50
CA ILE B 104 -4.18 -33.69 23.17
C ILE B 104 -5.39 -33.37 24.04
N ASP B 105 -6.59 -33.60 23.53
CA ASP B 105 -7.82 -33.30 24.26
C ASP B 105 -8.12 -34.28 25.37
N HIS B 106 -7.56 -35.49 25.33
CA HIS B 106 -7.75 -36.49 26.38
C HIS B 106 -6.40 -36.99 26.87
N PRO B 107 -5.75 -36.26 27.78
CA PRO B 107 -4.48 -36.74 28.33
C PRO B 107 -4.68 -37.81 29.39
N LEU B 108 -3.69 -38.67 29.52
CA LEU B 108 -3.69 -39.72 30.52
C LEU B 108 -2.91 -39.27 31.75
N LYS B 109 -3.44 -39.56 32.93
CA LYS B 109 -2.82 -39.10 34.17
C LYS B 109 -1.58 -39.94 34.47
N PRO B 110 -0.40 -39.33 34.63
CA PRO B 110 0.81 -40.12 34.88
C PRO B 110 0.89 -40.64 36.30
N VAL B 111 1.39 -41.86 36.43
CA VAL B 111 1.44 -42.54 37.72
C VAL B 111 2.79 -42.28 38.38
N ILE B 112 2.81 -42.41 39.69
CA ILE B 112 4.01 -42.21 40.50
C ILE B 112 4.34 -43.53 41.16
N ILE B 113 5.53 -44.06 40.88
CA ILE B 113 5.98 -45.32 41.44
C ILE B 113 7.01 -45.04 42.52
N GLY B 114 7.37 -46.09 43.26
CA GLY B 114 8.33 -45.93 44.34
C GLY B 114 9.76 -45.84 43.83
N GLN B 115 10.65 -45.42 44.74
CA GLN B 115 12.05 -45.19 44.39
C GLN B 115 12.84 -46.48 44.22
N ASP B 116 12.37 -47.58 44.78
CA ASP B 116 13.03 -48.86 44.59
C ASP B 116 12.60 -49.56 43.30
N GLU B 117 11.55 -49.08 42.64
CA GLU B 117 11.08 -49.67 41.39
C GLU B 117 11.44 -48.86 40.16
N ALA B 118 11.99 -47.67 40.34
CA ALA B 118 12.37 -46.84 39.19
C ALA B 118 13.68 -47.34 38.61
N PRO B 119 13.75 -47.66 37.30
CA PRO B 119 15.01 -48.14 36.71
C PRO B 119 16.07 -47.08 36.55
N VAL B 120 15.72 -45.79 36.56
CA VAL B 120 16.73 -44.76 36.37
C VAL B 120 17.46 -44.45 37.67
N GLN B 121 16.93 -44.87 38.81
CA GLN B 121 17.56 -44.64 40.10
C GLN B 121 18.32 -45.85 40.60
N GLU B 122 18.92 -46.64 39.70
CA GLU B 122 19.76 -47.76 40.12
C GLU B 122 21.10 -47.27 40.65
N GLU B 123 21.71 -46.32 39.96
CA GLU B 123 23.00 -45.74 40.35
C GLU B 123 22.78 -44.25 40.59
N VAL B 124 22.81 -43.84 41.84
CA VAL B 124 22.60 -42.44 42.23
C VAL B 124 23.92 -41.87 42.68
N LEU B 125 24.38 -40.82 42.01
CA LEU B 125 25.62 -40.14 42.34
C LEU B 125 25.30 -38.75 42.90
N THR B 126 25.81 -38.45 44.08
CA THR B 126 25.60 -37.15 44.71
C THR B 126 26.86 -36.34 44.86
N THR B 127 28.03 -36.97 44.77
CA THR B 127 29.32 -36.30 44.85
C THR B 127 30.12 -36.60 43.60
N ASP B 128 31.21 -35.82 43.45
CA ASP B 128 32.05 -35.61 42.24
C ASP B 128 31.25 -35.60 40.94
N LEU B 129 30.30 -34.67 40.89
CA LEU B 129 29.35 -34.57 39.77
C LEU B 129 30.04 -33.90 38.59
N ASP B 130 30.75 -34.71 37.81
CA ASP B 130 31.26 -34.27 36.52
C ASP B 130 30.31 -34.79 35.46
N VAL B 131 29.59 -33.87 34.83
CA VAL B 131 28.54 -34.24 33.88
C VAL B 131 29.14 -34.65 32.55
N ASN B 132 30.29 -34.07 32.17
CA ASN B 132 30.98 -34.48 30.96
C ASN B 132 31.70 -35.82 31.09
N LYS B 133 31.93 -36.28 32.31
CA LYS B 133 32.43 -37.64 32.54
C LYS B 133 31.36 -38.67 32.18
N TRP B 134 30.10 -38.39 32.50
CA TRP B 134 29.03 -39.38 32.33
C TRP B 134 28.13 -39.13 31.13
N LEU B 135 27.82 -37.88 30.80
CA LEU B 135 26.93 -37.57 29.70
C LEU B 135 27.74 -37.19 28.47
N THR B 136 27.32 -37.70 27.31
CA THR B 136 28.09 -37.53 26.10
C THR B 136 27.78 -36.18 25.46
N ALA B 137 28.81 -35.34 25.33
CA ALA B 137 28.72 -34.09 24.59
C ALA B 137 29.20 -34.34 23.18
N ILE B 138 28.55 -33.71 22.20
CA ILE B 138 28.89 -33.90 20.80
C ILE B 138 29.25 -32.56 20.17
N ARG B 139 29.88 -32.64 19.01
CA ARG B 139 30.20 -31.48 18.19
C ARG B 139 29.63 -31.71 16.80
N HIS B 140 28.90 -30.73 16.27
CA HIS B 140 28.17 -30.93 15.02
C HIS B 140 29.02 -30.54 13.81
N THR B 141 29.42 -29.27 13.74
CA THR B 141 30.15 -28.71 12.62
C THR B 141 31.60 -28.47 13.00
N PRO B 142 32.54 -28.47 12.04
CA PRO B 142 33.95 -28.19 12.38
C PRO B 142 34.28 -26.75 12.74
N LEU B 143 33.35 -25.80 12.60
CA LEU B 143 33.58 -24.41 13.00
C LEU B 143 33.31 -24.16 14.47
N GLU B 144 32.88 -25.17 15.23
CA GLU B 144 32.60 -25.02 16.64
C GLU B 144 33.88 -24.96 17.46
N THR B 145 33.75 -24.46 18.69
CA THR B 145 34.86 -24.45 19.64
C THR B 145 34.56 -25.38 20.81
N GLU B 146 33.29 -25.51 21.19
CA GLU B 146 32.91 -26.19 22.41
C GLU B 146 32.13 -27.47 22.14
N MET B 147 32.05 -28.30 23.18
CA MET B 147 31.35 -29.57 23.15
C MET B 147 30.02 -29.38 23.88
N THR B 148 28.91 -29.71 23.21
CA THR B 148 27.59 -29.31 23.65
C THR B 148 26.76 -30.55 24.00
N ILE B 149 26.25 -30.58 25.24
CA ILE B 149 25.23 -31.56 25.60
C ILE B 149 23.88 -31.03 25.16
N GLY B 150 23.22 -31.75 24.26
CA GLY B 150 21.92 -31.33 23.79
C GLY B 150 20.94 -32.48 23.64
N SER B 151 21.04 -33.47 24.51
CA SER B 151 20.26 -34.69 24.40
C SER B 151 19.18 -34.81 25.45
N GLY B 152 18.99 -33.81 26.29
CA GLY B 152 18.12 -33.90 27.45
C GLY B 152 16.85 -33.07 27.30
N ILE B 153 15.75 -33.61 27.79
CA ILE B 153 14.49 -32.88 27.86
C ILE B 153 14.28 -32.46 29.31
N SER B 154 13.52 -31.38 29.50
CA SER B 154 13.41 -30.74 30.81
C SER B 154 12.05 -31.06 31.42
N CYS B 155 12.06 -31.83 32.50
CA CYS B 155 10.83 -32.33 33.11
C CYS B 155 10.49 -31.48 34.33
N VAL B 156 9.48 -30.62 34.20
CA VAL B 156 8.99 -29.77 35.28
C VAL B 156 7.58 -30.21 35.61
N VAL B 157 7.42 -30.89 36.75
CA VAL B 157 6.13 -31.39 37.22
C VAL B 157 5.86 -30.77 38.58
N GLY B 158 4.72 -30.11 38.72
CA GLY B 158 4.25 -29.72 40.03
C GLY B 158 3.76 -28.29 40.13
N PRO B 159 4.14 -27.60 41.21
CA PRO B 159 3.62 -26.24 41.44
C PRO B 159 4.28 -25.18 40.58
N TYR B 160 5.41 -25.47 39.95
CA TYR B 160 6.06 -24.52 39.07
C TYR B 160 5.48 -24.52 37.67
N PHE B 161 4.63 -25.50 37.34
CA PHE B 161 3.88 -25.50 36.10
C PHE B 161 2.39 -25.63 36.37
N ASP B 162 1.93 -25.02 37.48
CA ASP B 162 0.52 -24.82 37.88
C ASP B 162 -0.26 -26.13 38.05
N GLY B 163 0.41 -27.17 38.52
CA GLY B 163 -0.21 -28.46 38.66
C GLY B 163 -0.16 -29.35 37.44
N GLY B 164 0.36 -28.84 36.33
CA GLY B 164 0.53 -29.60 35.11
C GLY B 164 1.92 -30.20 35.01
N SER B 165 2.36 -30.39 33.77
CA SER B 165 3.68 -30.95 33.52
C SER B 165 4.21 -30.39 32.21
N HIS B 166 5.53 -30.39 32.07
CA HIS B 166 6.17 -29.85 30.89
C HIS B 166 7.38 -30.72 30.53
N ILE B 167 7.51 -31.05 29.26
CA ILE B 167 8.71 -31.70 28.73
C ILE B 167 9.15 -30.96 27.48
N GLY B 168 10.45 -30.71 27.38
CA GLY B 168 11.00 -30.01 26.25
C GLY B 168 12.51 -29.91 26.29
N TYR B 169 13.15 -29.89 25.12
CA TYR B 169 14.60 -29.92 25.02
C TYR B 169 15.22 -28.58 25.36
N ASN B 170 16.39 -28.63 25.99
CA ASN B 170 17.20 -27.45 26.26
C ASN B 170 18.66 -27.84 26.09
N ARG B 171 19.44 -27.01 25.42
CA ARG B 171 20.84 -27.33 25.23
C ARG B 171 21.65 -26.89 26.44
N MET B 172 22.79 -27.57 26.64
CA MET B 172 23.66 -27.31 27.77
C MET B 172 25.10 -27.13 27.29
N ASN B 173 25.90 -26.52 28.16
CA ASN B 173 27.35 -26.49 27.97
C ASN B 173 27.96 -26.48 29.36
N PHE B 174 28.37 -27.67 29.83
CA PHE B 174 28.95 -27.81 31.15
C PHE B 174 30.43 -27.44 31.08
N ARG B 175 30.78 -26.29 31.63
CA ARG B 175 32.15 -25.82 31.63
C ARG B 175 32.74 -25.67 33.02
N TRP B 176 31.93 -25.69 34.06
CA TRP B 176 32.39 -25.49 35.43
C TRP B 176 32.04 -26.69 36.30
N GLY B 177 32.20 -27.90 35.74
CA GLY B 177 31.95 -29.10 36.50
C GLY B 177 30.49 -29.47 36.53
N ASN B 178 29.84 -29.20 37.65
CA ASN B 178 28.41 -29.50 37.81
C ASN B 178 27.52 -28.33 37.42
N VAL B 179 28.10 -27.22 36.98
CA VAL B 179 27.34 -26.04 36.59
C VAL B 179 27.50 -25.86 35.09
N GLY B 180 26.38 -25.73 34.38
CA GLY B 180 26.42 -25.47 32.95
C GLY B 180 25.29 -24.53 32.56
N THR B 181 25.40 -24.01 31.35
CA THR B 181 24.40 -23.09 30.83
C THR B 181 23.14 -23.83 30.42
N PHE B 182 22.06 -23.07 30.28
CA PHE B 182 20.74 -23.65 30.07
C PHE B 182 19.98 -22.68 29.17
N GLN B 183 20.01 -22.96 27.86
CA GLN B 183 19.45 -22.04 26.89
C GLN B 183 17.94 -22.21 26.82
N ILE B 184 17.22 -21.13 27.07
CA ILE B 184 15.76 -21.10 26.97
C ILE B 184 15.41 -20.14 25.85
N SER B 185 14.67 -20.64 24.85
CA SER B 185 14.13 -19.78 23.82
C SER B 185 13.05 -18.87 24.41
N PRO B 186 13.00 -17.60 24.01
CA PRO B 186 12.05 -16.66 24.64
C PRO B 186 10.61 -16.90 24.17
N GLY B 187 9.70 -16.77 25.12
CA GLY B 187 8.30 -17.04 24.88
C GLY B 187 7.89 -18.49 25.03
N SER B 188 8.80 -19.38 25.42
CA SER B 188 8.51 -20.81 25.52
C SER B 188 7.87 -21.13 26.87
N HIS B 189 7.69 -22.42 27.14
CA HIS B 189 7.12 -22.85 28.43
C HIS B 189 8.10 -22.66 29.57
N MET B 190 9.39 -22.90 29.31
CA MET B 190 10.42 -22.65 30.31
C MET B 190 10.67 -21.16 30.51
N TRP B 191 10.40 -20.34 29.50
CA TRP B 191 10.49 -18.90 29.65
C TRP B 191 9.38 -18.36 30.54
N GLN B 192 8.19 -18.96 30.49
CA GLN B 192 7.08 -18.51 31.31
C GLN B 192 7.23 -18.92 32.77
N VAL B 193 7.91 -20.03 33.04
CA VAL B 193 8.27 -20.39 34.40
C VAL B 193 9.34 -19.44 34.93
N MET B 194 10.29 -19.08 34.06
CA MET B 194 11.45 -18.27 34.47
C MET B 194 11.08 -16.81 34.70
N THR B 195 10.16 -16.26 33.90
CA THR B 195 9.72 -14.88 34.10
C THR B 195 8.78 -14.74 35.28
N GLU B 196 8.09 -15.81 35.67
CA GLU B 196 7.26 -15.77 36.87
C GLU B 196 8.11 -15.79 38.13
N HIS B 197 9.13 -16.64 38.16
CA HIS B 197 9.96 -16.82 39.33
C HIS B 197 11.35 -16.20 39.14
N TYR B 198 11.39 -15.04 38.47
CA TYR B 198 12.66 -14.35 38.28
C TYR B 198 13.14 -13.66 39.54
N LYS B 199 12.22 -13.02 40.27
CA LYS B 199 12.56 -12.27 41.46
C LYS B 199 12.41 -13.10 42.73
N ASP B 200 12.14 -14.40 42.61
CA ASP B 200 12.08 -15.27 43.77
C ASP B 200 13.47 -15.55 44.31
N ASP B 201 13.58 -15.60 45.63
CA ASP B 201 14.86 -15.91 46.26
C ASP B 201 15.21 -17.38 46.15
N GLU B 202 14.21 -18.25 46.18
CA GLU B 202 14.44 -19.67 46.01
C GLU B 202 14.69 -20.00 44.53
N PRO B 203 15.59 -20.94 44.24
CA PRO B 203 15.79 -21.34 42.84
C PRO B 203 14.68 -22.27 42.37
N ILE B 204 14.63 -22.48 41.06
CA ILE B 204 13.62 -23.33 40.43
C ILE B 204 14.20 -24.72 40.32
N PRO B 205 13.63 -25.74 40.97
CA PRO B 205 14.12 -27.11 40.80
C PRO B 205 13.50 -27.77 39.57
N LEU B 206 14.36 -28.27 38.69
CA LEU B 206 13.90 -29.05 37.56
C LEU B 206 14.77 -30.28 37.42
N THR B 207 14.44 -31.10 36.44
CA THR B 207 15.09 -32.38 36.23
C THR B 207 15.29 -32.56 34.74
N MET B 208 16.53 -32.81 34.34
CA MET B 208 16.80 -33.12 32.94
C MET B 208 16.99 -34.62 32.76
N CYS B 209 16.19 -35.20 31.88
CA CYS B 209 16.17 -36.65 31.65
C CYS B 209 16.76 -36.97 30.28
N PHE B 210 17.51 -38.07 30.24
CA PHE B 210 18.22 -38.50 29.05
C PHE B 210 17.85 -39.95 28.77
N GLY B 211 17.72 -40.28 27.48
CA GLY B 211 17.34 -41.61 27.07
C GLY B 211 15.90 -41.93 27.41
N VAL B 212 15.01 -41.01 27.07
CA VAL B 212 13.61 -41.01 27.46
C VAL B 212 12.83 -42.03 26.63
N PRO B 213 11.60 -42.40 27.03
CA PRO B 213 10.72 -43.13 26.12
C PRO B 213 10.36 -42.30 24.91
N PRO B 214 10.13 -42.94 23.74
CA PRO B 214 9.93 -42.17 22.50
C PRO B 214 8.59 -41.47 22.39
N SER B 215 7.61 -41.80 23.23
CA SER B 215 6.45 -40.95 23.36
C SER B 215 6.79 -39.64 24.09
N CYS B 216 7.72 -39.70 25.05
CA CYS B 216 8.17 -38.49 25.72
C CYS B 216 9.15 -37.69 24.87
N THR B 217 9.83 -38.34 23.92
CA THR B 217 10.62 -37.62 22.93
C THR B 217 9.73 -36.89 21.94
N TYR B 218 8.55 -37.45 21.69
CA TYR B 218 7.61 -36.95 20.69
C TYR B 218 6.98 -35.62 21.12
N VAL B 219 6.55 -35.53 22.38
CA VAL B 219 5.94 -34.31 22.89
C VAL B 219 7.02 -33.31 23.32
N ALA B 220 8.26 -33.77 23.49
CA ALA B 220 9.34 -32.84 23.83
C ALA B 220 9.48 -31.72 22.80
N GLY B 221 9.36 -32.05 21.51
CA GLY B 221 9.49 -31.06 20.47
C GLY B 221 8.31 -30.13 20.25
N ALA B 222 7.20 -30.36 20.95
CA ALA B 222 6.03 -29.48 20.85
C ALA B 222 6.31 -28.15 21.54
N GLY B 223 6.21 -27.07 20.79
CA GLY B 223 6.40 -25.75 21.37
C GLY B 223 5.88 -24.68 20.45
N PHE B 224 5.60 -23.52 21.05
CA PHE B 224 4.94 -22.35 20.45
C PHE B 224 3.61 -22.70 19.79
N ASP B 225 2.81 -23.46 20.53
CA ASP B 225 1.45 -23.82 20.19
C ASP B 225 0.57 -23.65 21.41
N TYR B 226 0.70 -22.50 22.06
CA TYR B 226 0.26 -22.33 23.43
C TYR B 226 -1.19 -21.88 23.55
N ALA B 227 -1.88 -21.73 22.43
CA ALA B 227 -3.34 -21.65 22.48
C ALA B 227 -3.97 -23.02 22.64
N ILE B 228 -3.23 -24.09 22.34
CA ILE B 228 -3.70 -25.45 22.48
C ILE B 228 -3.10 -26.11 23.72
N LEU B 229 -1.80 -25.92 23.95
CA LEU B 229 -1.10 -26.51 25.09
C LEU B 229 -0.50 -25.40 25.93
N PRO B 230 -1.29 -24.75 26.79
CA PRO B 230 -0.75 -23.60 27.54
C PRO B 230 0.05 -23.99 28.77
N LYS B 231 0.43 -22.99 29.55
CA LYS B 231 1.04 -23.23 30.85
C LYS B 231 -0.02 -23.76 31.81
N GLY B 232 0.29 -24.87 32.47
CA GLY B 232 -0.67 -25.58 33.27
C GLY B 232 -1.25 -26.82 32.62
N CYS B 233 -0.90 -27.07 31.37
CA CYS B 233 -1.33 -28.29 30.70
C CYS B 233 -0.43 -29.46 31.10
N ASP B 234 -0.82 -30.66 30.69
CA ASP B 234 -0.11 -31.89 31.04
C ASP B 234 0.63 -32.38 29.80
N GLU B 235 1.90 -32.00 29.68
CA GLU B 235 2.68 -32.37 28.50
C GLU B 235 3.13 -33.82 28.55
N ILE B 236 3.28 -34.41 29.73
CA ILE B 236 3.46 -35.86 29.83
C ILE B 236 2.11 -36.56 29.90
N GLY B 237 1.02 -35.80 30.00
CA GLY B 237 -0.30 -36.37 29.78
C GLY B 237 -0.55 -36.76 28.34
N ILE B 238 -0.03 -35.97 27.41
CA ILE B 238 -0.14 -36.30 25.99
C ILE B 238 0.78 -37.45 25.63
N ALA B 239 1.95 -37.52 26.29
CA ALA B 239 2.89 -38.61 26.07
C ALA B 239 2.39 -39.93 26.65
N GLY B 240 1.55 -39.87 27.68
CA GLY B 240 0.87 -41.07 28.13
C GLY B 240 -0.22 -41.52 27.17
N ALA B 241 -0.93 -40.57 26.56
CA ALA B 241 -2.04 -40.91 25.70
C ALA B 241 -1.61 -41.32 24.30
N ILE B 242 -0.38 -41.03 23.91
CA ILE B 242 0.11 -41.47 22.60
C ILE B 242 0.49 -42.94 22.63
N GLN B 243 1.25 -43.35 23.65
CA GLN B 243 1.66 -44.74 23.76
C GLN B 243 0.59 -45.64 24.37
N GLY B 244 -0.48 -45.08 24.92
CA GLY B 244 -1.58 -45.86 25.44
C GLY B 244 -1.44 -46.29 26.89
N SER B 245 -0.30 -46.04 27.52
CA SER B 245 -0.04 -46.36 28.91
C SER B 245 0.47 -45.12 29.61
N PRO B 246 0.17 -44.93 30.90
CA PRO B 246 0.67 -43.73 31.60
C PRO B 246 2.15 -43.79 31.90
N VAL B 247 2.80 -42.64 31.81
CA VAL B 247 4.24 -42.54 31.99
C VAL B 247 4.54 -42.56 33.49
N ARG B 248 5.46 -43.43 33.89
CA ARG B 248 5.80 -43.57 35.29
C ARG B 248 6.75 -42.44 35.72
N LEU B 249 6.43 -41.79 36.82
CA LEU B 249 7.29 -40.79 37.42
C LEU B 249 7.77 -41.28 38.77
N VAL B 250 8.83 -40.63 39.28
CA VAL B 250 9.38 -40.97 40.57
C VAL B 250 9.92 -39.68 41.19
N LYS B 251 9.93 -39.65 42.52
CA LYS B 251 10.47 -38.51 43.26
C LYS B 251 11.99 -38.50 43.15
N CYS B 252 12.57 -37.30 43.07
CA CYS B 252 14.01 -37.13 43.10
C CYS B 252 14.56 -37.44 44.48
N ARG B 253 15.83 -37.85 44.51
CA ARG B 253 16.47 -38.19 45.78
C ARG B 253 16.83 -36.94 46.59
N THR B 254 17.29 -35.88 45.92
CA THR B 254 17.74 -34.68 46.61
C THR B 254 16.70 -33.57 46.58
N ILE B 255 16.30 -33.14 45.38
CA ILE B 255 15.40 -31.99 45.25
C ILE B 255 13.95 -32.46 45.33
N ASP B 256 13.04 -31.50 45.48
CA ASP B 256 11.60 -31.79 45.57
C ASP B 256 10.97 -31.58 44.19
N ALA B 257 11.11 -32.58 43.33
CA ALA B 257 10.55 -32.54 42.00
C ALA B 257 10.20 -33.97 41.58
N TYR B 258 9.98 -34.16 40.29
CA TYR B 258 9.68 -35.48 39.75
C TYR B 258 10.46 -35.68 38.46
N THR B 259 10.90 -36.92 38.25
CA THR B 259 11.63 -37.31 37.05
C THR B 259 10.73 -38.16 36.15
N LEU B 260 11.31 -38.62 35.06
CA LEU B 260 10.75 -39.72 34.29
C LEU B 260 11.47 -40.98 34.69
N ALA B 261 10.72 -42.00 35.12
CA ALA B 261 11.32 -43.17 35.73
C ALA B 261 11.97 -44.10 34.70
N ASP B 262 11.44 -44.13 33.47
CA ASP B 262 11.94 -45.04 32.45
C ASP B 262 13.00 -44.42 31.55
N ALA B 263 13.77 -43.47 32.06
CA ALA B 263 14.85 -42.87 31.31
C ALA B 263 16.14 -43.64 31.55
N GLU B 264 17.25 -43.15 31.03
CA GLU B 264 18.56 -43.78 31.22
C GLU B 264 19.48 -42.95 32.10
N TYR B 265 19.52 -41.64 31.90
CA TYR B 265 20.27 -40.73 32.75
C TYR B 265 19.34 -39.61 33.17
N VAL B 266 19.45 -39.20 34.43
CA VAL B 266 18.66 -38.10 34.98
C VAL B 266 19.61 -37.17 35.73
N LEU B 267 19.56 -35.88 35.38
CA LEU B 267 20.24 -34.84 36.14
C LEU B 267 19.23 -34.14 37.02
N GLU B 268 19.56 -34.02 38.30
CA GLU B 268 18.71 -33.33 39.26
C GLU B 268 19.42 -32.07 39.76
N GLY B 269 18.66 -31.00 39.96
CA GLY B 269 19.26 -29.80 40.50
C GLY B 269 18.36 -28.60 40.33
N TYR B 270 18.98 -27.42 40.44
CA TYR B 270 18.26 -26.16 40.50
C TYR B 270 18.69 -25.26 39.36
N LEU B 271 17.76 -24.43 38.89
CA LEU B 271 18.01 -23.45 37.86
C LEU B 271 18.07 -22.06 38.49
N HIS B 272 19.16 -21.34 38.21
CA HIS B 272 19.30 -19.99 38.73
C HIS B 272 19.03 -19.02 37.60
N PRO B 273 17.93 -18.26 37.62
CA PRO B 273 17.64 -17.35 36.52
C PRO B 273 18.48 -16.07 36.53
N ARG B 274 18.82 -15.59 37.73
CA ARG B 274 19.59 -14.37 37.85
C ARG B 274 21.07 -14.61 37.55
N ASP B 275 21.59 -15.79 37.86
CA ASP B 275 22.97 -16.14 37.56
C ASP B 275 23.07 -16.50 36.08
N LYS B 276 23.73 -15.66 35.30
CA LYS B 276 23.85 -15.88 33.87
C LYS B 276 25.31 -15.85 33.45
N ARG B 277 25.69 -16.78 32.58
CA ARG B 277 27.05 -16.91 32.11
C ARG B 277 27.03 -17.14 30.60
N TYR B 278 28.18 -16.94 29.97
CA TYR B 278 28.29 -17.11 28.53
C TYR B 278 28.39 -18.58 28.17
N GLU B 279 27.90 -18.91 26.96
CA GLU B 279 27.89 -20.29 26.51
C GLU B 279 29.26 -20.76 26.04
N THR B 280 30.02 -19.89 25.38
CA THR B 280 31.34 -20.26 24.88
C THR B 280 32.41 -19.45 25.59
N ALA B 281 33.64 -19.95 25.50
CA ALA B 281 34.76 -19.25 26.11
C ALA B 281 35.20 -18.05 25.29
N GLU B 282 35.11 -18.15 23.96
CA GLU B 282 35.55 -17.06 23.11
C GLU B 282 34.53 -15.93 23.02
N SER B 283 33.28 -16.18 23.39
CA SER B 283 32.34 -15.09 23.64
C SER B 283 32.34 -14.65 25.09
N GLU B 284 33.10 -15.33 25.95
CA GLU B 284 33.29 -14.86 27.32
C GLU B 284 34.49 -13.94 27.43
N ALA B 285 35.49 -14.12 26.56
CA ALA B 285 36.65 -13.23 26.55
C ALA B 285 36.30 -11.87 25.96
N ALA B 286 35.56 -11.86 24.86
CA ALA B 286 35.00 -10.65 24.27
C ALA B 286 33.52 -10.65 24.61
N ASP B 287 33.12 -9.83 25.59
CA ASP B 287 31.80 -9.95 26.23
C ASP B 287 30.73 -9.25 25.40
N ILE B 288 30.42 -9.82 24.23
CA ILE B 288 29.30 -9.43 23.40
C ILE B 288 28.42 -10.67 23.22
N GLN B 289 27.26 -10.47 22.60
CA GLN B 289 26.31 -11.54 22.36
C GLN B 289 25.80 -11.48 20.93
N GLY B 290 25.63 -12.64 20.31
CA GLY B 290 24.92 -12.74 19.06
C GLY B 290 25.76 -12.80 17.79
N ARG B 291 27.07 -12.94 17.89
CA ARG B 291 27.91 -13.07 16.70
C ARG B 291 28.85 -14.27 16.70
N PHE B 292 29.04 -14.94 17.84
CA PHE B 292 30.02 -16.01 17.95
C PHE B 292 29.31 -17.36 18.01
N HIS B 293 29.84 -18.33 17.25
CA HIS B 293 29.15 -19.59 16.98
C HIS B 293 29.18 -20.53 18.17
N PHE B 294 28.06 -21.24 18.37
CA PHE B 294 27.96 -22.26 19.40
C PHE B 294 27.79 -23.66 18.79
N HIS B 295 26.74 -23.87 18.00
CA HIS B 295 26.49 -25.01 17.12
C HIS B 295 25.48 -24.47 16.11
N PRO B 296 25.05 -25.20 15.07
CA PRO B 296 23.91 -24.73 14.28
C PRO B 296 22.58 -24.68 15.04
N GLU B 297 21.62 -23.98 14.43
CA GLU B 297 20.32 -23.77 15.03
C GLU B 297 19.24 -24.50 14.21
N TRP B 298 17.99 -24.27 14.59
CA TRP B 298 16.85 -24.97 14.00
C TRP B 298 16.52 -24.50 12.59
N ALA B 299 17.00 -23.33 12.19
CA ALA B 299 16.67 -22.75 10.90
C ALA B 299 17.48 -23.34 9.76
N GLY B 300 18.56 -24.06 10.05
CA GLY B 300 19.56 -24.34 9.04
C GLY B 300 20.63 -23.28 8.93
N TYR B 301 20.79 -22.46 9.96
CA TYR B 301 21.83 -21.43 10.05
C TYR B 301 22.71 -21.83 11.24
N MET B 302 23.58 -20.93 11.69
CA MET B 302 24.25 -21.14 12.99
C MET B 302 23.52 -20.37 14.07
N GLY B 303 23.28 -21.04 15.19
CA GLY B 303 22.97 -20.34 16.41
C GLY B 303 24.19 -19.67 16.99
N LYS B 304 23.94 -18.60 17.73
CA LYS B 304 25.00 -17.85 18.36
C LYS B 304 24.91 -18.04 19.87
N ALA B 305 26.00 -17.71 20.55
CA ALA B 305 26.06 -17.87 21.99
C ALA B 305 25.54 -16.62 22.68
N TYR B 306 24.84 -16.82 23.79
CA TYR B 306 24.25 -15.71 24.51
C TYR B 306 24.54 -15.84 26.01
N LYS B 307 23.89 -15.00 26.82
CA LYS B 307 24.04 -15.07 28.27
C LYS B 307 22.92 -15.94 28.81
N ALA B 308 23.12 -17.25 28.75
CA ALA B 308 22.13 -18.22 29.18
C ALA B 308 22.10 -18.31 30.70
N PRO B 309 20.96 -18.70 31.29
CA PRO B 309 20.93 -19.03 32.72
C PRO B 309 21.64 -20.34 33.02
N THR B 310 21.93 -20.54 34.30
CA THR B 310 22.75 -21.66 34.73
C THR B 310 21.94 -22.70 35.48
N PHE B 311 22.18 -23.97 35.16
CA PHE B 311 21.55 -25.10 35.82
C PHE B 311 22.59 -25.76 36.72
N HIS B 312 22.33 -25.77 38.02
CA HIS B 312 23.29 -26.25 39.01
C HIS B 312 22.91 -27.68 39.40
N VAL B 313 23.69 -28.65 38.93
CA VAL B 313 23.36 -30.06 39.13
C VAL B 313 23.75 -30.47 40.55
N THR B 314 22.79 -31.01 41.28
CA THR B 314 23.04 -31.52 42.63
C THR B 314 23.19 -33.04 42.68
N ALA B 315 22.60 -33.77 41.73
CA ALA B 315 22.66 -35.22 41.74
C ALA B 315 22.54 -35.76 40.32
N ILE B 316 23.29 -36.82 40.04
CA ILE B 316 23.20 -37.55 38.78
C ILE B 316 22.73 -38.95 39.08
N THR B 317 21.50 -39.27 38.67
CA THR B 317 20.96 -40.62 38.81
C THR B 317 20.88 -41.25 37.42
N MET B 318 21.26 -42.51 37.33
CA MET B 318 21.53 -43.16 36.06
C MET B 318 21.32 -44.66 36.28
N ARG B 319 21.06 -45.39 35.19
CA ARG B 319 20.98 -46.85 35.21
C ARG B 319 22.34 -47.52 35.47
N ARG B 320 22.31 -48.85 35.55
CA ARG B 320 23.51 -49.61 35.87
C ARG B 320 24.45 -49.66 34.67
N ARG B 321 25.73 -49.36 34.91
CA ARG B 321 26.71 -49.11 33.87
C ARG B 321 27.15 -50.38 33.15
N GLU B 322 26.92 -51.56 33.74
CA GLU B 322 27.12 -52.81 33.03
C GLU B 322 26.02 -53.08 32.01
N SER B 323 24.85 -52.47 32.18
CA SER B 323 23.75 -52.60 31.23
C SER B 323 23.84 -51.59 30.09
N LYS B 324 24.82 -50.66 30.14
CA LYS B 324 25.21 -49.68 29.13
C LYS B 324 24.07 -48.74 28.73
N PRO B 325 23.74 -47.73 29.55
CA PRO B 325 22.60 -46.86 29.26
C PRO B 325 22.80 -45.96 28.04
N ILE B 326 21.68 -45.66 27.37
CA ILE B 326 21.69 -45.15 26.01
C ILE B 326 21.37 -43.67 26.03
N ILE B 327 22.18 -42.88 25.32
CA ILE B 327 21.91 -41.48 25.11
C ILE B 327 21.47 -41.32 23.66
N PHE B 328 20.78 -40.21 23.37
CA PHE B 328 20.26 -39.92 22.03
C PHE B 328 20.81 -38.57 21.55
N PRO B 329 22.01 -38.53 20.97
CA PRO B 329 22.47 -37.28 20.36
C PRO B 329 21.92 -37.13 18.95
N LEU B 330 21.58 -35.91 18.59
CA LEU B 330 20.99 -35.69 17.27
C LEU B 330 21.41 -34.32 16.75
N GLY B 331 21.62 -34.25 15.44
CA GLY B 331 21.87 -32.99 14.80
C GLY B 331 20.59 -32.17 14.69
N VAL B 332 20.77 -30.89 14.42
CA VAL B 332 19.65 -29.96 14.50
C VAL B 332 19.14 -29.65 13.09
N HIS B 333 19.99 -29.76 12.08
CA HIS B 333 19.50 -29.78 10.70
C HIS B 333 19.47 -31.22 10.18
N THR B 334 18.76 -32.06 10.90
CA THR B 334 18.50 -33.43 10.51
C THR B 334 17.00 -33.65 10.45
N ALA B 335 16.59 -34.80 9.91
CA ALA B 335 15.18 -35.14 9.89
C ALA B 335 14.69 -35.73 11.20
N ASP B 336 15.59 -36.03 12.14
CA ASP B 336 15.20 -36.27 13.54
C ASP B 336 14.62 -35.02 14.16
N ASP B 337 15.31 -33.90 13.98
CA ASP B 337 14.92 -32.63 14.56
C ASP B 337 13.70 -32.05 13.87
N ALA B 338 13.46 -32.41 12.60
CA ALA B 338 12.22 -32.05 11.95
C ALA B 338 11.05 -32.87 12.49
N ASN B 339 11.24 -34.18 12.63
CA ASN B 339 10.11 -35.02 13.02
C ASN B 339 9.87 -35.06 14.52
N ILE B 340 10.74 -34.47 15.33
CA ILE B 340 10.45 -34.30 16.74
C ILE B 340 9.72 -32.98 16.98
N ASP B 341 10.21 -31.90 16.37
CA ASP B 341 9.67 -30.57 16.63
C ASP B 341 8.35 -30.30 15.92
N THR B 342 8.14 -30.87 14.73
CA THR B 342 6.98 -30.52 13.92
C THR B 342 5.93 -31.60 13.85
N SER B 343 5.90 -32.52 14.81
CA SER B 343 4.94 -33.61 14.71
C SER B 343 3.70 -33.39 15.56
N VAL B 344 3.87 -32.93 16.79
CA VAL B 344 2.74 -32.51 17.60
C VAL B 344 2.25 -31.14 17.14
N ARG B 345 3.16 -30.33 16.56
CA ARG B 345 2.81 -29.04 15.98
C ARG B 345 1.96 -29.16 14.73
N GLU B 346 2.05 -30.28 14.01
CA GLU B 346 1.07 -30.58 12.97
C GLU B 346 -0.31 -30.84 13.57
N SER B 347 -0.35 -31.53 14.71
CA SER B 347 -1.62 -31.83 15.34
C SER B 347 -2.20 -30.64 16.07
N ALA B 348 -1.35 -29.79 16.65
CA ALA B 348 -1.82 -28.63 17.41
C ALA B 348 -2.34 -27.52 16.51
N ILE B 349 -1.79 -27.39 15.31
CA ILE B 349 -2.35 -26.49 14.31
C ILE B 349 -3.68 -27.05 13.80
N PHE B 350 -3.74 -28.38 13.64
CA PHE B 350 -4.98 -29.08 13.30
C PHE B 350 -6.01 -29.02 14.41
N ALA B 351 -5.56 -28.98 15.67
CA ALA B 351 -6.48 -28.80 16.78
C ALA B 351 -7.04 -27.39 16.83
N LEU B 352 -6.24 -26.40 16.43
CA LEU B 352 -6.68 -25.01 16.46
C LEU B 352 -7.69 -24.72 15.35
N CYS B 353 -7.48 -25.33 14.17
CA CYS B 353 -8.40 -25.14 13.08
C CYS B 353 -9.69 -25.92 13.26
N GLU B 354 -9.64 -27.05 13.95
CA GLU B 354 -10.86 -27.74 14.32
C GLU B 354 -11.57 -27.07 15.49
N ARG B 355 -10.86 -26.28 16.29
CA ARG B 355 -11.51 -25.52 17.34
C ARG B 355 -12.28 -24.35 16.78
N LEU B 356 -11.73 -23.69 15.76
CA LEU B 356 -12.31 -22.47 15.21
C LEU B 356 -13.53 -22.76 14.36
N GLN B 357 -13.38 -23.65 13.38
CA GLN B 357 -14.50 -24.13 12.57
C GLN B 357 -14.18 -25.54 12.10
N PRO B 358 -14.86 -26.56 12.63
CA PRO B 358 -14.50 -27.94 12.29
C PRO B 358 -15.03 -28.36 10.92
N GLY B 359 -14.40 -29.39 10.37
CA GLY B 359 -14.82 -29.97 9.11
C GLY B 359 -14.23 -29.35 7.87
N ILE B 360 -13.46 -28.27 8.01
CA ILE B 360 -12.89 -27.59 6.85
C ILE B 360 -11.47 -28.04 6.57
N VAL B 361 -10.60 -28.01 7.58
CA VAL B 361 -9.21 -28.39 7.39
C VAL B 361 -9.12 -29.92 7.41
N GLN B 362 -8.58 -30.48 6.33
CA GLN B 362 -8.46 -31.93 6.19
C GLN B 362 -7.11 -32.44 6.66
N ASN B 363 -6.03 -31.72 6.36
CA ASN B 363 -4.69 -32.21 6.65
C ASN B 363 -3.78 -31.02 6.93
N VAL B 364 -2.86 -31.20 7.88
CA VAL B 364 -1.84 -30.22 8.21
C VAL B 364 -0.50 -30.92 8.07
N HIS B 365 0.38 -30.36 7.23
CA HIS B 365 1.72 -30.90 7.06
C HIS B 365 2.76 -29.82 7.27
N ILE B 366 3.74 -30.10 8.13
CA ILE B 366 4.94 -29.29 8.26
C ILE B 366 6.12 -30.14 7.81
N PRO B 367 6.76 -29.83 6.70
CA PRO B 367 7.88 -30.66 6.24
C PRO B 367 9.20 -30.31 6.88
N TYR B 368 10.25 -31.00 6.41
CA TYR B 368 11.63 -30.73 6.79
C TYR B 368 12.07 -29.36 6.30
N CYS B 369 11.60 -28.96 5.13
CA CYS B 369 12.05 -27.77 4.45
C CYS B 369 11.52 -26.46 5.02
N MET B 370 10.52 -26.50 5.90
CA MET B 370 10.01 -25.29 6.54
C MET B 370 10.51 -25.15 7.97
N THR B 371 11.67 -25.75 8.27
CA THR B 371 12.47 -25.75 9.53
C THR B 371 11.60 -26.30 10.66
N ASP B 372 11.73 -25.80 11.88
CA ASP B 372 10.90 -26.24 12.99
C ASP B 372 9.68 -25.36 13.15
N TRP B 373 9.89 -24.06 13.38
CA TRP B 373 8.82 -23.11 13.61
C TRP B 373 8.79 -22.05 12.51
N GLY B 374 9.29 -22.40 11.33
CA GLY B 374 9.34 -21.45 10.25
C GLY B 374 8.04 -21.34 9.48
N GLY B 375 7.38 -22.47 9.24
CA GLY B 375 6.18 -22.44 8.43
C GLY B 375 5.35 -23.68 8.59
N CYS B 376 4.22 -23.69 7.89
CA CYS B 376 3.30 -24.83 7.87
C CYS B 376 2.47 -24.78 6.60
N ILE B 377 1.94 -25.93 6.21
CA ILE B 377 0.98 -26.05 5.12
C ILE B 377 -0.28 -26.72 5.65
N ILE B 378 -1.42 -26.07 5.49
CA ILE B 378 -2.70 -26.66 5.80
C ILE B 378 -3.46 -26.92 4.51
N GLN B 379 -4.45 -27.80 4.58
CA GLN B 379 -5.24 -28.19 3.43
C GLN B 379 -6.71 -28.09 3.81
N VAL B 380 -7.43 -27.20 3.15
CA VAL B 380 -8.82 -26.93 3.50
C VAL B 380 -9.74 -27.53 2.45
N LYS B 381 -11.01 -27.61 2.79
CA LYS B 381 -12.05 -28.07 1.86
C LYS B 381 -13.29 -27.23 2.11
N LYS B 382 -13.71 -26.49 1.07
CA LYS B 382 -14.85 -25.59 1.19
C LYS B 382 -16.10 -26.34 0.76
N ARG B 383 -17.01 -26.56 1.70
CA ARG B 383 -18.21 -27.33 1.40
C ARG B 383 -19.30 -26.48 0.77
N ASN B 384 -19.42 -25.21 1.16
CA ASN B 384 -20.47 -24.35 0.64
C ASN B 384 -19.95 -22.91 0.59
N GLN B 385 -20.86 -21.99 0.32
CA GLN B 385 -20.51 -20.57 0.15
C GLN B 385 -20.16 -19.89 1.47
N ILE B 386 -20.74 -20.37 2.57
CA ILE B 386 -20.50 -19.79 3.90
C ILE B 386 -19.09 -20.14 4.37
N GLU B 387 -18.61 -21.35 4.06
CA GLU B 387 -17.27 -21.77 4.45
C GLU B 387 -16.17 -21.21 3.56
N GLU B 388 -16.51 -20.54 2.47
CA GLU B 388 -15.54 -19.82 1.66
C GLU B 388 -15.02 -18.61 2.43
N GLY B 389 -13.70 -18.45 2.45
CA GLY B 389 -13.09 -17.38 3.20
C GLY B 389 -12.67 -17.75 4.60
N TRP B 390 -12.98 -18.99 5.03
CA TRP B 390 -12.59 -19.42 6.36
C TRP B 390 -11.11 -19.75 6.45
N GLN B 391 -10.47 -20.02 5.33
CA GLN B 391 -9.04 -20.32 5.34
C GLN B 391 -8.19 -19.08 5.55
N ARG B 392 -8.72 -17.87 5.30
CA ARG B 392 -7.98 -16.67 5.64
C ARG B 392 -8.06 -16.40 7.14
N ASN B 393 -9.15 -16.82 7.78
CA ASN B 393 -9.21 -16.79 9.25
C ASN B 393 -8.26 -17.80 9.86
N PHE B 394 -8.03 -18.92 9.18
CA PHE B 394 -7.13 -19.95 9.70
C PHE B 394 -5.69 -19.49 9.62
N LEU B 395 -5.29 -18.88 8.49
CA LEU B 395 -3.90 -18.46 8.28
C LEU B 395 -3.52 -17.27 9.15
N ALA B 396 -4.48 -16.42 9.50
CA ALA B 396 -4.20 -15.35 10.45
C ALA B 396 -4.10 -15.90 11.87
N ALA B 397 -4.90 -16.91 12.20
CA ALA B 397 -4.86 -17.49 13.54
C ALA B 397 -3.67 -18.40 13.74
N ILE B 398 -3.18 -19.04 12.68
CA ILE B 398 -1.98 -19.88 12.78
C ILE B 398 -0.75 -19.01 12.97
N LEU B 399 -0.65 -17.91 12.21
CA LEU B 399 0.50 -17.03 12.26
C LEU B 399 0.56 -16.18 13.52
N ALA B 400 -0.56 -16.00 14.21
CA ALA B 400 -0.56 -15.23 15.46
C ALA B 400 -0.36 -16.12 16.67
N CYS B 401 -1.01 -17.29 16.72
CA CYS B 401 -0.89 -18.15 17.89
C CYS B 401 0.39 -18.97 17.90
N SER B 402 1.10 -19.06 16.79
CA SER B 402 2.42 -19.68 16.75
C SER B 402 3.45 -18.58 16.62
N GLN B 403 4.35 -18.49 17.58
CA GLN B 403 5.32 -17.41 17.62
C GLN B 403 6.45 -17.69 16.63
N GLY B 404 6.65 -16.79 15.69
CA GLY B 404 7.75 -16.88 14.77
C GLY B 404 7.52 -17.70 13.53
N MET B 405 6.29 -18.12 13.25
CA MET B 405 5.95 -18.66 11.93
C MET B 405 6.06 -17.56 10.89
N ARG B 406 6.69 -17.89 9.76
CA ARG B 406 6.85 -16.94 8.69
C ARG B 406 6.14 -17.30 7.40
N LEU B 407 5.66 -18.53 7.22
CA LEU B 407 5.09 -18.90 5.92
C LEU B 407 4.00 -19.95 6.12
N ALA B 408 2.76 -19.50 6.26
CA ALA B 408 1.63 -20.39 6.33
C ALA B 408 0.92 -20.41 4.98
N ILE B 409 0.79 -21.59 4.38
CA ILE B 409 0.21 -21.75 3.06
C ILE B 409 -1.05 -22.61 3.19
N ALA B 410 -2.16 -22.12 2.66
CA ALA B 410 -3.39 -22.89 2.60
C ALA B 410 -3.59 -23.36 1.17
N VAL B 411 -3.78 -24.67 0.99
CA VAL B 411 -4.02 -25.24 -0.33
C VAL B 411 -5.36 -25.95 -0.32
N SER B 412 -5.83 -26.31 -1.51
CA SER B 412 -7.11 -26.96 -1.66
C SER B 412 -6.98 -28.47 -1.52
N GLU B 413 -8.09 -29.17 -1.75
CA GLU B 413 -8.16 -30.60 -1.46
C GLU B 413 -7.59 -31.47 -2.57
N ASP B 414 -7.31 -30.91 -3.75
CA ASP B 414 -6.78 -31.69 -4.87
C ASP B 414 -5.27 -31.59 -4.98
N VAL B 415 -4.60 -31.22 -3.90
CA VAL B 415 -3.15 -31.02 -3.87
C VAL B 415 -2.55 -32.11 -3.02
N ASP B 416 -1.44 -32.69 -3.48
CA ASP B 416 -0.62 -33.54 -2.62
C ASP B 416 0.12 -32.64 -1.64
N ILE B 417 -0.16 -32.81 -0.35
CA ILE B 417 0.41 -31.92 0.65
C ILE B 417 1.84 -32.31 1.01
N TYR B 418 2.29 -33.50 0.65
CA TYR B 418 3.64 -33.94 0.96
C TYR B 418 4.62 -33.75 -0.18
N SER B 419 4.13 -33.72 -1.41
CA SER B 419 4.96 -33.42 -2.57
C SER B 419 5.19 -31.92 -2.59
N MET B 420 6.46 -31.51 -2.62
CA MET B 420 6.74 -30.10 -2.41
C MET B 420 6.80 -29.37 -3.74
N ASP B 421 6.84 -30.12 -4.85
CA ASP B 421 6.67 -29.51 -6.14
C ASP B 421 5.21 -29.17 -6.41
N ASP B 422 4.29 -29.88 -5.75
CA ASP B 422 2.87 -29.59 -5.86
C ASP B 422 2.48 -28.32 -5.12
N ILE B 423 3.25 -27.94 -4.10
CA ILE B 423 3.01 -26.69 -3.39
C ILE B 423 3.46 -25.49 -4.22
N MET B 424 4.62 -25.61 -4.88
CA MET B 424 5.10 -24.62 -5.85
C MET B 424 4.20 -24.48 -7.07
N TRP B 425 3.49 -25.56 -7.45
CA TRP B 425 2.51 -25.46 -8.52
C TRP B 425 1.29 -24.63 -8.09
N CYS B 426 0.93 -24.67 -6.82
CA CYS B 426 -0.16 -23.83 -6.34
C CYS B 426 0.27 -22.39 -6.14
N LEU B 427 1.55 -22.14 -5.89
CA LEU B 427 2.04 -20.76 -5.81
C LEU B 427 2.10 -20.10 -7.17
N THR B 428 2.34 -20.88 -8.22
CA THR B 428 2.38 -20.35 -9.57
C THR B 428 0.98 -20.04 -10.09
N THR B 429 0.03 -20.95 -9.86
CA THR B 429 -1.24 -20.90 -10.58
C THR B 429 -2.40 -20.35 -9.76
N ARG B 430 -2.46 -20.57 -8.45
CA ARG B 430 -3.65 -20.28 -7.67
C ARG B 430 -3.50 -19.07 -6.75
N VAL B 431 -2.44 -18.28 -6.89
CA VAL B 431 -2.16 -17.19 -5.98
C VAL B 431 -2.30 -15.87 -6.72
N ASN B 432 -3.21 -15.04 -6.27
CA ASN B 432 -3.22 -13.64 -6.63
C ASN B 432 -2.16 -12.92 -5.79
N PRO B 433 -1.20 -12.23 -6.40
CA PRO B 433 -0.17 -11.53 -5.60
C PRO B 433 -0.67 -10.26 -4.92
N GLN B 434 -1.83 -9.73 -5.30
CA GLN B 434 -2.38 -8.56 -4.64
C GLN B 434 -3.30 -8.90 -3.48
N THR B 435 -4.10 -9.95 -3.61
CA THR B 435 -5.11 -10.26 -2.60
C THR B 435 -4.81 -11.47 -1.73
N ASP B 436 -4.08 -12.46 -2.23
CA ASP B 436 -3.95 -13.72 -1.53
C ASP B 436 -2.68 -13.83 -0.69
N ILE B 437 -1.98 -12.72 -0.47
CA ILE B 437 -0.81 -12.71 0.41
C ILE B 437 -1.18 -11.91 1.65
N LEU B 438 -1.11 -12.55 2.80
CA LEU B 438 -1.50 -11.93 4.06
C LEU B 438 -0.25 -11.55 4.84
N ASN B 439 -0.26 -10.36 5.42
CA ASN B 439 0.78 -9.91 6.34
C ASN B 439 0.08 -9.46 7.61
N PRO B 440 -0.24 -10.40 8.52
CA PRO B 440 -1.21 -10.10 9.58
C PRO B 440 -0.66 -9.28 10.74
N LEU B 441 0.57 -9.52 11.15
CA LEU B 441 1.14 -8.89 12.34
C LEU B 441 2.50 -8.24 12.08
N PRO B 442 2.55 -7.13 11.29
CA PRO B 442 3.84 -6.52 10.94
C PRO B 442 4.40 -5.69 12.09
N GLY B 443 5.45 -6.18 12.71
CA GLY B 443 5.99 -5.56 13.89
C GLY B 443 5.72 -6.30 15.18
N GLY B 444 5.22 -7.53 15.12
CA GLY B 444 4.95 -8.32 16.29
C GLY B 444 6.16 -9.08 16.78
N ARG B 445 5.91 -10.25 17.36
CA ARG B 445 6.97 -11.07 17.94
C ARG B 445 7.33 -12.20 16.97
N GLY B 446 8.60 -12.25 16.59
CA GLY B 446 9.08 -13.33 15.76
C GLY B 446 10.10 -14.17 16.51
N GLN B 447 11.04 -14.76 15.78
CA GLN B 447 12.13 -15.51 16.39
C GLN B 447 13.43 -14.79 16.10
N THR B 448 14.24 -14.57 17.15
CA THR B 448 15.48 -13.83 17.03
C THR B 448 16.62 -14.65 16.44
N PHE B 449 16.47 -15.98 16.38
CA PHE B 449 17.49 -16.84 15.79
C PHE B 449 17.53 -16.71 14.27
N MET B 450 16.37 -16.71 13.64
CA MET B 450 16.27 -16.72 12.20
C MET B 450 16.12 -15.30 11.66
N PRO B 451 17.10 -14.78 10.88
CA PRO B 451 17.15 -13.35 10.54
C PRO B 451 16.15 -12.93 9.46
N SER B 465 5.93 1.44 18.51
CA SER B 465 5.51 0.29 19.31
C SER B 465 5.51 -0.99 18.49
N ASN B 466 6.65 -1.30 17.88
CA ASN B 466 6.78 -2.48 17.03
C ASN B 466 8.22 -2.96 17.04
N THR B 467 8.42 -4.22 16.67
CA THR B 467 9.74 -4.83 16.63
C THR B 467 10.23 -4.93 15.18
N GLN B 468 11.33 -5.66 14.99
CA GLN B 468 11.93 -5.88 13.69
C GLN B 468 11.34 -7.05 12.93
N PHE B 469 10.34 -7.72 13.49
CA PHE B 469 9.68 -8.83 12.80
C PHE B 469 8.80 -8.31 11.68
N GLU B 470 8.91 -8.93 10.51
CA GLU B 470 8.27 -8.40 9.31
C GLU B 470 6.81 -8.82 9.17
N GLY B 471 6.35 -9.82 9.93
CA GLY B 471 4.93 -10.08 9.97
C GLY B 471 4.49 -11.49 9.65
N GLY B 472 5.32 -12.25 8.96
CA GLY B 472 4.90 -13.53 8.46
C GLY B 472 4.18 -13.39 7.13
N MET B 473 3.85 -14.53 6.55
CA MET B 473 3.25 -14.55 5.22
C MET B 473 2.16 -15.61 5.18
N GLY B 474 0.91 -15.18 5.09
CA GLY B 474 -0.17 -16.11 4.85
C GLY B 474 -0.49 -16.13 3.38
N ILE B 475 -0.33 -17.28 2.74
CA ILE B 475 -0.53 -17.39 1.30
C ILE B 475 -1.77 -18.25 1.05
N ASP B 476 -2.77 -17.65 0.40
CA ASP B 476 -4.02 -18.33 0.06
C ASP B 476 -3.88 -18.90 -1.34
N ALA B 477 -3.40 -20.14 -1.42
CA ALA B 477 -3.31 -20.86 -2.67
C ALA B 477 -4.51 -21.75 -2.91
N THR B 478 -5.63 -21.47 -2.29
CA THR B 478 -6.85 -22.24 -2.48
C THR B 478 -7.64 -21.71 -3.67
N VAL B 479 -8.52 -22.56 -4.17
CA VAL B 479 -9.45 -22.15 -5.23
C VAL B 479 -10.62 -21.44 -4.57
N PRO B 480 -11.33 -20.56 -5.27
CA PRO B 480 -12.60 -20.07 -4.74
C PRO B 480 -13.68 -21.15 -4.83
N TYR B 481 -14.70 -21.01 -3.98
CA TYR B 481 -15.83 -21.91 -4.05
C TYR B 481 -16.70 -21.52 -5.23
N GLY B 482 -17.10 -22.52 -6.02
CA GLY B 482 -17.86 -22.30 -7.22
C GLY B 482 -17.03 -22.17 -8.47
N TYR B 483 -15.74 -21.86 -8.34
CA TYR B 483 -14.80 -21.83 -9.45
C TYR B 483 -13.95 -23.09 -9.48
N GLU B 484 -14.47 -24.20 -8.94
CA GLU B 484 -13.73 -25.45 -8.92
C GLU B 484 -13.67 -26.12 -10.28
N SER B 485 -14.62 -25.83 -11.16
CA SER B 485 -14.60 -26.39 -12.50
C SER B 485 -13.56 -25.73 -13.39
N ASP B 486 -13.32 -24.42 -13.18
CA ASP B 486 -12.27 -23.73 -13.92
C ASP B 486 -10.88 -24.10 -13.42
N PHE B 487 -10.77 -24.49 -12.16
CA PHE B 487 -9.49 -24.84 -11.55
C PHE B 487 -9.31 -26.34 -11.35
N HIS B 488 -10.05 -27.17 -12.08
CA HIS B 488 -9.99 -28.60 -11.83
C HIS B 488 -8.80 -29.17 -12.59
N ARG B 489 -7.97 -29.93 -11.88
CA ARG B 489 -6.85 -30.60 -12.50
C ARG B 489 -7.34 -31.84 -13.24
N PRO B 490 -7.08 -31.98 -14.54
CA PRO B 490 -7.56 -33.15 -15.27
C PRO B 490 -6.75 -34.39 -14.94
N VAL B 491 -7.43 -35.54 -15.00
CA VAL B 491 -6.86 -36.81 -14.59
C VAL B 491 -6.70 -37.68 -15.82
N TYR B 492 -5.47 -38.09 -16.09
CA TYR B 492 -5.17 -38.98 -17.20
C TYR B 492 -5.59 -40.40 -16.84
N GLY B 493 -5.74 -41.23 -17.87
CA GLY B 493 -6.17 -42.60 -17.67
C GLY B 493 -5.07 -43.55 -17.24
N VAL B 494 -4.59 -43.41 -16.00
CA VAL B 494 -3.55 -44.30 -15.50
C VAL B 494 -4.11 -45.60 -14.93
N ASP B 495 -5.43 -45.68 -14.74
CA ASP B 495 -6.07 -46.90 -14.28
C ASP B 495 -6.85 -47.62 -15.36
N LEU B 496 -7.13 -46.95 -16.48
CA LEU B 496 -7.81 -47.59 -17.60
C LEU B 496 -6.88 -48.42 -18.45
N VAL B 497 -5.57 -48.23 -18.32
CA VAL B 497 -4.58 -48.99 -19.07
C VAL B 497 -3.68 -49.70 -18.06
N LYS B 498 -3.16 -50.86 -18.46
CA LYS B 498 -2.25 -51.64 -17.64
C LYS B 498 -0.92 -51.78 -18.37
N PRO B 499 0.21 -51.44 -17.73
CA PRO B 499 1.50 -51.54 -18.42
C PRO B 499 2.04 -52.95 -18.55
N GLU B 500 1.45 -53.93 -17.86
CA GLU B 500 1.90 -55.32 -17.97
C GLU B 500 1.48 -55.95 -19.29
N ASN B 501 0.45 -55.42 -19.94
CA ASN B 501 0.00 -55.94 -21.22
C ASN B 501 0.87 -55.50 -22.38
N PHE B 502 1.71 -54.47 -22.19
CA PHE B 502 2.53 -53.92 -23.26
C PHE B 502 4.00 -54.25 -23.13
N PHE B 503 4.54 -54.26 -21.92
CA PHE B 503 5.95 -54.52 -21.71
C PHE B 503 6.12 -55.67 -20.74
N ASP B 504 7.28 -56.31 -20.81
CA ASP B 504 7.66 -57.32 -19.83
C ASP B 504 8.17 -56.64 -18.57
N ALA B 505 8.38 -57.45 -17.52
CA ALA B 505 8.75 -56.95 -16.20
C ALA B 505 10.18 -56.45 -16.11
N LYS B 506 11.04 -56.82 -17.07
CA LYS B 506 12.35 -56.19 -17.18
C LYS B 506 12.23 -54.74 -17.64
N ASP B 507 11.35 -54.48 -18.59
CA ASP B 507 11.19 -53.14 -19.13
C ASP B 507 10.39 -52.22 -18.21
N ILE B 508 9.60 -52.75 -17.29
CA ILE B 508 8.87 -51.90 -16.34
C ILE B 508 9.82 -51.34 -15.29
N ASP B 509 10.65 -52.20 -14.71
CA ASP B 509 11.56 -51.79 -13.64
C ASP B 509 12.76 -50.99 -14.13
N LYS B 510 13.08 -51.10 -15.43
CA LYS B 510 14.04 -50.17 -16.02
C LYS B 510 13.43 -48.79 -16.16
N MET B 511 12.13 -48.73 -16.48
CA MET B 511 11.47 -47.47 -16.75
C MET B 511 10.97 -46.80 -15.48
N LYS B 512 10.69 -47.58 -14.43
CA LYS B 512 10.25 -47.03 -13.16
C LYS B 512 11.39 -46.59 -12.26
N SER B 513 12.63 -46.97 -12.56
CA SER B 513 13.75 -46.63 -11.71
C SER B 513 14.32 -45.25 -12.00
N ARG B 514 13.87 -44.59 -13.05
CA ARG B 514 14.32 -43.25 -13.39
C ARG B 514 13.32 -42.18 -12.97
N MET B 515 12.35 -42.53 -12.15
CA MET B 515 11.27 -41.64 -11.77
C MET B 515 11.49 -41.18 -10.34
N ALA B 516 11.61 -39.87 -10.15
CA ALA B 516 11.82 -39.29 -8.83
C ALA B 516 11.30 -37.87 -8.80
N GLY B 517 10.76 -37.47 -7.66
CA GLY B 517 10.33 -36.10 -7.46
C GLY B 517 8.83 -35.94 -7.64
N TRP B 518 8.42 -35.02 -8.51
CA TRP B 518 7.00 -34.76 -8.74
C TRP B 518 6.34 -35.85 -9.56
N VAL B 519 7.12 -36.61 -10.35
CA VAL B 519 6.54 -37.62 -11.23
C VAL B 519 6.12 -38.86 -10.49
N LEU B 520 6.60 -39.09 -9.27
CA LEU B 520 6.11 -40.19 -8.47
C LEU B 520 4.73 -39.87 -7.91
N SER B 521 4.49 -38.61 -7.57
CA SER B 521 3.17 -38.19 -7.10
C SER B 521 2.18 -38.06 -8.24
N LEU B 522 2.64 -37.63 -9.41
CA LEU B 522 1.72 -37.41 -10.53
C LEU B 522 1.32 -38.70 -11.22
N ALA B 523 2.18 -39.72 -11.20
CA ALA B 523 1.81 -41.01 -11.78
C ALA B 523 0.86 -41.79 -10.90
N ARG B 524 0.86 -41.53 -9.59
CA ARG B 524 -0.05 -42.22 -8.69
C ARG B 524 -1.47 -41.69 -8.82
N THR B 525 -1.63 -40.38 -8.80
CA THR B 525 -2.95 -39.76 -8.91
C THR B 525 -3.44 -39.64 -10.35
N GLY B 526 -2.54 -39.76 -11.33
CA GLY B 526 -2.91 -39.52 -12.71
C GLY B 526 -3.06 -38.08 -13.08
N ARG B 527 -2.53 -37.17 -12.27
CA ARG B 527 -2.82 -35.76 -12.39
C ARG B 527 -1.89 -35.06 -13.35
N ALA C 13 -45.22 -31.61 47.34
CA ALA C 13 -46.10 -30.45 47.36
C ALA C 13 -45.59 -29.35 46.45
N GLU C 14 -44.38 -28.87 46.74
CA GLU C 14 -43.76 -27.82 45.94
C GLU C 14 -42.26 -28.04 45.92
N ARG C 15 -41.67 -27.93 44.73
CA ARG C 15 -40.23 -28.13 44.55
C ARG C 15 -39.54 -26.78 44.42
N VAL C 16 -38.32 -26.71 44.98
CA VAL C 16 -37.57 -25.46 45.06
C VAL C 16 -36.24 -25.65 44.33
N GLY C 17 -35.90 -24.69 43.46
CA GLY C 17 -34.62 -24.71 42.79
C GLY C 17 -33.49 -24.29 43.71
N GLU C 18 -32.26 -24.57 43.26
CA GLU C 18 -31.09 -24.28 44.07
C GLU C 18 -30.70 -22.80 43.97
N LYS C 19 -30.37 -22.34 42.77
CA LYS C 19 -29.93 -20.98 42.53
C LYS C 19 -30.63 -20.40 41.31
N ASP C 20 -31.96 -20.54 41.27
CA ASP C 20 -32.75 -20.21 40.10
C ASP C 20 -33.09 -18.72 40.07
N LEU C 21 -34.03 -18.36 39.19
CA LEU C 21 -34.44 -16.97 39.03
C LEU C 21 -35.30 -16.49 40.19
N ARG C 22 -36.02 -17.40 40.84
CA ARG C 22 -36.85 -17.02 41.99
C ARG C 22 -36.00 -16.75 43.22
N ALA C 23 -34.87 -17.44 43.36
CA ALA C 23 -33.96 -17.17 44.46
C ALA C 23 -33.18 -15.89 44.23
N ALA C 24 -32.91 -15.55 42.96
CA ALA C 24 -32.23 -14.31 42.64
C ALA C 24 -33.15 -13.12 42.78
N LEU C 25 -34.46 -13.31 42.57
CA LEU C 25 -35.42 -12.23 42.75
C LEU C 25 -35.64 -11.92 44.22
N GLU C 26 -35.50 -12.91 45.09
CA GLU C 26 -35.59 -12.66 46.53
C GLU C 26 -34.34 -11.98 47.05
N TRP C 27 -33.20 -12.19 46.40
CA TRP C 27 -31.97 -11.49 46.77
C TRP C 27 -32.01 -10.03 46.35
N PHE C 28 -32.71 -9.73 45.26
CA PHE C 28 -32.85 -8.34 44.82
C PHE C 28 -33.83 -7.58 45.70
N ARG C 29 -34.79 -8.27 46.32
CA ARG C 29 -35.71 -7.63 47.24
C ARG C 29 -35.03 -7.29 48.56
N SER C 30 -34.03 -8.08 48.96
CA SER C 30 -33.33 -7.82 50.21
C SER C 30 -32.37 -6.64 50.10
N LYS C 31 -31.76 -6.45 48.95
CA LYS C 31 -30.86 -5.34 48.72
C LYS C 31 -31.59 -4.11 48.20
N GLY C 32 -32.89 -4.19 47.95
CA GLY C 32 -33.64 -3.06 47.45
C GLY C 32 -33.44 -2.78 45.98
N TYR C 33 -32.92 -3.73 45.21
CA TYR C 33 -32.64 -3.52 43.80
C TYR C 33 -33.81 -3.86 42.90
N LEU C 34 -34.87 -4.45 43.43
CA LEU C 34 -35.99 -4.89 42.62
C LEU C 34 -37.09 -3.85 42.64
N VAL C 35 -37.59 -3.50 41.46
CA VAL C 35 -38.70 -2.57 41.30
C VAL C 35 -39.85 -3.34 40.69
N GLU C 36 -40.95 -3.48 41.44
CA GLU C 36 -42.10 -4.24 40.98
C GLU C 36 -43.28 -3.33 40.74
N THR C 37 -44.23 -3.85 39.96
CA THR C 37 -45.47 -3.15 39.68
C THR C 37 -46.56 -4.17 39.42
N ASN C 38 -47.80 -3.71 39.54
CA ASN C 38 -48.97 -4.55 39.29
C ASN C 38 -49.84 -4.01 38.16
N LYS C 39 -49.40 -2.98 37.47
CA LYS C 39 -50.11 -2.50 36.30
C LYS C 39 -49.91 -3.44 35.12
N GLU C 40 -50.91 -3.52 34.25
CA GLU C 40 -50.88 -4.46 33.14
C GLU C 40 -50.04 -3.88 32.02
N VAL C 41 -48.78 -4.32 31.93
CA VAL C 41 -47.93 -3.91 30.83
C VAL C 41 -48.32 -4.69 29.57
N ASN C 42 -48.01 -4.10 28.42
CA ASN C 42 -48.24 -4.70 27.12
C ASN C 42 -46.98 -5.39 26.64
N PRO C 43 -47.06 -6.61 26.10
CA PRO C 43 -45.92 -7.16 25.37
C PRO C 43 -45.64 -6.46 24.04
N ASP C 44 -46.63 -5.82 23.44
CA ASP C 44 -46.44 -5.01 22.25
C ASP C 44 -46.01 -3.61 22.67
N LEU C 45 -44.70 -3.33 22.48
CA LEU C 45 -44.06 -2.00 22.50
C LEU C 45 -44.15 -1.29 23.86
N GLU C 46 -44.20 -2.05 24.95
CA GLU C 46 -44.24 -1.40 26.26
C GLU C 46 -43.21 -2.00 27.20
N ILE C 47 -42.84 -3.26 26.99
CA ILE C 47 -41.80 -3.88 27.79
C ILE C 47 -40.43 -3.36 27.36
N THR C 48 -40.16 -3.41 26.06
CA THR C 48 -38.91 -2.89 25.53
C THR C 48 -38.88 -1.37 25.47
N GLY C 49 -40.04 -0.72 25.46
CA GLY C 49 -40.08 0.73 25.59
C GLY C 49 -39.67 1.20 26.98
N LEU C 50 -40.15 0.51 28.01
CA LEU C 50 -39.73 0.81 29.37
C LEU C 50 -38.32 0.33 29.69
N GLN C 51 -37.83 -0.66 28.93
CA GLN C 51 -36.46 -1.10 29.09
C GLN C 51 -35.47 -0.09 28.51
N LYS C 52 -35.86 0.61 27.44
CA LYS C 52 -34.98 1.59 26.83
C LYS C 52 -34.92 2.90 27.61
N ILE C 53 -35.98 3.23 28.35
CA ILE C 53 -35.98 4.40 29.23
C ILE C 53 -35.04 4.17 30.41
N PHE C 54 -35.04 2.96 30.94
CA PHE C 54 -34.22 2.64 32.11
C PHE C 54 -33.13 1.66 31.73
N ASP C 55 -32.44 1.96 30.62
CA ASP C 55 -31.33 1.14 30.15
C ASP C 55 -30.13 1.23 31.09
N GLY C 56 -29.57 0.07 31.41
CA GLY C 56 -28.46 -0.03 32.34
C GLY C 56 -28.81 0.31 33.76
N SER C 57 -29.93 -0.21 34.26
CA SER C 57 -30.45 0.20 35.55
C SER C 57 -30.98 -1.04 36.27
N LEU C 58 -31.82 -0.79 37.29
CA LEU C 58 -32.30 -1.82 38.22
C LEU C 58 -33.27 -2.78 37.53
N PRO C 59 -33.39 -4.03 38.03
CA PRO C 59 -34.36 -4.97 37.46
C PRO C 59 -35.80 -4.59 37.73
N MET C 60 -36.61 -4.71 36.69
CA MET C 60 -38.02 -4.32 36.69
C MET C 60 -38.86 -5.58 36.54
N LEU C 61 -39.79 -5.78 37.48
CA LEU C 61 -40.64 -6.96 37.49
C LEU C 61 -42.07 -6.56 37.16
N PHE C 62 -42.64 -7.20 36.15
CA PHE C 62 -44.02 -6.96 35.72
C PHE C 62 -44.86 -8.15 36.14
N ASN C 63 -45.74 -7.94 37.11
CA ASN C 63 -46.59 -9.03 37.57
C ASN C 63 -47.74 -9.30 36.61
N ASN C 64 -48.30 -8.26 36.00
CA ASN C 64 -49.43 -8.39 35.08
C ASN C 64 -48.97 -8.07 33.67
N VAL C 65 -49.04 -9.06 32.79
CA VAL C 65 -48.74 -8.90 31.37
C VAL C 65 -50.04 -9.07 30.60
N LYS C 66 -50.24 -8.27 29.55
CA LYS C 66 -51.47 -8.25 28.78
C LYS C 66 -51.61 -9.51 27.93
N ASP C 67 -52.80 -10.14 28.03
CA ASP C 67 -53.18 -11.45 27.49
C ASP C 67 -52.25 -12.57 27.93
N MET C 68 -51.75 -12.50 29.17
CA MET C 68 -50.84 -13.49 29.74
C MET C 68 -51.27 -13.64 31.19
N PRO C 69 -52.28 -14.47 31.47
CA PRO C 69 -52.83 -14.53 32.83
C PRO C 69 -51.98 -15.36 33.79
N HIS C 70 -51.02 -16.13 33.29
CA HIS C 70 -50.17 -16.93 34.14
C HIS C 70 -48.70 -16.53 34.11
N ALA C 71 -48.32 -15.61 33.22
CA ALA C 71 -46.93 -15.27 33.03
C ALA C 71 -46.57 -14.00 33.79
N ARG C 72 -45.39 -14.00 34.41
CA ARG C 72 -44.75 -12.81 34.94
C ARG C 72 -43.55 -12.47 34.06
N ALA C 73 -43.20 -11.19 34.02
CA ALA C 73 -42.10 -10.75 33.18
C ALA C 73 -41.11 -9.95 34.00
N ILE C 74 -39.84 -10.34 33.95
CA ILE C 74 -38.74 -9.59 34.52
C ILE C 74 -37.98 -8.96 33.36
N THR C 75 -37.53 -7.73 33.54
CA THR C 75 -36.64 -7.11 32.57
C THR C 75 -35.62 -6.27 33.32
N ASN C 76 -34.58 -5.87 32.57
CA ASN C 76 -33.40 -5.11 33.02
C ASN C 76 -32.63 -5.82 34.14
N LEU C 77 -32.59 -7.15 34.08
CA LEU C 77 -31.96 -7.96 35.11
C LEU C 77 -30.43 -7.91 35.03
N PHE C 78 -29.89 -7.81 33.82
CA PHE C 78 -28.45 -7.68 33.62
C PHE C 78 -28.08 -6.28 33.17
N GLY C 79 -28.87 -5.28 33.57
CA GLY C 79 -28.68 -3.91 33.14
C GLY C 79 -27.49 -3.24 33.80
N ASP C 80 -27.54 -3.11 35.11
CA ASP C 80 -26.38 -2.63 35.85
C ASP C 80 -25.43 -3.80 36.07
N ILE C 81 -24.15 -3.60 35.72
CA ILE C 81 -23.14 -4.62 35.96
C ILE C 81 -22.68 -4.62 37.41
N ARG C 82 -22.98 -3.57 38.18
CA ARG C 82 -22.63 -3.54 39.59
C ARG C 82 -23.54 -4.43 40.43
N VAL C 83 -24.74 -4.74 39.96
CA VAL C 83 -25.61 -5.66 40.69
C VAL C 83 -25.54 -7.08 40.15
N VAL C 84 -25.00 -7.29 38.94
CA VAL C 84 -24.63 -8.63 38.50
C VAL C 84 -23.40 -9.11 39.27
N GLU C 85 -22.43 -8.21 39.47
CA GLU C 85 -21.21 -8.55 40.20
C GLU C 85 -21.47 -8.70 41.70
N GLU C 86 -22.47 -8.00 42.24
CA GLU C 86 -22.85 -8.20 43.62
C GLU C 86 -23.63 -9.49 43.81
N LEU C 87 -24.29 -9.99 42.77
CA LEU C 87 -25.05 -11.23 42.85
C LEU C 87 -24.12 -12.45 42.91
N PHE C 88 -23.07 -12.45 42.09
CA PHE C 88 -22.15 -13.57 42.03
C PHE C 88 -20.94 -13.38 42.94
N GLY C 89 -20.93 -12.34 43.76
CA GLY C 89 -19.85 -12.13 44.72
C GLY C 89 -18.55 -11.64 44.12
N TRP C 90 -18.61 -10.73 43.17
CA TRP C 90 -17.43 -10.15 42.55
C TRP C 90 -17.29 -8.70 42.97
N GLU C 91 -16.04 -8.26 43.15
CA GLU C 91 -15.81 -6.91 43.66
C GLU C 91 -15.97 -5.86 42.56
N ASN C 92 -15.34 -6.08 41.41
CA ASN C 92 -15.42 -5.13 40.32
C ASN C 92 -15.38 -5.92 39.00
N SER C 93 -15.21 -5.20 37.90
CA SER C 93 -15.14 -5.84 36.60
C SER C 93 -13.82 -6.54 36.35
N LEU C 94 -12.74 -6.10 37.02
CA LEU C 94 -11.48 -6.80 36.93
C LEU C 94 -11.51 -8.12 37.69
N ASP C 95 -12.21 -8.15 38.82
CA ASP C 95 -12.41 -9.41 39.54
C ASP C 95 -13.42 -10.31 38.83
N ARG C 96 -14.32 -9.73 38.03
CA ARG C 96 -15.28 -10.53 37.28
C ARG C 96 -14.60 -11.28 36.12
N VAL C 97 -13.68 -10.61 35.43
CA VAL C 97 -13.01 -11.17 34.26
C VAL C 97 -12.04 -12.28 34.65
N LYS C 98 -11.27 -12.06 35.72
CA LYS C 98 -10.28 -13.04 36.17
C LYS C 98 -10.87 -14.26 36.86
N LYS C 99 -12.12 -14.20 37.31
CA LYS C 99 -12.73 -15.35 37.97
C LYS C 99 -13.55 -16.22 37.04
N VAL C 100 -14.17 -15.62 36.03
CA VAL C 100 -14.89 -16.39 35.00
C VAL C 100 -13.88 -17.13 34.12
N ALA C 101 -12.74 -16.49 33.83
CA ALA C 101 -11.69 -17.15 33.07
C ALA C 101 -10.95 -18.20 33.88
N ARG C 102 -10.97 -18.07 35.22
CA ARG C 102 -10.58 -19.19 36.08
C ARG C 102 -11.61 -20.30 36.01
N ALA C 103 -12.91 -19.94 35.99
CA ALA C 103 -13.99 -20.91 35.95
C ALA C 103 -14.19 -21.55 34.59
N ILE C 104 -13.61 -20.97 33.53
CA ILE C 104 -13.61 -21.61 32.22
C ILE C 104 -12.70 -22.84 32.24
N ASP C 105 -11.52 -22.71 32.86
CA ASP C 105 -10.55 -23.80 32.90
C ASP C 105 -10.92 -24.89 33.88
N HIS C 106 -11.78 -24.62 34.86
CA HIS C 106 -12.23 -25.61 35.82
C HIS C 106 -13.76 -25.64 35.85
N PRO C 107 -14.39 -26.36 34.92
CA PRO C 107 -15.85 -26.46 34.97
C PRO C 107 -16.32 -27.48 36.00
N LEU C 108 -17.53 -27.26 36.50
CA LEU C 108 -18.15 -28.15 37.46
C LEU C 108 -19.09 -29.10 36.72
N LYS C 109 -19.05 -30.37 37.11
CA LYS C 109 -19.86 -31.38 36.42
C LYS C 109 -21.33 -31.27 36.83
N PRO C 110 -22.25 -31.07 35.89
CA PRO C 110 -23.67 -30.90 36.25
C PRO C 110 -24.32 -32.20 36.66
N VAL C 111 -25.19 -32.11 37.65
CA VAL C 111 -25.83 -33.29 38.22
C VAL C 111 -27.17 -33.52 37.53
N ILE C 112 -27.63 -34.76 37.58
CA ILE C 112 -28.90 -35.16 36.99
C ILE C 112 -29.80 -35.62 38.12
N ILE C 113 -30.96 -34.97 38.26
CA ILE C 113 -31.91 -35.30 39.30
C ILE C 113 -33.09 -36.03 38.66
N GLY C 114 -33.96 -36.57 39.51
CA GLY C 114 -35.11 -37.31 39.02
C GLY C 114 -36.21 -36.40 38.51
N GLN C 115 -37.16 -37.01 37.81
CA GLN C 115 -38.26 -36.26 37.17
C GLN C 115 -39.31 -35.79 38.16
N ASP C 116 -39.39 -36.41 39.33
CA ASP C 116 -40.32 -35.96 40.36
C ASP C 116 -39.75 -34.84 41.21
N GLU C 117 -38.46 -34.55 41.11
CA GLU C 117 -37.84 -33.48 41.88
C GLU C 117 -37.53 -32.24 41.04
N ALA C 118 -37.72 -32.30 39.74
CA ALA C 118 -37.46 -31.14 38.89
C ALA C 118 -38.62 -30.15 39.00
N PRO C 119 -38.36 -28.88 39.34
CA PRO C 119 -39.47 -27.91 39.45
C PRO C 119 -40.06 -27.48 38.11
N VAL C 120 -39.35 -27.66 37.00
CA VAL C 120 -39.88 -27.23 35.71
C VAL C 120 -40.84 -28.26 35.13
N GLN C 121 -40.85 -29.49 35.65
CA GLN C 121 -41.75 -30.52 35.17
C GLN C 121 -42.95 -30.72 36.07
N GLU C 122 -43.45 -29.63 36.67
CA GLU C 122 -44.68 -29.71 37.46
C GLU C 122 -45.90 -29.84 36.56
N GLU C 123 -45.96 -29.04 35.49
CA GLU C 123 -47.05 -29.05 34.54
C GLU C 123 -46.48 -29.41 33.18
N VAL C 124 -46.77 -30.62 32.71
CA VAL C 124 -46.26 -31.12 31.44
C VAL C 124 -47.43 -31.18 30.46
N LEU C 125 -47.31 -30.45 29.36
CA LEU C 125 -48.32 -30.43 28.31
C LEU C 125 -47.77 -31.12 27.07
N THR C 126 -48.51 -32.11 26.57
CA THR C 126 -48.12 -32.83 25.37
C THR C 126 -49.05 -32.63 24.20
N THR C 127 -50.27 -32.17 24.45
CA THR C 127 -51.25 -31.88 23.40
C THR C 127 -51.68 -30.43 23.51
N ASP C 128 -52.38 -29.99 22.45
CA ASP C 128 -52.71 -28.60 22.05
C ASP C 128 -51.58 -27.60 22.34
N LEU C 129 -50.41 -27.89 21.76
CA LEU C 129 -49.20 -27.13 22.00
C LEU C 129 -49.25 -25.83 21.21
N ASP C 130 -49.90 -24.83 21.79
CA ASP C 130 -49.84 -23.46 21.29
C ASP C 130 -48.81 -22.72 22.12
N VAL C 131 -47.68 -22.39 21.49
CA VAL C 131 -46.56 -21.79 22.21
C VAL C 131 -46.82 -20.31 22.48
N ASN C 132 -47.56 -19.64 21.60
CA ASN C 132 -47.94 -18.25 21.84
C ASN C 132 -49.03 -18.09 22.87
N LYS C 133 -49.76 -19.16 23.19
CA LYS C 133 -50.69 -19.16 24.32
C LYS C 133 -49.94 -19.09 25.64
N TRP C 134 -48.81 -19.78 25.75
CA TRP C 134 -48.10 -19.91 27.01
C TRP C 134 -46.85 -19.05 27.12
N LEU C 135 -46.09 -18.90 26.03
CA LEU C 135 -44.85 -18.13 26.08
C LEU C 135 -45.08 -16.74 25.51
N THR C 136 -44.52 -15.75 26.18
CA THR C 136 -44.78 -14.35 25.85
C THR C 136 -43.89 -13.91 24.69
N ALA C 137 -44.52 -13.53 23.58
CA ALA C 137 -43.83 -12.91 22.46
C ALA C 137 -43.91 -11.39 22.61
N ILE C 138 -42.84 -10.70 22.26
CA ILE C 138 -42.77 -9.26 22.40
C ILE C 138 -42.50 -8.63 21.05
N ARG C 139 -42.73 -7.31 20.99
CA ARG C 139 -42.40 -6.50 19.82
C ARG C 139 -41.54 -5.34 20.29
N HIS C 140 -40.42 -5.11 19.60
CA HIS C 140 -39.45 -4.13 20.07
C HIS C 140 -39.72 -2.75 19.50
N THR C 141 -39.67 -2.62 18.18
CA THR C 141 -39.81 -1.36 17.48
C THR C 141 -41.17 -1.30 16.77
N PRO C 142 -41.72 -0.09 16.54
CA PRO C 142 -43.02 -0.01 15.83
C PRO C 142 -42.98 -0.31 14.33
N LEU C 143 -41.81 -0.50 13.72
CA LEU C 143 -41.71 -0.88 12.32
C LEU C 143 -41.84 -2.39 12.09
N GLU C 144 -42.00 -3.19 13.15
CA GLU C 144 -42.13 -4.63 13.02
C GLU C 144 -43.52 -5.01 12.54
N THR C 145 -43.62 -6.25 12.03
CA THR C 145 -44.91 -6.81 11.65
C THR C 145 -45.28 -7.98 12.57
N GLU C 146 -44.29 -8.71 13.07
CA GLU C 146 -44.53 -9.97 13.76
C GLU C 146 -44.13 -9.88 15.23
N MET C 147 -44.63 -10.84 16.00
CA MET C 147 -44.38 -10.97 17.42
C MET C 147 -43.35 -12.07 17.62
N THR C 148 -42.25 -11.76 18.31
CA THR C 148 -41.07 -12.61 18.31
C THR C 148 -40.82 -13.13 19.71
N ILE C 149 -40.73 -14.46 19.85
CA ILE C 149 -40.23 -15.06 21.07
C ILE C 149 -38.70 -15.09 21.00
N GLY C 150 -38.06 -14.39 21.93
CA GLY C 150 -36.61 -14.36 21.96
C GLY C 150 -36.03 -14.47 23.35
N SER C 151 -36.70 -15.21 24.22
CA SER C 151 -36.33 -15.28 25.62
C SER C 151 -35.70 -16.60 26.02
N GLY C 152 -35.49 -17.51 25.09
CA GLY C 152 -35.09 -18.88 25.39
C GLY C 152 -33.65 -19.15 24.99
N ILE C 153 -32.97 -19.94 25.82
CA ILE C 153 -31.64 -20.42 25.51
C ILE C 153 -31.76 -21.88 25.10
N SER C 154 -30.81 -22.36 24.30
CA SER C 154 -30.91 -23.67 23.66
C SER C 154 -29.97 -24.65 24.36
N CYS C 155 -30.54 -25.63 25.04
CA CYS C 155 -29.78 -26.56 25.86
C CYS C 155 -29.58 -27.87 25.10
N VAL C 156 -28.36 -28.09 24.60
CA VAL C 156 -28.00 -29.31 23.88
C VAL C 156 -26.95 -30.04 24.72
N VAL C 157 -27.37 -31.14 25.35
CA VAL C 157 -26.51 -31.95 26.20
C VAL C 157 -26.49 -33.36 25.63
N GLY C 158 -25.30 -33.88 25.34
CA GLY C 158 -25.16 -35.29 25.07
C GLY C 158 -24.31 -35.60 23.85
N PRO C 159 -24.77 -36.55 23.03
CA PRO C 159 -23.96 -36.99 21.87
C PRO C 159 -23.96 -36.03 20.71
N TYR C 160 -24.89 -35.07 20.67
CA TYR C 160 -24.91 -34.09 19.61
C TYR C 160 -23.95 -32.93 19.85
N PHE C 161 -23.39 -32.83 21.06
CA PHE C 161 -22.33 -31.87 21.35
C PHE C 161 -21.10 -32.58 21.92
N ASP C 162 -20.86 -33.81 21.43
CA ASP C 162 -19.64 -34.63 21.64
C ASP C 162 -19.39 -34.96 23.12
N GLY C 163 -20.46 -35.16 23.88
CA GLY C 163 -20.33 -35.41 25.30
C GLY C 163 -20.28 -34.18 26.18
N GLY C 164 -20.26 -33.00 25.59
CA GLY C 164 -20.27 -31.75 26.32
C GLY C 164 -21.66 -31.19 26.48
N SER C 165 -21.74 -29.87 26.58
CA SER C 165 -23.03 -29.20 26.71
C SER C 165 -22.94 -27.82 26.08
N HIS C 166 -24.09 -27.30 25.68
CA HIS C 166 -24.13 -26.00 25.03
C HIS C 166 -25.38 -25.25 25.50
N ILE C 167 -25.21 -23.97 25.84
CA ILE C 167 -26.33 -23.09 26.11
C ILE C 167 -26.12 -21.79 25.33
N GLY C 168 -27.19 -21.32 24.70
CA GLY C 168 -27.12 -20.10 23.92
C GLY C 168 -28.46 -19.68 23.36
N TYR C 169 -28.67 -18.38 23.21
CA TYR C 169 -29.95 -17.84 22.80
C TYR C 169 -30.21 -18.04 21.32
N ASN C 170 -31.48 -18.28 20.97
CA ASN C 170 -31.93 -18.35 19.59
C ASN C 170 -33.31 -17.73 19.53
N ARG C 171 -33.55 -16.88 18.53
CA ARG C 171 -34.86 -16.26 18.41
C ARG C 171 -35.83 -17.19 17.69
N MET C 172 -37.12 -17.01 17.98
CA MET C 172 -38.18 -17.82 17.41
C MET C 172 -39.27 -16.95 16.82
N ASN C 173 -40.07 -17.55 15.95
CA ASN C 173 -41.31 -16.93 15.49
C ASN C 173 -42.29 -18.06 15.23
N PHE C 174 -43.15 -18.32 16.21
CA PHE C 174 -44.13 -19.40 16.10
C PHE C 174 -45.33 -18.90 15.31
N ARG C 175 -45.46 -19.38 14.07
CA ARG C 175 -46.54 -18.97 13.21
C ARG C 175 -47.47 -20.13 12.82
N TRP C 176 -47.06 -21.37 13.04
CA TRP C 176 -47.83 -22.53 12.65
C TRP C 176 -48.15 -23.40 13.85
N GLY C 177 -48.49 -22.76 14.97
CA GLY C 177 -48.87 -23.50 16.16
C GLY C 177 -47.68 -23.96 16.96
N ASN C 178 -47.33 -25.23 16.85
CA ASN C 178 -46.20 -25.80 17.56
C ASN C 178 -44.92 -25.76 16.74
N VAL C 179 -44.96 -25.23 15.53
CA VAL C 179 -43.80 -25.15 14.66
C VAL C 179 -43.43 -23.68 14.50
N GLY C 180 -42.17 -23.36 14.76
CA GLY C 180 -41.68 -22.01 14.56
C GLY C 180 -40.26 -22.02 14.04
N THR C 181 -39.83 -20.86 13.56
CA THR C 181 -38.49 -20.72 13.02
C THR C 181 -37.45 -20.68 14.14
N PHE C 182 -36.20 -20.91 13.76
CA PHE C 182 -35.12 -21.09 14.71
C PHE C 182 -33.86 -20.50 14.07
N GLN C 183 -33.58 -19.24 14.38
CA GLN C 183 -32.50 -18.54 13.72
C GLN C 183 -31.17 -18.92 14.36
N ILE C 184 -30.25 -19.44 13.54
CA ILE C 184 -28.91 -19.79 13.96
C ILE C 184 -27.96 -18.88 13.21
N SER C 185 -27.13 -18.14 13.95
CA SER C 185 -26.06 -17.35 13.35
C SER C 185 -25.00 -18.29 12.80
N PRO C 186 -24.44 -18.00 11.61
CA PRO C 186 -23.49 -18.93 11.00
C PRO C 186 -22.13 -18.91 11.67
N GLY C 187 -21.55 -20.10 11.79
CA GLY C 187 -20.30 -20.28 12.49
C GLY C 187 -20.42 -20.48 13.98
N SER C 188 -21.63 -20.53 14.52
CA SER C 188 -21.84 -20.64 15.97
C SER C 188 -21.78 -22.10 16.41
N HIS C 189 -22.10 -22.35 17.69
CA HIS C 189 -22.11 -23.72 18.21
C HIS C 189 -23.27 -24.52 17.68
N MET C 190 -24.43 -23.87 17.51
CA MET C 190 -25.59 -24.52 16.91
C MET C 190 -25.43 -24.71 15.41
N TRP C 191 -24.61 -23.88 14.76
CA TRP C 191 -24.30 -24.07 13.35
C TRP C 191 -23.41 -25.27 13.13
N GLN C 192 -22.51 -25.56 14.08
CA GLN C 192 -21.61 -26.70 13.96
C GLN C 192 -22.32 -28.02 14.22
N VAL C 193 -23.36 -28.01 15.07
CA VAL C 193 -24.20 -29.18 15.22
C VAL C 193 -25.04 -29.40 13.97
N MET C 194 -25.53 -28.31 13.38
CA MET C 194 -26.44 -28.38 12.24
C MET C 194 -25.74 -28.79 10.95
N THR C 195 -24.50 -28.34 10.75
CA THR C 195 -23.75 -28.73 9.56
C THR C 195 -23.22 -30.15 9.66
N GLU C 196 -23.04 -30.67 10.87
CA GLU C 196 -22.64 -32.07 11.03
C GLU C 196 -23.79 -33.01 10.73
N HIS C 197 -24.98 -32.69 11.23
CA HIS C 197 -26.16 -33.54 11.09
C HIS C 197 -27.15 -32.96 10.08
N TYR C 198 -26.64 -32.37 8.99
CA TYR C 198 -27.50 -31.82 7.95
C TYR C 198 -28.11 -32.92 7.10
N LYS C 199 -27.32 -33.93 6.73
CA LYS C 199 -27.77 -35.00 5.87
C LYS C 199 -28.27 -36.20 6.63
N ASP C 200 -28.38 -36.10 7.95
CA ASP C 200 -28.94 -37.18 8.75
C ASP C 200 -30.44 -37.26 8.56
N ASP C 201 -30.96 -38.48 8.52
CA ASP C 201 -32.40 -38.68 8.39
C ASP C 201 -33.14 -38.39 9.69
N GLU C 202 -32.51 -38.67 10.82
CA GLU C 202 -33.10 -38.37 12.11
C GLU C 202 -32.97 -36.88 12.41
N PRO C 203 -33.98 -36.27 13.04
CA PRO C 203 -33.86 -34.86 13.43
C PRO C 203 -32.99 -34.70 14.67
N ILE C 204 -32.62 -33.46 14.94
CA ILE C 204 -31.78 -33.13 16.09
C ILE C 204 -32.69 -32.77 17.26
N PRO C 205 -32.68 -33.52 18.36
CA PRO C 205 -33.50 -33.13 19.52
C PRO C 205 -32.77 -32.13 20.40
N LEU C 206 -33.43 -31.00 20.66
CA LEU C 206 -32.89 -30.02 21.59
C LEU C 206 -34.02 -29.56 22.50
N THR C 207 -33.67 -28.69 23.42
CA THR C 207 -34.58 -28.23 24.45
C THR C 207 -34.37 -26.74 24.64
N MET C 208 -35.43 -25.95 24.51
CA MET C 208 -35.34 -24.54 24.79
C MET C 208 -35.92 -24.23 26.16
N CYS C 209 -35.11 -23.61 27.01
CA CYS C 209 -35.45 -23.32 28.39
C CYS C 209 -35.67 -21.83 28.59
N PHE C 210 -36.67 -21.50 29.41
CA PHE C 210 -37.09 -20.13 29.66
C PHE C 210 -37.10 -19.90 31.15
N GLY C 211 -36.70 -18.70 31.58
CA GLY C 211 -36.64 -18.36 32.98
C GLY C 211 -35.54 -19.10 33.71
N VAL C 212 -34.35 -19.10 33.13
CA VAL C 212 -33.21 -19.90 33.53
C VAL C 212 -32.55 -19.30 34.77
N PRO C 213 -31.69 -20.03 35.49
CA PRO C 213 -30.84 -19.40 36.49
C PRO C 213 -29.88 -18.40 35.87
N PRO C 214 -29.53 -17.33 36.60
CA PRO C 214 -28.72 -16.25 36.00
C PRO C 214 -27.27 -16.59 35.74
N SER C 215 -26.75 -17.66 36.32
CA SER C 215 -25.47 -18.19 35.85
C SER C 215 -25.61 -18.84 34.48
N CYS C 216 -26.74 -19.48 34.20
CA CYS C 216 -26.99 -20.03 32.88
C CYS C 216 -27.38 -18.96 31.86
N THR C 217 -27.90 -17.82 32.31
CA THR C 217 -28.09 -16.67 31.43
C THR C 217 -26.76 -16.04 31.06
N TYR C 218 -25.79 -16.13 31.96
CA TYR C 218 -24.48 -15.50 31.82
C TYR C 218 -23.65 -16.17 30.74
N VAL C 219 -23.61 -17.50 30.72
CA VAL C 219 -22.84 -18.23 29.73
C VAL C 219 -23.64 -18.36 28.42
N ALA C 220 -24.95 -18.12 28.46
CA ALA C 220 -25.75 -18.16 27.24
C ALA C 220 -25.22 -17.20 26.18
N GLY C 221 -24.81 -15.99 26.58
CA GLY C 221 -24.31 -15.01 25.66
C GLY C 221 -22.90 -15.21 25.15
N ALA C 222 -22.17 -16.21 25.67
CA ALA C 222 -20.83 -16.51 25.20
C ALA C 222 -20.88 -17.15 23.82
N GLY C 223 -20.24 -16.52 22.85
CA GLY C 223 -20.17 -17.08 21.52
C GLY C 223 -19.10 -16.42 20.71
N PHE C 224 -18.68 -17.14 19.66
CA PHE C 224 -17.54 -16.83 18.77
C PHE C 224 -16.25 -16.59 19.55
N ASP C 225 -15.99 -17.50 20.48
CA ASP C 225 -14.76 -17.57 21.25
C ASP C 225 -14.28 -19.01 21.30
N TYR C 226 -14.26 -19.64 20.14
CA TYR C 226 -14.23 -21.09 20.04
C TYR C 226 -12.82 -21.67 20.05
N ALA C 227 -11.80 -20.83 20.18
CA ALA C 227 -10.48 -21.31 20.55
C ALA C 227 -10.38 -21.60 22.04
N ILE C 228 -11.28 -21.02 22.83
CA ILE C 228 -11.32 -21.24 24.27
C ILE C 228 -12.44 -22.20 24.66
N LEU C 229 -13.63 -22.03 24.07
CA LEU C 229 -14.79 -22.88 24.36
C LEU C 229 -15.24 -23.55 23.07
N PRO C 230 -14.59 -24.64 22.66
CA PRO C 230 -14.96 -25.25 21.37
C PRO C 230 -16.17 -26.14 21.44
N LYS C 231 -16.45 -26.82 20.33
CA LYS C 231 -17.47 -27.86 20.31
C LYS C 231 -16.98 -29.07 21.08
N GLY C 232 -17.79 -29.54 22.02
CA GLY C 232 -17.39 -30.57 22.95
C GLY C 232 -17.05 -30.07 24.33
N CYS C 233 -17.05 -28.75 24.54
CA CYS C 233 -16.84 -28.18 25.86
C CYS C 233 -18.13 -28.23 26.67
N ASP C 234 -18.01 -27.90 27.95
CA ASP C 234 -19.13 -27.95 28.89
C ASP C 234 -19.57 -26.52 29.17
N GLU C 235 -20.57 -26.04 28.44
CA GLU C 235 -21.02 -24.67 28.61
C GLU C 235 -21.88 -24.49 29.85
N ILE C 236 -22.57 -25.55 30.30
CA ILE C 236 -23.21 -25.51 31.62
C ILE C 236 -22.21 -25.95 32.70
N GLY C 237 -21.03 -26.43 32.31
CA GLY C 237 -19.96 -26.59 33.27
C GLY C 237 -19.41 -25.28 33.78
N ILE C 238 -19.35 -24.27 32.91
CA ILE C 238 -18.91 -22.93 33.32
C ILE C 238 -20.00 -22.25 34.16
N ALA C 239 -21.27 -22.52 33.83
CA ALA C 239 -22.38 -21.96 34.59
C ALA C 239 -22.51 -22.60 35.98
N GLY C 240 -22.05 -23.85 36.13
CA GLY C 240 -21.93 -24.42 37.45
C GLY C 240 -20.81 -23.82 38.26
N ALA C 241 -19.69 -23.51 37.60
CA ALA C 241 -18.53 -23.01 38.31
C ALA C 241 -18.61 -21.53 38.63
N ILE C 242 -19.51 -20.79 38.00
CA ILE C 242 -19.68 -19.37 38.32
C ILE C 242 -20.49 -19.22 39.60
N GLN C 243 -21.60 -19.93 39.72
CA GLN C 243 -22.43 -19.84 40.91
C GLN C 243 -21.93 -20.69 42.06
N GLY C 244 -20.97 -21.58 41.83
CA GLY C 244 -20.38 -22.37 42.89
C GLY C 244 -21.08 -23.68 43.18
N SER C 245 -22.21 -23.94 42.56
CA SER C 245 -22.96 -25.17 42.73
C SER C 245 -23.27 -25.74 41.35
N PRO C 246 -23.34 -27.07 41.21
CA PRO C 246 -23.63 -27.65 39.89
C PRO C 246 -25.09 -27.48 39.47
N VAL C 247 -25.28 -27.24 38.18
CA VAL C 247 -26.61 -26.99 37.63
C VAL C 247 -27.35 -28.31 37.49
N ARG C 248 -28.56 -28.37 38.02
CA ARG C 248 -29.35 -29.60 37.97
C ARG C 248 -29.98 -29.76 36.61
N LEU C 249 -29.82 -30.95 36.03
CA LEU C 249 -30.48 -31.31 34.78
C LEU C 249 -31.48 -32.42 35.04
N VAL C 250 -32.39 -32.61 34.08
CA VAL C 250 -33.39 -33.66 34.16
C VAL C 250 -33.68 -34.14 32.74
N LYS C 251 -34.08 -35.41 32.64
CA LYS C 251 -34.45 -36.00 31.36
C LYS C 251 -35.78 -35.44 30.89
N CYS C 252 -35.90 -35.25 29.58
CA CYS C 252 -37.16 -34.84 28.98
C CYS C 252 -38.18 -35.98 29.04
N ARG C 253 -39.45 -35.60 29.03
CA ARG C 253 -40.53 -36.59 29.10
C ARG C 253 -40.71 -37.31 27.77
N THR C 254 -40.60 -36.59 26.65
CA THR C 254 -40.85 -37.17 25.34
C THR C 254 -39.56 -37.51 24.60
N ILE C 255 -38.71 -36.52 24.37
CA ILE C 255 -37.50 -36.72 23.57
C ILE C 255 -36.37 -37.22 24.44
N ASP C 256 -35.29 -37.69 23.81
CA ASP C 256 -34.12 -38.20 24.52
C ASP C 256 -33.06 -37.09 24.57
N ALA C 257 -33.23 -36.19 25.52
CA ALA C 257 -32.30 -35.09 25.72
C ALA C 257 -32.29 -34.73 27.20
N TYR C 258 -31.75 -33.56 27.52
CA TYR C 258 -31.73 -33.07 28.88
C TYR C 258 -32.11 -31.59 28.91
N THR C 259 -32.81 -31.19 29.95
CA THR C 259 -33.22 -29.81 30.16
C THR C 259 -32.40 -29.19 31.29
N LEU C 260 -32.73 -27.94 31.60
CA LEU C 260 -32.31 -27.32 32.85
C LEU C 260 -33.49 -27.43 33.82
N ALA C 261 -33.25 -28.02 34.99
CA ALA C 261 -34.34 -28.35 35.90
C ALA C 261 -34.88 -27.13 36.63
N ASP C 262 -34.05 -26.12 36.87
CA ASP C 262 -34.45 -24.95 37.64
C ASP C 262 -34.95 -23.80 36.77
N ALA C 263 -35.51 -24.10 35.59
CA ALA C 263 -36.06 -23.08 34.73
C ALA C 263 -37.54 -22.89 35.06
N GLU C 264 -38.23 -22.07 34.28
CA GLU C 264 -39.66 -21.82 34.47
C GLU C 264 -40.51 -22.42 33.35
N TYR C 265 -40.08 -22.28 32.11
CA TYR C 265 -40.74 -22.92 30.98
C TYR C 265 -39.69 -23.66 30.17
N VAL C 266 -40.05 -24.84 29.68
CA VAL C 266 -39.17 -25.65 28.86
C VAL C 266 -39.97 -26.13 27.64
N LEU C 267 -39.43 -25.87 26.45
CA LEU C 267 -39.96 -26.43 25.22
C LEU C 267 -39.10 -27.62 24.82
N GLU C 268 -39.74 -28.75 24.55
CA GLU C 268 -39.06 -29.95 24.10
C GLU C 268 -39.47 -30.26 22.67
N GLY C 269 -38.52 -30.74 21.88
CA GLY C 269 -38.86 -31.15 20.52
C GLY C 269 -37.63 -31.32 19.67
N TYR C 270 -37.86 -31.29 18.36
CA TYR C 270 -36.84 -31.63 17.37
C TYR C 270 -36.60 -30.46 16.43
N LEU C 271 -35.37 -30.35 15.96
CA LEU C 271 -34.98 -29.33 14.99
C LEU C 271 -34.81 -29.98 13.62
N HIS C 272 -35.47 -29.43 12.62
CA HIS C 272 -35.36 -29.95 11.27
C HIS C 272 -34.48 -29.01 10.48
N PRO C 273 -33.25 -29.40 10.10
CA PRO C 273 -32.38 -28.49 9.36
C PRO C 273 -32.75 -28.31 7.91
N ARG C 274 -33.26 -29.37 7.28
CA ARG C 274 -33.64 -29.31 5.87
C ARG C 274 -34.95 -28.56 5.66
N ASP C 275 -35.87 -28.64 6.62
CA ASP C 275 -37.13 -27.91 6.54
C ASP C 275 -36.87 -26.45 6.92
N LYS C 276 -36.99 -25.56 5.95
CA LYS C 276 -36.71 -24.14 6.18
C LYS C 276 -37.90 -23.31 5.73
N ARG C 277 -38.25 -22.32 6.55
CA ARG C 277 -39.38 -21.44 6.27
C ARG C 277 -38.97 -20.00 6.58
N TYR C 278 -39.75 -19.06 6.06
CA TYR C 278 -39.46 -17.65 6.26
C TYR C 278 -39.89 -17.19 7.65
N GLU C 279 -39.18 -16.19 8.16
CA GLU C 279 -39.46 -15.70 9.51
C GLU C 279 -40.70 -14.80 9.55
N THR C 280 -40.90 -13.98 8.52
CA THR C 280 -42.05 -13.09 8.49
C THR C 280 -42.99 -13.48 7.36
N ALA C 281 -44.22 -12.99 7.46
CA ALA C 281 -45.22 -13.27 6.43
C ALA C 281 -44.99 -12.41 5.18
N GLU C 282 -44.53 -11.18 5.37
CA GLU C 282 -44.34 -10.28 4.25
C GLU C 282 -43.05 -10.56 3.48
N SER C 283 -42.11 -11.29 4.08
CA SER C 283 -41.00 -11.87 3.33
C SER C 283 -41.31 -13.27 2.84
N GLU C 284 -42.46 -13.82 3.21
CA GLU C 284 -42.91 -15.09 2.64
C GLU C 284 -43.75 -14.88 1.40
N ALA C 285 -44.43 -13.73 1.30
CA ALA C 285 -45.21 -13.42 0.10
C ALA C 285 -44.30 -13.03 -1.05
N ALA C 286 -43.29 -12.21 -0.78
CA ALA C 286 -42.24 -11.88 -1.74
C ALA C 286 -41.00 -12.65 -1.30
N ASP C 287 -40.69 -13.75 -2.00
CA ASP C 287 -39.74 -14.75 -1.52
C ASP C 287 -38.30 -14.33 -1.81
N ILE C 288 -37.84 -13.28 -1.12
CA ILE C 288 -36.46 -12.85 -1.10
C ILE C 288 -35.99 -12.89 0.35
N GLN C 289 -34.69 -12.66 0.54
CA GLN C 289 -34.10 -12.68 1.87
C GLN C 289 -33.17 -11.47 2.02
N GLY C 290 -33.19 -10.88 3.21
CA GLY C 290 -32.19 -9.89 3.57
C GLY C 290 -32.57 -8.44 3.45
N ARG C 291 -33.84 -8.12 3.17
CA ARG C 291 -34.27 -6.72 3.10
C ARG C 291 -35.48 -6.39 3.95
N PHE C 292 -36.21 -7.37 4.48
CA PHE C 292 -37.45 -7.13 5.19
C PHE C 292 -37.24 -7.32 6.69
N HIS C 293 -37.79 -6.39 7.47
CA HIS C 293 -37.46 -6.28 8.89
C HIS C 293 -38.14 -7.35 9.73
N PHE C 294 -37.41 -7.85 10.73
CA PHE C 294 -37.94 -8.81 11.70
C PHE C 294 -38.03 -8.20 13.10
N HIS C 295 -36.91 -7.77 13.66
CA HIS C 295 -36.77 -6.95 14.86
C HIS C 295 -35.38 -6.33 14.69
N PRO C 296 -34.89 -5.43 15.57
CA PRO C 296 -33.48 -5.05 15.52
C PRO C 296 -32.50 -6.18 15.84
N GLU C 297 -31.24 -5.93 15.50
CA GLU C 297 -30.18 -6.92 15.68
C GLU C 297 -29.19 -6.43 16.73
N TRP C 298 -28.09 -7.18 16.87
CA TRP C 298 -27.11 -6.92 17.93
C TRP C 298 -26.23 -5.71 17.64
N ALA C 299 -26.18 -5.24 16.40
CA ALA C 299 -25.32 -4.14 16.01
C ALA C 299 -25.88 -2.78 16.37
N GLY C 300 -27.15 -2.69 16.71
CA GLY C 300 -27.84 -1.42 16.73
C GLY C 300 -28.44 -1.04 15.40
N TYR C 301 -28.66 -2.01 14.51
CA TYR C 301 -29.31 -1.83 13.22
C TYR C 301 -30.58 -2.67 13.28
N MET C 302 -31.24 -2.89 12.13
CA MET C 302 -32.30 -3.90 12.07
C MET C 302 -31.74 -5.20 11.50
N GLY C 303 -32.07 -6.30 12.16
CA GLY C 303 -31.95 -7.59 11.53
C GLY C 303 -33.02 -7.79 10.49
N LYS C 304 -32.69 -8.63 9.52
CA LYS C 304 -33.61 -8.95 8.45
C LYS C 304 -34.05 -10.40 8.59
N ALA C 305 -35.14 -10.73 7.91
CA ALA C 305 -35.68 -12.07 7.98
C ALA C 305 -35.04 -12.95 6.92
N TYR C 306 -34.82 -14.22 7.26
CA TYR C 306 -34.16 -15.14 6.35
C TYR C 306 -34.91 -16.47 6.31
N LYS C 307 -34.32 -17.47 5.69
CA LYS C 307 -34.93 -18.81 5.63
C LYS C 307 -34.35 -19.62 6.77
N ALA C 308 -34.90 -19.43 7.95
CA ALA C 308 -34.45 -20.09 9.17
C ALA C 308 -34.91 -21.55 9.20
N PRO C 309 -34.18 -22.43 9.88
CA PRO C 309 -34.70 -23.79 10.13
C PRO C 309 -35.83 -23.79 11.14
N THR C 310 -36.54 -24.90 11.19
CA THR C 310 -37.76 -25.00 11.99
C THR C 310 -37.57 -25.92 13.19
N PHE C 311 -38.07 -25.48 14.34
CA PHE C 311 -38.06 -26.23 15.58
C PHE C 311 -39.47 -26.74 15.83
N HIS C 312 -39.64 -28.05 15.86
CA HIS C 312 -40.95 -28.68 15.98
C HIS C 312 -41.16 -29.09 17.43
N VAL C 313 -42.02 -28.36 18.14
CA VAL C 313 -42.22 -28.57 19.57
C VAL C 313 -43.13 -29.78 19.78
N THR C 314 -42.65 -30.75 20.56
CA THR C 314 -43.45 -31.93 20.90
C THR C 314 -44.06 -31.86 22.29
N ALA C 315 -43.47 -31.10 23.21
CA ALA C 315 -43.97 -31.01 24.58
C ALA C 315 -43.59 -29.67 25.19
N ILE C 316 -44.50 -29.12 25.98
CA ILE C 316 -44.26 -27.90 26.76
C ILE C 316 -44.34 -28.27 28.24
N THR C 317 -43.21 -28.24 28.93
CA THR C 317 -43.18 -28.47 30.37
C THR C 317 -42.88 -27.14 31.05
N MET C 318 -43.57 -26.87 32.15
CA MET C 318 -43.64 -25.56 32.74
C MET C 318 -43.97 -25.75 34.22
N ARG C 319 -43.63 -24.75 35.05
CA ARG C 319 -44.01 -24.72 36.46
C ARG C 319 -45.51 -24.52 36.66
N ARG C 320 -45.92 -24.54 37.93
CA ARG C 320 -47.33 -24.42 38.27
C ARG C 320 -47.83 -23.00 38.09
N ARG C 321 -48.96 -22.86 37.40
CA ARG C 321 -49.45 -21.58 36.92
C ARG C 321 -50.02 -20.69 38.03
N GLU C 322 -50.35 -21.27 39.18
CA GLU C 322 -50.69 -20.47 40.35
C GLU C 322 -49.48 -19.82 40.99
N SER C 323 -48.28 -20.38 40.76
CA SER C 323 -47.05 -19.79 41.26
C SER C 323 -46.46 -18.74 40.33
N LYS C 324 -47.08 -18.54 39.14
CA LYS C 324 -46.82 -17.50 38.14
C LYS C 324 -45.39 -17.52 37.62
N PRO C 325 -45.03 -18.45 36.72
CA PRO C 325 -43.64 -18.56 36.25
C PRO C 325 -43.19 -17.40 35.39
N ILE C 326 -41.89 -17.11 35.48
CA ILE C 326 -41.31 -15.84 35.06
C ILE C 326 -40.58 -16.04 33.74
N ILE C 327 -40.85 -15.16 32.79
CA ILE C 327 -40.12 -15.10 31.54
C ILE C 327 -39.22 -13.86 31.60
N PHE C 328 -38.17 -13.85 30.76
CA PHE C 328 -37.21 -12.75 30.72
C PHE C 328 -37.15 -12.21 29.29
N PRO C 329 -38.04 -11.29 28.90
CA PRO C 329 -37.88 -10.63 27.60
C PRO C 329 -36.91 -9.46 27.70
N LEU C 330 -36.11 -9.28 26.66
CA LEU C 330 -35.13 -8.23 26.69
C LEU C 330 -34.92 -7.68 25.29
N GLY C 331 -34.68 -6.37 25.23
CA GLY C 331 -34.32 -5.75 23.97
C GLY C 331 -32.89 -6.08 23.59
N VAL C 332 -32.57 -5.82 22.33
CA VAL C 332 -31.31 -6.29 21.79
C VAL C 332 -30.32 -5.12 21.72
N HIS C 333 -30.81 -3.89 21.60
CA HIS C 333 -29.96 -2.74 21.84
C HIS C 333 -30.21 -2.17 23.24
N THR C 334 -30.04 -3.04 24.23
CA THR C 334 -30.11 -2.67 25.63
C THR C 334 -28.80 -3.07 26.30
N ALA C 335 -28.63 -2.63 27.54
CA ALA C 335 -27.46 -3.02 28.30
C ALA C 335 -27.60 -4.39 28.95
N ASP C 336 -28.78 -4.99 28.91
CA ASP C 336 -28.93 -6.41 29.20
C ASP C 336 -28.21 -7.24 28.16
N ASP C 337 -28.45 -6.92 26.89
CA ASP C 337 -27.87 -7.65 25.77
C ASP C 337 -26.38 -7.40 25.62
N ALA C 338 -25.90 -6.25 26.09
CA ALA C 338 -24.46 -6.03 26.17
C ALA C 338 -23.83 -6.86 27.28
N ASN C 339 -24.44 -6.87 28.47
CA ASN C 339 -23.80 -7.54 29.59
C ASN C 339 -24.05 -9.04 29.63
N ILE C 340 -24.91 -9.57 28.76
CA ILE C 340 -25.02 -11.01 28.62
C ILE C 340 -24.03 -11.53 27.57
N ASP C 341 -23.96 -10.85 26.43
CA ASP C 341 -23.15 -11.33 25.32
C ASP C 341 -21.66 -11.07 25.50
N THR C 342 -21.28 -9.98 26.16
CA THR C 342 -19.88 -9.58 26.22
C THR C 342 -19.24 -9.78 27.57
N SER C 343 -19.79 -10.66 28.42
CA SER C 343 -19.22 -10.79 29.75
C SER C 343 -18.30 -12.00 29.88
N VAL C 344 -18.69 -13.14 29.33
CA VAL C 344 -17.77 -14.27 29.24
C VAL C 344 -16.79 -14.05 28.11
N ARG C 345 -17.18 -13.27 27.09
CA ARG C 345 -16.29 -12.89 26.00
C ARG C 345 -15.19 -11.95 26.43
N GLU C 346 -15.38 -11.18 27.50
CA GLU C 346 -14.28 -10.48 28.13
C GLU C 346 -13.30 -11.45 28.78
N SER C 347 -13.82 -12.52 29.39
CA SER C 347 -12.96 -13.49 30.04
C SER C 347 -12.30 -14.43 29.05
N ALA C 348 -12.98 -14.76 27.94
CA ALA C 348 -12.43 -15.69 26.96
C ALA C 348 -11.36 -15.05 26.11
N ILE C 349 -11.44 -13.74 25.87
CA ILE C 349 -10.35 -13.01 25.24
C ILE C 349 -9.18 -12.89 26.20
N PHE C 350 -9.47 -12.70 27.50
CA PHE C 350 -8.46 -12.71 28.55
C PHE C 350 -7.86 -14.10 28.76
N ALA C 351 -8.64 -15.15 28.52
CA ALA C 351 -8.09 -16.50 28.59
C ALA C 351 -7.18 -16.79 27.41
N LEU C 352 -7.47 -16.22 26.23
CA LEU C 352 -6.65 -16.44 25.05
C LEU C 352 -5.32 -15.71 25.14
N CYS C 353 -5.33 -14.51 25.70
CA CYS C 353 -4.10 -13.74 25.85
C CYS C 353 -3.24 -14.28 26.98
N GLU C 354 -3.84 -14.86 28.01
CA GLU C 354 -3.07 -15.55 29.03
C GLU C 354 -2.58 -16.91 28.55
N ARG C 355 -3.22 -17.49 27.54
CA ARG C 355 -2.73 -18.74 26.97
C ARG C 355 -1.49 -18.49 26.12
N LEU C 356 -1.49 -17.39 25.37
CA LEU C 356 -0.42 -17.11 24.41
C LEU C 356 0.86 -16.65 25.11
N GLN C 357 0.75 -15.63 25.95
CA GLN C 357 1.85 -15.19 26.79
C GLN C 357 1.29 -14.57 28.06
N PRO C 358 1.41 -15.22 29.22
CA PRO C 358 0.78 -14.71 30.43
C PRO C 358 1.55 -13.57 31.06
N GLY C 359 0.83 -12.80 31.86
CA GLY C 359 1.42 -11.70 32.60
C GLY C 359 1.45 -10.37 31.89
N ILE C 360 1.04 -10.31 30.64
CA ILE C 360 1.09 -9.08 29.85
C ILE C 360 -0.24 -8.35 29.87
N VAL C 361 -1.32 -9.04 29.52
CA VAL C 361 -2.63 -8.42 29.47
C VAL C 361 -3.19 -8.34 30.89
N GLN C 362 -3.52 -7.11 31.32
CA GLN C 362 -4.02 -6.86 32.65
C GLN C 362 -5.54 -6.88 32.71
N ASN C 363 -6.21 -6.29 31.71
CA ASN C 363 -7.65 -6.14 31.74
C ASN C 363 -8.19 -6.19 30.32
N VAL C 364 -9.36 -6.81 30.17
CA VAL C 364 -10.09 -6.86 28.91
C VAL C 364 -11.46 -6.28 29.17
N HIS C 365 -11.84 -5.25 28.41
CA HIS C 365 -13.16 -4.64 28.52
C HIS C 365 -13.82 -4.58 27.16
N ILE C 366 -15.06 -5.08 27.09
CA ILE C 366 -15.93 -4.88 25.95
C ILE C 366 -17.11 -4.05 26.42
N PRO C 367 -17.26 -2.81 25.98
CA PRO C 367 -18.38 -2.00 26.45
C PRO C 367 -19.66 -2.22 25.67
N TYR C 368 -20.67 -1.42 26.03
CA TYR C 368 -21.95 -1.38 25.34
C TYR C 368 -21.79 -0.84 23.92
N CYS C 369 -20.88 0.11 23.74
CA CYS C 369 -20.72 0.84 22.50
C CYS C 369 -20.01 0.05 21.39
N MET C 370 -19.38 -1.08 21.70
CA MET C 370 -18.76 -1.90 20.68
C MET C 370 -19.60 -3.12 20.32
N THR C 371 -20.92 -3.02 20.52
CA THR C 371 -22.02 -3.97 20.22
C THR C 371 -21.75 -5.29 20.96
N ASP C 372 -22.09 -6.42 20.37
CA ASP C 372 -21.82 -7.72 21.00
C ASP C 372 -20.49 -8.29 20.52
N TRP C 373 -20.37 -8.51 19.22
CA TRP C 373 -19.18 -9.09 18.63
C TRP C 373 -18.49 -8.12 17.70
N GLY C 374 -18.69 -6.83 17.92
CA GLY C 374 -18.11 -5.83 17.05
C GLY C 374 -16.67 -5.51 17.39
N GLY C 375 -16.35 -5.41 18.68
CA GLY C 375 -15.01 -5.02 19.05
C GLY C 375 -14.69 -5.35 20.48
N CYS C 376 -13.46 -5.04 20.87
CA CYS C 376 -12.97 -5.24 22.23
C CYS C 376 -11.82 -4.29 22.49
N ILE C 377 -11.58 -4.03 23.78
CA ILE C 377 -10.41 -3.27 24.23
C ILE C 377 -9.64 -4.13 25.22
N ILE C 378 -8.36 -4.36 24.96
CA ILE C 378 -7.49 -5.02 25.91
C ILE C 378 -6.49 -4.00 26.45
N GLN C 379 -5.88 -4.33 27.58
CA GLN C 379 -4.94 -3.46 28.25
C GLN C 379 -3.70 -4.27 28.58
N VAL C 380 -2.57 -3.91 28.00
CA VAL C 380 -1.35 -4.68 28.14
C VAL C 380 -0.38 -3.92 29.04
N LYS C 381 0.64 -4.63 29.51
CA LYS C 381 1.72 -4.05 30.29
C LYS C 381 3.02 -4.70 29.85
N LYS C 382 3.93 -3.89 29.34
CA LYS C 382 5.20 -4.39 28.82
C LYS C 382 6.24 -4.32 29.94
N ARG C 383 6.70 -5.49 30.39
CA ARG C 383 7.64 -5.53 31.50
C ARG C 383 9.08 -5.31 31.05
N ASN C 384 9.45 -5.78 29.87
CA ASN C 384 10.82 -5.65 29.40
C ASN C 384 10.81 -5.50 27.88
N GLN C 385 12.00 -5.59 27.28
CA GLN C 385 12.17 -5.39 25.84
C GLN C 385 11.65 -6.56 25.03
N ILE C 386 11.69 -7.77 25.59
CA ILE C 386 11.24 -8.98 24.91
C ILE C 386 9.72 -8.98 24.79
N GLU C 387 9.02 -8.49 25.80
CA GLU C 387 7.56 -8.42 25.79
C GLU C 387 7.01 -7.27 24.95
N GLU C 388 7.86 -6.37 24.47
CA GLU C 388 7.44 -5.33 23.54
C GLU C 388 7.12 -5.97 22.20
N GLY C 389 5.98 -5.60 21.62
CA GLY C 389 5.52 -6.18 20.39
C GLY C 389 4.60 -7.36 20.56
N TRP C 390 4.36 -7.82 21.79
CA TRP C 390 3.47 -8.94 22.02
C TRP C 390 2.01 -8.56 21.88
N GLN C 391 1.69 -7.28 21.99
CA GLN C 391 0.31 -6.83 21.84
C GLN C 391 -0.14 -6.83 20.39
N ARG C 392 0.78 -6.82 19.42
CA ARG C 392 0.38 -6.99 18.03
C ARG C 392 0.08 -8.44 17.72
N ASN C 393 0.72 -9.37 18.44
CA ASN C 393 0.35 -10.78 18.36
C ASN C 393 -1.01 -11.02 18.99
N PHE C 394 -1.35 -10.26 20.02
CA PHE C 394 -2.63 -10.41 20.69
C PHE C 394 -3.77 -9.92 19.82
N LEU C 395 -3.60 -8.76 19.17
CA LEU C 395 -4.66 -8.16 18.36
C LEU C 395 -4.90 -8.93 17.07
N ALA C 396 -3.87 -9.60 16.54
CA ALA C 396 -4.10 -10.47 15.40
C ALA C 396 -4.79 -11.76 15.82
N ALA C 397 -4.48 -12.27 17.02
CA ALA C 397 -5.11 -13.50 17.48
C ALA C 397 -6.52 -13.28 17.97
N ILE C 398 -6.83 -12.09 18.48
CA ILE C 398 -8.19 -11.78 18.91
C ILE C 398 -9.10 -11.62 17.69
N LEU C 399 -8.62 -10.92 16.66
CA LEU C 399 -9.40 -10.67 15.46
C LEU C 399 -9.58 -11.90 14.57
N ALA C 400 -8.72 -12.91 14.71
CA ALA C 400 -8.87 -14.12 13.93
C ALA C 400 -9.70 -15.18 14.65
N CYS C 401 -9.49 -15.36 15.96
CA CYS C 401 -10.22 -16.38 16.69
C CYS C 401 -11.63 -15.97 17.06
N SER C 402 -11.96 -14.69 17.00
CA SER C 402 -13.32 -14.22 17.18
C SER C 402 -13.87 -13.83 15.83
N GLN C 403 -14.96 -14.47 15.42
CA GLN C 403 -15.51 -14.27 14.09
C GLN C 403 -16.31 -12.98 14.06
N GLY C 404 -15.92 -12.06 13.19
CA GLY C 404 -16.67 -10.85 12.98
C GLY C 404 -16.34 -9.70 13.89
N MET C 405 -15.26 -9.79 14.68
CA MET C 405 -14.71 -8.62 15.35
C MET C 405 -14.16 -7.63 14.33
N ARG C 406 -14.49 -6.36 14.51
CA ARG C 406 -14.01 -5.34 13.60
C ARG C 406 -13.09 -4.31 14.22
N LEU C 407 -12.98 -4.23 15.55
CA LEU C 407 -12.18 -3.15 16.14
C LEU C 407 -11.57 -3.61 17.47
N ALA C 408 -10.37 -4.14 17.40
CA ALA C 408 -9.63 -4.52 18.60
C ALA C 408 -8.59 -3.44 18.89
N ILE C 409 -8.65 -2.87 20.08
CA ILE C 409 -7.78 -1.77 20.48
C ILE C 409 -6.94 -2.23 21.66
N ALA C 410 -5.62 -2.09 21.57
CA ALA C 410 -4.73 -2.37 22.68
C ALA C 410 -4.25 -1.06 23.26
N VAL C 411 -4.43 -0.86 24.56
CA VAL C 411 -3.99 0.34 25.24
C VAL C 411 -3.00 -0.05 26.34
N SER C 412 -2.32 0.97 26.88
CA SER C 412 -1.32 0.75 27.89
C SER C 412 -1.94 0.73 29.29
N GLU C 413 -1.09 0.66 30.30
CA GLU C 413 -1.55 0.43 31.67
C GLU C 413 -1.99 1.70 32.38
N ASP C 414 -1.71 2.88 31.82
CA ASP C 414 -2.08 4.14 32.44
C ASP C 414 -3.37 4.71 31.88
N VAL C 415 -4.21 3.87 31.27
CA VAL C 415 -5.45 4.27 30.65
C VAL C 415 -6.60 3.70 31.47
N ASP C 416 -7.63 4.51 31.70
CA ASP C 416 -8.89 3.98 32.20
C ASP C 416 -9.58 3.22 31.08
N ILE C 417 -9.78 1.92 31.27
CA ILE C 417 -10.32 1.10 30.19
C ILE C 417 -11.84 1.21 30.10
N TYR C 418 -12.49 1.76 31.12
CA TYR C 418 -13.94 1.90 31.11
C TYR C 418 -14.41 3.27 30.68
N SER C 419 -13.59 4.29 30.87
CA SER C 419 -13.89 5.63 30.39
C SER C 419 -13.64 5.65 28.88
N MET C 420 -14.65 6.04 28.11
CA MET C 420 -14.54 5.86 26.68
C MET C 420 -13.96 7.10 26.02
N ASP C 421 -13.89 8.19 26.78
CA ASP C 421 -13.15 9.35 26.31
C ASP C 421 -11.65 9.13 26.45
N ASP C 422 -11.24 8.27 27.38
CA ASP C 422 -9.83 7.93 27.54
C ASP C 422 -9.33 7.04 26.41
N ILE C 423 -10.22 6.28 25.77
CA ILE C 423 -9.83 5.47 24.62
C ILE C 423 -9.62 6.33 23.38
N MET C 424 -10.51 7.32 23.17
CA MET C 424 -10.33 8.34 22.13
C MET C 424 -9.10 9.22 22.33
N TRP C 425 -8.68 9.42 23.58
CA TRP C 425 -7.43 10.13 23.84
C TRP C 425 -6.22 9.31 23.42
N CYS C 426 -6.29 7.99 23.51
CA CYS C 426 -5.20 7.16 23.02
C CYS C 426 -5.21 7.03 21.51
N LEU C 427 -6.37 7.17 20.85
CA LEU C 427 -6.41 7.17 19.40
C LEU C 427 -5.84 8.45 18.82
N THR C 428 -5.97 9.56 19.54
CA THR C 428 -5.43 10.82 19.07
C THR C 428 -3.92 10.88 19.24
N THR C 429 -3.41 10.43 20.38
CA THR C 429 -2.03 10.71 20.76
C THR C 429 -1.06 9.55 20.55
N ARG C 430 -1.48 8.31 20.72
CA ARG C 430 -0.55 7.19 20.76
C ARG C 430 -0.61 6.30 19.53
N VAL C 431 -1.28 6.71 18.46
CA VAL C 431 -1.47 5.87 17.30
C VAL C 431 -0.72 6.47 16.12
N ASN C 432 0.22 5.71 15.59
CA ASN C 432 0.77 5.99 14.27
C ASN C 432 -0.21 5.47 13.23
N PRO C 433 -0.70 6.31 12.31
CA PRO C 433 -1.65 5.83 11.28
C PRO C 433 -1.02 4.97 10.19
N GLN C 434 0.30 4.94 10.07
CA GLN C 434 0.95 4.10 9.09
C GLN C 434 1.32 2.73 9.64
N THR C 435 1.76 2.65 10.89
CA THR C 435 2.28 1.40 11.46
C THR C 435 1.36 0.73 12.46
N ASP C 436 0.56 1.48 13.21
CA ASP C 436 -0.16 0.91 14.34
C ASP C 436 -1.60 0.51 14.01
N ILE C 437 -1.96 0.46 12.73
CA ILE C 437 -3.27 -0.02 12.31
C ILE C 437 -3.07 -1.35 11.61
N LEU C 438 -3.69 -2.40 12.14
CA LEU C 438 -3.54 -3.73 11.61
C LEU C 438 -4.78 -4.12 10.83
N ASN C 439 -4.59 -4.74 9.68
CA ASN C 439 -5.68 -5.32 8.89
C ASN C 439 -5.28 -6.76 8.62
N PRO C 440 -5.56 -7.67 9.57
CA PRO C 440 -4.93 -9.00 9.52
C PRO C 440 -5.52 -9.97 8.53
N LEU C 441 -6.84 -9.97 8.35
CA LEU C 441 -7.52 -10.96 7.52
C LEU C 441 -8.47 -10.33 6.50
N PRO C 442 -7.94 -9.62 5.47
CA PRO C 442 -8.81 -8.92 4.51
C PRO C 442 -9.39 -9.88 3.50
N GLY C 443 -10.68 -10.15 3.62
CA GLY C 443 -11.35 -11.13 2.81
C GLY C 443 -11.73 -12.40 3.52
N GLY C 444 -11.64 -12.42 4.84
CA GLY C 444 -11.99 -13.59 5.63
C GLY C 444 -13.46 -13.64 5.96
N ARG C 445 -13.77 -14.20 7.12
CA ARG C 445 -15.15 -14.40 7.54
C ARG C 445 -15.52 -13.31 8.55
N GLY C 446 -16.56 -12.55 8.24
CA GLY C 446 -17.09 -11.56 9.15
C GLY C 446 -18.48 -11.92 9.59
N GLN C 447 -19.29 -10.91 9.92
CA GLN C 447 -20.69 -11.12 10.27
C GLN C 447 -21.55 -10.49 9.19
N THR C 448 -22.52 -11.25 8.69
CA THR C 448 -23.39 -10.79 7.60
C THR C 448 -24.49 -9.84 8.07
N PHE C 449 -24.74 -9.76 9.38
CA PHE C 449 -25.74 -8.84 9.90
C PHE C 449 -25.28 -7.40 9.84
N MET C 450 -24.03 -7.16 10.23
CA MET C 450 -23.52 -5.81 10.35
C MET C 450 -22.78 -5.42 9.06
N PRO C 451 -23.26 -4.41 8.30
CA PRO C 451 -22.76 -4.14 6.95
C PRO C 451 -21.41 -3.44 6.90
N SER C 465 -10.57 -15.90 -4.05
CA SER C 465 -10.79 -16.73 -2.88
C SER C 465 -10.92 -15.88 -1.61
N ASN C 466 -11.86 -14.93 -1.64
CA ASN C 466 -12.07 -14.03 -0.51
C ASN C 466 -13.53 -13.57 -0.52
N THR C 467 -13.98 -13.10 0.64
CA THR C 467 -15.33 -12.62 0.83
C THR C 467 -15.37 -11.10 0.83
N GLN C 468 -16.52 -10.55 1.22
CA GLN C 468 -16.74 -9.11 1.29
C GLN C 468 -16.33 -8.50 2.62
N PHE C 469 -15.81 -9.31 3.54
CA PHE C 469 -15.35 -8.79 4.83
C PHE C 469 -14.04 -8.02 4.66
N GLU C 470 -13.98 -6.84 5.27
CA GLU C 470 -12.87 -5.93 5.02
C GLU C 470 -11.64 -6.23 5.87
N GLY C 471 -11.77 -7.03 6.92
CA GLY C 471 -10.58 -7.49 7.61
C GLY C 471 -10.51 -7.26 9.10
N GLY C 472 -11.28 -6.30 9.60
CA GLY C 472 -11.13 -5.88 10.97
C GLY C 472 -10.05 -4.85 11.12
N MET C 473 -9.91 -4.34 12.33
CA MET C 473 -8.97 -3.26 12.60
C MET C 473 -8.30 -3.51 13.94
N GLY C 474 -7.02 -3.83 13.91
CA GLY C 474 -6.26 -3.88 15.14
C GLY C 474 -5.52 -2.57 15.33
N ILE C 475 -5.82 -1.85 16.40
CA ILE C 475 -5.23 -0.55 16.64
C ILE C 475 -4.31 -0.63 17.85
N ASP C 476 -3.02 -0.36 17.61
CA ASP C 476 -2.00 -0.38 18.66
C ASP C 476 -1.87 1.02 19.23
N ALA C 477 -2.65 1.30 20.26
CA ALA C 477 -2.58 2.57 20.98
C ALA C 477 -1.69 2.47 22.21
N THR C 478 -0.78 1.51 22.25
CA THR C 478 0.14 1.37 23.37
C THR C 478 1.37 2.23 23.16
N VAL C 479 2.07 2.49 24.26
CA VAL C 479 3.35 3.19 24.21
C VAL C 479 4.42 2.16 23.86
N PRO C 480 5.55 2.56 23.27
CA PRO C 480 6.68 1.65 23.17
C PRO C 480 7.35 1.46 24.53
N TYR C 481 8.04 0.34 24.67
CA TYR C 481 8.82 0.10 25.87
C TYR C 481 10.09 0.95 25.84
N GLY C 482 10.38 1.61 26.94
CA GLY C 482 11.50 2.52 27.02
C GLY C 482 11.17 3.96 26.69
N TYR C 483 10.07 4.21 26.00
CA TYR C 483 9.56 5.54 25.74
C TYR C 483 8.43 5.91 26.68
N GLU C 484 8.39 5.29 27.86
CA GLU C 484 7.33 5.55 28.82
C GLU C 484 7.49 6.90 29.51
N SER C 485 8.70 7.43 29.57
CA SER C 485 8.92 8.74 30.16
C SER C 485 8.46 9.87 29.24
N ASP C 486 8.58 9.68 27.93
CA ASP C 486 8.07 10.67 26.99
C ASP C 486 6.55 10.64 26.89
N PHE C 487 5.94 9.48 27.16
CA PHE C 487 4.50 9.32 27.07
C PHE C 487 3.81 9.26 28.43
N HIS C 488 4.45 9.77 29.48
CA HIS C 488 3.88 9.63 30.82
C HIS C 488 2.86 10.73 31.03
N ARG C 489 1.68 10.36 31.47
CA ARG C 489 0.65 11.33 31.79
C ARG C 489 0.94 11.94 33.15
N PRO C 490 1.06 13.26 33.26
CA PRO C 490 1.36 13.86 34.57
C PRO C 490 0.14 13.86 35.48
N VAL C 491 0.42 13.78 36.77
CA VAL C 491 -0.60 13.62 37.80
C VAL C 491 -0.63 14.88 38.63
N TYR C 492 -1.79 15.54 38.65
CA TYR C 492 -2.00 16.72 39.47
C TYR C 492 -2.16 16.34 40.93
N GLY C 493 -1.96 17.31 41.81
CA GLY C 493 -2.05 17.05 43.23
C GLY C 493 -3.47 17.04 43.77
N VAL C 494 -4.24 16.00 43.44
CA VAL C 494 -5.60 15.88 43.95
C VAL C 494 -5.66 15.22 45.33
N ASP C 495 -4.55 14.66 45.80
CA ASP C 495 -4.49 14.07 47.13
C ASP C 495 -3.69 14.92 48.11
N LEU C 496 -2.87 15.85 47.61
CA LEU C 496 -2.11 16.74 48.48
C LEU C 496 -2.96 17.88 49.02
N VAL C 497 -4.11 18.15 48.43
CA VAL C 497 -5.01 19.20 48.89
C VAL C 497 -6.35 18.54 49.24
N LYS C 498 -7.05 19.15 50.20
CA LYS C 498 -8.36 18.69 50.62
C LYS C 498 -9.38 19.80 50.38
N PRO C 499 -10.48 19.51 49.69
CA PRO C 499 -11.47 20.57 49.42
C PRO C 499 -12.35 20.93 50.60
N GLU C 500 -12.33 20.14 51.68
CA GLU C 500 -13.12 20.46 52.86
C GLU C 500 -12.53 21.61 53.66
N ASN C 501 -11.24 21.89 53.50
CA ASN C 501 -10.61 23.00 54.21
C ASN C 501 -10.90 24.35 53.56
N PHE C 502 -11.40 24.37 52.33
CA PHE C 502 -11.64 25.61 51.60
C PHE C 502 -13.11 25.95 51.45
N PHE C 503 -13.97 24.96 51.25
CA PHE C 503 -15.39 25.21 51.05
C PHE C 503 -16.19 24.39 52.04
N ASP C 504 -17.41 24.85 52.31
CA ASP C 504 -18.36 24.09 53.10
C ASP C 504 -19.00 23.00 52.23
N ALA C 505 -19.76 22.12 52.89
CA ALA C 505 -20.34 20.95 52.23
C ALA C 505 -21.51 21.27 51.32
N LYS C 506 -22.10 22.47 51.46
CA LYS C 506 -23.06 22.95 50.46
C LYS C 506 -22.37 23.26 49.15
N ASP C 507 -21.19 23.89 49.21
CA ASP C 507 -20.48 24.28 48.01
C ASP C 507 -19.75 23.12 47.33
N ILE C 508 -19.49 22.03 48.04
CA ILE C 508 -18.86 20.86 47.41
C ILE C 508 -19.87 20.13 46.53
N ASP C 509 -21.06 19.87 47.07
CA ASP C 509 -22.08 19.10 46.35
C ASP C 509 -22.77 19.90 45.26
N LYS C 510 -22.70 21.24 45.32
CA LYS C 510 -23.09 22.04 44.17
C LYS C 510 -22.07 21.93 43.05
N MET C 511 -20.79 21.83 43.40
CA MET C 511 -19.72 21.82 42.42
C MET C 511 -19.46 20.42 41.88
N LYS C 512 -19.77 19.38 42.66
CA LYS C 512 -19.59 18.01 42.20
C LYS C 512 -20.76 17.48 41.39
N SER C 513 -21.90 18.16 41.40
CA SER C 513 -23.07 17.68 40.68
C SER C 513 -23.07 18.05 39.21
N ARG C 514 -22.14 18.88 38.77
CA ARG C 514 -22.03 19.28 37.37
C ARG C 514 -20.93 18.52 36.65
N MET C 515 -20.41 17.46 37.24
CA MET C 515 -19.28 16.72 36.71
C MET C 515 -19.79 15.40 36.13
N ALA C 516 -19.56 15.19 34.84
CA ALA C 516 -19.98 13.98 34.16
C ALA C 516 -19.07 13.72 32.97
N GLY C 517 -18.81 12.45 32.70
CA GLY C 517 -18.07 12.06 31.51
C GLY C 517 -16.61 11.76 31.84
N TRP C 518 -15.69 12.42 31.12
CA TRP C 518 -14.26 12.19 31.33
C TRP C 518 -13.76 12.83 32.61
N VAL C 519 -14.45 13.85 33.12
CA VAL C 519 -13.96 14.57 34.29
C VAL C 519 -14.19 13.79 35.58
N LEU C 520 -15.07 12.80 35.59
CA LEU C 520 -15.20 11.93 36.76
C LEU C 520 -14.03 10.96 36.85
N SER C 521 -13.53 10.50 35.70
CA SER C 521 -12.36 9.64 35.68
C SER C 521 -11.07 10.40 35.91
N LEU C 522 -10.99 11.63 35.42
CA LEU C 522 -9.76 12.42 35.55
C LEU C 522 -9.58 13.01 36.93
N ALA C 523 -10.67 13.31 37.64
CA ALA C 523 -10.55 13.81 39.00
C ALA C 523 -10.21 12.72 40.00
N ARG C 524 -10.53 11.46 39.69
CA ARG C 524 -10.19 10.36 40.58
C ARG C 524 -8.71 10.04 40.52
N THR C 525 -8.17 9.90 39.31
CA THR C 525 -6.77 9.57 39.14
C THR C 525 -5.86 10.78 39.23
N GLY C 526 -6.40 11.99 39.13
CA GLY C 526 -5.57 13.18 39.08
C GLY C 526 -4.88 13.41 37.77
N ARG C 527 -5.33 12.76 36.69
CA ARG C 527 -4.59 12.71 35.45
C ARG C 527 -4.92 13.88 34.54
N ALA D 13 -12.61 59.18 40.30
CA ALA D 13 -12.56 58.41 41.54
C ALA D 13 -12.30 56.94 41.26
N GLU D 14 -13.20 56.31 40.51
CA GLU D 14 -13.06 54.90 40.17
C GLU D 14 -13.63 54.68 38.78
N ARG D 15 -12.91 53.93 37.96
CA ARG D 15 -13.31 53.65 36.59
C ARG D 15 -13.87 52.24 36.50
N VAL D 16 -14.89 52.07 35.65
CA VAL D 16 -15.63 50.82 35.54
C VAL D 16 -15.52 50.31 34.10
N GLY D 17 -15.19 49.04 33.94
CA GLY D 17 -15.16 48.43 32.63
C GLY D 17 -16.54 48.14 32.10
N GLU D 18 -16.62 47.87 30.80
CA GLU D 18 -17.90 47.62 30.16
C GLU D 18 -18.38 46.20 30.40
N LYS D 19 -17.61 45.21 29.94
CA LYS D 19 -17.96 43.80 30.05
C LYS D 19 -16.77 42.99 30.51
N ASP D 20 -16.13 43.45 31.58
CA ASP D 20 -14.86 42.90 32.05
C ASP D 20 -15.09 41.69 32.94
N LEU D 21 -14.03 41.27 33.63
CA LEU D 21 -14.10 40.09 34.50
C LEU D 21 -14.85 40.39 35.80
N ARG D 22 -14.85 41.65 36.24
CA ARG D 22 -15.58 42.01 37.45
C ARG D 22 -17.08 42.04 37.21
N ALA D 23 -17.50 42.41 35.98
CA ALA D 23 -18.92 42.36 35.66
C ALA D 23 -19.40 40.95 35.44
N ALA D 24 -18.52 40.07 34.96
CA ALA D 24 -18.88 38.67 34.79
C ALA D 24 -18.92 37.93 36.11
N LEU D 25 -18.12 38.37 37.09
CA LEU D 25 -18.15 37.77 38.41
C LEU D 25 -19.40 38.15 39.18
N GLU D 26 -19.95 39.34 38.92
CA GLU D 26 -21.21 39.74 39.53
C GLU D 26 -22.39 39.02 38.90
N TRP D 27 -22.26 38.63 37.63
CA TRP D 27 -23.31 37.84 36.99
C TRP D 27 -23.32 36.40 37.48
N PHE D 28 -22.16 35.88 37.88
CA PHE D 28 -22.10 34.53 38.44
C PHE D 28 -22.63 34.49 39.86
N ARG D 29 -22.56 35.60 40.58
CA ARG D 29 -23.14 35.67 41.92
C ARG D 29 -24.66 35.74 41.87
N SER D 30 -25.22 36.31 40.81
CA SER D 30 -26.67 36.43 40.70
C SER D 30 -27.30 35.09 40.33
N LYS D 31 -26.62 34.29 39.52
CA LYS D 31 -27.12 32.97 39.14
C LYS D 31 -26.69 31.88 40.11
N GLY D 32 -25.89 32.21 41.12
CA GLY D 32 -25.44 31.22 42.07
C GLY D 32 -24.34 30.32 41.58
N TYR D 33 -23.65 30.70 40.50
CA TYR D 33 -22.62 29.86 39.91
C TYR D 33 -21.24 30.09 40.51
N LEU D 34 -21.07 31.11 41.34
CA LEU D 34 -19.77 31.48 41.87
C LEU D 34 -19.60 30.87 43.26
N VAL D 35 -18.46 30.21 43.47
CA VAL D 35 -18.10 29.63 44.76
C VAL D 35 -16.87 30.37 45.25
N GLU D 36 -17.00 31.09 46.36
CA GLU D 36 -15.91 31.89 46.88
C GLU D 36 -15.43 31.31 48.21
N THR D 37 -14.20 31.70 48.58
CA THR D 37 -13.61 31.30 49.85
C THR D 37 -12.65 32.39 50.30
N ASN D 38 -12.34 32.37 51.59
CA ASN D 38 -11.39 33.31 52.17
C ASN D 38 -10.19 32.62 52.80
N LYS D 39 -10.05 31.32 52.63
CA LYS D 39 -8.88 30.60 53.08
C LYS D 39 -7.70 30.89 52.16
N GLU D 40 -6.50 30.88 52.73
CA GLU D 40 -5.30 31.23 51.98
C GLU D 40 -4.87 30.04 51.15
N VAL D 41 -5.21 30.05 49.87
CA VAL D 41 -4.75 29.01 48.97
C VAL D 41 -3.28 29.27 48.60
N ASN D 42 -2.58 28.21 48.23
CA ASN D 42 -1.20 28.26 47.79
C ASN D 42 -1.14 28.31 46.26
N PRO D 43 -0.32 29.18 45.68
CA PRO D 43 -0.03 29.05 44.24
C PRO D 43 0.80 27.83 43.89
N ASP D 44 1.56 27.28 44.83
CA ASP D 44 2.30 26.04 44.63
C ASP D 44 1.37 24.87 44.95
N LEU D 45 0.89 24.20 43.89
CA LEU D 45 0.23 22.88 43.90
C LEU D 45 -1.08 22.85 44.67
N GLU D 46 -1.80 23.96 44.74
CA GLU D 46 -3.09 23.95 45.43
C GLU D 46 -4.18 24.58 44.59
N ILE D 47 -3.81 25.49 43.69
CA ILE D 47 -4.79 26.07 42.77
C ILE D 47 -5.15 25.08 41.69
N THR D 48 -4.14 24.51 41.03
CA THR D 48 -4.37 23.49 40.01
C THR D 48 -4.73 22.15 40.59
N GLY D 49 -4.40 21.89 41.86
CA GLY D 49 -4.89 20.69 42.52
C GLY D 49 -6.38 20.73 42.78
N LEU D 50 -6.88 21.89 43.23
CA LEU D 50 -8.31 22.08 43.41
C LEU D 50 -9.06 22.24 42.09
N GLN D 51 -8.36 22.67 41.04
CA GLN D 51 -8.97 22.74 39.71
C GLN D 51 -9.17 21.36 39.12
N LYS D 52 -8.28 20.41 39.41
CA LYS D 52 -8.39 19.07 38.87
C LYS D 52 -9.44 18.24 39.59
N ILE D 53 -9.71 18.54 40.86
CA ILE D 53 -10.78 17.89 41.61
C ILE D 53 -12.15 18.31 41.08
N PHE D 54 -12.28 19.59 40.74
CA PHE D 54 -13.54 20.12 40.25
C PHE D 54 -13.42 20.53 38.79
N ASP D 55 -12.86 19.62 37.99
CA ASP D 55 -12.70 19.83 36.55
C ASP D 55 -14.05 19.83 35.85
N GLY D 56 -14.27 20.82 34.97
CA GLY D 56 -15.52 20.98 34.27
C GLY D 56 -16.69 21.36 35.15
N SER D 57 -16.48 22.32 36.05
CA SER D 57 -17.48 22.64 37.05
C SER D 57 -17.54 24.16 37.23
N LEU D 58 -18.12 24.59 38.34
CA LEU D 58 -18.42 25.99 38.62
C LEU D 58 -17.15 26.81 38.86
N PRO D 59 -17.20 28.13 38.59
CA PRO D 59 -16.03 28.99 38.87
C PRO D 59 -15.73 29.15 40.35
N MET D 60 -14.45 29.04 40.69
CA MET D 60 -13.96 29.08 42.05
C MET D 60 -13.13 30.35 42.22
N LEU D 61 -13.47 31.16 43.21
CA LEU D 61 -12.79 32.42 43.47
C LEU D 61 -12.00 32.33 44.77
N PHE D 62 -10.71 32.62 44.69
CA PHE D 62 -9.82 32.61 45.84
C PHE D 62 -9.49 34.05 46.20
N ASN D 63 -10.00 34.51 47.35
CA ASN D 63 -9.73 35.87 47.77
C ASN D 63 -8.33 36.02 48.35
N ASN D 64 -7.85 35.02 49.07
CA ASN D 64 -6.54 35.06 49.71
C ASN D 64 -5.60 34.08 49.02
N VAL D 65 -4.55 34.60 48.40
CA VAL D 65 -3.50 33.79 47.78
C VAL D 65 -2.23 33.98 48.61
N LYS D 66 -1.47 32.89 48.78
CA LYS D 66 -0.27 32.90 49.62
C LYS D 66 0.86 33.69 48.96
N ASP D 67 1.45 34.60 49.75
CA ASP D 67 2.44 35.63 49.37
C ASP D 67 1.96 36.53 48.24
N MET D 68 0.67 36.83 48.22
CA MET D 68 0.04 37.68 47.22
C MET D 68 -0.98 38.53 47.95
N PRO D 69 -0.55 39.64 48.57
CA PRO D 69 -1.48 40.40 49.43
C PRO D 69 -2.43 41.29 48.66
N HIS D 70 -2.21 41.49 47.37
CA HIS D 70 -3.09 42.32 46.56
C HIS D 70 -3.81 41.54 45.46
N ALA D 71 -3.47 40.28 45.23
CA ALA D 71 -4.00 39.52 44.11
C ALA D 71 -5.15 38.64 44.56
N ARG D 72 -6.19 38.58 43.73
CA ARG D 72 -7.24 37.59 43.83
C ARG D 72 -7.09 36.61 42.68
N ALA D 73 -7.56 35.38 42.87
CA ALA D 73 -7.43 34.35 41.86
C ALA D 73 -8.80 33.72 41.59
N ILE D 74 -9.18 33.70 40.32
CA ILE D 74 -10.35 32.99 39.85
C ILE D 74 -9.86 31.75 39.11
N THR D 75 -10.54 30.63 39.27
CA THR D 75 -10.26 29.45 38.47
C THR D 75 -11.57 28.75 38.17
N ASN D 76 -11.48 27.82 37.21
CA ASN D 76 -12.59 27.03 36.65
C ASN D 76 -13.69 27.90 36.04
N LEU D 77 -13.30 29.01 35.43
CA LEU D 77 -14.24 29.97 34.87
C LEU D 77 -14.85 29.48 33.56
N PHE D 78 -14.06 28.75 32.76
CA PHE D 78 -14.55 28.18 31.52
C PHE D 78 -14.70 26.66 31.65
N GLY D 79 -14.98 26.18 32.85
CA GLY D 79 -15.05 24.75 33.11
C GLY D 79 -16.31 24.11 32.56
N ASP D 80 -17.46 24.55 33.05
CA ASP D 80 -18.73 24.13 32.49
C ASP D 80 -19.01 24.97 31.25
N ILE D 81 -19.32 24.31 30.13
CA ILE D 81 -19.69 25.03 28.92
C ILE D 81 -21.14 25.49 28.95
N ARG D 82 -21.95 24.99 29.88
CA ARG D 82 -23.32 25.44 30.02
C ARG D 82 -23.41 26.81 30.70
N VAL D 83 -22.41 27.21 31.46
CA VAL D 83 -22.41 28.55 32.05
C VAL D 83 -21.58 29.54 31.24
N VAL D 84 -20.73 29.07 30.33
CA VAL D 84 -20.15 29.97 29.33
C VAL D 84 -21.21 30.36 28.31
N GLU D 85 -22.04 29.41 27.90
CA GLU D 85 -23.11 29.66 26.94
C GLU D 85 -24.25 30.48 27.55
N GLU D 86 -24.46 30.36 28.86
CA GLU D 86 -25.43 31.22 29.53
C GLU D 86 -24.91 32.63 29.72
N LEU D 87 -23.58 32.81 29.77
CA LEU D 87 -23.00 34.13 29.93
C LEU D 87 -23.12 34.96 28.66
N PHE D 88 -22.87 34.34 27.51
CA PHE D 88 -22.92 35.05 26.23
C PHE D 88 -24.27 34.94 25.55
N GLY D 89 -25.27 34.37 26.22
CA GLY D 89 -26.61 34.27 25.67
C GLY D 89 -26.78 33.25 24.56
N TRP D 90 -26.18 32.08 24.71
CA TRP D 90 -26.33 31.00 23.73
C TRP D 90 -27.14 29.87 24.35
N GLU D 91 -27.96 29.22 23.51
CA GLU D 91 -28.86 28.20 24.01
C GLU D 91 -28.14 26.88 24.24
N ASN D 92 -27.37 26.42 23.26
CA ASN D 92 -26.63 25.18 23.38
C ASN D 92 -25.32 25.31 22.63
N SER D 93 -24.63 24.19 22.45
CA SER D 93 -23.36 24.20 21.74
C SER D 93 -23.55 24.34 20.23
N LEU D 94 -24.70 23.95 19.69
CA LEU D 94 -24.98 24.17 18.29
C LEU D 94 -25.27 25.64 18.01
N ASP D 95 -25.92 26.32 18.93
CA ASP D 95 -26.11 27.76 18.81
C ASP D 95 -24.83 28.53 19.08
N ARG D 96 -23.90 27.95 19.85
CA ARG D 96 -22.62 28.59 20.13
C ARG D 96 -21.73 28.58 18.90
N VAL D 97 -21.71 27.47 18.16
CA VAL D 97 -20.83 27.30 17.00
C VAL D 97 -21.29 28.16 15.82
N LYS D 98 -22.60 28.21 15.59
CA LYS D 98 -23.16 28.97 14.46
C LYS D 98 -23.16 30.48 14.68
N LYS D 99 -23.02 30.94 15.93
CA LYS D 99 -23.03 32.38 16.18
C LYS D 99 -21.63 32.97 16.24
N VAL D 100 -20.64 32.21 16.71
CA VAL D 100 -19.26 32.66 16.70
C VAL D 100 -18.71 32.67 15.27
N ALA D 101 -19.13 31.68 14.46
CA ALA D 101 -18.77 31.65 13.05
C ALA D 101 -19.51 32.72 12.24
N ARG D 102 -20.67 33.16 12.71
CA ARG D 102 -21.27 34.37 12.18
C ARG D 102 -20.47 35.60 12.59
N ALA D 103 -20.00 35.62 13.84
CA ALA D 103 -19.23 36.74 14.36
C ALA D 103 -17.79 36.79 13.86
N ILE D 104 -17.29 35.70 13.28
CA ILE D 104 -16.00 35.73 12.61
C ILE D 104 -16.07 36.55 11.33
N ASP D 105 -17.15 36.38 10.56
CA ASP D 105 -17.31 37.07 9.29
C ASP D 105 -17.70 38.53 9.46
N HIS D 106 -18.25 38.92 10.61
CA HIS D 106 -18.60 40.31 10.88
C HIS D 106 -17.97 40.75 12.19
N PRO D 107 -16.70 41.17 12.17
CA PRO D 107 -16.07 41.67 13.39
C PRO D 107 -16.48 43.11 13.69
N LEU D 108 -16.46 43.45 14.97
CA LEU D 108 -16.76 44.79 15.43
C LEU D 108 -15.47 45.58 15.63
N LYS D 109 -15.47 46.82 15.19
CA LYS D 109 -14.26 47.65 15.25
C LYS D 109 -14.00 48.10 16.69
N PRO D 110 -12.85 47.80 17.28
CA PRO D 110 -12.59 48.18 18.68
C PRO D 110 -12.31 49.66 18.84
N VAL D 111 -12.81 50.22 19.92
CA VAL D 111 -12.70 51.65 20.16
C VAL D 111 -11.46 51.93 21.01
N ILE D 112 -10.98 53.16 20.92
CA ILE D 112 -9.81 53.61 21.66
C ILE D 112 -10.26 54.72 22.60
N ILE D 113 -10.07 54.51 23.89
CA ILE D 113 -10.45 55.49 24.89
C ILE D 113 -9.20 56.18 25.41
N GLY D 114 -9.41 57.24 26.21
CA GLY D 114 -8.29 57.98 26.75
C GLY D 114 -7.62 57.29 27.91
N GLN D 115 -6.44 57.79 28.26
CA GLN D 115 -5.63 57.17 29.31
C GLN D 115 -6.15 57.45 30.71
N ASP D 116 -6.94 58.50 30.88
CA ASP D 116 -7.55 58.78 32.18
C ASP D 116 -8.83 58.00 32.41
N GLU D 117 -9.38 57.35 31.38
CA GLU D 117 -10.60 56.57 31.52
C GLU D 117 -10.36 55.06 31.52
N ALA D 118 -9.13 54.61 31.26
CA ALA D 118 -8.83 53.20 31.25
C ALA D 118 -8.69 52.70 32.68
N PRO D 119 -9.44 51.66 33.09
CA PRO D 119 -9.31 51.16 34.47
C PRO D 119 -8.03 50.39 34.74
N VAL D 120 -7.33 49.90 33.73
CA VAL D 120 -6.10 49.14 33.97
C VAL D 120 -4.91 50.05 34.20
N GLN D 121 -5.02 51.34 33.86
CA GLN D 121 -3.93 52.29 34.05
C GLN D 121 -4.14 53.15 35.29
N GLU D 122 -4.75 52.60 36.35
CA GLU D 122 -4.86 53.32 37.61
C GLU D 122 -3.53 53.38 38.33
N GLU D 123 -2.81 52.27 38.38
CA GLU D 123 -1.51 52.19 39.03
C GLU D 123 -0.48 51.79 37.98
N VAL D 124 0.37 52.73 37.59
CA VAL D 124 1.38 52.50 36.56
C VAL D 124 2.74 52.46 37.24
N LEU D 125 3.44 51.35 37.10
CA LEU D 125 4.78 51.18 37.67
C LEU D 125 5.79 51.12 36.53
N THR D 126 6.81 51.98 36.61
CA THR D 126 7.87 52.00 35.60
C THR D 126 9.22 51.60 36.14
N THR D 127 9.41 51.63 37.46
CA THR D 127 10.65 51.22 38.10
C THR D 127 10.36 50.12 39.09
N ASP D 128 11.46 49.48 39.55
CA ASP D 128 11.56 48.19 40.28
C ASP D 128 10.56 47.14 39.81
N LEU D 129 10.63 46.84 38.52
CA LEU D 129 9.69 45.94 37.86
C LEU D 129 10.04 44.51 38.19
N ASP D 130 9.55 44.05 39.34
CA ASP D 130 9.58 42.63 39.70
C ASP D 130 8.22 42.05 39.37
N VAL D 131 8.19 41.20 38.33
CA VAL D 131 6.93 40.67 37.84
C VAL D 131 6.40 39.57 38.75
N ASN D 132 7.30 38.82 39.40
CA ASN D 132 6.87 37.80 40.36
C ASN D 132 6.41 38.39 41.69
N LYS D 133 6.76 39.65 41.96
CA LYS D 133 6.18 40.36 43.11
C LYS D 133 4.70 40.64 42.89
N TRP D 134 4.31 40.99 41.67
CA TRP D 134 2.95 41.41 41.40
C TRP D 134 2.08 40.37 40.70
N LEU D 135 2.64 39.59 39.79
CA LEU D 135 1.86 38.61 39.04
C LEU D 135 2.07 37.24 39.64
N THR D 136 0.97 36.48 39.76
CA THR D 136 1.01 35.20 40.46
C THR D 136 1.50 34.11 39.53
N ALA D 137 2.62 33.49 39.89
CA ALA D 137 3.12 32.30 39.21
C ALA D 137 2.62 31.07 39.95
N ILE D 138 2.27 30.03 39.20
CA ILE D 138 1.72 28.82 39.78
C ILE D 138 2.59 27.63 39.39
N ARG D 139 2.39 26.53 40.10
CA ARG D 139 3.03 25.25 39.81
C ARG D 139 1.94 24.20 39.68
N HIS D 140 2.00 23.41 38.61
CA HIS D 140 0.90 22.50 38.32
C HIS D 140 1.13 21.12 38.94
N THR D 141 2.21 20.47 38.55
CA THR D 141 2.54 19.11 38.97
C THR D 141 3.71 19.14 39.95
N PRO D 142 3.83 18.13 40.85
CA PRO D 142 4.97 18.12 41.78
C PRO D 142 6.33 17.77 41.17
N LEU D 143 6.40 17.37 39.90
CA LEU D 143 7.67 17.10 39.24
C LEU D 143 8.33 18.35 38.66
N GLU D 144 7.70 19.52 38.80
CA GLU D 144 8.26 20.75 38.27
C GLU D 144 9.38 21.26 39.16
N THR D 145 10.19 22.16 38.59
CA THR D 145 11.23 22.85 39.35
C THR D 145 10.92 24.33 39.47
N GLU D 146 10.26 24.91 38.47
CA GLU D 146 10.10 26.35 38.37
C GLU D 146 8.64 26.78 38.51
N MET D 147 8.47 28.07 38.79
CA MET D 147 7.16 28.69 38.95
C MET D 147 6.85 29.45 37.66
N THR D 148 5.71 29.17 37.06
CA THR D 148 5.41 29.58 35.69
C THR D 148 4.24 30.56 35.69
N ILE D 149 4.44 31.74 35.12
CA ILE D 149 3.34 32.64 34.80
C ILE D 149 2.75 32.21 33.47
N GLY D 150 1.48 31.81 33.47
CA GLY D 150 0.82 31.40 32.25
C GLY D 150 -0.60 31.91 32.13
N SER D 151 -0.85 33.10 32.67
CA SER D 151 -2.20 33.64 32.75
C SER D 151 -2.46 34.79 31.80
N GLY D 152 -1.50 35.13 30.94
CA GLY D 152 -1.57 36.33 30.14
C GLY D 152 -1.77 36.03 28.67
N ILE D 153 -2.56 36.86 28.01
CA ILE D 153 -2.75 36.80 26.56
C ILE D 153 -1.95 37.94 25.94
N SER D 154 -1.54 37.77 24.69
CA SER D 154 -0.59 38.67 24.05
C SER D 154 -1.33 39.55 23.05
N CYS D 155 -1.40 40.85 23.35
CA CYS D 155 -2.19 41.79 22.55
C CYS D 155 -1.27 42.56 21.62
N VAL D 156 -1.31 42.22 20.33
CA VAL D 156 -0.52 42.89 19.30
C VAL D 156 -1.48 43.59 18.36
N VAL D 157 -1.56 44.92 18.46
CA VAL D 157 -2.44 45.74 17.64
C VAL D 157 -1.58 46.73 16.88
N GLY D 158 -1.71 46.73 15.55
CA GLY D 158 -1.14 47.81 14.77
C GLY D 158 -0.38 47.36 13.55
N PRO D 159 0.78 47.98 13.29
CA PRO D 159 1.54 47.66 12.07
C PRO D 159 2.29 46.35 12.12
N TYR D 160 2.46 45.74 13.29
CA TYR D 160 3.12 44.46 13.39
C TYR D 160 2.18 43.30 13.12
N PHE D 161 0.87 43.55 13.04
CA PHE D 161 -0.09 42.55 12.61
C PHE D 161 -0.92 43.07 11.43
N ASP D 162 -0.28 43.86 10.56
CA ASP D 162 -0.77 44.35 9.25
C ASP D 162 -2.05 45.18 9.35
N GLY D 163 -2.20 45.95 10.42
CA GLY D 163 -3.40 46.72 10.64
C GLY D 163 -4.51 45.99 11.36
N GLY D 164 -4.35 44.71 11.65
CA GLY D 164 -5.31 43.93 12.39
C GLY D 164 -4.98 43.88 13.86
N SER D 165 -5.39 42.79 14.51
CA SER D 165 -5.13 42.61 15.93
C SER D 165 -5.00 41.13 16.23
N HIS D 166 -4.30 40.82 17.31
CA HIS D 166 -4.08 39.43 17.69
C HIS D 166 -4.14 39.31 19.21
N ILE D 167 -4.86 38.29 19.69
CA ILE D 167 -4.85 37.93 21.10
C ILE D 167 -4.61 36.43 21.21
N GLY D 168 -3.74 36.05 22.13
CA GLY D 168 -3.43 34.65 22.33
C GLY D 168 -2.47 34.42 23.49
N TYR D 169 -2.61 33.28 24.16
CA TYR D 169 -1.84 32.99 25.36
C TYR D 169 -0.40 32.63 25.04
N ASN D 170 0.51 33.03 25.93
CA ASN D 170 1.91 32.64 25.88
C ASN D 170 2.39 32.45 27.30
N ARG D 171 3.13 31.37 27.54
CA ARG D 171 3.63 31.13 28.89
C ARG D 171 4.92 31.91 29.12
N MET D 172 5.18 32.21 30.39
CA MET D 172 6.35 32.98 30.80
C MET D 172 7.08 32.27 31.93
N ASN D 173 8.35 32.65 32.10
CA ASN D 173 9.12 32.26 33.27
C ASN D 173 10.06 33.41 33.57
N PHE D 174 9.67 34.27 34.50
CA PHE D 174 10.48 35.42 34.88
C PHE D 174 11.54 34.99 35.87
N ARG D 175 12.79 34.93 35.41
CA ARG D 175 13.90 34.52 36.25
C ARG D 175 14.93 35.61 36.45
N TRP D 176 14.91 36.67 35.66
CA TRP D 176 15.89 37.74 35.73
C TRP D 176 15.23 39.07 36.01
N GLY D 177 14.25 39.08 36.90
CA GLY D 177 13.58 40.30 37.29
C GLY D 177 12.50 40.71 36.32
N ASN D 178 12.80 41.69 35.47
CA ASN D 178 11.85 42.16 34.47
C ASN D 178 11.99 41.44 33.14
N VAL D 179 12.91 40.49 33.03
CA VAL D 179 13.13 39.75 31.79
C VAL D 179 12.71 38.31 32.03
N GLY D 180 11.85 37.79 31.16
CA GLY D 180 11.44 36.40 31.23
C GLY D 180 11.28 35.82 29.84
N THR D 181 11.19 34.50 29.80
CA THR D 181 11.05 33.78 28.54
C THR D 181 9.63 33.93 28.00
N PHE D 182 9.47 33.64 26.72
CA PHE D 182 8.22 33.90 26.01
C PHE D 182 8.08 32.78 24.98
N GLN D 183 7.34 31.73 25.34
CA GLN D 183 7.25 30.55 24.50
C GLN D 183 6.23 30.79 23.39
N ILE D 184 6.69 30.66 22.15
CA ILE D 184 5.84 30.77 20.97
C ILE D 184 5.82 29.41 20.30
N SER D 185 4.62 28.85 20.13
CA SER D 185 4.47 27.64 19.35
C SER D 185 4.74 27.93 17.87
N PRO D 186 5.43 27.04 17.16
CA PRO D 186 5.80 27.35 15.77
C PRO D 186 4.63 27.24 14.81
N GLY D 187 4.60 28.17 13.86
CA GLY D 187 3.50 28.27 12.92
C GLY D 187 2.33 29.08 13.40
N SER D 188 2.40 29.68 14.59
CA SER D 188 1.28 30.43 15.16
C SER D 188 1.27 31.86 14.64
N HIS D 189 0.38 32.69 15.19
CA HIS D 189 0.29 34.10 14.80
C HIS D 189 1.49 34.89 15.32
N MET D 190 1.95 34.57 16.53
CA MET D 190 3.14 35.21 17.06
C MET D 190 4.41 34.71 16.40
N TRP D 191 4.39 33.50 15.85
CA TRP D 191 5.51 33.00 15.08
C TRP D 191 5.64 33.73 13.75
N GLN D 192 4.52 34.11 13.14
CA GLN D 192 4.55 34.81 11.86
C GLN D 192 4.98 36.27 12.01
N VAL D 193 4.71 36.88 13.16
CA VAL D 193 5.26 38.20 13.46
C VAL D 193 6.76 38.11 13.71
N MET D 194 7.18 37.03 14.40
CA MET D 194 8.57 36.88 14.81
C MET D 194 9.48 36.52 13.64
N THR D 195 9.01 35.70 12.70
CA THR D 195 9.81 35.37 11.53
C THR D 195 9.86 36.49 10.52
N GLU D 196 8.89 37.40 10.52
CA GLU D 196 8.96 38.57 9.66
C GLU D 196 9.98 39.58 10.17
N HIS D 197 9.98 39.82 11.48
CA HIS D 197 10.84 40.82 12.10
C HIS D 197 11.98 40.17 12.88
N TYR D 198 12.52 39.07 12.35
CA TYR D 198 13.65 38.42 13.01
C TYR D 198 14.94 39.18 12.82
N LYS D 199 15.19 39.69 11.62
CA LYS D 199 16.42 40.39 11.29
C LYS D 199 16.30 41.89 11.46
N ASP D 200 15.18 42.38 12.01
CA ASP D 200 15.04 43.79 12.28
C ASP D 200 15.86 44.19 13.50
N ASP D 201 16.46 45.37 13.42
CA ASP D 201 17.25 45.88 14.54
C ASP D 201 16.37 46.36 15.69
N GLU D 202 15.20 46.90 15.38
CA GLU D 202 14.27 47.33 16.40
C GLU D 202 13.55 46.12 17.00
N PRO D 203 13.28 46.11 18.30
CA PRO D 203 12.51 45.02 18.89
C PRO D 203 11.03 45.17 18.59
N ILE D 204 10.29 44.08 18.86
CA ILE D 204 8.85 44.04 18.62
C ILE D 204 8.15 44.45 19.91
N PRO D 205 7.39 45.55 19.93
CA PRO D 205 6.66 45.92 21.14
C PRO D 205 5.31 45.20 21.19
N LEU D 206 5.07 44.50 22.29
CA LEU D 206 3.77 43.90 22.53
C LEU D 206 3.35 44.16 23.95
N THR D 207 2.16 43.69 24.29
CA THR D 207 1.55 43.97 25.58
C THR D 207 0.90 42.68 26.06
N MET D 208 1.26 42.24 27.26
CA MET D 208 0.59 41.08 27.86
C MET D 208 -0.42 41.54 28.89
N CYS D 209 -1.67 41.12 28.71
CA CYS D 209 -2.79 41.54 29.54
C CYS D 209 -3.26 40.37 30.40
N PHE D 210 -3.63 40.70 31.64
CA PHE D 210 -4.04 39.73 32.64
C PHE D 210 -5.38 40.14 33.20
N GLY D 211 -6.24 39.15 33.47
CA GLY D 211 -7.57 39.42 33.98
C GLY D 211 -8.47 40.07 32.96
N VAL D 212 -8.47 39.50 31.76
CA VAL D 212 -9.11 40.06 30.57
C VAL D 212 -10.62 39.87 30.63
N PRO D 213 -11.41 40.57 29.81
CA PRO D 213 -12.82 40.20 29.64
C PRO D 213 -12.96 38.81 29.04
N PRO D 214 -14.03 38.09 29.39
CA PRO D 214 -14.16 36.68 28.96
C PRO D 214 -14.47 36.48 27.49
N SER D 215 -14.91 37.52 26.77
CA SER D 215 -14.91 37.43 25.32
C SER D 215 -13.49 37.47 24.76
N CYS D 216 -12.60 38.22 25.40
CA CYS D 216 -11.19 38.23 24.97
C CYS D 216 -10.44 36.98 25.43
N THR D 217 -10.92 36.31 26.49
CA THR D 217 -10.39 35.00 26.86
C THR D 217 -10.81 33.94 25.86
N TYR D 218 -11.99 34.13 25.25
CA TYR D 218 -12.60 33.16 24.35
C TYR D 218 -11.85 33.08 23.02
N VAL D 219 -11.50 34.23 22.45
CA VAL D 219 -10.77 34.24 21.18
C VAL D 219 -9.26 34.04 21.42
N ALA D 220 -8.80 34.20 22.65
CA ALA D 220 -7.39 33.95 22.96
C ALA D 220 -6.97 32.53 22.58
N GLY D 221 -7.82 31.54 22.85
CA GLY D 221 -7.51 30.16 22.53
C GLY D 221 -7.63 29.75 21.08
N ALA D 222 -8.12 30.63 20.21
CA ALA D 222 -8.21 30.34 18.78
C ALA D 222 -6.83 30.35 18.14
N GLY D 223 -6.45 29.23 17.56
CA GLY D 223 -5.18 29.16 16.87
C GLY D 223 -5.13 27.95 15.97
N PHE D 224 -4.21 28.04 14.98
CA PHE D 224 -4.01 27.10 13.88
C PHE D 224 -5.31 26.86 13.09
N ASP D 225 -5.99 27.96 12.78
CA ASP D 225 -7.16 28.00 11.93
C ASP D 225 -7.03 29.15 10.94
N TYR D 226 -5.86 29.21 10.31
CA TYR D 226 -5.40 30.43 9.66
C TYR D 226 -5.86 30.56 8.22
N ALA D 227 -6.64 29.60 7.72
CA ALA D 227 -7.40 29.82 6.50
C ALA D 227 -8.65 30.66 6.75
N ILE D 228 -9.09 30.72 8.00
CA ILE D 228 -10.25 31.51 8.38
C ILE D 228 -9.83 32.81 9.07
N LEU D 229 -8.86 32.74 9.98
CA LEU D 229 -8.39 33.91 10.72
C LEU D 229 -6.90 34.09 10.45
N PRO D 230 -6.52 34.69 9.32
CA PRO D 230 -5.10 34.80 8.99
C PRO D 230 -4.39 35.93 9.69
N LYS D 231 -3.13 36.15 9.31
CA LYS D 231 -2.39 37.32 9.75
C LYS D 231 -2.95 38.55 9.07
N GLY D 232 -3.27 39.57 9.87
CA GLY D 232 -3.97 40.74 9.37
C GLY D 232 -5.43 40.78 9.72
N CYS D 233 -5.97 39.72 10.31
CA CYS D 233 -7.35 39.70 10.77
C CYS D 233 -7.48 40.42 12.10
N ASP D 234 -8.72 40.63 12.53
CA ASP D 234 -9.01 41.36 13.76
C ASP D 234 -9.47 40.36 14.81
N GLU D 235 -8.53 39.90 15.64
CA GLU D 235 -8.85 38.90 16.64
C GLU D 235 -9.59 39.49 17.83
N ILE D 236 -9.41 40.78 18.13
CA ILE D 236 -10.28 41.46 19.09
C ILE D 236 -11.51 42.02 18.38
N GLY D 237 -11.55 41.95 17.05
CA GLY D 237 -12.79 42.20 16.35
C GLY D 237 -13.84 41.12 16.57
N ILE D 238 -13.39 39.86 16.67
CA ILE D 238 -14.29 38.76 16.98
C ILE D 238 -14.72 38.79 18.43
N ALA D 239 -13.82 39.25 19.32
CA ALA D 239 -14.15 39.37 20.74
C ALA D 239 -15.10 40.52 21.00
N GLY D 240 -15.10 41.55 20.14
CA GLY D 240 -16.13 42.56 20.22
C GLY D 240 -17.47 42.06 19.73
N ALA D 241 -17.48 41.22 18.71
CA ALA D 241 -18.73 40.77 18.12
C ALA D 241 -19.38 39.63 18.89
N ILE D 242 -18.64 38.97 19.79
CA ILE D 242 -19.22 37.92 20.60
C ILE D 242 -20.02 38.52 21.76
N GLN D 243 -19.44 39.49 22.45
CA GLN D 243 -20.12 40.12 23.58
C GLN D 243 -21.11 41.21 23.14
N GLY D 244 -21.09 41.61 21.88
CA GLY D 244 -22.03 42.58 21.36
C GLY D 244 -21.63 44.03 21.52
N SER D 245 -20.53 44.32 22.20
CA SER D 245 -20.02 45.66 22.40
C SER D 245 -18.55 45.67 22.01
N PRO D 246 -18.03 46.79 21.47
CA PRO D 246 -16.61 46.83 21.09
C PRO D 246 -15.68 46.90 22.28
N VAL D 247 -14.54 46.22 22.16
CA VAL D 247 -13.57 46.13 23.24
C VAL D 247 -12.77 47.44 23.28
N ARG D 248 -12.68 48.02 24.47
CA ARG D 248 -11.98 49.29 24.62
C ARG D 248 -10.47 49.04 24.69
N LEU D 249 -9.72 49.80 23.89
CA LEU D 249 -8.27 49.77 23.92
C LEU D 249 -7.75 51.12 24.41
N VAL D 250 -6.49 51.13 24.82
CA VAL D 250 -5.84 52.35 25.28
C VAL D 250 -4.37 52.27 24.89
N LYS D 251 -3.77 53.44 24.68
CA LYS D 251 -2.34 53.53 24.37
C LYS D 251 -1.51 53.20 25.60
N CYS D 252 -0.39 52.53 25.39
CA CYS D 252 0.56 52.28 26.46
C CYS D 252 1.26 53.56 26.89
N ARG D 253 1.72 53.58 28.14
CA ARG D 253 2.39 54.76 28.67
C ARG D 253 3.81 54.89 28.14
N THR D 254 4.53 53.78 28.00
CA THR D 254 5.93 53.80 27.58
C THR D 254 6.09 53.45 26.10
N ILE D 255 5.65 52.27 25.70
CA ILE D 255 5.88 51.78 24.34
C ILE D 255 4.77 52.27 23.42
N ASP D 256 4.98 52.13 22.11
CA ASP D 256 3.99 52.54 21.12
C ASP D 256 3.19 51.32 20.67
N ALA D 257 2.20 50.97 21.48
CA ALA D 257 1.33 49.84 21.19
C ALA D 257 -0.04 50.13 21.78
N TYR D 258 -0.86 49.09 21.90
CA TYR D 258 -2.18 49.22 22.48
C TYR D 258 -2.45 48.05 23.42
N THR D 259 -3.15 48.33 24.52
CA THR D 259 -3.52 47.31 25.50
C THR D 259 -5.01 47.01 25.38
N LEU D 260 -5.48 46.15 26.27
CA LEU D 260 -6.90 46.01 26.55
C LEU D 260 -7.19 46.81 27.80
N ALA D 261 -8.14 47.74 27.71
CA ALA D 261 -8.36 48.69 28.79
C ALA D 261 -9.08 48.08 29.98
N ASP D 262 -9.93 47.07 29.76
CA ASP D 262 -10.73 46.48 30.82
C ASP D 262 -10.07 45.26 31.45
N ALA D 263 -8.75 45.18 31.45
CA ALA D 263 -8.03 44.10 32.08
C ALA D 263 -7.74 44.45 33.53
N GLU D 264 -6.98 43.60 34.23
CA GLU D 264 -6.60 43.87 35.61
C GLU D 264 -5.12 44.16 35.76
N TYR D 265 -4.26 43.41 35.07
CA TYR D 265 -2.83 43.67 35.04
C TYR D 265 -2.38 43.71 33.59
N VAL D 266 -1.50 44.64 33.26
CA VAL D 266 -0.95 44.77 31.92
C VAL D 266 0.57 44.90 32.04
N LEU D 267 1.30 44.05 31.32
CA LEU D 267 2.73 44.16 31.16
C LEU D 267 3.03 44.80 29.82
N GLU D 268 3.85 45.85 29.83
CA GLU D 268 4.26 46.53 28.61
C GLU D 268 5.75 46.33 28.41
N GLY D 269 6.15 46.16 27.16
CA GLY D 269 7.57 46.05 26.87
C GLY D 269 7.83 45.51 25.48
N TYR D 270 9.04 45.02 25.28
CA TYR D 270 9.55 44.63 23.98
C TYR D 270 9.94 43.16 23.97
N LEU D 271 9.77 42.54 22.81
CA LEU D 271 10.16 41.15 22.59
C LEU D 271 11.44 41.12 21.77
N HIS D 272 12.44 40.40 22.26
CA HIS D 272 13.69 40.27 21.53
C HIS D 272 13.73 38.88 20.92
N PRO D 273 13.65 38.74 19.60
CA PRO D 273 13.64 37.40 19.00
C PRO D 273 15.01 36.75 18.94
N ARG D 274 16.05 37.56 18.77
CA ARG D 274 17.41 37.02 18.68
C ARG D 274 17.96 36.64 20.05
N ASP D 275 17.56 37.35 21.10
CA ASP D 275 17.97 37.02 22.46
C ASP D 275 17.14 35.84 22.96
N LYS D 276 17.77 34.69 23.12
CA LYS D 276 17.08 33.48 23.54
C LYS D 276 17.75 32.89 24.76
N ARG D 277 16.94 32.46 25.72
CA ARG D 277 17.42 31.88 26.97
C ARG D 277 16.60 30.65 27.30
N TYR D 278 17.12 29.84 28.20
CA TYR D 278 16.44 28.61 28.58
C TYR D 278 15.32 28.89 29.57
N GLU D 279 14.29 28.03 29.52
CA GLU D 279 13.12 28.23 30.37
C GLU D 279 13.37 27.81 31.81
N THR D 280 14.13 26.74 32.02
CA THR D 280 14.40 26.25 33.36
C THR D 280 15.89 26.37 33.66
N ALA D 281 16.22 26.33 34.96
CA ALA D 281 17.60 26.41 35.39
C ALA D 281 18.34 25.10 35.16
N GLU D 282 17.64 23.97 35.33
CA GLU D 282 18.28 22.67 35.19
C GLU D 282 18.46 22.26 33.73
N SER D 283 17.74 22.88 32.81
CA SER D 283 18.06 22.78 31.39
C SER D 283 19.00 23.89 30.93
N GLU D 284 19.33 24.83 31.81
CA GLU D 284 20.35 25.82 31.50
C GLU D 284 21.73 25.35 31.93
N ALA D 285 21.79 24.49 32.96
CA ALA D 285 23.07 23.94 33.38
C ALA D 285 23.58 22.88 32.41
N ALA D 286 22.67 22.01 31.97
CA ALA D 286 22.97 21.05 30.91
C ALA D 286 22.25 21.56 29.66
N ASP D 287 23.02 22.15 28.73
CA ASP D 287 22.47 22.96 27.65
C ASP D 287 21.99 22.08 26.50
N ILE D 288 20.91 21.34 26.75
CA ILE D 288 20.17 20.59 25.74
C ILE D 288 18.73 21.09 25.75
N GLN D 289 17.95 20.62 24.79
CA GLN D 289 16.55 21.01 24.67
C GLN D 289 15.69 19.78 24.43
N GLY D 290 14.51 19.75 25.03
CA GLY D 290 13.50 18.78 24.70
C GLY D 290 13.38 17.56 25.58
N ARG D 291 14.09 17.52 26.72
CA ARG D 291 13.96 16.38 27.64
C ARG D 291 13.66 16.76 29.08
N PHE D 292 13.78 18.03 29.47
CA PHE D 292 13.64 18.46 30.85
C PHE D 292 12.32 19.18 31.05
N HIS D 293 11.63 18.84 32.14
CA HIS D 293 10.23 19.23 32.33
C HIS D 293 10.10 20.70 32.72
N PHE D 294 9.06 21.34 32.21
CA PHE D 294 8.72 22.72 32.55
C PHE D 294 7.40 22.79 33.30
N HIS D 295 6.30 22.34 32.70
CA HIS D 295 4.98 22.08 33.27
C HIS D 295 4.36 21.09 32.28
N PRO D 296 3.15 20.55 32.51
CA PRO D 296 2.48 19.80 31.42
C PRO D 296 2.08 20.66 30.22
N GLU D 297 1.76 19.97 29.12
CA GLU D 297 1.42 20.60 27.87
C GLU D 297 -0.05 20.34 27.54
N TRP D 298 -0.45 20.75 26.33
CA TRP D 298 -1.85 20.70 25.91
C TRP D 298 -2.31 19.30 25.56
N ALA D 299 -1.38 18.37 25.34
CA ALA D 299 -1.72 17.02 24.92
C ALA D 299 -2.16 16.12 26.07
N GLY D 300 -1.92 16.54 27.31
CA GLY D 300 -1.98 15.62 28.43
C GLY D 300 -0.68 14.91 28.70
N TYR D 301 0.43 15.45 28.22
CA TYR D 301 1.77 14.94 28.46
C TYR D 301 2.52 16.03 29.22
N MET D 302 3.83 15.93 29.35
CA MET D 302 4.63 17.07 29.82
C MET D 302 5.22 17.82 28.64
N GLY D 303 5.09 19.14 28.67
CA GLY D 303 5.93 19.96 27.85
C GLY D 303 7.35 20.01 28.37
N LYS D 304 8.26 20.26 27.45
CA LYS D 304 9.67 20.34 27.79
C LYS D 304 10.14 21.78 27.62
N ALA D 305 11.27 22.09 28.21
CA ALA D 305 11.82 23.43 28.14
C ALA D 305 12.70 23.58 26.91
N TYR D 306 12.65 24.76 26.30
CA TYR D 306 13.39 25.01 25.08
C TYR D 306 14.10 26.36 25.18
N LYS D 307 14.67 26.82 24.07
CA LYS D 307 15.34 28.12 24.02
C LYS D 307 14.33 29.15 23.53
N ALA D 308 13.50 29.62 24.45
CA ALA D 308 12.44 30.57 24.15
C ALA D 308 13.00 31.97 23.97
N PRO D 309 12.33 32.82 23.19
CA PRO D 309 12.71 34.24 23.14
C PRO D 309 12.33 34.97 24.43
N THR D 310 12.89 36.15 24.60
CA THR D 310 12.77 36.89 25.85
C THR D 310 11.90 38.14 25.67
N PHE D 311 11.02 38.35 26.64
CA PHE D 311 10.15 39.52 26.69
C PHE D 311 10.68 40.44 27.78
N HIS D 312 11.07 41.66 27.40
CA HIS D 312 11.72 42.60 28.29
C HIS D 312 10.67 43.61 28.76
N VAL D 313 10.24 43.49 30.01
CA VAL D 313 9.14 44.33 30.52
C VAL D 313 9.69 45.70 30.87
N THR D 314 9.08 46.74 30.31
CA THR D 314 9.44 48.12 30.61
C THR D 314 8.49 48.79 31.59
N ALA D 315 7.24 48.35 31.67
CA ALA D 315 6.26 48.97 32.55
C ALA D 315 5.21 47.96 32.96
N ILE D 316 4.77 48.05 34.21
CA ILE D 316 3.66 47.24 34.74
C ILE D 316 2.54 48.18 35.11
N THR D 317 1.44 48.14 34.36
CA THR D 317 0.25 48.92 34.67
C THR D 317 -0.82 47.96 35.17
N MET D 318 -1.54 48.38 36.21
CA MET D 318 -2.38 47.48 36.99
C MET D 318 -3.45 48.34 37.65
N ARG D 319 -4.58 47.72 38.01
CA ARG D 319 -5.64 48.38 38.77
C ARG D 319 -5.22 48.70 40.21
N ARG D 320 -6.13 49.35 40.94
CA ARG D 320 -5.85 49.77 42.31
C ARG D 320 -5.85 48.57 43.26
N ARG D 321 -4.81 48.49 44.09
CA ARG D 321 -4.53 47.29 44.88
C ARG D 321 -5.48 47.14 46.06
N GLU D 322 -6.18 48.21 46.47
CA GLU D 322 -7.24 48.08 47.45
C GLU D 322 -8.50 47.45 46.86
N SER D 323 -8.67 47.51 45.54
CA SER D 323 -9.79 46.88 44.87
C SER D 323 -9.53 45.43 44.51
N LYS D 324 -8.29 44.92 44.77
CA LYS D 324 -7.83 43.54 44.67
C LYS D 324 -7.99 42.95 43.27
N PRO D 325 -7.12 43.31 42.30
CA PRO D 325 -7.29 42.83 40.92
C PRO D 325 -7.07 41.34 40.74
N ILE D 326 -7.78 40.78 39.77
CA ILE D 326 -8.01 39.34 39.67
C ILE D 326 -7.14 38.78 38.55
N ILE D 327 -6.44 37.69 38.86
CA ILE D 327 -5.71 36.93 37.87
C ILE D 327 -6.47 35.63 37.63
N PHE D 328 -6.22 35.00 36.48
CA PHE D 328 -6.89 33.76 36.09
C PHE D 328 -5.83 32.69 35.82
N PRO D 329 -5.36 31.97 36.85
CA PRO D 329 -4.49 30.81 36.58
C PRO D 329 -5.32 29.58 36.27
N LEU D 330 -4.82 28.77 35.33
CA LEU D 330 -5.56 27.59 34.93
C LEU D 330 -4.58 26.49 34.55
N GLY D 331 -4.98 25.27 34.86
CA GLY D 331 -4.24 24.11 34.43
C GLY D 331 -4.43 23.86 32.95
N VAL D 332 -3.55 23.03 32.40
CA VAL D 332 -3.51 22.87 30.95
C VAL D 332 -4.20 21.56 30.56
N HIS D 333 -4.22 20.58 31.45
CA HIS D 333 -5.11 19.44 31.26
C HIS D 333 -6.36 19.59 32.13
N THR D 334 -7.04 20.70 31.93
CA THR D 334 -8.32 20.97 32.57
C THR D 334 -9.35 21.24 31.48
N ALA D 335 -10.61 21.32 31.89
CA ALA D 335 -11.67 21.65 30.95
C ALA D 335 -11.79 23.15 30.71
N ASP D 336 -11.08 23.98 31.48
CA ASP D 336 -10.88 25.38 31.10
C ASP D 336 -10.08 25.47 29.83
N ASP D 337 -8.96 24.74 29.77
CA ASP D 337 -8.05 24.77 28.65
C ASP D 337 -8.64 24.08 27.43
N ALA D 338 -9.57 23.15 27.63
CA ALA D 338 -10.32 22.60 26.50
C ALA D 338 -11.33 23.60 25.96
N ASN D 339 -12.07 24.26 26.83
CA ASN D 339 -13.14 25.14 26.36
C ASN D 339 -12.66 26.52 25.97
N ILE D 340 -11.39 26.86 26.21
CA ILE D 340 -10.83 28.08 25.68
C ILE D 340 -10.22 27.85 24.31
N ASP D 341 -9.44 26.77 24.17
CA ASP D 341 -8.72 26.50 22.94
C ASP D 341 -9.59 25.96 21.82
N THR D 342 -10.61 25.18 22.14
CA THR D 342 -11.38 24.47 21.12
C THR D 342 -12.77 25.03 20.90
N SER D 343 -13.02 26.28 21.26
CA SER D 343 -14.38 26.79 21.13
C SER D 343 -14.56 27.65 19.88
N VAL D 344 -13.61 28.52 19.58
CA VAL D 344 -13.61 29.23 18.31
C VAL D 344 -13.13 28.30 17.20
N ARG D 345 -12.30 27.31 17.54
CA ARG D 345 -11.85 26.29 16.62
C ARG D 345 -12.95 25.35 16.17
N GLU D 346 -14.00 25.18 16.98
CA GLU D 346 -15.20 24.53 16.51
C GLU D 346 -15.92 25.37 15.47
N SER D 347 -15.93 26.69 15.66
CA SER D 347 -16.60 27.57 14.72
C SER D 347 -15.78 27.80 13.47
N ALA D 348 -14.45 27.82 13.58
CA ALA D 348 -13.59 28.08 12.43
C ALA D 348 -13.50 26.88 11.51
N ILE D 349 -13.60 25.67 12.06
CA ILE D 349 -13.73 24.47 11.22
C ILE D 349 -15.10 24.45 10.55
N PHE D 350 -16.14 24.89 11.27
CA PHE D 350 -17.48 25.07 10.72
C PHE D 350 -17.54 26.19 9.70
N ALA D 351 -16.71 27.23 9.86
CA ALA D 351 -16.64 28.28 8.86
C ALA D 351 -15.94 27.80 7.60
N LEU D 352 -14.97 26.91 7.73
CA LEU D 352 -14.24 26.39 6.57
C LEU D 352 -15.09 25.43 5.76
N CYS D 353 -15.90 24.62 6.43
CA CYS D 353 -16.77 23.68 5.74
C CYS D 353 -17.96 24.38 5.11
N GLU D 354 -18.44 25.48 5.71
CA GLU D 354 -19.46 26.29 5.06
C GLU D 354 -18.89 27.14 3.95
N ARG D 355 -17.59 27.41 3.95
CA ARG D 355 -16.97 28.12 2.83
C ARG D 355 -16.84 27.22 1.62
N LEU D 356 -16.50 25.95 1.84
CA LEU D 356 -16.22 25.02 0.75
C LEU D 356 -17.49 24.56 0.05
N GLN D 357 -18.44 24.05 0.81
CA GLN D 357 -19.76 23.71 0.31
C GLN D 357 -20.77 23.85 1.43
N PRO D 358 -21.65 24.85 1.41
CA PRO D 358 -22.56 25.09 2.53
C PRO D 358 -23.73 24.13 2.52
N GLY D 359 -24.33 23.98 3.70
CA GLY D 359 -25.51 23.18 3.88
C GLY D 359 -25.27 21.72 4.17
N ILE D 360 -24.04 21.26 4.17
CA ILE D 360 -23.72 19.86 4.39
C ILE D 360 -23.35 19.59 5.84
N VAL D 361 -22.40 20.34 6.37
CA VAL D 361 -21.95 20.14 7.75
C VAL D 361 -22.95 20.79 8.70
N GLN D 362 -23.52 19.99 9.60
CA GLN D 362 -24.51 20.46 10.55
C GLN D 362 -23.89 20.91 11.87
N ASN D 363 -22.92 20.16 12.37
CA ASN D 363 -22.35 20.44 13.69
C ASN D 363 -20.88 20.05 13.70
N VAL D 364 -20.09 20.84 14.40
CA VAL D 364 -18.68 20.56 14.63
C VAL D 364 -18.46 20.52 16.13
N HIS D 365 -17.91 19.42 16.64
CA HIS D 365 -17.61 19.30 18.05
C HIS D 365 -16.16 18.87 18.24
N ILE D 366 -15.44 19.60 19.07
CA ILE D 366 -14.13 19.20 19.57
C ILE D 366 -14.24 18.99 21.07
N PRO D 367 -14.15 17.77 21.57
CA PRO D 367 -14.28 17.55 23.01
C PRO D 367 -13.00 17.78 23.79
N TYR D 368 -13.09 17.50 25.09
CA TYR D 368 -11.95 17.52 26.00
C TYR D 368 -10.95 16.43 25.64
N CYS D 369 -11.44 15.28 25.20
CA CYS D 369 -10.64 14.10 24.99
C CYS D 369 -9.79 14.13 23.72
N MET D 370 -10.01 15.07 22.80
CA MET D 370 -9.18 15.21 21.61
C MET D 370 -8.17 16.35 21.73
N THR D 371 -7.81 16.70 22.96
CA THR D 371 -6.81 17.70 23.43
C THR D 371 -7.21 19.08 22.89
N ASP D 372 -6.25 19.92 22.53
CA ASP D 372 -6.55 21.23 21.96
C ASP D 372 -6.57 21.17 20.44
N TRP D 373 -5.44 20.79 19.85
CA TRP D 373 -5.30 20.74 18.41
C TRP D 373 -5.04 19.33 17.93
N GLY D 374 -5.50 18.34 18.69
CA GLY D 374 -5.27 16.96 18.34
C GLY D 374 -6.28 16.43 17.35
N GLY D 375 -7.54 16.79 17.50
CA GLY D 375 -8.56 16.24 16.62
C GLY D 375 -9.84 17.03 16.64
N CYS D 376 -10.79 16.59 15.83
CA CYS D 376 -12.12 17.18 15.74
C CYS D 376 -13.10 16.15 15.22
N ILE D 377 -14.38 16.38 15.51
CA ILE D 377 -15.48 15.60 14.95
C ILE D 377 -16.43 16.55 14.25
N ILE D 378 -16.69 16.29 12.97
CA ILE D 378 -17.72 17.02 12.24
C ILE D 378 -18.88 16.08 11.96
N GLN D 379 -20.02 16.67 11.65
CA GLN D 379 -21.26 15.93 11.39
C GLN D 379 -21.85 16.44 10.10
N VAL D 380 -21.93 15.58 9.10
CA VAL D 380 -22.38 15.98 7.77
C VAL D 380 -23.77 15.43 7.52
N LYS D 381 -24.42 15.97 6.49
CA LYS D 381 -25.72 15.48 6.05
C LYS D 381 -25.74 15.53 4.53
N LYS D 382 -25.91 14.35 3.91
CA LYS D 382 -25.88 14.24 2.47
C LYS D 382 -27.30 14.36 1.95
N ARG D 383 -27.58 15.43 1.21
CA ARG D 383 -28.93 15.67 0.71
C ARG D 383 -29.23 14.91 -0.57
N ASN D 384 -28.24 14.73 -1.44
CA ASN D 384 -28.46 14.05 -2.71
C ASN D 384 -27.19 13.31 -3.10
N GLN D 385 -27.16 12.81 -4.34
CA GLN D 385 -26.06 12.00 -4.84
C GLN D 385 -24.81 12.83 -5.13
N ILE D 386 -25.00 14.11 -5.48
CA ILE D 386 -23.89 15.00 -5.80
C ILE D 386 -23.13 15.37 -4.53
N GLU D 387 -23.83 15.54 -3.41
CA GLU D 387 -23.19 15.87 -2.14
C GLU D 387 -22.56 14.67 -1.45
N GLU D 388 -22.75 13.46 -1.95
CA GLU D 388 -22.05 12.29 -1.46
C GLU D 388 -20.57 12.38 -1.84
N GLY D 389 -19.69 12.13 -0.88
CA GLY D 389 -18.27 12.25 -1.10
C GLY D 389 -17.70 13.60 -0.74
N TRP D 390 -18.54 14.56 -0.35
CA TRP D 390 -18.05 15.87 0.03
C TRP D 390 -17.40 15.88 1.40
N GLN D 391 -17.70 14.90 2.24
CA GLN D 391 -17.10 14.83 3.54
C GLN D 391 -15.65 14.35 3.50
N ARG D 392 -15.22 13.70 2.42
CA ARG D 392 -13.81 13.38 2.27
C ARG D 392 -13.02 14.60 1.84
N ASN D 393 -13.66 15.52 1.12
CA ASN D 393 -13.04 16.82 0.84
C ASN D 393 -12.94 17.66 2.09
N PHE D 394 -13.89 17.51 3.02
CA PHE D 394 -13.86 18.27 4.27
C PHE D 394 -12.75 17.79 5.19
N LEU D 395 -12.59 16.46 5.31
CA LEU D 395 -11.59 15.89 6.22
C LEU D 395 -10.17 16.10 5.73
N ALA D 396 -9.98 16.19 4.41
CA ALA D 396 -8.66 16.54 3.89
C ALA D 396 -8.38 18.02 4.09
N ALA D 397 -9.40 18.87 3.98
CA ALA D 397 -9.20 20.30 4.15
C ALA D 397 -9.07 20.69 5.60
N ILE D 398 -9.70 19.95 6.52
CA ILE D 398 -9.56 20.22 7.94
C ILE D 398 -8.16 19.84 8.42
N LEU D 399 -7.67 18.67 7.98
CA LEU D 399 -6.36 18.17 8.39
C LEU D 399 -5.20 18.92 7.77
N ALA D 400 -5.42 19.63 6.66
CA ALA D 400 -4.35 20.41 6.06
C ALA D 400 -4.33 21.85 6.55
N CYS D 401 -5.49 22.48 6.70
CA CYS D 401 -5.52 23.87 7.12
C CYS D 401 -5.35 24.05 8.63
N SER D 402 -5.50 23.00 9.41
CA SER D 402 -5.19 23.04 10.83
C SER D 402 -3.89 22.28 11.05
N GLN D 403 -2.90 22.97 11.60
CA GLN D 403 -1.57 22.40 11.75
C GLN D 403 -1.55 21.48 12.97
N GLY D 404 -1.21 20.22 12.74
CA GLY D 404 -1.04 19.27 13.82
C GLY D 404 -2.29 18.56 14.27
N MET D 405 -3.40 18.67 13.55
CA MET D 405 -4.53 17.78 13.77
C MET D 405 -4.16 16.35 13.38
N ARG D 406 -4.52 15.40 14.24
CA ARG D 406 -4.22 14.01 13.98
C ARG D 406 -5.44 13.12 13.79
N LEU D 407 -6.64 13.57 14.14
CA LEU D 407 -7.79 12.65 14.07
C LEU D 407 -9.06 13.43 13.76
N ALA D 408 -9.38 13.54 12.49
CA ALA D 408 -10.64 14.16 12.06
C ALA D 408 -11.62 13.06 11.69
N ILE D 409 -12.78 13.07 12.35
CA ILE D 409 -13.80 12.03 12.16
C ILE D 409 -15.06 12.71 11.62
N ALA D 410 -15.58 12.20 10.51
CA ALA D 410 -16.85 12.65 9.97
C ALA D 410 -17.90 11.60 10.27
N VAL D 411 -19.00 12.03 10.90
CA VAL D 411 -20.11 11.13 11.22
C VAL D 411 -21.37 11.65 10.55
N SER D 412 -22.40 10.81 10.54
CA SER D 412 -23.65 11.14 9.89
C SER D 412 -24.57 11.89 10.85
N GLU D 413 -25.80 12.15 10.39
CA GLU D 413 -26.71 13.02 11.11
C GLU D 413 -27.47 12.32 12.23
N ASP D 414 -27.43 11.00 12.30
CA ASP D 414 -28.15 10.25 13.32
C ASP D 414 -27.26 9.89 14.51
N VAL D 415 -26.15 10.59 14.68
CA VAL D 415 -25.18 10.32 15.74
C VAL D 415 -25.23 11.47 16.74
N ASP D 416 -25.21 11.14 18.02
CA ASP D 416 -24.95 12.14 19.04
C ASP D 416 -23.48 12.53 18.98
N ILE D 417 -23.20 13.79 18.67
CA ILE D 417 -21.83 14.21 18.48
C ILE D 417 -21.13 14.49 19.81
N TYR D 418 -21.87 14.61 20.91
CA TYR D 418 -21.27 14.88 22.21
C TYR D 418 -21.06 13.64 23.04
N SER D 419 -21.86 12.60 22.81
CA SER D 419 -21.67 11.31 23.47
C SER D 419 -20.50 10.61 22.81
N MET D 420 -19.50 10.24 23.60
CA MET D 420 -18.26 9.76 22.99
C MET D 420 -18.30 8.26 22.81
N ASP D 421 -19.26 7.60 23.42
CA ASP D 421 -19.51 6.19 23.12
C ASP D 421 -20.21 6.04 21.79
N ASP D 422 -20.95 7.07 21.36
CA ASP D 422 -21.60 7.04 20.06
C ASP D 422 -20.61 7.23 18.92
N ILE D 423 -19.47 7.86 19.16
CA ILE D 423 -18.43 7.99 18.15
C ILE D 423 -17.69 6.67 17.95
N MET D 424 -17.39 5.97 19.06
CA MET D 424 -16.85 4.60 19.02
C MET D 424 -17.79 3.59 18.38
N TRP D 425 -19.10 3.81 18.47
CA TRP D 425 -20.06 2.96 17.77
C TRP D 425 -20.00 3.17 16.26
N CYS D 426 -19.69 4.38 15.82
CA CYS D 426 -19.51 4.61 14.39
C CYS D 426 -18.17 4.10 13.87
N LEU D 427 -17.16 4.02 14.74
CA LEU D 427 -15.88 3.44 14.33
C LEU D 427 -15.97 1.93 14.19
N THR D 428 -16.83 1.30 14.98
CA THR D 428 -17.01 -0.14 14.89
C THR D 428 -17.82 -0.52 13.66
N THR D 429 -18.90 0.20 13.38
CA THR D 429 -19.90 -0.27 12.43
C THR D 429 -19.83 0.38 11.05
N ARG D 430 -19.45 1.67 10.96
CA ARG D 430 -19.59 2.41 9.71
C ARG D 430 -18.27 2.69 9.01
N VAL D 431 -17.17 2.08 9.44
CA VAL D 431 -15.85 2.38 8.92
C VAL D 431 -15.32 1.17 8.16
N ASN D 432 -15.08 1.36 6.87
CA ASN D 432 -14.25 0.42 6.11
C ASN D 432 -12.79 0.71 6.43
N PRO D 433 -12.02 -0.27 6.91
CA PRO D 433 -10.60 0.00 7.22
C PRO D 433 -9.69 0.12 6.00
N GLN D 434 -10.16 -0.26 4.81
CA GLN D 434 -9.37 -0.11 3.60
C GLN D 434 -9.64 1.22 2.89
N THR D 435 -10.89 1.68 2.86
CA THR D 435 -11.25 2.86 2.08
C THR D 435 -11.53 4.10 2.90
N ASP D 436 -12.03 3.97 4.12
CA ASP D 436 -12.54 5.13 4.85
C ASP D 436 -11.52 5.72 5.82
N ILE D 437 -10.26 5.35 5.73
CA ILE D 437 -9.20 5.95 6.53
C ILE D 437 -8.32 6.76 5.60
N LEU D 438 -8.23 8.06 5.86
CA LEU D 438 -7.47 8.98 5.03
C LEU D 438 -6.16 9.32 5.70
N ASN D 439 -5.08 9.34 4.93
CA ASN D 439 -3.78 9.80 5.38
C ASN D 439 -3.33 10.85 4.37
N PRO D 440 -3.78 12.10 4.53
CA PRO D 440 -3.65 13.07 3.43
C PRO D 440 -2.28 13.68 3.24
N LEU D 441 -1.56 13.96 4.31
CA LEU D 441 -0.28 14.66 4.24
C LEU D 441 0.84 13.95 5.01
N PRO D 442 1.30 12.76 4.52
CA PRO D 442 2.31 12.00 5.27
C PRO D 442 3.71 12.58 5.07
N GLY D 443 4.23 13.20 6.12
CA GLY D 443 5.48 13.91 6.03
C GLY D 443 5.37 15.40 6.06
N GLY D 444 4.20 15.95 6.37
CA GLY D 444 3.99 17.37 6.43
C GLY D 444 4.36 17.96 7.78
N ARG D 445 3.65 19.01 8.16
CA ARG D 445 3.94 19.73 9.40
C ARG D 445 2.94 19.29 10.48
N GLY D 446 3.46 18.79 11.59
CA GLY D 446 2.62 18.44 12.72
C GLY D 446 2.94 19.31 13.90
N GLN D 447 2.74 18.79 15.11
CA GLN D 447 3.11 19.48 16.34
C GLN D 447 4.24 18.72 17.02
N THR D 448 5.29 19.45 17.38
CA THR D 448 6.47 18.83 17.98
C THR D 448 6.29 18.50 19.46
N PHE D 449 5.25 19.02 20.10
CA PHE D 449 4.99 18.73 21.51
C PHE D 449 4.44 17.31 21.68
N MET D 450 3.51 16.92 20.83
CA MET D 450 2.81 15.65 20.97
C MET D 450 3.50 14.59 20.11
N PRO D 451 4.08 13.52 20.70
CA PRO D 451 4.97 12.60 19.98
C PRO D 451 4.23 11.61 19.08
N SER D 465 12.33 15.04 1.33
CA SER D 465 11.64 16.30 1.53
C SER D 465 10.38 16.12 2.38
N ASN D 466 10.55 15.53 3.57
CA ASN D 466 9.44 15.27 4.46
C ASN D 466 9.94 15.26 5.90
N THR D 467 9.01 15.44 6.84
CA THR D 467 9.31 15.47 8.25
C THR D 467 8.90 14.15 8.91
N GLN D 468 8.93 14.14 10.24
CA GLN D 468 8.58 12.98 11.04
C GLN D 468 7.09 12.89 11.34
N PHE D 469 6.27 13.82 10.84
CA PHE D 469 4.84 13.78 11.05
C PHE D 469 4.21 12.69 10.18
N GLU D 470 3.34 11.90 10.80
CA GLU D 470 2.82 10.70 10.14
C GLU D 470 1.64 10.97 9.23
N GLY D 471 1.01 12.14 9.32
CA GLY D 471 0.03 12.50 8.33
C GLY D 471 -1.34 12.88 8.81
N GLY D 472 -1.70 12.47 10.02
CA GLY D 472 -3.05 12.63 10.49
C GLY D 472 -3.93 11.50 10.02
N MET D 473 -5.18 11.52 10.48
CA MET D 473 -6.10 10.43 10.18
C MET D 473 -7.47 11.01 9.92
N GLY D 474 -7.93 10.94 8.68
CA GLY D 474 -9.29 11.27 8.37
C GLY D 474 -10.13 10.02 8.33
N ILE D 475 -11.12 9.91 9.21
CA ILE D 475 -11.94 8.71 9.31
C ILE D 475 -13.34 9.04 8.84
N ASP D 476 -13.78 8.35 7.79
CA ASP D 476 -15.10 8.53 7.22
C ASP D 476 -16.03 7.50 7.84
N ALA D 477 -16.66 7.89 8.95
CA ALA D 477 -17.66 7.06 9.62
C ALA D 477 -19.07 7.40 9.20
N THR D 478 -19.25 8.02 8.04
CA THR D 478 -20.55 8.35 7.53
C THR D 478 -21.15 7.19 6.76
N VAL D 479 -22.46 7.22 6.58
CA VAL D 479 -23.16 6.24 5.77
C VAL D 479 -23.05 6.70 4.31
N PRO D 480 -23.14 5.81 3.33
CA PRO D 480 -23.30 6.26 1.95
C PRO D 480 -24.69 6.79 1.71
N TYR D 481 -24.81 7.65 0.70
CA TYR D 481 -26.13 8.14 0.30
C TYR D 481 -26.87 7.05 -0.46
N GLY D 482 -28.13 6.83 -0.10
CA GLY D 482 -28.93 5.78 -0.66
C GLY D 482 -28.90 4.48 0.10
N TYR D 483 -27.88 4.28 0.95
CA TYR D 483 -27.81 3.14 1.85
C TYR D 483 -28.22 3.52 3.27
N GLU D 484 -29.05 4.56 3.41
CA GLU D 484 -29.49 5.00 4.71
C GLU D 484 -30.51 4.07 5.33
N SER D 485 -31.24 3.29 4.53
CA SER D 485 -32.20 2.34 5.06
C SER D 485 -31.52 1.11 5.64
N ASP D 486 -30.38 0.70 5.05
CA ASP D 486 -29.62 -0.41 5.62
C ASP D 486 -28.87 -0.01 6.88
N PHE D 487 -28.53 1.27 7.02
CA PHE D 487 -27.78 1.77 8.16
C PHE D 487 -28.64 2.57 9.13
N HIS D 488 -29.96 2.38 9.11
CA HIS D 488 -30.83 3.20 9.96
C HIS D 488 -30.86 2.60 11.35
N ARG D 489 -30.62 3.43 12.35
CA ARG D 489 -30.71 3.00 13.73
C ARG D 489 -32.18 2.94 14.14
N PRO D 490 -32.68 1.80 14.61
CA PRO D 490 -34.09 1.74 15.00
C PRO D 490 -34.36 2.43 16.33
N VAL D 491 -35.57 2.97 16.44
CA VAL D 491 -35.97 3.81 17.56
C VAL D 491 -37.01 3.06 18.37
N TYR D 492 -36.70 2.80 19.63
CA TYR D 492 -37.63 2.16 20.54
C TYR D 492 -38.72 3.14 20.97
N GLY D 493 -39.82 2.60 21.47
CA GLY D 493 -40.94 3.43 21.88
C GLY D 493 -40.79 4.05 23.25
N VAL D 494 -39.89 5.03 23.38
CA VAL D 494 -39.70 5.71 24.66
C VAL D 494 -40.68 6.86 24.86
N ASP D 495 -41.41 7.25 23.82
CA ASP D 495 -42.43 8.29 23.94
C ASP D 495 -43.85 7.73 23.88
N LEU D 496 -44.02 6.50 23.42
CA LEU D 496 -45.34 5.88 23.40
C LEU D 496 -45.75 5.34 24.76
N VAL D 497 -44.81 5.17 25.68
CA VAL D 497 -45.10 4.69 27.01
C VAL D 497 -44.65 5.76 28.01
N LYS D 498 -45.34 5.82 29.15
CA LYS D 498 -45.01 6.75 30.21
C LYS D 498 -44.66 5.97 31.47
N PRO D 499 -43.51 6.22 32.09
CA PRO D 499 -43.13 5.45 33.30
C PRO D 499 -43.85 5.87 34.56
N GLU D 500 -44.58 6.99 34.55
CA GLU D 500 -45.35 7.41 35.72
C GLU D 500 -46.61 6.58 35.93
N ASN D 501 -47.10 5.91 34.88
CA ASN D 501 -48.27 5.07 35.01
C ASN D 501 -47.96 3.71 35.63
N PHE D 502 -46.69 3.32 35.67
CA PHE D 502 -46.30 2.01 36.17
C PHE D 502 -45.63 2.04 37.53
N PHE D 503 -44.81 3.05 37.80
CA PHE D 503 -44.10 3.14 39.06
C PHE D 503 -44.38 4.48 39.72
N ASP D 504 -44.20 4.52 41.04
CA ASP D 504 -44.26 5.76 41.77
C ASP D 504 -42.95 6.52 41.62
N ALA D 505 -42.95 7.77 42.11
CA ALA D 505 -41.82 8.68 41.93
C ALA D 505 -40.61 8.34 42.79
N LYS D 506 -40.79 7.51 43.83
CA LYS D 506 -39.65 6.95 44.55
C LYS D 506 -38.91 5.94 43.68
N ASP D 507 -39.65 5.10 42.96
CA ASP D 507 -39.02 4.08 42.13
C ASP D 507 -38.45 4.62 40.83
N ILE D 508 -38.86 5.79 40.37
CA ILE D 508 -38.29 6.37 39.16
C ILE D 508 -36.90 6.93 39.46
N ASP D 509 -36.77 7.70 40.55
CA ASP D 509 -35.51 8.34 40.88
C ASP D 509 -34.49 7.38 41.47
N LYS D 510 -34.93 6.22 41.98
CA LYS D 510 -33.99 5.15 42.30
C LYS D 510 -33.44 4.53 41.03
N MET D 511 -34.27 4.41 40.00
CA MET D 511 -33.88 3.73 38.78
C MET D 511 -33.15 4.66 37.81
N LYS D 512 -33.41 5.96 37.89
CA LYS D 512 -32.72 6.92 37.03
C LYS D 512 -31.37 7.37 37.57
N SER D 513 -31.07 7.08 38.85
CA SER D 513 -29.82 7.53 39.43
C SER D 513 -28.65 6.59 39.14
N ARG D 514 -28.90 5.43 38.54
CA ARG D 514 -27.85 4.50 38.19
C ARG D 514 -27.49 4.56 36.71
N MET D 515 -27.95 5.59 36.01
CA MET D 515 -27.78 5.71 34.57
C MET D 515 -26.71 6.75 34.28
N ALA D 516 -25.64 6.34 33.60
CA ALA D 516 -24.55 7.24 33.26
C ALA D 516 -23.84 6.72 32.02
N GLY D 517 -23.39 7.65 31.20
CA GLY D 517 -22.58 7.31 30.03
C GLY D 517 -23.40 7.31 28.76
N TRP D 518 -23.37 6.20 28.03
CA TRP D 518 -24.10 6.09 26.77
C TRP D 518 -25.60 5.92 26.98
N VAL D 519 -26.01 5.43 28.15
CA VAL D 519 -27.42 5.15 28.38
C VAL D 519 -28.22 6.42 28.64
N LEU D 520 -27.58 7.53 29.00
CA LEU D 520 -28.29 8.79 29.11
C LEU D 520 -28.62 9.36 27.73
N SER D 521 -27.71 9.16 26.77
CA SER D 521 -27.97 9.59 25.41
C SER D 521 -28.93 8.65 24.68
N LEU D 522 -28.88 7.36 24.97
CA LEU D 522 -29.73 6.41 24.27
C LEU D 522 -31.16 6.40 24.79
N ALA D 523 -31.38 6.73 26.06
CA ALA D 523 -32.74 6.83 26.57
C ALA D 523 -33.45 8.09 26.13
N ARG D 524 -32.71 9.13 25.79
CA ARG D 524 -33.32 10.38 25.33
C ARG D 524 -33.82 10.23 23.90
N THR D 525 -32.97 9.71 23.01
CA THR D 525 -33.35 9.55 21.62
C THR D 525 -34.15 8.28 21.35
N GLY D 526 -34.15 7.33 22.28
CA GLY D 526 -34.80 6.06 22.05
C GLY D 526 -34.03 5.13 21.15
N ARG D 527 -32.74 5.38 20.94
CA ARG D 527 -31.97 4.71 19.91
C ARG D 527 -31.36 3.41 20.40
N ALA E 13 -27.54 62.38 -25.19
CA ALA E 13 -27.22 62.03 -26.57
C ALA E 13 -26.54 60.67 -26.64
N GLU E 14 -25.40 60.55 -25.99
CA GLU E 14 -24.65 59.29 -25.98
C GLU E 14 -23.96 59.14 -24.63
N ARG E 15 -24.05 57.95 -24.05
CA ARG E 15 -23.45 57.66 -22.75
C ARG E 15 -22.15 56.88 -22.94
N VAL E 16 -21.19 57.15 -22.08
CA VAL E 16 -19.85 56.60 -22.19
C VAL E 16 -19.52 55.82 -20.90
N GLY E 17 -19.04 54.60 -21.06
CA GLY E 17 -18.61 53.82 -19.92
C GLY E 17 -17.27 54.29 -19.37
N GLU E 18 -16.98 53.84 -18.15
CA GLU E 18 -15.74 54.26 -17.49
C GLU E 18 -14.54 53.48 -18.01
N LYS E 19 -14.55 52.16 -17.84
CA LYS E 19 -13.44 51.29 -18.22
C LYS E 19 -13.96 50.07 -18.94
N ASP E 20 -14.82 50.29 -19.93
CA ASP E 20 -15.55 49.22 -20.60
C ASP E 20 -14.73 48.61 -21.71
N LEU E 21 -15.38 47.80 -22.56
CA LEU E 21 -14.70 47.12 -23.66
C LEU E 21 -14.37 48.08 -24.79
N ARG E 22 -15.14 49.16 -24.95
CA ARG E 22 -14.85 50.14 -25.99
C ARG E 22 -13.64 50.99 -25.64
N ALA E 23 -13.43 51.24 -24.35
CA ALA E 23 -12.24 51.98 -23.93
C ALA E 23 -11.00 51.10 -23.99
N ALA E 24 -11.16 49.80 -23.78
CA ALA E 24 -10.03 48.88 -23.91
C ALA E 24 -9.66 48.63 -25.35
N LEU E 25 -10.64 48.71 -26.26
CA LEU E 25 -10.36 48.56 -27.68
C LEU E 25 -9.63 49.76 -28.25
N GLU E 26 -9.87 50.95 -27.69
CA GLU E 26 -9.13 52.13 -28.11
C GLU E 26 -7.71 52.12 -27.56
N TRP E 27 -7.49 51.47 -26.43
CA TRP E 27 -6.14 51.33 -25.89
C TRP E 27 -5.32 50.32 -26.70
N PHE E 28 -5.98 49.32 -27.29
CA PHE E 28 -5.27 48.35 -28.13
C PHE E 28 -4.92 48.96 -29.48
N ARG E 29 -5.69 49.94 -29.94
CA ARG E 29 -5.36 50.63 -31.19
C ARG E 29 -4.17 51.56 -31.02
N SER E 30 -3.98 52.11 -29.82
CA SER E 30 -2.87 53.02 -29.58
C SER E 30 -1.55 52.27 -29.46
N LYS E 31 -1.56 51.06 -28.91
CA LYS E 31 -0.36 50.26 -28.79
C LYS E 31 -0.13 49.37 -30.01
N GLY E 32 -1.05 49.38 -30.98
CA GLY E 32 -0.90 48.55 -32.15
C GLY E 32 -1.22 47.09 -31.94
N TYR E 33 -1.91 46.74 -30.86
CA TYR E 33 -2.22 45.35 -30.56
C TYR E 33 -3.51 44.86 -31.19
N LEU E 34 -4.30 45.74 -31.78
CA LEU E 34 -5.61 45.38 -32.32
C LEU E 34 -5.49 45.10 -33.81
N VAL E 35 -6.02 43.97 -34.24
CA VAL E 35 -6.07 43.60 -35.65
C VAL E 35 -7.54 43.55 -36.06
N GLU E 36 -7.93 44.44 -36.97
CA GLU E 36 -9.33 44.53 -37.38
C GLU E 36 -9.47 44.09 -38.84
N THR E 37 -10.71 43.76 -39.19
CA THR E 37 -11.04 43.38 -40.55
C THR E 37 -12.49 43.75 -40.83
N ASN E 38 -12.82 43.84 -42.11
CA ASN E 38 -14.18 44.16 -42.54
C ASN E 38 -14.79 43.05 -43.39
N LYS E 39 -14.12 41.92 -43.52
CA LYS E 39 -14.69 40.77 -44.21
C LYS E 39 -15.74 40.10 -43.33
N GLU E 40 -16.74 39.51 -43.98
CA GLU E 40 -17.85 38.92 -43.25
C GLU E 40 -17.44 37.55 -42.75
N VAL E 41 -17.08 37.46 -41.47
CA VAL E 41 -16.78 36.19 -40.85
C VAL E 41 -18.09 35.45 -40.55
N ASN E 42 -18.00 34.13 -40.47
CA ASN E 42 -19.11 33.26 -40.12
C ASN E 42 -19.07 32.94 -38.65
N PRO E 43 -20.21 33.00 -37.94
CA PRO E 43 -20.26 32.41 -36.59
C PRO E 43 -20.18 30.89 -36.58
N ASP E 44 -20.55 30.23 -37.68
CA ASP E 44 -20.39 28.78 -37.80
C ASP E 44 -18.98 28.49 -38.32
N LEU E 45 -18.13 28.02 -37.39
CA LEU E 45 -16.82 27.37 -37.64
C LEU E 45 -15.80 28.29 -38.31
N GLU E 46 -15.87 29.59 -38.07
CA GLU E 46 -14.88 30.50 -38.65
C GLU E 46 -14.31 31.44 -37.62
N ILE E 47 -15.08 31.74 -36.56
CA ILE E 47 -14.56 32.56 -35.48
C ILE E 47 -13.61 31.76 -34.62
N THR E 48 -14.04 30.57 -34.18
CA THR E 48 -13.19 29.70 -33.39
C THR E 48 -12.14 28.98 -34.22
N GLY E 49 -12.35 28.87 -35.54
CA GLY E 49 -11.31 28.38 -36.41
C GLY E 49 -10.15 29.35 -36.55
N LEU E 50 -10.45 30.64 -36.68
CA LEU E 50 -9.42 31.67 -36.72
C LEU E 50 -8.83 31.94 -35.35
N GLN E 51 -9.56 31.63 -34.29
CA GLN E 51 -9.01 31.75 -32.94
C GLN E 51 -7.99 30.66 -32.64
N LYS E 52 -8.19 29.46 -33.20
CA LYS E 52 -7.27 28.37 -32.97
C LYS E 52 -5.97 28.50 -33.77
N ILE E 53 -6.04 29.17 -34.93
CA ILE E 53 -4.84 29.46 -35.71
C ILE E 53 -3.95 30.47 -35.00
N PHE E 54 -4.56 31.46 -34.38
CA PHE E 54 -3.83 32.51 -33.69
C PHE E 54 -4.06 32.43 -32.19
N ASP E 55 -3.93 31.23 -31.65
CA ASP E 55 -4.07 30.98 -30.22
C ASP E 55 -2.93 31.61 -29.44
N GLY E 56 -3.27 32.32 -28.37
CA GLY E 56 -2.31 33.03 -27.54
C GLY E 56 -1.66 34.21 -28.23
N SER E 57 -2.45 35.03 -28.90
CA SER E 57 -1.91 36.09 -29.74
C SER E 57 -2.76 37.33 -29.57
N LEU E 58 -2.63 38.26 -30.53
CA LEU E 58 -3.23 39.59 -30.47
C LEU E 58 -4.75 39.54 -30.60
N PRO E 59 -5.47 40.54 -30.05
CA PRO E 59 -6.93 40.58 -30.22
C PRO E 59 -7.38 40.86 -31.65
N MET E 60 -8.37 40.10 -32.09
CA MET E 60 -8.89 40.13 -33.45
C MET E 60 -10.32 40.67 -33.38
N LEU E 61 -10.60 41.72 -34.16
CA LEU E 61 -11.90 42.36 -34.16
C LEU E 61 -12.57 42.11 -35.50
N PHE E 62 -13.78 41.56 -35.46
CA PHE E 62 -14.58 41.28 -36.66
C PHE E 62 -15.72 42.29 -36.71
N ASN E 63 -15.66 43.20 -37.68
CA ASN E 63 -16.71 44.20 -37.82
C ASN E 63 -17.97 43.62 -38.44
N ASN E 64 -17.82 42.71 -39.40
CA ASN E 64 -18.94 42.12 -40.11
C ASN E 64 -19.06 40.65 -39.73
N VAL E 65 -20.18 40.30 -39.09
CA VAL E 65 -20.51 38.92 -38.74
C VAL E 65 -21.70 38.51 -39.58
N LYS E 66 -21.69 37.25 -40.06
CA LYS E 66 -22.72 36.74 -40.95
C LYS E 66 -24.04 36.54 -40.22
N ASP E 67 -25.13 37.07 -40.83
CA ASP E 67 -26.49 37.20 -40.31
C ASP E 67 -26.56 37.94 -38.98
N MET E 68 -25.68 38.93 -38.80
CA MET E 68 -25.61 39.74 -37.59
C MET E 68 -25.33 41.16 -38.04
N PRO E 69 -26.38 41.91 -38.44
CA PRO E 69 -26.14 43.23 -39.02
C PRO E 69 -25.83 44.32 -38.02
N HIS E 70 -26.04 44.07 -36.73
CA HIS E 70 -25.76 45.05 -35.69
C HIS E 70 -24.65 44.63 -34.74
N ALA E 71 -24.16 43.39 -34.83
CA ALA E 71 -23.21 42.87 -33.87
C ALA E 71 -21.79 42.95 -34.41
N ARG E 72 -20.86 43.32 -33.54
CA ARG E 72 -19.43 43.20 -33.79
C ARG E 72 -18.89 42.09 -32.88
N ALA E 73 -17.81 41.46 -33.32
CA ALA E 73 -17.24 40.35 -32.57
C ALA E 73 -15.75 40.61 -32.34
N ILE E 74 -15.34 40.54 -31.08
CA ILE E 74 -13.93 40.57 -30.71
C ILE E 74 -13.56 39.15 -30.28
N THR E 75 -12.35 38.72 -30.64
CA THR E 75 -11.84 37.45 -30.15
C THR E 75 -10.34 37.62 -29.91
N ASN E 76 -9.79 36.63 -29.19
CA ASN E 76 -8.39 36.54 -28.74
C ASN E 76 -7.97 37.72 -27.87
N LEU E 77 -8.91 38.22 -27.06
CA LEU E 77 -8.66 39.40 -26.24
C LEU E 77 -7.80 39.09 -25.04
N PHE E 78 -7.94 37.89 -24.47
CA PHE E 78 -7.12 37.45 -23.35
C PHE E 78 -6.12 36.39 -23.80
N GLY E 79 -5.69 36.44 -25.06
CA GLY E 79 -4.81 35.43 -25.62
C GLY E 79 -3.38 35.55 -25.13
N ASP E 80 -2.75 36.68 -25.43
CA ASP E 80 -1.44 36.97 -24.88
C ASP E 80 -1.61 37.52 -23.48
N ILE E 81 -0.90 36.94 -22.52
CA ILE E 81 -0.94 37.45 -21.14
C ILE E 81 -0.05 38.66 -20.97
N ARG E 82 0.84 38.95 -21.93
CA ARG E 82 1.66 40.14 -21.86
C ARG E 82 0.89 41.41 -22.20
N VAL E 83 -0.22 41.29 -22.93
CA VAL E 83 -1.04 42.46 -23.22
C VAL E 83 -2.23 42.58 -22.27
N VAL E 84 -2.57 41.52 -21.55
CA VAL E 84 -3.49 41.65 -20.42
C VAL E 84 -2.81 42.35 -19.26
N GLU E 85 -1.54 42.01 -19.01
CA GLU E 85 -0.76 42.63 -17.95
C GLU E 85 -0.38 44.07 -18.27
N GLU E 86 -0.22 44.39 -19.56
CA GLU E 86 0.01 45.77 -19.95
C GLU E 86 -1.26 46.61 -19.87
N LEU E 87 -2.43 45.98 -19.97
CA LEU E 87 -3.69 46.71 -19.88
C LEU E 87 -3.99 47.14 -18.45
N PHE E 88 -3.75 46.26 -17.48
CA PHE E 88 -4.03 46.55 -16.09
C PHE E 88 -2.82 47.11 -15.35
N GLY E 89 -1.73 47.39 -16.05
CA GLY E 89 -0.55 47.99 -15.45
C GLY E 89 0.27 47.06 -14.57
N TRP E 90 0.47 45.82 -15.02
CA TRP E 90 1.28 44.85 -14.30
C TRP E 90 2.56 44.58 -15.08
N GLU E 91 3.66 44.38 -14.36
CA GLU E 91 4.96 44.22 -15.00
C GLU E 91 5.13 42.81 -15.57
N ASN E 92 4.84 41.79 -14.78
CA ASN E 92 4.98 40.42 -15.22
C ASN E 92 3.89 39.59 -14.55
N SER E 93 4.01 38.26 -14.68
CA SER E 93 3.04 37.37 -14.07
C SER E 93 3.21 37.26 -12.56
N LEU E 94 4.41 37.51 -12.04
CA LEU E 94 4.61 37.54 -10.60
C LEU E 94 3.99 38.79 -9.99
N ASP E 95 4.05 39.91 -10.70
CA ASP E 95 3.37 41.11 -10.25
C ASP E 95 1.86 41.02 -10.43
N ARG E 96 1.40 40.19 -11.38
CA ARG E 96 -0.02 40.00 -11.59
C ARG E 96 -0.66 39.19 -10.46
N VAL E 97 0.05 38.16 -9.99
CA VAL E 97 -0.48 37.26 -8.96
C VAL E 97 -0.53 37.94 -7.60
N LYS E 98 0.52 38.69 -7.26
CA LYS E 98 0.59 39.35 -5.97
C LYS E 98 -0.31 40.59 -5.84
N LYS E 99 -0.77 41.14 -6.96
CA LYS E 99 -1.64 42.31 -6.88
C LYS E 99 -3.12 41.97 -6.92
N VAL E 100 -3.49 40.91 -7.62
CA VAL E 100 -4.88 40.43 -7.60
C VAL E 100 -5.21 39.81 -6.25
N ALA E 101 -4.24 39.10 -5.65
CA ALA E 101 -4.41 38.56 -4.31
C ALA E 101 -4.39 39.63 -3.23
N ARG E 102 -3.73 40.76 -3.50
CA ARG E 102 -3.92 41.96 -2.68
C ARG E 102 -5.33 42.52 -2.88
N ALA E 103 -5.81 42.54 -4.12
CA ALA E 103 -7.13 43.08 -4.44
C ALA E 103 -8.27 42.16 -4.04
N ILE E 104 -7.99 40.89 -3.75
CA ILE E 104 -9.01 40.00 -3.19
C ILE E 104 -9.34 40.41 -1.76
N ASP E 105 -8.30 40.73 -0.97
CA ASP E 105 -8.49 41.10 0.43
C ASP E 105 -9.05 42.49 0.62
N HIS E 106 -8.92 43.37 -0.38
CA HIS E 106 -9.48 44.72 -0.31
C HIS E 106 -10.35 44.99 -1.53
N PRO E 107 -11.61 44.55 -1.51
CA PRO E 107 -12.50 44.85 -2.64
C PRO E 107 -13.04 46.28 -2.57
N LEU E 108 -13.35 46.80 -3.75
CA LEU E 108 -13.92 48.14 -3.88
C LEU E 108 -15.44 48.03 -3.99
N LYS E 109 -16.14 48.90 -3.29
CA LYS E 109 -17.61 48.85 -3.26
C LYS E 109 -18.18 49.37 -4.57
N PRO E 110 -18.98 48.58 -5.30
CA PRO E 110 -19.51 49.03 -6.59
C PRO E 110 -20.63 50.05 -6.44
N VAL E 111 -20.62 51.04 -7.33
CA VAL E 111 -21.56 52.13 -7.27
C VAL E 111 -22.79 51.81 -8.11
N ILE E 112 -23.90 52.46 -7.79
CA ILE E 112 -25.16 52.29 -8.50
C ILE E 112 -25.52 53.62 -9.12
N ILE E 113 -25.65 53.63 -10.45
CA ILE E 113 -25.99 54.85 -11.18
C ILE E 113 -27.44 54.76 -11.62
N GLY E 114 -27.96 55.87 -12.14
CA GLY E 114 -29.33 55.92 -12.58
C GLY E 114 -29.54 55.25 -13.92
N GLN E 115 -30.82 55.01 -14.24
CA GLN E 115 -31.19 54.29 -15.45
C GLN E 115 -31.03 55.12 -16.71
N ASP E 116 -31.02 56.44 -16.60
CA ASP E 116 -30.79 57.31 -17.75
C ASP E 116 -29.31 57.49 -18.05
N GLU E 117 -28.41 57.09 -17.15
CA GLU E 117 -26.98 57.22 -17.37
C GLU E 117 -26.30 55.92 -17.73
N ALA E 118 -27.01 54.79 -17.65
CA ALA E 118 -26.41 53.51 -17.99
C ALA E 118 -26.34 53.35 -19.50
N PRO E 119 -25.15 53.08 -20.07
CA PRO E 119 -25.06 52.91 -21.53
C PRO E 119 -25.66 51.63 -22.07
N VAL E 120 -25.87 50.60 -21.23
CA VAL E 120 -26.42 49.35 -21.73
C VAL E 120 -27.94 49.41 -21.83
N GLN E 121 -28.57 50.40 -21.21
CA GLN E 121 -30.02 50.54 -21.27
C GLN E 121 -30.46 51.61 -22.27
N GLU E 122 -29.72 51.76 -23.38
CA GLU E 122 -30.14 52.68 -24.43
C GLU E 122 -31.31 52.10 -25.21
N GLU E 123 -31.24 50.81 -25.57
CA GLU E 123 -32.29 50.14 -26.31
C GLU E 123 -32.80 48.99 -25.45
N VAL E 124 -34.01 49.14 -24.92
CA VAL E 124 -34.61 48.14 -24.05
C VAL E 124 -35.74 47.46 -24.82
N LEU E 125 -35.64 46.15 -24.99
CA LEU E 125 -36.65 45.36 -25.67
C LEU E 125 -37.35 44.46 -24.65
N THR E 126 -38.68 44.54 -24.60
CA THR E 126 -39.48 43.74 -23.70
C THR E 126 -40.37 42.74 -24.41
N THR E 127 -40.64 42.94 -25.71
CA THR E 127 -41.44 42.03 -26.50
C THR E 127 -40.63 41.56 -27.69
N ASP E 128 -41.17 40.52 -28.36
CA ASP E 128 -40.56 39.62 -29.36
C ASP E 128 -39.10 39.30 -29.07
N LEU E 129 -38.88 38.73 -27.88
CA LEU E 129 -37.56 38.44 -27.36
C LEU E 129 -37.01 37.18 -28.04
N ASP E 130 -36.42 37.38 -29.21
CA ASP E 130 -35.66 36.33 -29.88
C ASP E 130 -34.20 36.60 -29.58
N VAL E 131 -33.59 35.73 -28.77
CA VAL E 131 -32.22 35.96 -28.31
C VAL E 131 -31.22 35.60 -29.41
N ASN E 132 -31.55 34.64 -30.27
CA ASN E 132 -30.69 34.31 -31.39
C ASN E 132 -30.76 35.33 -32.52
N LYS E 133 -31.79 36.17 -32.54
CA LYS E 133 -31.83 37.31 -33.45
C LYS E 133 -30.78 38.36 -33.07
N TRP E 134 -30.58 38.58 -31.78
CA TRP E 134 -29.71 39.66 -31.32
C TRP E 134 -28.36 39.19 -30.80
N LEU E 135 -28.28 38.05 -30.13
CA LEU E 135 -27.02 37.59 -29.56
C LEU E 135 -26.42 36.53 -30.47
N THR E 136 -25.11 36.62 -30.67
CA THR E 136 -24.44 35.75 -31.64
C THR E 136 -24.12 34.41 -31.01
N ALA E 137 -24.68 33.34 -31.58
CA ALA E 137 -24.34 31.98 -31.22
C ALA E 137 -23.27 31.47 -32.16
N ILE E 138 -22.32 30.71 -31.64
CA ILE E 138 -21.21 30.22 -32.44
C ILE E 138 -21.18 28.69 -32.37
N ARG E 139 -20.42 28.11 -33.30
CA ARG E 139 -20.17 26.68 -33.34
C ARG E 139 -18.67 26.46 -33.37
N HIS E 140 -18.16 25.58 -32.50
CA HIS E 140 -16.72 25.45 -32.34
C HIS E 140 -16.15 24.38 -33.27
N THR E 141 -16.60 23.15 -33.12
CA THR E 141 -16.10 22.00 -33.85
C THR E 141 -17.14 21.55 -34.89
N PRO E 142 -16.71 20.90 -35.99
CA PRO E 142 -17.69 20.42 -36.98
C PRO E 142 -18.53 19.21 -36.56
N LEU E 143 -18.26 18.58 -35.42
CA LEU E 143 -19.07 17.47 -34.92
C LEU E 143 -20.30 17.93 -34.14
N GLU E 144 -20.50 19.23 -33.97
CA GLU E 144 -21.63 19.76 -33.23
C GLU E 144 -22.89 19.70 -34.06
N THR E 145 -24.04 19.79 -33.37
CA THR E 145 -25.33 19.89 -34.03
C THR E 145 -25.97 21.25 -33.80
N GLU E 146 -25.69 21.86 -32.65
CA GLU E 146 -26.41 23.05 -32.22
C GLU E 146 -25.49 24.27 -32.16
N MET E 147 -26.13 25.44 -32.12
CA MET E 147 -25.46 26.73 -32.05
C MET E 147 -25.55 27.23 -30.61
N THR E 148 -24.43 27.54 -30.00
CA THR E 148 -24.33 27.74 -28.56
C THR E 148 -23.96 29.19 -28.25
N ILE E 149 -24.77 29.86 -27.45
CA ILE E 149 -24.39 31.13 -26.87
C ILE E 149 -23.57 30.85 -25.62
N GLY E 150 -22.31 31.29 -25.62
CA GLY E 150 -21.45 31.10 -24.48
C GLY E 150 -20.60 32.30 -24.15
N SER E 151 -21.13 33.49 -24.38
CA SER E 151 -20.36 34.72 -24.25
C SER E 151 -20.76 35.55 -23.04
N GLY E 152 -21.68 35.07 -22.22
CA GLY E 152 -22.27 35.88 -21.16
C GLY E 152 -21.82 35.42 -19.77
N ILE E 153 -21.62 36.40 -18.90
CA ILE E 153 -21.33 36.13 -17.50
C ILE E 153 -22.60 36.41 -16.70
N SER E 154 -22.74 35.76 -15.54
CA SER E 154 -23.99 35.76 -14.80
C SER E 154 -23.84 36.67 -13.57
N CYS E 155 -24.56 37.78 -13.56
CA CYS E 155 -24.42 38.80 -12.53
C CYS E 155 -25.55 38.65 -11.52
N VAL E 156 -25.23 38.13 -10.34
CA VAL E 156 -26.18 37.96 -9.24
C VAL E 156 -25.74 38.86 -8.10
N VAL E 157 -26.47 39.96 -7.91
CA VAL E 157 -26.18 40.94 -6.86
C VAL E 157 -27.40 41.04 -5.96
N GLY E 158 -27.21 40.83 -4.66
CA GLY E 158 -28.23 41.16 -3.71
C GLY E 158 -28.50 40.09 -2.67
N PRO E 159 -29.78 39.82 -2.38
CA PRO E 159 -30.11 38.87 -1.31
C PRO E 159 -29.95 37.42 -1.70
N TYR E 160 -29.81 37.11 -2.99
CA TYR E 160 -29.60 35.73 -3.41
C TYR E 160 -28.15 35.33 -3.33
N PHE E 161 -27.23 36.28 -3.11
CA PHE E 161 -25.83 35.97 -2.83
C PHE E 161 -25.38 36.60 -1.52
N ASP E 162 -26.31 36.65 -0.55
CA ASP E 162 -26.10 37.02 0.87
C ASP E 162 -25.55 38.44 1.05
N GLY E 163 -25.97 39.37 0.18
CA GLY E 163 -25.47 40.72 0.23
C GLY E 163 -24.20 40.96 -0.54
N GLY E 164 -23.60 39.93 -1.12
CA GLY E 164 -22.43 40.06 -1.95
C GLY E 164 -22.77 40.15 -3.42
N SER E 165 -21.85 39.70 -4.25
CA SER E 165 -22.06 39.71 -5.69
C SER E 165 -21.30 38.55 -6.32
N HIS E 166 -21.77 38.13 -7.49
CA HIS E 166 -21.16 37.00 -8.18
C HIS E 166 -21.14 37.28 -9.68
N ILE E 167 -20.01 37.01 -10.32
CA ILE E 167 -19.91 37.04 -11.77
C ILE E 167 -19.22 35.76 -12.23
N GLY E 168 -19.77 35.15 -13.28
CA GLY E 168 -19.22 33.92 -13.81
C GLY E 168 -19.93 33.45 -15.04
N TYR E 169 -19.20 32.78 -15.94
CA TYR E 169 -19.73 32.36 -17.23
C TYR E 169 -20.66 31.17 -17.10
N ASN E 170 -21.69 31.14 -17.95
CA ASN E 170 -22.59 30.01 -18.07
C ASN E 170 -22.98 29.89 -19.54
N ARG E 171 -22.95 28.67 -20.07
CA ARG E 171 -23.31 28.48 -21.47
C ARG E 171 -24.82 28.39 -21.62
N MET E 172 -25.30 28.75 -22.81
CA MET E 172 -26.72 28.76 -23.12
C MET E 172 -26.99 28.01 -24.42
N ASN E 173 -28.24 27.61 -24.60
CA ASN E 173 -28.71 27.11 -25.89
C ASN E 173 -30.17 27.51 -26.00
N PHE E 174 -30.43 28.62 -26.68
CA PHE E 174 -31.79 29.12 -26.84
C PHE E 174 -32.47 28.39 -27.99
N ARG E 175 -33.40 27.50 -27.64
CA ARG E 175 -34.11 26.72 -28.63
C ARG E 175 -35.60 27.00 -28.66
N TRP E 176 -36.15 27.67 -27.65
CA TRP E 176 -37.57 27.93 -27.56
C TRP E 176 -37.85 29.42 -27.49
N GLY E 177 -37.12 30.19 -28.28
CA GLY E 177 -37.34 31.62 -28.34
C GLY E 177 -36.63 32.37 -27.23
N ASN E 178 -37.37 32.76 -26.21
CA ASN E 178 -36.82 33.47 -25.06
C ASN E 178 -36.42 32.54 -23.93
N VAL E 179 -36.59 31.23 -24.10
CA VAL E 179 -36.25 30.25 -23.09
C VAL E 179 -35.07 29.43 -23.60
N GLY E 180 -34.01 29.34 -22.81
CA GLY E 180 -32.88 28.51 -23.16
C GLY E 180 -32.30 27.85 -21.92
N THR E 181 -31.45 26.86 -22.17
CA THR E 181 -30.82 26.12 -21.09
C THR E 181 -29.72 26.95 -20.43
N PHE E 182 -29.33 26.53 -19.24
CA PHE E 182 -28.42 27.31 -18.40
C PHE E 182 -27.57 26.29 -17.63
N GLN E 183 -26.40 25.99 -18.16
CA GLN E 183 -25.57 24.94 -17.59
C GLN E 183 -24.80 25.48 -16.39
N ILE E 184 -25.01 24.84 -15.24
CA ILE E 184 -24.30 25.17 -14.01
C ILE E 184 -23.44 23.97 -13.66
N SER E 185 -22.13 24.20 -13.51
CA SER E 185 -21.24 23.17 -13.02
C SER E 185 -21.52 22.92 -11.54
N PRO E 186 -21.51 21.65 -11.09
CA PRO E 186 -21.88 21.36 -9.71
C PRO E 186 -20.80 21.75 -8.71
N GLY E 187 -21.26 22.29 -7.58
CA GLY E 187 -20.36 22.80 -6.57
C GLY E 187 -19.93 24.24 -6.76
N SER E 188 -20.43 24.93 -7.79
CA SER E 188 -20.00 26.29 -8.09
C SER E 188 -20.79 27.30 -7.27
N HIS E 189 -20.60 28.59 -7.57
CA HIS E 189 -21.34 29.65 -6.86
C HIS E 189 -22.80 29.68 -7.28
N MET E 190 -23.07 29.43 -8.56
CA MET E 190 -24.44 29.33 -9.04
C MET E 190 -25.13 28.06 -8.59
N TRP E 191 -24.36 27.00 -8.32
CA TRP E 191 -24.92 25.78 -7.76
C TRP E 191 -25.35 25.98 -6.32
N GLN E 192 -24.63 26.81 -5.56
CA GLN E 192 -24.97 27.05 -4.17
C GLN E 192 -26.19 27.96 -4.02
N VAL E 193 -26.42 28.85 -4.98
CA VAL E 193 -27.65 29.63 -5.02
C VAL E 193 -28.82 28.73 -5.40
N MET E 194 -28.58 27.79 -6.33
CA MET E 194 -29.65 26.95 -6.87
C MET E 194 -30.08 25.88 -5.87
N THR E 195 -29.14 25.31 -5.11
CA THR E 195 -29.51 24.32 -4.10
C THR E 195 -30.15 24.94 -2.88
N GLU E 196 -29.89 26.22 -2.61
CA GLU E 196 -30.57 26.89 -1.51
C GLU E 196 -32.02 27.20 -1.86
N HIS E 197 -32.26 27.68 -3.07
CA HIS E 197 -33.59 28.09 -3.52
C HIS E 197 -34.18 27.08 -4.51
N TYR E 198 -33.94 25.80 -4.28
CA TYR E 198 -34.50 24.76 -5.15
C TYR E 198 -35.99 24.55 -4.88
N LYS E 199 -36.39 24.55 -3.63
CA LYS E 199 -37.77 24.29 -3.25
C LYS E 199 -38.58 25.56 -3.07
N ASP E 200 -38.00 26.72 -3.41
CA ASP E 200 -38.72 27.97 -3.35
C ASP E 200 -39.72 28.06 -4.51
N ASP E 201 -40.90 28.62 -4.23
CA ASP E 201 -41.91 28.80 -5.26
C ASP E 201 -41.56 29.94 -6.20
N GLU E 202 -40.92 30.98 -5.69
CA GLU E 202 -40.49 32.09 -6.52
C GLU E 202 -39.25 31.70 -7.32
N PRO E 203 -39.11 32.14 -8.57
CA PRO E 203 -37.90 31.87 -9.33
C PRO E 203 -36.76 32.79 -8.89
N ILE E 204 -35.56 32.45 -9.34
CA ILE E 204 -34.36 33.20 -9.02
C ILE E 204 -34.13 34.22 -10.13
N PRO E 205 -34.17 35.52 -9.84
CA PRO E 205 -33.88 36.50 -10.89
C PRO E 205 -32.37 36.76 -11.01
N LEU E 206 -31.85 36.59 -12.20
CA LEU E 206 -30.45 36.93 -12.47
C LEU E 206 -30.39 37.71 -13.77
N THR E 207 -29.17 38.11 -14.13
CA THR E 207 -28.93 38.97 -15.27
C THR E 207 -27.69 38.46 -15.97
N MET E 208 -27.81 38.17 -17.27
CA MET E 208 -26.64 37.79 -18.04
C MET E 208 -26.17 38.97 -18.88
N CYS E 209 -24.90 39.34 -18.70
CA CYS E 209 -24.31 40.51 -19.35
C CYS E 209 -23.30 40.08 -20.40
N PHE E 210 -23.29 40.80 -21.50
CA PHE E 210 -22.46 40.51 -22.66
C PHE E 210 -21.66 41.74 -23.02
N GLY E 211 -20.41 41.54 -23.43
CA GLY E 211 -19.53 42.64 -23.78
C GLY E 211 -19.11 43.45 -22.57
N VAL E 212 -18.68 42.74 -21.53
CA VAL E 212 -18.41 43.29 -20.20
C VAL E 212 -17.08 44.04 -20.20
N PRO E 213 -16.80 44.87 -19.18
CA PRO E 213 -15.44 45.37 -18.99
C PRO E 213 -14.47 44.25 -18.70
N PRO E 214 -13.19 44.39 -19.13
CA PRO E 214 -12.24 43.27 -19.02
C PRO E 214 -11.76 42.97 -17.61
N SER E 215 -11.97 43.88 -16.65
CA SER E 215 -11.81 43.50 -15.26
C SER E 215 -12.94 42.57 -14.81
N CYS E 216 -14.15 42.77 -15.32
CA CYS E 216 -15.25 41.85 -15.02
C CYS E 216 -15.15 40.55 -15.78
N THR E 217 -14.45 40.54 -16.93
CA THR E 217 -14.14 39.30 -17.62
C THR E 217 -13.10 38.50 -16.84
N TYR E 218 -12.22 39.20 -16.14
CA TYR E 218 -11.10 38.61 -15.42
C TYR E 218 -11.55 37.81 -14.20
N VAL E 219 -12.47 38.36 -13.43
CA VAL E 219 -12.97 37.67 -12.24
C VAL E 219 -14.08 36.68 -12.62
N ALA E 220 -14.65 36.81 -13.83
CA ALA E 220 -15.65 35.84 -14.27
C ALA E 220 -15.13 34.42 -14.25
N GLY E 221 -13.88 34.20 -14.67
CA GLY E 221 -13.30 32.88 -14.69
C GLY E 221 -12.86 32.31 -13.35
N ALA E 222 -12.92 33.09 -12.27
CA ALA E 222 -12.56 32.59 -10.95
C ALA E 222 -13.64 31.65 -10.43
N GLY E 223 -13.24 30.42 -10.14
CA GLY E 223 -14.18 29.48 -9.57
C GLY E 223 -13.44 28.31 -8.97
N PHE E 224 -14.16 27.61 -8.06
CA PHE E 224 -13.68 26.53 -7.19
C PHE E 224 -12.45 26.93 -6.39
N ASP E 225 -12.53 28.11 -5.80
CA ASP E 225 -11.54 28.65 -4.88
C ASP E 225 -12.25 29.24 -3.68
N TYR E 226 -13.18 28.47 -3.13
CA TYR E 226 -14.23 29.00 -2.26
C TYR E 226 -13.82 29.06 -0.80
N ALA E 227 -12.59 28.66 -0.47
CA ALA E 227 -12.03 29.01 0.82
C ALA E 227 -11.53 30.43 0.85
N ILE E 228 -11.30 31.04 -0.31
CA ILE E 228 -10.86 32.41 -0.43
C ILE E 228 -12.00 33.33 -0.84
N LEU E 229 -12.82 32.91 -1.82
CA LEU E 229 -13.94 33.70 -2.32
C LEU E 229 -15.22 32.90 -2.11
N PRO E 230 -15.79 32.91 -0.91
CA PRO E 230 -16.97 32.07 -0.67
C PRO E 230 -18.27 32.69 -1.15
N LYS E 231 -19.38 32.04 -0.82
CA LYS E 231 -20.70 32.61 -1.05
C LYS E 231 -20.93 33.75 -0.08
N GLY E 232 -21.32 34.91 -0.60
CA GLY E 232 -21.41 36.12 0.19
C GLY E 232 -20.27 37.09 -0.03
N CYS E 233 -19.27 36.70 -0.81
CA CYS E 233 -18.18 37.61 -1.15
C CYS E 233 -18.60 38.54 -2.28
N ASP E 234 -17.75 39.53 -2.56
CA ASP E 234 -18.02 40.55 -3.57
C ASP E 234 -17.14 40.26 -4.78
N GLU E 235 -17.70 39.53 -5.76
CA GLU E 235 -16.91 39.16 -6.93
C GLU E 235 -16.77 40.33 -7.91
N ILE E 236 -17.70 41.28 -7.92
CA ILE E 236 -17.46 42.54 -8.64
C ILE E 236 -16.74 43.54 -7.75
N GLY E 237 -16.58 43.22 -6.46
CA GLY E 237 -15.67 43.99 -5.63
C GLY E 237 -14.21 43.81 -6.01
N ILE E 238 -13.83 42.59 -6.42
CA ILE E 238 -12.48 42.32 -6.88
C ILE E 238 -12.27 42.93 -8.27
N ALA E 239 -13.31 42.94 -9.10
CA ALA E 239 -13.23 43.55 -10.43
C ALA E 239 -13.16 45.07 -10.36
N GLY E 240 -13.70 45.67 -9.29
CA GLY E 240 -13.47 47.07 -9.07
C GLY E 240 -12.06 47.37 -8.61
N ALA E 241 -11.49 46.49 -7.80
CA ALA E 241 -10.17 46.75 -7.24
C ALA E 241 -9.03 46.41 -8.20
N ILE E 242 -9.31 45.66 -9.26
CA ILE E 242 -8.28 45.36 -10.25
C ILE E 242 -8.08 46.56 -11.18
N GLN E 243 -9.16 47.13 -11.68
CA GLN E 243 -9.07 48.27 -12.58
C GLN E 243 -8.88 49.60 -11.85
N GLY E 244 -9.04 49.63 -10.53
CA GLY E 244 -8.81 50.82 -9.75
C GLY E 244 -10.00 51.76 -9.61
N SER E 245 -11.10 51.46 -10.29
CA SER E 245 -12.32 52.26 -10.22
C SER E 245 -13.48 51.32 -9.95
N PRO E 246 -14.51 51.77 -9.22
CA PRO E 246 -15.65 50.88 -8.94
C PRO E 246 -16.53 50.65 -10.16
N VAL E 247 -17.04 49.43 -10.27
CA VAL E 247 -17.86 49.03 -11.40
C VAL E 247 -19.27 49.58 -11.22
N ARG E 248 -19.77 50.24 -12.24
CA ARG E 248 -21.09 50.84 -12.17
C ARG E 248 -22.17 49.79 -12.39
N LEU E 249 -23.16 49.76 -11.51
CA LEU E 249 -24.32 48.89 -11.66
C LEU E 249 -25.56 49.74 -11.88
N VAL E 250 -26.61 49.10 -12.36
CA VAL E 250 -27.89 49.77 -12.58
C VAL E 250 -29.00 48.76 -12.33
N LYS E 251 -30.16 49.27 -11.92
CA LYS E 251 -31.33 48.44 -11.70
C LYS E 251 -31.90 47.97 -13.03
N CYS E 252 -32.40 46.73 -13.06
CA CYS E 252 -33.09 46.20 -14.22
C CYS E 252 -34.43 46.89 -14.40
N ARG E 253 -34.91 46.92 -15.65
CA ARG E 253 -36.17 47.56 -15.96
C ARG E 253 -37.36 46.70 -15.51
N THR E 254 -37.27 45.39 -15.67
CA THR E 254 -38.39 44.50 -15.35
C THR E 254 -38.20 43.80 -14.01
N ILE E 255 -37.13 43.05 -13.85
CA ILE E 255 -36.93 42.23 -12.65
C ILE E 255 -36.25 43.06 -11.57
N ASP E 256 -36.24 42.54 -10.34
CA ASP E 256 -35.61 43.23 -9.21
C ASP E 256 -34.23 42.65 -8.99
N ALA E 257 -33.28 43.13 -9.78
CA ALA E 257 -31.89 42.70 -9.68
C ALA E 257 -31.00 43.87 -10.09
N TYR E 258 -29.73 43.57 -10.38
CA TYR E 258 -28.80 44.57 -10.83
C TYR E 258 -27.96 44.01 -11.98
N THR E 259 -27.64 44.89 -12.93
CA THR E 259 -26.81 44.53 -14.08
C THR E 259 -25.43 45.15 -13.92
N LEU E 260 -24.60 44.95 -14.94
CA LEU E 260 -23.40 45.73 -15.14
C LEU E 260 -23.73 46.81 -16.16
N ALA E 261 -23.50 48.07 -15.81
CA ALA E 261 -23.96 49.18 -16.63
C ALA E 261 -23.10 49.40 -17.87
N ASP E 262 -21.82 49.06 -17.80
CA ASP E 262 -20.90 49.30 -18.91
C ASP E 262 -20.76 48.10 -19.84
N ALA E 263 -21.78 47.27 -19.95
CA ALA E 263 -21.77 46.14 -20.87
C ALA E 263 -22.32 46.57 -22.22
N GLU E 264 -22.49 45.62 -23.14
CA GLU E 264 -23.04 45.89 -24.45
C GLU E 264 -24.42 45.28 -24.64
N TYR E 265 -24.61 44.04 -24.19
CA TYR E 265 -25.92 43.40 -24.21
C TYR E 265 -26.20 42.84 -22.82
N VAL E 266 -27.44 42.98 -22.36
CA VAL E 266 -27.86 42.46 -21.08
C VAL E 266 -29.16 41.69 -21.28
N LEU E 267 -29.19 40.45 -20.80
CA LEU E 267 -30.41 39.66 -20.74
C LEU E 267 -30.93 39.69 -19.31
N GLU E 268 -32.20 40.02 -19.15
CA GLU E 268 -32.84 40.04 -17.85
C GLU E 268 -33.91 38.96 -17.81
N GLY E 269 -34.05 38.31 -16.65
CA GLY E 269 -35.11 37.33 -16.50
C GLY E 269 -34.88 36.47 -15.29
N TYR E 270 -35.57 35.32 -15.29
CA TYR E 270 -35.65 34.44 -14.15
C TYR E 270 -35.09 33.06 -14.49
N LEU E 271 -34.52 32.42 -13.49
CA LEU E 271 -34.01 31.05 -13.61
C LEU E 271 -34.95 30.10 -12.91
N HIS E 272 -35.37 29.05 -13.62
CA HIS E 272 -36.25 28.05 -13.04
C HIS E 272 -35.41 26.82 -12.75
N PRO E 273 -35.17 26.47 -11.48
CA PRO E 273 -34.34 25.30 -11.19
C PRO E 273 -35.05 23.97 -11.39
N ARG E 274 -36.36 23.95 -11.11
CA ARG E 274 -37.13 22.72 -11.25
C ARG E 274 -37.45 22.40 -12.70
N ASP E 275 -37.62 23.42 -13.54
CA ASP E 275 -37.86 23.22 -14.97
C ASP E 275 -36.54 22.90 -15.64
N LYS E 276 -36.38 21.67 -16.11
CA LYS E 276 -35.14 21.24 -16.73
C LYS E 276 -35.42 20.65 -18.10
N ARG E 277 -34.58 21.00 -19.06
CA ARG E 277 -34.73 20.55 -20.45
C ARG E 277 -33.36 20.14 -20.97
N TYR E 278 -33.37 19.40 -22.07
CA TYR E 278 -32.13 18.93 -22.67
C TYR E 278 -31.46 20.03 -23.48
N GLU E 279 -30.12 19.95 -23.55
CA GLU E 279 -29.36 20.98 -24.24
C GLU E 279 -29.42 20.81 -25.76
N THR E 280 -29.42 19.58 -26.25
CA THR E 280 -29.45 19.33 -27.68
C THR E 280 -30.74 18.63 -28.06
N ALA E 281 -31.07 18.69 -29.35
CA ALA E 281 -32.27 18.04 -29.85
C ALA E 281 -32.07 16.53 -29.97
N GLU E 282 -30.86 16.10 -30.33
CA GLU E 282 -30.61 14.68 -30.54
C GLU E 282 -30.40 13.94 -29.21
N SER E 283 -30.11 14.64 -28.13
CA SER E 283 -30.21 14.06 -26.80
C SER E 283 -31.58 14.27 -26.18
N GLU E 284 -32.47 15.00 -26.85
CA GLU E 284 -33.85 15.10 -26.40
C GLU E 284 -34.72 14.02 -27.03
N ALA E 285 -34.35 13.55 -28.22
CA ALA E 285 -35.09 12.46 -28.85
C ALA E 285 -34.79 11.13 -28.18
N ALA E 286 -33.53 10.87 -27.87
CA ALA E 286 -33.11 9.72 -27.07
C ALA E 286 -32.75 10.27 -25.69
N ASP E 287 -33.64 10.07 -24.72
CA ASP E 287 -33.60 10.79 -23.44
C ASP E 287 -32.61 10.13 -22.48
N ILE E 288 -31.32 10.23 -22.81
CA ILE E 288 -30.22 9.87 -21.94
C ILE E 288 -29.36 11.11 -21.75
N GLN E 289 -28.38 10.99 -20.85
CA GLN E 289 -27.46 12.09 -20.55
C GLN E 289 -26.03 11.58 -20.52
N GLY E 290 -25.11 12.38 -21.03
CA GLY E 290 -23.70 12.15 -20.84
C GLY E 290 -22.96 11.46 -21.96
N ARG E 291 -23.57 11.27 -23.13
CA ARG E 291 -22.87 10.66 -24.26
C ARG E 291 -22.97 11.46 -25.56
N PHE E 292 -23.84 12.45 -25.66
CA PHE E 292 -24.07 13.16 -26.91
C PHE E 292 -23.45 14.55 -26.85
N HIS E 293 -22.77 14.94 -27.92
CA HIS E 293 -21.89 16.11 -27.93
C HIS E 293 -22.68 17.41 -27.98
N PHE E 294 -22.17 18.41 -27.25
CA PHE E 294 -22.73 19.76 -27.27
C PHE E 294 -21.77 20.76 -27.89
N HIS E 295 -20.57 20.92 -27.31
CA HIS E 295 -19.40 21.62 -27.83
C HIS E 295 -18.25 20.99 -27.04
N PRO E 296 -16.96 21.33 -27.28
CA PRO E 296 -15.91 20.91 -26.35
C PRO E 296 -16.00 21.54 -24.96
N GLU E 297 -15.26 20.95 -24.04
CA GLU E 297 -15.27 21.36 -22.64
C GLU E 297 -13.91 21.95 -22.27
N TRP E 298 -13.74 22.24 -20.98
CA TRP E 298 -12.56 22.92 -20.47
C TRP E 298 -11.33 22.02 -20.40
N ALA E 299 -11.51 20.71 -20.47
CA ALA E 299 -10.42 19.76 -20.34
C ALA E 299 -9.62 19.59 -21.62
N GLY E 300 -10.15 20.04 -22.75
CA GLY E 300 -9.64 19.61 -24.03
C GLY E 300 -10.29 18.35 -24.56
N TYR E 301 -11.46 18.00 -24.05
CA TYR E 301 -12.26 16.88 -24.49
C TYR E 301 -13.57 17.46 -25.04
N MET E 302 -14.57 16.63 -25.28
CA MET E 302 -15.91 17.16 -25.56
C MET E 302 -16.75 17.14 -24.28
N GLY E 303 -17.42 18.25 -24.02
CA GLY E 303 -18.53 18.21 -23.09
C GLY E 303 -19.73 17.53 -23.69
N LYS E 304 -20.55 16.98 -22.81
CA LYS E 304 -21.76 16.29 -23.22
C LYS E 304 -22.96 17.10 -22.77
N ALA E 305 -24.11 16.80 -23.37
CA ALA E 305 -25.34 17.52 -23.04
C ALA E 305 -26.04 16.84 -21.88
N TYR E 306 -26.64 17.67 -21.02
CA TYR E 306 -27.31 17.15 -19.83
C TYR E 306 -28.68 17.80 -19.68
N LYS E 307 -29.32 17.58 -18.54
CA LYS E 307 -30.62 18.19 -18.26
C LYS E 307 -30.37 19.48 -17.48
N ALA E 308 -30.05 20.53 -18.21
CA ALA E 308 -29.73 21.82 -17.64
C ALA E 308 -31.00 22.55 -17.19
N PRO E 309 -30.91 23.44 -16.18
CA PRO E 309 -32.04 24.30 -15.86
C PRO E 309 -32.25 25.37 -16.92
N THR E 310 -33.42 26.01 -16.86
CA THR E 310 -33.84 26.93 -17.91
C THR E 310 -33.86 28.36 -17.40
N PHE E 311 -33.35 29.27 -18.23
CA PHE E 311 -33.33 30.70 -17.96
C PHE E 311 -34.38 31.35 -18.84
N HIS E 312 -35.38 31.98 -18.24
CA HIS E 312 -36.52 32.53 -18.95
C HIS E 312 -36.31 34.03 -19.10
N VAL E 313 -35.98 34.48 -20.32
CA VAL E 313 -35.63 35.87 -20.55
C VAL E 313 -36.90 36.71 -20.62
N THR E 314 -36.98 37.75 -19.80
CA THR E 314 -38.10 38.68 -19.82
C THR E 314 -37.80 39.98 -20.55
N ALA E 315 -36.54 40.38 -20.63
CA ALA E 315 -36.18 41.63 -21.28
C ALA E 315 -34.76 41.55 -21.83
N ILE E 316 -34.56 42.16 -22.99
CA ILE E 316 -33.23 42.30 -23.60
C ILE E 316 -32.91 43.78 -23.68
N THR E 317 -31.94 44.22 -22.88
CA THR E 317 -31.47 45.59 -22.92
C THR E 317 -30.07 45.59 -23.54
N MET E 318 -29.81 46.56 -24.40
CA MET E 318 -28.67 46.53 -25.30
C MET E 318 -28.35 47.98 -25.67
N ARG E 319 -27.10 48.24 -26.08
CA ARG E 319 -26.69 49.54 -26.59
C ARG E 319 -27.32 49.86 -27.96
N ARG E 320 -27.03 51.06 -28.45
CA ARG E 320 -27.61 51.52 -29.71
C ARG E 320 -26.97 50.81 -30.90
N ARG E 321 -27.82 50.31 -31.80
CA ARG E 321 -27.41 49.40 -32.86
C ARG E 321 -26.62 50.09 -33.97
N GLU E 322 -26.72 51.42 -34.09
CA GLU E 322 -25.86 52.17 -34.98
C GLU E 322 -24.44 52.28 -34.46
N SER E 323 -24.24 52.14 -33.15
CA SER E 323 -22.91 52.17 -32.55
C SER E 323 -22.24 50.80 -32.55
N LYS E 324 -22.96 49.74 -33.00
CA LYS E 324 -22.52 48.36 -33.24
C LYS E 324 -21.94 47.69 -31.99
N PRO E 325 -22.78 47.25 -31.04
CA PRO E 325 -22.27 46.67 -29.79
C PRO E 325 -21.55 45.34 -29.96
N ILE E 326 -20.57 45.10 -29.09
CA ILE E 326 -19.54 44.10 -29.29
C ILE E 326 -19.82 42.90 -28.40
N ILE E 327 -19.77 41.71 -28.98
CA ILE E 327 -19.85 40.47 -28.25
C ILE E 327 -18.46 39.86 -28.24
N PHE E 328 -18.21 38.96 -27.28
CA PHE E 328 -16.91 38.30 -27.13
C PHE E 328 -17.11 36.79 -27.18
N PRO E 329 -17.14 36.18 -28.37
CA PRO E 329 -17.14 34.71 -28.43
C PRO E 329 -15.73 34.17 -28.33
N LEU E 330 -15.59 33.05 -27.64
CA LEU E 330 -14.27 32.47 -27.45
C LEU E 330 -14.38 30.96 -27.41
N GLY E 331 -13.37 30.30 -27.94
CA GLY E 331 -13.25 28.86 -27.83
C GLY E 331 -12.83 28.46 -26.43
N VAL E 332 -13.01 27.19 -26.15
CA VAL E 332 -12.85 26.71 -24.78
C VAL E 332 -11.51 26.00 -24.64
N HIS E 333 -10.97 25.45 -25.72
CA HIS E 333 -9.57 25.04 -25.72
C HIS E 333 -8.72 26.09 -26.44
N THR E 334 -8.81 27.31 -25.95
CA THR E 334 -7.98 28.41 -26.42
C THR E 334 -7.23 28.99 -25.23
N ALA E 335 -6.29 29.88 -25.52
CA ALA E 335 -5.56 30.55 -24.46
C ALA E 335 -6.33 31.74 -23.87
N ASP E 336 -7.44 32.14 -24.50
CA ASP E 336 -8.40 33.03 -23.84
C ASP E 336 -9.01 32.35 -22.63
N ASP E 337 -9.47 31.11 -22.83
CA ASP E 337 -10.14 30.35 -21.79
C ASP E 337 -9.18 29.89 -20.70
N ALA E 338 -7.89 29.75 -21.03
CA ALA E 338 -6.89 29.52 -20.01
C ALA E 338 -6.62 30.76 -19.19
N ASN E 339 -6.47 31.91 -19.84
CA ASN E 339 -6.09 33.11 -19.11
C ASN E 339 -7.27 33.83 -18.46
N ILE E 340 -8.50 33.40 -18.72
CA ILE E 340 -9.63 33.90 -17.96
C ILE E 340 -9.88 33.06 -16.72
N ASP E 341 -9.86 31.73 -16.89
CA ASP E 341 -10.21 30.83 -15.80
C ASP E 341 -9.10 30.67 -14.78
N THR E 342 -7.84 30.73 -15.18
CA THR E 342 -6.73 30.41 -14.29
C THR E 342 -5.93 31.61 -13.85
N SER E 343 -6.49 32.82 -13.90
CA SER E 343 -5.69 33.98 -13.56
C SER E 343 -5.94 34.48 -12.15
N VAL E 344 -7.21 34.54 -11.73
CA VAL E 344 -7.53 34.80 -10.34
C VAL E 344 -7.29 33.55 -9.50
N ARG E 345 -7.40 32.38 -10.11
CA ARG E 345 -7.10 31.10 -9.47
C ARG E 345 -5.62 30.93 -9.17
N GLU E 346 -4.74 31.58 -9.92
CA GLU E 346 -3.34 31.68 -9.52
C GLU E 346 -3.19 32.52 -8.26
N SER E 347 -3.97 33.61 -8.16
CA SER E 347 -3.88 34.48 -7.00
C SER E 347 -4.59 33.90 -5.79
N ALA E 348 -5.68 33.16 -6.01
CA ALA E 348 -6.44 32.59 -4.89
C ALA E 348 -5.75 31.40 -4.26
N ILE E 349 -4.98 30.65 -5.05
CA ILE E 349 -4.12 29.61 -4.49
C ILE E 349 -2.95 30.24 -3.73
N PHE E 350 -2.43 31.36 -4.27
CA PHE E 350 -1.41 32.16 -3.60
C PHE E 350 -1.95 32.85 -2.35
N ALA E 351 -3.23 33.20 -2.34
CA ALA E 351 -3.84 33.76 -1.14
C ALA E 351 -4.03 32.70 -0.07
N LEU E 352 -4.30 31.45 -0.46
CA LEU E 352 -4.50 30.37 0.50
C LEU E 352 -3.19 29.94 1.14
N CYS E 353 -2.11 29.93 0.36
CA CYS E 353 -0.81 29.57 0.90
C CYS E 353 -0.21 30.67 1.74
N GLU E 354 -0.51 31.93 1.44
CA GLU E 354 -0.12 33.02 2.32
C GLU E 354 -1.00 33.11 3.56
N ARG E 355 -2.22 32.55 3.51
CA ARG E 355 -3.04 32.50 4.71
C ARG E 355 -2.53 31.45 5.69
N LEU E 356 -2.07 30.31 5.16
CA LEU E 356 -1.68 29.19 6.00
C LEU E 356 -0.33 29.42 6.67
N GLN E 357 0.68 29.75 5.89
CA GLN E 357 1.98 30.14 6.40
C GLN E 357 2.63 31.10 5.41
N PRO E 358 2.75 32.38 5.72
CA PRO E 358 3.26 33.35 4.74
C PRO E 358 4.77 33.30 4.62
N GLY E 359 5.26 33.79 3.49
CA GLY E 359 6.67 33.89 3.23
C GLY E 359 7.32 32.69 2.60
N ILE E 360 6.58 31.60 2.42
CA ILE E 360 7.14 30.37 1.86
C ILE E 360 6.89 30.27 0.37
N VAL E 361 5.65 30.41 -0.05
CA VAL E 361 5.30 30.29 -1.47
C VAL E 361 5.65 31.60 -2.17
N GLN E 362 6.52 31.51 -3.19
CA GLN E 362 6.97 32.67 -3.94
C GLN E 362 6.12 32.94 -5.17
N ASN E 363 5.73 31.90 -5.89
CA ASN E 363 5.02 32.07 -7.15
C ASN E 363 4.06 30.91 -7.36
N VAL E 364 2.90 31.21 -7.92
CA VAL E 364 1.91 30.21 -8.30
C VAL E 364 1.65 30.39 -9.79
N HIS E 365 1.83 29.33 -10.57
CA HIS E 365 1.55 29.36 -11.99
C HIS E 365 0.62 28.22 -12.38
N ILE E 366 -0.45 28.55 -13.08
CA ILE E 366 -1.31 27.58 -13.74
C ILE E 366 -1.20 27.81 -15.24
N PRO E 367 -0.60 26.92 -16.00
CA PRO E 367 -0.47 27.14 -17.43
C PRO E 367 -1.70 26.74 -18.24
N TYR E 368 -1.55 26.87 -19.56
CA TYR E 368 -2.56 26.41 -20.53
C TYR E 368 -2.69 24.89 -20.49
N CYS E 369 -1.58 24.20 -20.28
CA CYS E 369 -1.51 22.75 -20.38
C CYS E 369 -2.13 22.00 -19.22
N MET E 370 -2.44 22.66 -18.11
CA MET E 370 -3.11 22.01 -16.98
C MET E 370 -4.59 22.33 -16.92
N THR E 371 -5.18 22.67 -18.06
CA THR E 371 -6.61 22.97 -18.37
C THR E 371 -7.06 24.15 -17.51
N ASP E 372 -8.30 24.16 -17.05
CA ASP E 372 -8.78 25.24 -16.18
C ASP E 372 -8.63 24.86 -14.71
N TRP E 373 -9.27 23.78 -14.30
CA TRP E 373 -9.25 23.33 -12.91
C TRP E 373 -8.59 21.97 -12.79
N GLY E 374 -7.69 21.65 -13.71
CA GLY E 374 -7.04 20.36 -13.69
C GLY E 374 -5.84 20.32 -12.76
N GLY E 375 -5.05 21.37 -12.75
CA GLY E 375 -3.85 21.34 -11.93
C GLY E 375 -3.29 22.72 -11.69
N CYS E 376 -2.18 22.75 -10.93
CA CYS E 376 -1.48 23.98 -10.61
C CYS E 376 -0.03 23.64 -10.27
N ILE E 377 0.84 24.63 -10.40
CA ILE E 377 2.23 24.55 -9.95
C ILE E 377 2.49 25.70 -8.98
N ILE E 378 2.95 25.37 -7.79
CA ILE E 378 3.40 26.37 -6.83
C ILE E 378 4.91 26.26 -6.68
N GLN E 379 5.51 27.33 -6.17
CA GLN E 379 6.95 27.41 -5.99
C GLN E 379 7.23 27.87 -4.58
N VAL E 380 7.87 27.03 -3.79
CA VAL E 380 8.09 27.31 -2.38
C VAL E 380 9.56 27.66 -2.15
N LYS E 381 9.84 28.22 -0.98
CA LYS E 381 11.20 28.51 -0.57
C LYS E 381 11.31 28.21 0.92
N LYS E 382 12.16 27.27 1.27
CA LYS E 382 12.33 26.84 2.66
C LYS E 382 13.44 27.67 3.29
N ARG E 383 13.08 28.49 4.27
CA ARG E 383 14.07 29.37 4.90
C ARG E 383 14.85 28.66 6.00
N ASN E 384 14.22 27.75 6.74
CA ASN E 384 14.89 27.07 7.83
C ASN E 384 14.33 25.66 7.96
N GLN E 385 14.69 24.99 9.05
CA GLN E 385 14.32 23.60 9.28
C GLN E 385 12.85 23.45 9.65
N ILE E 386 12.26 24.47 10.28
CA ILE E 386 10.87 24.44 10.71
C ILE E 386 9.95 24.55 9.51
N GLU E 387 10.33 25.36 8.51
CA GLU E 387 9.54 25.53 7.30
C GLU E 387 9.67 24.37 6.31
N GLU E 388 10.58 23.42 6.55
CA GLU E 388 10.66 22.20 5.76
C GLU E 388 9.45 21.33 6.05
N GLY E 389 8.82 20.83 5.00
CA GLY E 389 7.62 20.04 5.13
C GLY E 389 6.34 20.83 5.04
N TRP E 390 6.43 22.16 4.93
CA TRP E 390 5.23 22.99 4.82
C TRP E 390 4.60 22.90 3.44
N GLN E 391 5.36 22.50 2.43
CA GLN E 391 4.82 22.38 1.09
C GLN E 391 3.95 21.14 0.92
N ARG E 392 4.06 20.15 1.81
CA ARG E 392 3.12 19.04 1.78
C ARG E 392 1.79 19.42 2.41
N ASN E 393 1.81 20.37 3.35
CA ASN E 393 0.58 20.95 3.87
C ASN E 393 -0.09 21.82 2.82
N PHE E 394 0.70 22.46 1.95
CA PHE E 394 0.15 23.31 0.92
C PHE E 394 -0.53 22.49 -0.17
N LEU E 395 0.09 21.40 -0.60
CA LEU E 395 -0.44 20.56 -1.68
C LEU E 395 -1.67 19.78 -1.25
N ALA E 396 -1.78 19.45 0.03
CA ALA E 396 -3.00 18.84 0.52
C ALA E 396 -4.13 19.87 0.63
N ALA E 397 -3.79 21.10 1.01
CA ALA E 397 -4.81 22.13 1.14
C ALA E 397 -5.25 22.68 -0.21
N ILE E 398 -4.37 22.68 -1.21
CA ILE E 398 -4.75 23.12 -2.54
C ILE E 398 -5.68 22.11 -3.20
N LEU E 399 -5.36 20.82 -3.06
CA LEU E 399 -6.15 19.74 -3.66
C LEU E 399 -7.48 19.51 -2.99
N ALA E 400 -7.64 19.93 -1.74
CA ALA E 400 -8.92 19.79 -1.05
C ALA E 400 -9.82 21.01 -1.22
N CYS E 401 -9.26 22.21 -1.13
CA CYS E 401 -10.08 23.42 -1.23
C CYS E 401 -10.44 23.77 -2.66
N SER E 402 -9.75 23.22 -3.66
CA SER E 402 -10.13 23.38 -5.05
C SER E 402 -10.75 22.09 -5.52
N GLN E 403 -12.00 22.16 -5.97
CA GLN E 403 -12.73 20.97 -6.35
C GLN E 403 -12.30 20.51 -7.73
N GLY E 404 -11.81 19.27 -7.82
CA GLY E 404 -11.48 18.68 -9.08
C GLY E 404 -10.09 18.94 -9.61
N MET E 405 -9.21 19.53 -8.79
CA MET E 405 -7.78 19.55 -9.12
C MET E 405 -7.22 18.13 -9.08
N ARG E 406 -6.43 17.80 -10.10
CA ARG E 406 -5.83 16.48 -10.17
C ARG E 406 -4.32 16.46 -10.10
N LEU E 407 -3.64 17.59 -10.25
CA LEU E 407 -2.17 17.54 -10.31
C LEU E 407 -1.58 18.83 -9.74
N ALA E 408 -1.29 18.82 -8.45
CA ALA E 408 -0.62 19.94 -7.81
C ALA E 408 0.85 19.59 -7.62
N ILE E 409 1.74 20.42 -8.18
CA ILE E 409 3.17 20.17 -8.14
C ILE E 409 3.83 21.31 -7.38
N ALA E 410 4.64 20.98 -6.38
CA ALA E 410 5.44 21.95 -5.66
C ALA E 410 6.88 21.83 -6.11
N VAL E 411 7.47 22.95 -6.54
CA VAL E 411 8.86 22.97 -6.97
C VAL E 411 9.62 23.97 -6.11
N SER E 412 10.94 23.92 -6.21
CA SER E 412 11.81 24.76 -5.42
C SER E 412 12.03 26.10 -6.12
N GLU E 413 12.90 26.92 -5.53
CA GLU E 413 13.07 28.31 -5.96
C GLU E 413 14.01 28.45 -7.14
N ASP E 414 14.75 27.41 -7.51
CA ASP E 414 15.70 27.47 -8.62
C ASP E 414 15.12 26.93 -9.91
N VAL E 415 13.79 26.87 -10.01
CA VAL E 415 13.09 26.31 -11.17
C VAL E 415 12.39 27.46 -11.88
N ASP E 416 12.47 27.47 -13.21
CA ASP E 416 11.60 28.32 -14.00
C ASP E 416 10.20 27.75 -13.96
N ILE E 417 9.25 28.51 -13.40
CA ILE E 417 7.90 27.99 -13.23
C ILE E 417 7.07 28.08 -14.51
N TYR E 418 7.52 28.84 -15.50
CA TYR E 418 6.78 28.99 -16.74
C TYR E 418 7.29 28.08 -17.85
N SER E 419 8.56 27.70 -17.79
CA SER E 419 9.12 26.73 -18.73
C SER E 419 8.64 25.35 -18.32
N MET E 420 7.99 24.64 -19.25
CA MET E 420 7.31 23.41 -18.85
C MET E 420 8.24 22.22 -19.00
N ASP E 421 9.36 22.42 -19.68
CA ASP E 421 10.40 21.40 -19.67
C ASP E 421 11.16 21.40 -18.36
N ASP E 422 11.19 22.54 -17.67
CA ASP E 422 11.82 22.62 -16.36
C ASP E 422 11.00 21.92 -15.28
N ILE E 423 9.68 21.79 -15.47
CA ILE E 423 8.85 21.07 -14.53
C ILE E 423 9.04 19.56 -14.68
N MET E 424 9.13 19.07 -15.93
CA MET E 424 9.50 17.68 -16.23
C MET E 424 10.90 17.32 -15.77
N TRP E 425 11.83 18.28 -15.71
CA TRP E 425 13.14 18.03 -15.15
C TRP E 425 13.08 17.81 -13.64
N CYS E 426 12.15 18.48 -12.96
CA CYS E 426 11.98 18.24 -11.53
C CYS E 426 11.23 16.94 -11.24
N LEU E 427 10.40 16.47 -12.18
CA LEU E 427 9.74 15.18 -12.00
C LEU E 427 10.71 14.03 -12.20
N THR E 428 11.73 14.22 -13.03
CA THR E 428 12.72 13.18 -13.26
C THR E 428 13.69 13.09 -12.08
N THR E 429 14.16 14.23 -11.57
CA THR E 429 15.31 14.23 -10.67
C THR E 429 14.96 14.40 -9.20
N ARG E 430 13.91 15.15 -8.85
CA ARG E 430 13.68 15.54 -7.47
C ARG E 430 12.50 14.82 -6.82
N VAL E 431 11.96 13.80 -7.45
CA VAL E 431 10.74 13.15 -6.97
C VAL E 431 11.09 11.73 -6.54
N ASN E 432 10.87 11.44 -5.27
CA ASN E 432 10.80 10.06 -4.79
C ASN E 432 9.44 9.49 -5.14
N PRO E 433 9.35 8.39 -5.88
CA PRO E 433 8.03 7.82 -6.23
C PRO E 433 7.32 7.13 -5.08
N GLN E 434 8.01 6.84 -3.97
CA GLN E 434 7.37 6.23 -2.82
C GLN E 434 6.85 7.26 -1.83
N THR E 435 7.59 8.34 -1.60
CA THR E 435 7.24 9.29 -0.56
C THR E 435 6.68 10.62 -1.05
N ASP E 436 7.08 11.08 -2.23
CA ASP E 436 6.75 12.44 -2.65
C ASP E 436 5.52 12.51 -3.54
N ILE E 437 4.72 11.46 -3.63
CA ILE E 437 3.46 11.49 -4.34
C ILE E 437 2.34 11.39 -3.33
N LEU E 438 1.48 12.41 -3.30
CA LEU E 438 0.40 12.49 -2.34
C LEU E 438 -0.91 12.14 -3.02
N ASN E 439 -1.73 11.35 -2.33
CA ASN E 439 -3.09 11.05 -2.78
C ASN E 439 -4.00 11.38 -1.60
N PRO E 440 -4.38 12.65 -1.44
CA PRO E 440 -4.98 13.09 -0.16
C PRO E 440 -6.43 12.71 0.06
N LEU E 441 -7.24 12.74 -0.98
CA LEU E 441 -8.69 12.52 -0.84
C LEU E 441 -9.23 11.48 -1.84
N PRO E 442 -8.86 10.18 -1.66
CA PRO E 442 -9.29 9.16 -2.62
C PRO E 442 -10.74 8.74 -2.40
N GLY E 443 -11.60 9.15 -3.33
CA GLY E 443 -13.01 8.95 -3.18
C GLY E 443 -13.81 10.18 -2.86
N GLY E 444 -13.21 11.36 -2.96
CA GLY E 444 -13.88 12.61 -2.70
C GLY E 444 -14.62 13.15 -3.90
N ARG E 445 -14.69 14.47 -3.99
CA ARG E 445 -15.43 15.13 -5.06
C ARG E 445 -14.46 15.61 -6.12
N GLY E 446 -14.65 15.16 -7.36
CA GLY E 446 -13.86 15.63 -8.47
C GLY E 446 -14.71 16.38 -9.45
N GLN E 447 -14.33 16.36 -10.73
CA GLN E 447 -15.13 16.95 -11.79
C GLN E 447 -15.64 15.85 -12.70
N THR E 448 -16.94 15.87 -12.98
CA THR E 448 -17.58 14.83 -13.78
C THR E 448 -17.35 15.01 -15.29
N PHE E 449 -16.87 16.17 -15.72
CA PHE E 449 -16.57 16.40 -17.13
C PHE E 449 -15.32 15.66 -17.57
N MET E 450 -14.28 15.71 -16.76
CA MET E 450 -12.98 15.17 -17.12
C MET E 450 -12.85 13.74 -16.57
N PRO E 451 -12.73 12.71 -17.43
CA PRO E 451 -12.85 11.32 -16.99
C PRO E 451 -11.61 10.78 -16.28
N SER E 465 -18.85 4.77 1.16
CA SER E 465 -19.05 6.20 1.28
C SER E 465 -17.99 6.98 0.50
N ASN E 466 -17.88 6.68 -0.79
CA ASN E 466 -16.89 7.33 -1.64
C ASN E 466 -17.39 7.34 -3.07
N THR E 467 -16.81 8.24 -3.87
CA THR E 467 -17.18 8.41 -5.28
C THR E 467 -16.13 7.76 -6.17
N GLN E 468 -16.24 8.03 -7.47
CA GLN E 468 -15.33 7.51 -8.48
C GLN E 468 -14.09 8.38 -8.68
N PHE E 469 -13.96 9.48 -7.92
CA PHE E 469 -12.79 10.33 -8.04
C PHE E 469 -11.58 9.66 -7.39
N GLU E 470 -10.44 9.70 -8.10
CA GLU E 470 -9.29 8.92 -7.69
C GLU E 470 -8.42 9.62 -6.64
N GLY E 471 -8.61 10.92 -6.43
CA GLY E 471 -7.97 11.56 -5.32
C GLY E 471 -7.12 12.78 -5.61
N GLY E 472 -6.67 12.92 -6.85
CA GLY E 472 -5.72 13.96 -7.16
C GLY E 472 -4.30 13.48 -6.90
N MET E 473 -3.35 14.32 -7.25
CA MET E 473 -1.94 13.96 -7.15
C MET E 473 -1.16 15.16 -6.66
N GLY E 474 -0.65 15.09 -5.43
CA GLY E 474 0.27 16.09 -4.96
C GLY E 474 1.68 15.61 -5.14
N ILE E 475 2.48 16.29 -5.94
CA ILE E 475 3.84 15.85 -6.25
C ILE E 475 4.81 16.83 -5.61
N ASP E 476 5.64 16.32 -4.71
CA ASP E 476 6.65 17.11 -4.02
C ASP E 476 7.96 17.00 -4.79
N ALA E 477 8.15 17.92 -5.73
CA ALA E 477 9.39 18.01 -6.49
C ALA E 477 10.36 19.02 -5.90
N THR E 478 10.23 19.33 -4.62
CA THR E 478 11.13 20.25 -3.95
C THR E 478 12.34 19.52 -3.42
N VAL E 479 13.39 20.29 -3.15
CA VAL E 479 14.58 19.75 -2.52
C VAL E 479 14.34 19.72 -1.01
N PRO E 480 15.00 18.87 -0.25
CA PRO E 480 14.97 19.01 1.20
C PRO E 480 15.80 20.20 1.65
N TYR E 481 15.47 20.70 2.83
CA TYR E 481 16.27 21.76 3.44
C TYR E 481 17.55 21.18 3.98
N GLY E 482 18.67 21.83 3.67
CA GLY E 482 19.98 21.35 4.06
C GLY E 482 20.66 20.50 3.02
N TYR E 483 19.90 19.93 2.07
CA TYR E 483 20.44 19.20 0.94
C TYR E 483 20.45 20.06 -0.32
N GLU E 484 20.50 21.38 -0.17
CA GLU E 484 20.50 22.27 -1.30
C GLU E 484 21.82 22.29 -2.04
N SER E 485 22.92 21.94 -1.37
CA SER E 485 24.22 21.86 -2.02
C SER E 485 24.34 20.63 -2.92
N ASP E 486 23.72 19.53 -2.53
CA ASP E 486 23.71 18.34 -3.37
C ASP E 486 22.78 18.49 -4.56
N PHE E 487 21.74 19.31 -4.44
CA PHE E 487 20.76 19.51 -5.50
C PHE E 487 20.92 20.85 -6.20
N HIS E 488 22.09 21.48 -6.13
CA HIS E 488 22.25 22.81 -6.71
C HIS E 488 22.53 22.68 -8.20
N ARG E 489 21.78 23.40 -9.00
CA ARG E 489 22.00 23.42 -10.43
C ARG E 489 23.18 24.32 -10.73
N PRO E 490 24.23 23.85 -11.41
CA PRO E 490 25.38 24.71 -11.71
C PRO E 490 25.08 25.70 -12.81
N VAL E 491 25.74 26.86 -12.72
CA VAL E 491 25.48 27.99 -13.60
C VAL E 491 26.71 28.19 -14.48
N TYR E 492 26.51 28.10 -15.78
CA TYR E 492 27.57 28.34 -16.74
C TYR E 492 27.84 29.84 -16.86
N GLY E 493 29.01 30.17 -17.38
CA GLY E 493 29.40 31.56 -17.51
C GLY E 493 28.80 32.26 -18.72
N VAL E 494 27.50 32.53 -18.70
CA VAL E 494 26.85 33.23 -19.81
C VAL E 494 26.95 34.74 -19.68
N ASP E 495 27.39 35.25 -18.52
CA ASP E 495 27.59 36.67 -18.33
C ASP E 495 29.06 37.07 -18.31
N LEU E 496 29.96 36.11 -18.11
CA LEU E 496 31.38 36.39 -18.13
C LEU E 496 31.94 36.51 -19.54
N VAL E 497 31.21 36.03 -20.54
CA VAL E 497 31.64 36.13 -21.93
C VAL E 497 30.57 36.92 -22.69
N LYS E 498 31.00 37.62 -23.74
CA LYS E 498 30.12 38.37 -24.58
C LYS E 498 30.21 37.84 -26.02
N PRO E 499 29.08 37.50 -26.65
CA PRO E 499 29.14 36.95 -28.01
C PRO E 499 29.39 37.98 -29.10
N GLU E 500 29.32 39.28 -28.78
CA GLU E 500 29.60 40.31 -29.77
C GLU E 500 31.09 40.45 -30.07
N ASN E 501 31.95 39.99 -29.16
CA ASN E 501 33.39 40.05 -29.38
C ASN E 501 33.89 38.95 -30.30
N PHE E 502 33.09 37.91 -30.54
CA PHE E 502 33.51 36.76 -31.34
C PHE E 502 32.85 36.71 -32.70
N PHE E 503 31.57 37.07 -32.80
CA PHE E 503 30.85 36.99 -34.06
C PHE E 503 30.25 38.35 -34.39
N ASP E 504 29.99 38.56 -35.67
CA ASP E 504 29.25 39.73 -36.11
C ASP E 504 27.76 39.52 -35.89
N ALA E 505 26.99 40.59 -36.09
CA ALA E 505 25.56 40.60 -35.80
C ALA E 505 24.72 39.81 -36.80
N LYS E 506 25.27 39.51 -37.98
CA LYS E 506 24.64 38.56 -38.89
C LYS E 506 24.69 37.14 -38.32
N ASP E 507 25.83 36.76 -37.73
CA ASP E 507 25.99 35.42 -37.20
C ASP E 507 25.30 35.20 -35.87
N ILE E 508 24.99 36.27 -35.13
CA ILE E 508 24.26 36.11 -33.87
C ILE E 508 22.80 35.80 -34.14
N ASP E 509 22.17 36.56 -35.03
CA ASP E 509 20.75 36.39 -35.31
C ASP E 509 20.45 35.17 -36.16
N LYS E 510 21.44 34.64 -36.88
CA LYS E 510 21.28 33.33 -37.50
C LYS E 510 21.30 32.24 -36.45
N MET E 511 22.12 32.42 -35.41
CA MET E 511 22.30 31.38 -34.40
C MET E 511 21.24 31.46 -33.31
N LYS E 512 20.67 32.64 -33.08
CA LYS E 512 19.62 32.81 -32.08
C LYS E 512 18.23 32.48 -32.61
N SER E 513 18.06 32.34 -33.93
CA SER E 513 16.74 32.09 -34.49
C SER E 513 16.37 30.62 -34.50
N ARG E 514 17.30 29.74 -34.16
CA ARG E 514 17.03 28.30 -34.09
C ARG E 514 16.82 27.82 -32.67
N MET E 515 16.63 28.74 -31.73
CA MET E 515 16.52 28.41 -30.31
C MET E 515 15.07 28.53 -29.89
N ALA E 516 14.50 27.43 -29.40
CA ALA E 516 13.11 27.41 -28.94
C ALA E 516 12.94 26.32 -27.91
N GLY E 517 12.09 26.60 -26.92
CA GLY E 517 11.72 25.60 -25.93
C GLY E 517 12.48 25.80 -24.63
N TRP E 518 13.16 24.75 -24.16
CA TRP E 518 13.90 24.83 -22.91
C TRP E 518 15.19 25.61 -23.05
N VAL E 519 15.73 25.73 -24.26
CA VAL E 519 17.01 26.40 -24.44
C VAL E 519 16.89 27.92 -24.36
N LEU E 520 15.70 28.48 -24.51
CA LEU E 520 15.52 29.91 -24.28
C LEU E 520 15.55 30.23 -22.80
N SER E 521 15.02 29.33 -21.97
CA SER E 521 15.07 29.51 -20.53
C SER E 521 16.44 29.20 -19.96
N LEU E 522 17.14 28.22 -20.53
CA LEU E 522 18.44 27.83 -19.99
C LEU E 522 19.55 28.78 -20.40
N ALA E 523 19.44 29.44 -21.55
CA ALA E 523 20.45 30.42 -21.92
C ALA E 523 20.31 31.73 -21.16
N ARG E 524 19.11 32.03 -20.66
CA ARG E 524 18.92 33.26 -19.90
C ARG E 524 19.51 33.12 -18.50
N THR E 525 19.20 32.03 -17.81
CA THR E 525 19.70 31.81 -16.46
C THR E 525 21.12 31.24 -16.43
N GLY E 526 21.61 30.71 -17.55
CA GLY E 526 22.89 30.04 -17.54
C GLY E 526 22.88 28.65 -16.94
N ARG E 527 21.71 28.06 -16.78
CA ARG E 527 21.56 26.86 -15.97
C ARG E 527 21.79 25.60 -16.78
N ALA F 13 51.55 12.38 -49.73
CA ALA F 13 51.59 13.81 -49.43
C ALA F 13 50.59 14.15 -48.34
N GLU F 14 49.32 13.89 -48.61
CA GLU F 14 48.26 14.17 -47.64
C GLU F 14 47.18 13.11 -47.77
N ARG F 15 46.72 12.59 -46.64
CA ARG F 15 45.70 11.56 -46.61
C ARG F 15 44.35 12.16 -46.24
N VAL F 16 43.29 11.63 -46.84
CA VAL F 16 41.94 12.17 -46.72
C VAL F 16 41.03 11.09 -46.14
N GLY F 17 40.26 11.44 -45.11
CA GLY F 17 39.29 10.53 -44.56
C GLY F 17 38.06 10.39 -45.44
N GLU F 18 37.28 9.35 -45.15
CA GLU F 18 36.10 9.08 -45.96
C GLU F 18 34.93 9.97 -45.56
N LYS F 19 34.48 9.87 -44.32
CA LYS F 19 33.34 10.63 -43.81
C LYS F 19 33.66 11.22 -42.45
N ASP F 20 34.80 11.87 -42.35
CA ASP F 20 35.34 12.34 -41.08
C ASP F 20 34.75 13.69 -40.70
N LEU F 21 35.35 14.33 -39.69
CA LEU F 21 34.87 15.62 -39.20
C LEU F 21 35.21 16.75 -40.15
N ARG F 22 36.28 16.61 -40.94
CA ARG F 22 36.63 17.65 -41.91
C ARG F 22 35.70 17.63 -43.11
N ALA F 23 35.19 16.45 -43.49
CA ALA F 23 34.21 16.38 -44.56
C ALA F 23 32.85 16.86 -44.10
N ALA F 24 32.53 16.69 -42.82
CA ALA F 24 31.26 17.19 -42.29
C ALA F 24 31.30 18.69 -42.09
N LEU F 25 32.49 19.25 -41.83
CA LEU F 25 32.62 20.70 -41.70
C LEU F 25 32.51 21.41 -43.04
N GLU F 26 32.91 20.73 -44.13
CA GLU F 26 32.72 21.31 -45.46
C GLU F 26 31.28 21.22 -45.91
N TRP F 27 30.53 20.24 -45.40
CA TRP F 27 29.11 20.15 -45.71
C TRP F 27 28.31 21.22 -44.96
N PHE F 28 28.78 21.62 -43.77
CA PHE F 28 28.11 22.69 -43.04
C PHE F 28 28.39 24.05 -43.66
N ARG F 29 29.52 24.20 -44.34
CA ARG F 29 29.81 25.45 -45.03
C ARG F 29 28.97 25.61 -46.29
N SER F 30 28.60 24.49 -46.92
CA SER F 30 27.80 24.56 -48.14
C SER F 30 26.34 24.89 -47.84
N LYS F 31 25.83 24.42 -46.71
CA LYS F 31 24.45 24.72 -46.31
C LYS F 31 24.35 25.99 -45.48
N GLY F 32 25.47 26.63 -45.17
CA GLY F 32 25.46 27.84 -44.37
C GLY F 32 25.24 27.62 -42.89
N TYR F 33 25.42 26.40 -42.40
CA TYR F 33 25.18 26.09 -41.00
C TYR F 33 26.39 26.32 -40.11
N LEU F 34 27.56 26.59 -40.68
CA LEU F 34 28.79 26.73 -39.91
C LEU F 34 29.06 28.19 -39.62
N VAL F 35 29.32 28.50 -38.35
CA VAL F 35 29.68 29.84 -37.92
C VAL F 35 31.12 29.78 -37.41
N GLU F 36 32.02 30.47 -38.09
CA GLU F 36 33.43 30.45 -37.73
C GLU F 36 33.88 31.81 -37.21
N THR F 37 35.00 31.79 -36.50
CA THR F 37 35.60 33.00 -35.97
C THR F 37 37.10 32.80 -35.87
N ASN F 38 37.83 33.91 -35.79
CA ASN F 38 39.28 33.89 -35.66
C ASN F 38 39.75 34.56 -34.38
N LYS F 39 38.84 34.95 -33.49
CA LYS F 39 39.22 35.49 -32.20
C LYS F 39 39.69 34.37 -31.29
N GLU F 40 40.61 34.71 -30.39
CA GLU F 40 41.21 33.71 -29.52
C GLU F 40 40.27 33.43 -28.35
N VAL F 41 39.53 32.33 -28.46
CA VAL F 41 38.68 31.90 -27.36
C VAL F 41 39.55 31.24 -26.27
N ASN F 42 39.04 31.27 -25.05
CA ASN F 42 39.67 30.65 -23.90
C ASN F 42 39.08 29.26 -23.68
N PRO F 43 39.91 28.24 -23.42
CA PRO F 43 39.37 26.98 -22.91
C PRO F 43 38.84 27.07 -21.49
N ASP F 44 39.30 28.03 -20.69
CA ASP F 44 38.75 28.28 -19.36
C ASP F 44 37.55 29.20 -19.49
N LEU F 45 36.35 28.62 -19.34
CA LEU F 45 35.06 29.28 -19.12
C LEU F 45 34.61 30.18 -20.27
N GLU F 46 35.02 29.87 -21.50
CA GLU F 46 34.56 30.68 -22.62
C GLU F 46 34.01 29.82 -23.75
N ILE F 47 34.48 28.57 -23.84
CA ILE F 47 33.94 27.65 -24.84
C ILE F 47 32.57 27.16 -24.41
N THR F 48 32.46 26.67 -23.17
CA THR F 48 31.19 26.22 -22.63
C THR F 48 30.29 27.38 -22.24
N GLY F 49 30.84 28.57 -22.00
CA GLY F 49 30.00 29.75 -21.81
C GLY F 49 29.30 30.18 -23.08
N LEU F 50 30.01 30.15 -24.21
CA LEU F 50 29.40 30.45 -25.50
C LEU F 50 28.53 29.31 -26.00
N GLN F 51 28.77 28.09 -25.53
CA GLN F 51 27.90 26.96 -25.87
C GLN F 51 26.57 27.06 -25.16
N LYS F 52 26.54 27.59 -23.95
CA LYS F 52 25.31 27.70 -23.19
C LYS F 52 24.43 28.85 -23.67
N ILE F 53 25.04 29.90 -24.24
CA ILE F 53 24.29 31.00 -24.83
C ILE F 53 23.59 30.54 -26.11
N PHE F 54 24.25 29.71 -26.90
CA PHE F 54 23.70 29.23 -28.15
C PHE F 54 23.41 27.74 -28.08
N ASP F 55 22.76 27.33 -26.99
CA ASP F 55 22.38 25.94 -26.78
C ASP F 55 21.30 25.51 -27.77
N GLY F 56 21.50 24.34 -28.39
CA GLY F 56 20.60 23.82 -29.39
C GLY F 56 20.58 24.61 -30.68
N SER F 57 21.75 24.98 -31.18
CA SER F 57 21.83 25.88 -32.32
C SER F 57 22.94 25.39 -33.25
N LEU F 58 23.39 26.29 -34.13
CA LEU F 58 24.32 25.98 -35.22
C LEU F 58 25.72 25.65 -34.70
N PRO F 59 26.49 24.86 -35.45
CA PRO F 59 27.88 24.57 -35.03
C PRO F 59 28.81 25.77 -35.10
N MET F 60 29.60 25.93 -34.05
CA MET F 60 30.50 27.05 -33.86
C MET F 60 31.93 26.54 -33.95
N LEU F 61 32.73 27.14 -34.82
CA LEU F 61 34.11 26.71 -35.04
C LEU F 61 35.05 27.79 -34.52
N PHE F 62 35.97 27.41 -33.64
CA PHE F 62 36.96 28.31 -33.08
C PHE F 62 38.31 27.97 -33.69
N ASN F 63 38.84 28.86 -34.52
CA ASN F 63 40.13 28.62 -35.15
C ASN F 63 41.28 28.86 -34.18
N ASN F 64 41.16 29.87 -33.31
CA ASN F 64 42.21 30.22 -32.38
C ASN F 64 41.76 29.90 -30.97
N VAL F 65 42.46 28.98 -30.32
CA VAL F 65 42.22 28.61 -28.93
C VAL F 65 43.44 29.08 -28.13
N LYS F 66 43.19 29.58 -26.92
CA LYS F 66 44.24 30.15 -26.06
C LYS F 66 45.15 29.06 -25.52
N ASP F 67 46.47 29.29 -25.66
CA ASP F 67 47.59 28.37 -25.39
C ASP F 67 47.46 27.04 -26.15
N MET F 68 46.92 27.09 -27.36
CA MET F 68 46.73 25.92 -28.21
C MET F 68 47.05 26.36 -29.62
N PRO F 69 48.34 26.38 -30.00
CA PRO F 69 48.71 26.95 -31.30
C PRO F 69 48.46 26.02 -32.47
N HIS F 70 48.17 24.75 -32.23
CA HIS F 70 47.89 23.81 -33.29
C HIS F 70 46.48 23.26 -33.27
N ALA F 71 45.69 23.55 -32.25
CA ALA F 71 44.37 22.96 -32.08
C ALA F 71 43.28 23.90 -32.56
N ARG F 72 42.30 23.33 -33.25
CA ARG F 72 41.04 24.01 -33.55
C ARG F 72 39.95 23.37 -32.71
N ALA F 73 38.91 24.15 -32.42
CA ALA F 73 37.82 23.67 -31.57
C ALA F 73 36.50 23.90 -32.28
N ILE F 74 35.72 22.83 -32.40
CA ILE F 74 34.34 22.90 -32.87
C ILE F 74 33.45 22.68 -31.66
N THR F 75 32.34 23.41 -31.59
CA THR F 75 31.34 23.17 -30.58
C THR F 75 29.97 23.39 -31.19
N ASN F 76 28.95 22.92 -30.46
CA ASN F 76 27.51 22.92 -30.82
C ASN F 76 27.23 22.16 -32.12
N LEU F 77 27.98 21.08 -32.35
CA LEU F 77 27.88 20.31 -33.58
C LEU F 77 26.62 19.45 -33.60
N PHE F 78 26.21 18.93 -32.44
CA PHE F 78 25.00 18.15 -32.32
C PHE F 78 23.90 18.92 -31.60
N GLY F 79 23.93 20.25 -31.72
CA GLY F 79 23.00 21.11 -31.00
C GLY F 79 21.60 21.07 -31.58
N ASP F 80 21.47 21.50 -32.83
CA ASP F 80 20.20 21.35 -33.52
C ASP F 80 20.09 19.94 -34.07
N ILE F 81 18.98 19.27 -33.77
CA ILE F 81 18.74 17.93 -34.31
C ILE F 81 18.25 17.97 -35.75
N ARG F 82 17.84 19.13 -36.24
CA ARG F 82 17.44 19.27 -37.64
C ARG F 82 18.62 19.29 -38.58
N VAL F 83 19.81 19.65 -38.11
CA VAL F 83 21.00 19.61 -38.96
C VAL F 83 21.82 18.33 -38.75
N VAL F 84 21.58 17.60 -37.67
CA VAL F 84 22.12 16.24 -37.56
C VAL F 84 21.35 15.32 -38.51
N GLU F 85 20.02 15.49 -38.57
CA GLU F 85 19.19 14.68 -39.45
C GLU F 85 19.37 15.03 -40.91
N GLU F 86 19.72 16.28 -41.21
CA GLU F 86 20.06 16.65 -42.57
C GLU F 86 21.43 16.15 -42.99
N LEU F 87 22.32 15.92 -42.03
CA LEU F 87 23.66 15.41 -42.33
C LEU F 87 23.62 13.94 -42.72
N PHE F 88 22.84 13.14 -42.01
CA PHE F 88 22.76 11.71 -42.27
C PHE F 88 21.60 11.35 -43.20
N GLY F 89 20.93 12.33 -43.77
CA GLY F 89 19.85 12.08 -44.72
C GLY F 89 18.57 11.56 -44.13
N TRP F 90 18.15 12.10 -42.99
CA TRP F 90 16.90 11.72 -42.34
C TRP F 90 15.91 12.86 -42.44
N GLU F 91 14.63 12.52 -42.62
CA GLU F 91 13.61 13.53 -42.83
C GLU F 91 13.20 14.20 -41.53
N ASN F 92 12.91 13.41 -40.50
CA ASN F 92 12.50 13.96 -39.21
C ASN F 92 13.02 13.03 -38.13
N SER F 93 12.55 13.24 -36.90
CA SER F 93 12.97 12.42 -35.78
C SER F 93 12.32 11.05 -35.79
N LEU F 94 11.15 10.90 -36.43
CA LEU F 94 10.55 9.59 -36.58
C LEU F 94 11.29 8.75 -37.61
N ASP F 95 11.80 9.39 -38.66
CA ASP F 95 12.64 8.69 -39.62
C ASP F 95 14.03 8.42 -39.06
N ARG F 96 14.48 9.22 -38.09
CA ARG F 96 15.77 8.99 -37.46
C ARG F 96 15.75 7.77 -36.56
N VAL F 97 14.67 7.58 -35.80
CA VAL F 97 14.54 6.50 -34.84
C VAL F 97 14.38 5.15 -35.54
N LYS F 98 13.56 5.10 -36.58
CA LYS F 98 13.30 3.86 -37.30
C LYS F 98 14.45 3.41 -38.20
N LYS F 99 15.38 4.29 -38.53
CA LYS F 99 16.50 3.90 -39.39
C LYS F 99 17.74 3.50 -38.61
N VAL F 100 17.97 4.11 -37.45
CA VAL F 100 19.07 3.70 -36.58
C VAL F 100 18.76 2.34 -35.95
N ALA F 101 17.49 2.11 -35.60
CA ALA F 101 17.07 0.81 -35.09
C ALA F 101 17.04 -0.26 -36.18
N ARG F 102 16.88 0.13 -37.44
CA ARG F 102 17.16 -0.77 -38.55
C ARG F 102 18.66 -1.04 -38.65
N ALA F 103 19.48 -0.01 -38.46
CA ALA F 103 20.93 -0.13 -38.56
C ALA F 103 21.57 -0.81 -37.36
N ILE F 104 20.84 -0.94 -36.25
CA ILE F 104 21.31 -1.74 -35.12
C ILE F 104 21.29 -3.22 -35.48
N ASP F 105 20.22 -3.67 -36.13
CA ASP F 105 20.07 -5.08 -36.48
C ASP F 105 20.94 -5.50 -37.66
N HIS F 106 21.40 -4.57 -38.48
CA HIS F 106 22.29 -4.86 -39.61
C HIS F 106 23.53 -3.99 -39.52
N PRO F 107 24.53 -4.37 -38.73
CA PRO F 107 25.76 -3.59 -38.69
C PRO F 107 26.67 -3.88 -39.89
N LEU F 108 27.47 -2.88 -40.24
CA LEU F 108 28.43 -3.00 -41.32
C LEU F 108 29.79 -3.35 -40.75
N LYS F 109 30.49 -4.28 -41.41
CA LYS F 109 31.78 -4.74 -40.91
C LYS F 109 32.86 -3.70 -41.17
N PRO F 110 33.57 -3.22 -40.13
CA PRO F 110 34.57 -2.18 -40.35
C PRO F 110 35.85 -2.71 -40.98
N VAL F 111 36.42 -1.91 -41.87
CA VAL F 111 37.58 -2.31 -42.64
C VAL F 111 38.84 -1.87 -41.92
N ILE F 112 39.94 -2.56 -42.22
CA ILE F 112 41.24 -2.25 -41.63
C ILE F 112 42.17 -1.83 -42.76
N ILE F 113 42.69 -0.61 -42.68
CA ILE F 113 43.58 -0.08 -43.70
C ILE F 113 45.01 -0.10 -43.15
N GLY F 114 45.97 0.19 -44.03
CA GLY F 114 47.36 0.18 -43.63
C GLY F 114 47.75 1.43 -42.86
N GLN F 115 48.93 1.35 -42.23
CA GLN F 115 49.41 2.42 -41.37
C GLN F 115 49.92 3.63 -42.16
N ASP F 116 50.27 3.46 -43.42
CA ASP F 116 50.68 4.58 -44.26
C ASP F 116 49.49 5.31 -44.88
N GLU F 117 48.29 4.74 -44.81
CA GLU F 117 47.10 5.38 -45.36
C GLU F 117 46.19 5.99 -44.31
N ALA F 118 46.47 5.77 -43.03
CA ALA F 118 45.64 6.33 -41.97
C ALA F 118 45.98 7.80 -41.77
N PRO F 119 45.01 8.72 -41.85
CA PRO F 119 45.32 10.14 -41.65
C PRO F 119 45.65 10.54 -40.21
N VAL F 120 45.26 9.73 -39.23
CA VAL F 120 45.53 10.10 -37.84
C VAL F 120 46.95 9.73 -37.43
N GLN F 121 47.64 8.89 -38.21
CA GLN F 121 49.01 8.50 -37.90
C GLN F 121 50.03 9.26 -38.73
N GLU F 122 49.75 10.53 -39.05
CA GLU F 122 50.73 11.36 -39.75
C GLU F 122 51.85 11.79 -38.81
N GLU F 123 51.50 12.20 -37.59
CA GLU F 123 52.47 12.62 -36.58
C GLU F 123 52.32 11.71 -35.37
N VAL F 124 53.29 10.83 -35.17
CA VAL F 124 53.27 9.87 -34.08
C VAL F 124 54.32 10.29 -33.06
N LEU F 125 53.88 10.54 -31.84
CA LEU F 125 54.75 10.92 -30.74
C LEU F 125 54.80 9.79 -29.72
N THR F 126 56.02 9.34 -29.40
CA THR F 126 56.21 8.28 -28.42
C THR F 126 56.93 8.73 -27.17
N THR F 127 57.63 9.86 -27.22
CA THR F 127 58.32 10.42 -26.07
C THR F 127 57.81 11.84 -25.82
N ASP F 128 58.19 12.35 -24.64
CA ASP F 128 57.67 13.54 -23.92
C ASP F 128 56.16 13.72 -24.07
N LEU F 129 55.44 12.69 -23.65
CA LEU F 129 53.98 12.61 -23.80
C LEU F 129 53.32 13.49 -22.75
N ASP F 130 53.21 14.78 -23.05
CA ASP F 130 52.40 15.69 -22.26
C ASP F 130 51.07 15.84 -22.98
N VAL F 131 50.01 15.30 -22.38
CA VAL F 131 48.71 15.27 -23.02
C VAL F 131 48.03 16.63 -22.94
N ASN F 132 48.29 17.40 -21.88
CA ASN F 132 47.77 18.75 -21.77
C ASN F 132 48.48 19.75 -22.67
N LYS F 133 49.68 19.42 -23.16
CA LYS F 133 50.33 20.22 -24.18
C LYS F 133 49.59 20.12 -25.52
N TRP F 134 49.09 18.94 -25.85
CA TRP F 134 48.49 18.71 -27.17
C TRP F 134 46.97 18.66 -27.17
N LEU F 135 46.34 18.10 -26.14
CA LEU F 135 44.90 17.96 -26.10
C LEU F 135 44.31 19.06 -25.23
N THR F 136 43.22 19.65 -25.71
CA THR F 136 42.64 20.82 -25.04
C THR F 136 41.75 20.39 -23.89
N ALA F 137 42.11 20.81 -22.68
CA ALA F 137 41.27 20.64 -21.50
C ALA F 137 40.44 21.90 -21.31
N ILE F 138 39.19 21.73 -20.89
CA ILE F 138 38.29 22.85 -20.72
C ILE F 138 37.79 22.88 -19.28
N ARG F 139 37.21 24.02 -18.92
CA ARG F 139 36.56 24.21 -17.63
C ARG F 139 35.14 24.71 -17.88
N HIS F 140 34.16 24.08 -17.25
CA HIS F 140 32.76 24.37 -17.57
C HIS F 140 32.20 25.48 -16.67
N THR F 141 32.19 25.27 -15.37
CA THR F 141 31.62 26.17 -14.39
C THR F 141 32.72 26.86 -13.60
N PRO F 142 32.48 28.07 -13.07
CA PRO F 142 33.52 28.75 -12.27
C PRO F 142 33.79 28.15 -10.88
N LEU F 143 33.00 27.18 -10.41
CA LEU F 143 33.25 26.52 -9.14
C LEU F 143 34.25 25.38 -9.24
N GLU F 144 34.77 25.09 -10.43
CA GLU F 144 35.72 24.00 -10.61
C GLU F 144 37.11 24.41 -10.13
N THR F 145 37.95 23.40 -9.91
CA THR F 145 39.35 23.64 -9.56
C THR F 145 40.27 23.15 -10.69
N GLU F 146 39.86 22.10 -11.40
CA GLU F 146 40.74 21.42 -12.34
C GLU F 146 40.26 21.58 -13.78
N MET F 147 41.18 21.29 -14.70
CA MET F 147 40.95 21.36 -16.13
C MET F 147 40.74 19.94 -16.64
N THR F 148 39.63 19.69 -17.32
CA THR F 148 39.17 18.34 -17.60
C THR F 148 39.17 18.09 -19.10
N ILE F 149 39.88 17.04 -19.53
CA ILE F 149 39.73 16.53 -20.89
C ILE F 149 38.52 15.61 -20.93
N GLY F 150 37.53 15.98 -21.74
CA GLY F 150 36.34 15.16 -21.86
C GLY F 150 35.84 15.05 -23.28
N SER F 151 36.75 15.06 -24.24
CA SER F 151 36.39 15.10 -25.65
C SER F 151 36.63 13.78 -26.38
N GLY F 152 37.06 12.74 -25.67
CA GLY F 152 37.52 11.51 -26.31
C GLY F 152 36.55 10.36 -26.08
N ILE F 153 36.40 9.53 -27.11
CA ILE F 153 35.63 8.30 -27.01
C ILE F 153 36.62 7.14 -26.93
N SER F 154 36.18 6.04 -26.33
CA SER F 154 37.09 4.94 -25.98
C SER F 154 36.85 3.78 -26.95
N CYS F 155 37.84 3.50 -27.78
CA CYS F 155 37.71 2.50 -28.84
C CYS F 155 38.37 1.20 -28.40
N VAL F 156 37.56 0.21 -28.07
CA VAL F 156 38.04 -1.12 -27.66
C VAL F 156 37.57 -2.12 -28.71
N VAL F 157 38.49 -2.58 -29.54
CA VAL F 157 38.21 -3.54 -30.61
C VAL F 157 39.06 -4.77 -30.37
N GLY F 158 38.43 -5.93 -30.29
CA GLY F 158 39.17 -7.17 -30.34
C GLY F 158 38.76 -8.19 -29.28
N PRO F 159 39.75 -8.84 -28.66
CA PRO F 159 39.44 -9.91 -27.70
C PRO F 159 38.97 -9.41 -26.35
N TYR F 160 39.14 -8.14 -26.04
CA TYR F 160 38.66 -7.60 -24.78
C TYR F 160 37.20 -7.20 -24.83
N PHE F 161 36.59 -7.18 -26.03
CA PHE F 161 35.15 -7.00 -26.18
C PHE F 161 34.53 -8.15 -26.97
N ASP F 162 35.10 -9.36 -26.79
CA ASP F 162 34.59 -10.66 -27.27
C ASP F 162 34.47 -10.74 -28.79
N GLY F 163 35.39 -10.09 -29.51
CA GLY F 163 35.34 -10.06 -30.94
C GLY F 163 34.51 -8.94 -31.53
N GLY F 164 33.83 -8.16 -30.70
CA GLY F 164 33.06 -7.02 -31.15
C GLY F 164 33.84 -5.74 -31.06
N SER F 165 33.13 -4.63 -30.86
CA SER F 165 33.76 -3.33 -30.74
C SER F 165 32.92 -2.44 -29.84
N HIS F 166 33.57 -1.45 -29.25
CA HIS F 166 32.90 -0.55 -28.32
C HIS F 166 33.42 0.86 -28.53
N ILE F 167 32.51 1.84 -28.58
CA ILE F 167 32.87 3.24 -28.58
C ILE F 167 32.01 3.96 -27.55
N GLY F 168 32.63 4.81 -26.75
CA GLY F 168 31.91 5.55 -25.72
C GLY F 168 32.80 6.54 -24.99
N TYR F 169 32.21 7.64 -24.55
CA TYR F 169 32.96 8.73 -23.92
C TYR F 169 33.39 8.39 -22.52
N ASN F 170 34.58 8.87 -22.14
CA ASN F 170 35.08 8.78 -20.78
C ASN F 170 35.84 10.07 -20.47
N ARG F 171 35.62 10.64 -19.30
CA ARG F 171 36.30 11.87 -18.95
C ARG F 171 37.68 11.56 -18.39
N MET F 172 38.60 12.52 -18.54
CA MET F 172 39.97 12.38 -18.09
C MET F 172 40.38 13.57 -17.24
N ASN F 173 41.44 13.38 -16.47
CA ASN F 173 42.11 14.49 -15.79
C ASN F 173 43.59 14.12 -15.72
N PHE F 174 44.37 14.64 -16.67
CA PHE F 174 45.79 14.36 -16.73
C PHE F 174 46.52 15.28 -15.76
N ARG F 175 47.00 14.72 -14.66
CA ARG F 175 47.71 15.47 -13.65
C ARG F 175 49.15 15.03 -13.46
N TRP F 176 49.53 13.87 -13.97
CA TRP F 176 50.86 13.33 -13.79
C TRP F 176 51.54 13.11 -15.13
N GLY F 177 51.36 14.04 -16.05
CA GLY F 177 52.01 13.96 -17.34
C GLY F 177 51.26 13.08 -18.32
N ASN F 178 51.74 11.86 -18.52
CA ASN F 178 51.11 10.91 -19.42
C ASN F 178 50.12 10.00 -18.70
N VAL F 179 49.93 10.18 -17.39
CA VAL F 179 49.00 9.36 -16.62
C VAL F 179 47.86 10.26 -16.17
N GLY F 180 46.62 9.84 -16.44
CA GLY F 180 45.46 10.55 -15.99
C GLY F 180 44.36 9.59 -15.59
N THR F 181 43.37 10.14 -14.90
CA THR F 181 42.25 9.34 -14.43
C THR F 181 41.30 9.01 -15.58
N PHE F 182 40.46 8.01 -15.35
CA PHE F 182 39.62 7.45 -16.41
C PHE F 182 38.31 7.02 -15.74
N GLN F 183 37.32 7.91 -15.79
CA GLN F 183 36.08 7.67 -15.07
C GLN F 183 35.18 6.73 -15.87
N ILE F 184 34.82 5.61 -15.25
CA ILE F 184 33.90 4.65 -15.84
C ILE F 184 32.65 4.63 -14.97
N SER F 185 31.50 4.88 -15.60
CA SER F 185 30.23 4.74 -14.92
C SER F 185 29.96 3.25 -14.66
N PRO F 186 29.42 2.90 -13.49
CA PRO F 186 29.25 1.48 -13.16
C PRO F 186 28.09 0.84 -13.92
N GLY F 187 28.32 -0.40 -14.33
CA GLY F 187 27.37 -1.12 -15.15
C GLY F 187 27.46 -0.88 -16.63
N SER F 188 28.43 -0.08 -17.08
CA SER F 188 28.55 0.27 -18.49
C SER F 188 29.33 -0.80 -19.25
N HIS F 189 29.64 -0.53 -20.53
CA HIS F 189 30.41 -1.47 -21.33
C HIS F 189 31.87 -1.53 -20.90
N MET F 190 32.43 -0.39 -20.52
CA MET F 190 33.79 -0.35 -19.99
C MET F 190 33.88 -0.91 -18.59
N TRP F 191 32.78 -0.88 -17.84
CA TRP F 191 32.74 -1.52 -16.52
C TRP F 191 32.75 -3.04 -16.65
N GLN F 192 32.12 -3.57 -17.70
CA GLN F 192 32.08 -5.02 -17.89
C GLN F 192 33.40 -5.57 -18.39
N VAL F 193 34.18 -4.78 -19.12
CA VAL F 193 35.54 -5.16 -19.48
C VAL F 193 36.43 -5.10 -18.25
N MET F 194 36.22 -4.10 -17.39
CA MET F 194 37.09 -3.87 -16.24
C MET F 194 36.85 -4.89 -15.13
N THR F 195 35.60 -5.31 -14.92
CA THR F 195 35.32 -6.33 -13.92
C THR F 195 35.71 -7.72 -14.36
N GLU F 196 35.79 -7.97 -15.67
CA GLU F 196 36.27 -9.24 -16.15
C GLU F 196 37.78 -9.37 -15.98
N HIS F 197 38.52 -8.31 -16.31
CA HIS F 197 39.97 -8.31 -16.28
C HIS F 197 40.50 -7.50 -15.09
N TYR F 198 39.82 -7.58 -13.96
CA TYR F 198 40.28 -6.88 -12.76
C TYR F 198 41.47 -7.56 -12.12
N LYS F 199 41.45 -8.90 -12.05
CA LYS F 199 42.50 -9.66 -11.41
C LYS F 199 43.56 -10.13 -12.38
N ASP F 200 43.50 -9.70 -13.64
CA ASP F 200 44.53 -10.03 -14.61
C ASP F 200 45.79 -9.24 -14.34
N ASP F 201 46.94 -9.90 -14.52
CA ASP F 201 48.22 -9.24 -14.33
C ASP F 201 48.55 -8.30 -15.49
N GLU F 202 48.13 -8.63 -16.69
CA GLU F 202 48.33 -7.77 -17.83
C GLU F 202 47.33 -6.62 -17.80
N PRO F 203 47.73 -5.41 -18.22
CA PRO F 203 46.79 -4.30 -18.29
C PRO F 203 45.90 -4.42 -19.54
N ILE F 204 44.85 -3.61 -19.55
CA ILE F 204 43.90 -3.59 -20.65
C ILE F 204 44.34 -2.51 -21.64
N PRO F 205 44.69 -2.86 -22.88
CA PRO F 205 45.04 -1.83 -23.86
C PRO F 205 43.79 -1.28 -24.54
N LEU F 206 43.64 0.04 -24.50
CA LEU F 206 42.57 0.71 -25.23
C LEU F 206 43.14 1.92 -25.93
N THR F 207 42.27 2.60 -26.67
CA THR F 207 42.67 3.71 -27.50
C THR F 207 41.60 4.79 -27.36
N MET F 208 42.01 6.00 -26.99
CA MET F 208 41.09 7.12 -26.95
C MET F 208 41.27 7.99 -28.18
N CYS F 209 40.19 8.19 -28.92
CA CYS F 209 40.20 8.93 -30.18
C CYS F 209 39.49 10.26 -30.03
N PHE F 210 40.04 11.28 -30.68
CA PHE F 210 39.55 12.64 -30.59
C PHE F 210 39.32 13.17 -31.99
N GLY F 211 38.25 13.95 -32.16
CA GLY F 211 37.91 14.50 -33.46
C GLY F 211 37.41 13.43 -34.41
N VAL F 212 36.48 12.61 -33.92
CA VAL F 212 36.00 11.40 -34.59
C VAL F 212 35.03 11.76 -35.72
N PRO F 213 34.71 10.84 -36.63
CA PRO F 213 33.59 11.05 -37.53
C PRO F 213 32.27 11.14 -36.77
N PRO F 214 31.30 11.91 -37.27
CA PRO F 214 30.07 12.16 -36.50
C PRO F 214 29.11 10.98 -36.44
N SER F 215 29.28 9.96 -37.27
CA SER F 215 28.60 8.70 -37.03
C SER F 215 29.19 7.98 -35.83
N CYS F 216 30.51 8.09 -35.62
CA CYS F 216 31.12 7.51 -34.43
C CYS F 216 30.88 8.34 -33.18
N THR F 217 30.60 9.63 -33.33
CA THR F 217 30.14 10.45 -32.20
C THR F 217 28.72 10.07 -31.80
N TYR F 218 27.93 9.63 -32.77
CA TYR F 218 26.51 9.33 -32.58
C TYR F 218 26.31 8.07 -31.74
N VAL F 219 27.07 7.02 -32.02
CA VAL F 219 26.94 5.77 -31.27
C VAL F 219 27.76 5.84 -29.98
N ALA F 220 28.68 6.81 -29.87
CA ALA F 220 29.43 6.98 -28.63
C ALA F 220 28.52 7.19 -27.43
N GLY F 221 27.44 7.98 -27.58
CA GLY F 221 26.53 8.25 -26.49
C GLY F 221 25.55 7.14 -26.15
N ALA F 222 25.51 6.06 -26.92
CA ALA F 222 24.64 4.93 -26.63
C ALA F 222 25.16 4.16 -25.43
N GLY F 223 24.34 4.06 -24.39
CA GLY F 223 24.73 3.29 -23.23
C GLY F 223 23.52 2.99 -22.37
N PHE F 224 23.68 1.96 -21.54
CA PHE F 224 22.66 1.33 -20.68
C PHE F 224 21.42 0.93 -21.49
N ASP F 225 21.67 0.28 -22.62
CA ASP F 225 20.66 -0.33 -23.47
C ASP F 225 21.12 -1.72 -23.87
N TYR F 226 21.56 -2.48 -22.89
CA TYR F 226 22.39 -3.65 -23.11
C TYR F 226 21.59 -4.92 -23.36
N ALA F 227 20.27 -4.84 -23.36
CA ALA F 227 19.46 -5.91 -23.92
C ALA F 227 19.44 -5.86 -25.44
N ILE F 228 19.77 -4.71 -26.03
CA ILE F 228 19.83 -4.55 -27.47
C ILE F 228 21.27 -4.55 -27.97
N LEU F 229 22.16 -3.84 -27.27
CA LEU F 229 23.57 -3.75 -27.66
C LEU F 229 24.43 -4.29 -26.53
N PRO F 230 24.57 -5.61 -26.41
CA PRO F 230 25.32 -6.17 -25.27
C PRO F 230 26.83 -6.14 -25.44
N LYS F 231 27.53 -6.74 -24.49
CA LYS F 231 28.96 -6.96 -24.63
C LYS F 231 29.21 -8.02 -25.69
N GLY F 232 30.08 -7.71 -26.64
CA GLY F 232 30.29 -8.54 -27.80
C GLY F 232 29.62 -8.03 -29.06
N CYS F 233 28.83 -6.97 -28.97
CA CYS F 233 28.24 -6.36 -30.14
C CYS F 233 29.24 -5.46 -30.85
N ASP F 234 28.87 -4.98 -32.03
CA ASP F 234 29.73 -4.16 -32.87
C ASP F 234 29.22 -2.72 -32.80
N GLU F 235 29.80 -1.93 -31.91
CA GLU F 235 29.34 -0.55 -31.73
C GLU F 235 29.85 0.36 -32.84
N ILE F 236 30.99 0.04 -33.47
CA ILE F 236 31.38 0.74 -34.70
C ILE F 236 30.75 0.05 -35.91
N GLY F 237 30.11 -1.10 -35.72
CA GLY F 237 29.27 -1.66 -36.77
C GLY F 237 28.03 -0.84 -37.02
N ILE F 238 27.44 -0.27 -35.96
CA ILE F 238 26.28 0.60 -36.10
C ILE F 238 26.69 1.95 -36.67
N ALA F 239 27.90 2.41 -36.33
CA ALA F 239 28.42 3.67 -36.87
C ALA F 239 28.79 3.55 -38.34
N GLY F 240 29.14 2.35 -38.79
CA GLY F 240 29.29 2.12 -40.22
C GLY F 240 27.96 2.11 -40.95
N ALA F 241 26.93 1.55 -40.33
CA ALA F 241 25.65 1.41 -40.99
C ALA F 241 24.82 2.68 -40.97
N ILE F 242 25.16 3.66 -40.13
CA ILE F 242 24.45 4.93 -40.12
C ILE F 242 24.91 5.80 -41.27
N GLN F 243 26.22 5.93 -41.46
CA GLN F 243 26.75 6.75 -42.53
C GLN F 243 26.76 6.05 -43.88
N GLY F 244 26.52 4.74 -43.92
CA GLY F 244 26.43 4.00 -45.16
C GLY F 244 27.74 3.47 -45.69
N SER F 245 28.86 3.79 -45.06
CA SER F 245 30.17 3.31 -45.44
C SER F 245 30.86 2.74 -44.21
N PRO F 246 31.71 1.72 -44.35
CA PRO F 246 32.37 1.14 -43.18
C PRO F 246 33.47 2.04 -42.63
N VAL F 247 33.59 2.05 -41.31
CA VAL F 247 34.55 2.91 -40.62
C VAL F 247 35.93 2.28 -40.72
N ARG F 248 36.91 3.06 -41.16
CA ARG F 248 38.26 2.56 -41.33
C ARG F 248 38.98 2.50 -39.98
N LEU F 249 39.59 1.35 -39.70
CA LEU F 249 40.41 1.19 -38.52
C LEU F 249 41.86 0.97 -38.94
N VAL F 250 42.77 1.14 -37.99
CA VAL F 250 44.19 0.94 -38.22
C VAL F 250 44.81 0.41 -36.93
N LYS F 251 45.88 -0.38 -37.09
CA LYS F 251 46.62 -0.89 -35.94
C LYS F 251 47.39 0.23 -35.26
N CYS F 252 47.47 0.16 -33.94
CA CYS F 252 48.30 1.08 -33.17
C CYS F 252 49.78 0.81 -33.40
N ARG F 253 50.59 1.86 -33.22
CA ARG F 253 52.03 1.72 -33.43
C ARG F 253 52.70 0.99 -32.28
N THR F 254 52.27 1.23 -31.04
CA THR F 254 52.91 0.63 -29.88
C THR F 254 52.13 -0.56 -29.33
N ILE F 255 50.87 -0.34 -28.95
CA ILE F 255 50.08 -1.38 -28.29
C ILE F 255 49.38 -2.24 -29.33
N ASP F 256 48.83 -3.37 -28.91
CA ASP F 256 48.15 -4.30 -29.80
C ASP F 256 46.64 -4.05 -29.68
N ALA F 257 46.17 -3.03 -30.40
CA ALA F 257 44.77 -2.69 -30.41
C ALA F 257 44.44 -2.08 -31.78
N TYR F 258 43.29 -1.41 -31.86
CA TYR F 258 42.89 -0.75 -33.08
C TYR F 258 42.32 0.63 -32.75
N THR F 259 42.58 1.59 -33.64
CA THR F 259 42.08 2.95 -33.49
C THR F 259 40.97 3.20 -34.51
N LEU F 260 40.48 4.43 -34.53
CA LEU F 260 39.69 4.94 -35.63
C LEU F 260 40.63 5.76 -36.50
N ALA F 261 40.69 5.43 -37.79
CA ALA F 261 41.70 6.00 -38.67
C ALA F 261 41.37 7.43 -39.08
N ASP F 262 40.09 7.78 -39.14
CA ASP F 262 39.67 9.11 -39.61
C ASP F 262 39.47 10.10 -38.47
N ALA F 263 40.18 9.93 -37.35
CA ALA F 263 40.09 10.86 -36.24
C ALA F 263 41.14 11.96 -36.42
N GLU F 264 41.27 12.83 -35.42
CA GLU F 264 42.26 13.90 -35.46
C GLU F 264 43.37 13.68 -34.44
N TYR F 265 43.04 13.26 -33.23
CA TYR F 265 44.03 12.92 -32.21
C TYR F 265 43.69 11.54 -31.68
N VAL F 266 44.71 10.72 -31.44
CA VAL F 266 44.54 9.39 -30.87
C VAL F 266 45.54 9.23 -29.74
N LEU F 267 45.05 8.84 -28.57
CA LEU F 267 45.89 8.44 -27.45
C LEU F 267 45.92 6.92 -27.39
N GLU F 268 47.13 6.37 -27.32
CA GLU F 268 47.31 4.93 -27.20
C GLU F 268 47.93 4.61 -25.85
N GLY F 269 47.52 3.50 -25.26
CA GLY F 269 48.12 3.09 -24.01
C GLY F 269 47.29 2.05 -23.29
N TYR F 270 47.55 1.91 -22.01
CA TYR F 270 47.01 0.84 -21.19
C TYR F 270 46.20 1.40 -20.04
N LEU F 271 45.18 0.65 -19.64
CA LEU F 271 44.34 1.01 -18.51
C LEU F 271 44.68 0.10 -17.34
N HIS F 272 44.96 0.70 -16.19
CA HIS F 272 45.27 -0.08 -15.00
C HIS F 272 44.05 -0.04 -14.08
N PRO F 273 43.34 -1.14 -13.88
CA PRO F 273 42.14 -1.11 -13.04
C PRO F 273 42.45 -1.07 -11.54
N ARG F 274 43.53 -1.73 -11.14
CA ARG F 274 43.89 -1.78 -9.73
C ARG F 274 44.52 -0.47 -9.26
N ASP F 275 45.25 0.22 -10.14
CA ASP F 275 45.84 1.51 -9.81
C ASP F 275 44.76 2.58 -9.88
N LYS F 276 44.38 3.13 -8.74
CA LYS F 276 43.32 4.12 -8.68
C LYS F 276 43.81 5.37 -7.96
N ARG F 277 43.46 6.53 -8.51
CA ARG F 277 43.88 7.82 -7.97
C ARG F 277 42.69 8.76 -7.97
N TYR F 278 42.80 9.84 -7.21
CA TYR F 278 41.72 10.80 -7.11
C TYR F 278 41.70 11.72 -8.32
N GLU F 279 40.49 12.20 -8.66
CA GLU F 279 40.33 13.04 -9.84
C GLU F 279 40.80 14.48 -9.59
N THR F 280 40.56 15.01 -8.40
CA THR F 280 40.96 16.37 -8.09
C THR F 280 42.03 16.37 -7.00
N ALA F 281 42.73 17.50 -6.90
CA ALA F 281 43.78 17.64 -5.88
C ALA F 281 43.17 17.90 -4.51
N GLU F 282 42.07 18.63 -4.45
CA GLU F 282 41.46 18.96 -3.17
C GLU F 282 40.65 17.82 -2.59
N SER F 283 40.27 16.83 -3.40
CA SER F 283 39.78 15.57 -2.88
C SER F 283 40.89 14.55 -2.68
N GLU F 284 42.11 14.88 -3.08
CA GLU F 284 43.25 14.03 -2.78
C GLU F 284 43.90 14.41 -1.46
N ALA F 285 43.78 15.68 -1.05
CA ALA F 285 44.31 16.12 0.23
C ALA F 285 43.43 15.62 1.37
N ALA F 286 42.12 15.74 1.22
CA ALA F 286 41.15 15.16 2.14
C ALA F 286 40.58 13.94 1.46
N ASP F 287 41.02 12.75 1.87
CA ASP F 287 40.80 11.51 1.11
C ASP F 287 39.42 10.93 1.40
N ILE F 288 38.40 11.63 0.91
CA ILE F 288 37.02 11.16 0.90
C ILE F 288 36.56 11.17 -0.57
N GLN F 289 35.36 10.62 -0.80
CA GLN F 289 34.79 10.57 -2.13
C GLN F 289 33.33 11.00 -2.08
N GLY F 290 32.90 11.72 -3.11
CA GLY F 290 31.50 11.98 -3.32
C GLY F 290 30.96 13.31 -2.84
N ARG F 291 31.81 14.25 -2.42
CA ARG F 291 31.34 15.57 -1.99
C ARG F 291 32.06 16.73 -2.67
N PHE F 292 33.18 16.51 -3.34
CA PHE F 292 33.99 17.59 -3.89
C PHE F 292 33.83 17.65 -5.41
N HIS F 293 33.67 18.86 -5.93
CA HIS F 293 33.24 19.07 -7.31
C HIS F 293 34.35 18.81 -8.31
N PHE F 294 33.98 18.23 -9.45
CA PHE F 294 34.90 18.00 -10.56
C PHE F 294 34.52 18.83 -11.78
N HIS F 295 33.32 18.64 -12.31
CA HIS F 295 32.63 19.46 -13.31
C HIS F 295 31.16 19.09 -13.11
N PRO F 296 30.18 19.69 -13.81
CA PRO F 296 28.82 19.15 -13.77
C PRO F 296 28.67 17.78 -14.40
N GLU F 297 27.53 17.14 -14.11
CA GLU F 297 27.24 15.80 -14.58
C GLU F 297 26.08 15.83 -15.56
N TRP F 298 25.62 14.64 -15.95
CA TRP F 298 24.60 14.48 -16.98
C TRP F 298 23.20 14.85 -16.51
N ALA F 299 22.99 14.91 -15.20
CA ALA F 299 21.67 15.18 -14.64
C ALA F 299 21.30 16.65 -14.65
N GLY F 300 22.25 17.53 -14.87
CA GLY F 300 22.05 18.93 -14.56
C GLY F 300 22.41 19.29 -13.14
N TYR F 301 23.22 18.46 -12.47
CA TYR F 301 23.73 18.71 -11.13
C TYR F 301 25.25 18.80 -11.27
N MET F 302 25.99 18.77 -10.16
CA MET F 302 27.44 18.59 -10.24
C MET F 302 27.80 17.12 -10.02
N GLY F 303 28.66 16.60 -10.88
CA GLY F 303 29.36 15.40 -10.56
C GLY F 303 30.43 15.63 -9.52
N LYS F 304 30.73 14.57 -8.79
CA LYS F 304 31.73 14.62 -7.75
C LYS F 304 32.93 13.79 -8.17
N ALA F 305 34.05 14.02 -7.50
CA ALA F 305 35.27 13.31 -7.82
C ALA F 305 35.34 12.02 -7.03
N TYR F 306 35.88 10.98 -7.66
CA TYR F 306 35.97 9.67 -7.02
C TYR F 306 37.35 9.08 -7.22
N LYS F 307 37.52 7.81 -6.89
CA LYS F 307 38.78 7.11 -7.08
C LYS F 307 38.71 6.38 -8.41
N ALA F 308 38.96 7.11 -9.48
CA ALA F 308 38.90 6.60 -10.84
C ALA F 308 40.12 5.75 -11.16
N PRO F 309 40.00 4.78 -12.08
CA PRO F 309 41.20 4.08 -12.58
C PRO F 309 42.03 4.98 -13.48
N THR F 310 43.26 4.53 -13.73
CA THR F 310 44.24 5.35 -14.44
C THR F 310 44.55 4.78 -15.82
N PHE F 311 44.61 5.69 -16.79
CA PHE F 311 44.95 5.36 -18.17
C PHE F 311 46.36 5.85 -18.42
N HIS F 312 47.27 4.93 -18.74
CA HIS F 312 48.68 5.24 -18.89
C HIS F 312 49.00 5.36 -20.38
N VAL F 313 49.20 6.60 -20.84
CA VAL F 313 49.38 6.86 -22.27
C VAL F 313 50.81 6.50 -22.68
N THR F 314 50.94 5.63 -23.68
CA THR F 314 52.25 5.26 -24.21
C THR F 314 52.60 5.98 -25.51
N ALA F 315 51.60 6.43 -26.28
CA ALA F 315 51.86 7.09 -27.55
C ALA F 315 50.72 8.05 -27.87
N ILE F 316 51.08 9.19 -28.46
CA ILE F 316 50.11 10.16 -28.96
C ILE F 316 50.28 10.26 -30.48
N THR F 317 49.31 9.76 -31.22
CA THR F 317 49.31 9.88 -32.67
C THR F 317 48.23 10.89 -33.07
N MET F 318 48.56 11.75 -34.03
CA MET F 318 47.79 12.95 -34.30
C MET F 318 48.07 13.32 -35.76
N ARG F 319 47.15 14.08 -36.37
CA ARG F 319 47.33 14.63 -37.71
C ARG F 319 48.41 15.72 -37.75
N ARG F 320 48.67 16.22 -38.97
CA ARG F 320 49.71 17.22 -39.17
C ARG F 320 49.27 18.58 -38.64
N ARG F 321 50.17 19.20 -37.86
CA ARG F 321 49.84 20.38 -37.07
C ARG F 321 49.69 21.65 -37.92
N GLU F 322 50.21 21.65 -39.13
CA GLU F 322 49.94 22.73 -40.07
C GLU F 322 48.53 22.66 -40.64
N SER F 323 47.91 21.48 -40.62
CA SER F 323 46.53 21.32 -41.08
C SER F 323 45.51 21.59 -39.99
N LYS F 324 45.98 21.86 -38.74
CA LYS F 324 45.24 22.28 -37.55
C LYS F 324 44.13 21.31 -37.15
N PRO F 325 44.46 20.18 -36.51
CA PRO F 325 43.43 19.17 -36.18
C PRO F 325 42.43 19.62 -35.12
N ILE F 326 41.22 19.10 -35.24
CA ILE F 326 40.05 19.66 -34.59
C ILE F 326 39.67 18.78 -33.40
N ILE F 327 39.43 19.42 -32.26
CA ILE F 327 38.90 18.76 -31.09
C ILE F 327 37.45 19.21 -30.93
N PHE F 328 36.66 18.42 -30.20
CA PHE F 328 35.24 18.69 -29.97
C PHE F 328 34.97 18.76 -28.48
N PRO F 329 35.18 19.92 -27.83
CA PRO F 329 34.76 20.06 -26.44
C PRO F 329 33.29 20.42 -26.35
N LEU F 330 32.62 19.86 -25.35
CA LEU F 330 31.19 20.11 -25.22
C LEU F 330 30.81 20.11 -23.75
N GLY F 331 29.86 20.97 -23.41
CA GLY F 331 29.29 20.96 -22.08
C GLY F 331 28.36 19.79 -21.89
N VAL F 332 28.04 19.52 -20.63
CA VAL F 332 27.34 18.29 -20.30
C VAL F 332 25.87 18.60 -20.04
N HIS F 333 25.55 19.83 -19.62
CA HIS F 333 24.16 20.28 -19.66
C HIS F 333 23.93 21.17 -20.88
N THR F 334 24.24 20.61 -22.05
CA THR F 334 23.97 21.26 -23.32
C THR F 334 23.10 20.32 -24.15
N ALA F 335 22.60 20.84 -25.28
CA ALA F 335 21.83 20.01 -26.19
C ALA F 335 22.70 19.18 -27.11
N ASP F 336 24.02 19.39 -27.12
CA ASP F 336 24.96 18.44 -27.70
C ASP F 336 24.94 17.14 -26.92
N ASP F 337 25.02 17.25 -25.60
CA ASP F 337 25.09 16.10 -24.71
C ASP F 337 23.74 15.38 -24.63
N ALA F 338 22.65 16.10 -24.87
CA ALA F 338 21.35 15.44 -25.00
C ALA F 338 21.24 14.68 -26.31
N ASN F 339 21.65 15.29 -27.42
CA ASN F 339 21.45 14.64 -28.71
C ASN F 339 22.53 13.63 -29.05
N ILE F 340 23.60 13.51 -28.27
CA ILE F 340 24.55 12.42 -28.44
C ILE F 340 24.13 11.22 -27.61
N ASP F 341 23.76 11.45 -26.36
CA ASP F 341 23.46 10.35 -25.44
C ASP F 341 22.10 9.72 -25.67
N THR F 342 21.11 10.49 -26.10
CA THR F 342 19.74 10.00 -26.17
C THR F 342 19.24 9.77 -27.58
N SER F 343 20.13 9.59 -28.55
CA SER F 343 19.66 9.45 -29.91
C SER F 343 19.61 8.00 -30.38
N VAL F 344 20.64 7.22 -30.06
CA VAL F 344 20.58 5.77 -30.29
C VAL F 344 19.73 5.12 -29.22
N ARG F 345 19.67 5.73 -28.03
CA ARG F 345 18.80 5.27 -26.94
C ARG F 345 17.33 5.44 -27.24
N GLU F 346 16.97 6.40 -28.10
CA GLU F 346 15.61 6.43 -28.64
C GLU F 346 15.35 5.24 -29.55
N SER F 347 16.34 4.86 -30.34
CA SER F 347 16.17 3.73 -31.24
C SER F 347 16.26 2.39 -30.54
N ALA F 348 17.09 2.30 -29.49
CA ALA F 348 17.27 1.04 -28.78
C ALA F 348 16.08 0.72 -27.88
N ILE F 349 15.40 1.73 -27.36
CA ILE F 349 14.14 1.52 -26.67
C ILE F 349 13.05 1.13 -27.66
N PHE F 350 13.09 1.74 -28.85
CA PHE F 350 12.20 1.37 -29.95
C PHE F 350 12.51 -0.02 -30.51
N ALA F 351 13.78 -0.44 -30.45
CA ALA F 351 14.12 -1.79 -30.85
C ALA F 351 13.64 -2.82 -29.84
N LEU F 352 13.63 -2.46 -28.55
CA LEU F 352 13.19 -3.38 -27.50
C LEU F 352 11.67 -3.56 -27.52
N CYS F 353 10.94 -2.49 -27.81
CA CYS F 353 9.49 -2.58 -27.87
C CYS F 353 9.02 -3.26 -29.16
N GLU F 354 9.78 -3.14 -30.25
CA GLU F 354 9.48 -3.91 -31.44
C GLU F 354 9.93 -5.36 -31.32
N ARG F 355 10.86 -5.66 -30.41
CA ARG F 355 11.23 -7.05 -30.17
C ARG F 355 10.16 -7.76 -29.37
N LEU F 356 9.55 -7.08 -28.40
CA LEU F 356 8.60 -7.69 -27.49
C LEU F 356 7.26 -7.93 -28.15
N GLN F 357 6.68 -6.89 -28.75
CA GLN F 357 5.46 -7.00 -29.54
C GLN F 357 5.47 -5.90 -30.60
N PRO F 358 5.66 -6.24 -31.88
CA PRO F 358 5.79 -5.20 -32.90
C PRO F 358 4.45 -4.62 -33.31
N GLY F 359 4.51 -3.42 -33.87
CA GLY F 359 3.34 -2.75 -34.39
C GLY F 359 2.59 -1.89 -33.41
N ILE F 360 2.98 -1.88 -32.15
CA ILE F 360 2.27 -1.13 -31.12
C ILE F 360 2.92 0.22 -30.88
N VAL F 361 4.21 0.24 -30.61
CA VAL F 361 4.92 1.49 -30.32
C VAL F 361 5.21 2.19 -31.64
N GLN F 362 4.73 3.43 -31.77
CA GLN F 362 4.89 4.22 -32.98
C GLN F 362 6.12 5.12 -32.92
N ASN F 363 6.38 5.73 -31.77
CA ASN F 363 7.45 6.71 -31.67
C ASN F 363 8.02 6.67 -30.26
N VAL F 364 9.34 6.85 -30.16
CA VAL F 364 10.05 6.96 -28.89
C VAL F 364 10.80 8.28 -28.92
N HIS F 365 10.55 9.13 -27.92
CA HIS F 365 11.25 10.40 -27.81
C HIS F 365 11.85 10.53 -26.42
N ILE F 366 13.14 10.86 -26.37
CA ILE F 366 13.81 11.28 -25.15
C ILE F 366 14.26 12.72 -25.34
N PRO F 367 13.67 13.68 -24.63
CA PRO F 367 14.06 15.07 -24.82
C PRO F 367 15.28 15.48 -24.03
N TYR F 368 15.60 16.78 -24.13
CA TYR F 368 16.65 17.41 -23.35
C TYR F 368 16.31 17.42 -21.87
N CYS F 369 15.03 17.59 -21.55
CA CYS F 369 14.57 17.78 -20.20
C CYS F 369 14.54 16.52 -19.34
N MET F 370 14.67 15.33 -19.93
CA MET F 370 14.73 14.10 -19.17
C MET F 370 16.15 13.56 -19.02
N THR F 371 17.14 14.45 -19.10
CA THR F 371 18.61 14.30 -18.94
C THR F 371 19.11 13.28 -19.97
N ASP F 372 20.10 12.46 -19.63
CA ASP F 372 20.59 11.44 -20.53
C ASP F 372 19.88 10.10 -20.29
N TRP F 373 20.01 9.58 -19.09
CA TRP F 373 19.44 8.29 -18.73
C TRP F 373 18.38 8.44 -17.65
N GLY F 374 17.76 9.60 -17.57
CA GLY F 374 16.77 9.85 -16.55
C GLY F 374 15.40 9.33 -16.91
N GLY F 375 15.00 9.51 -18.16
CA GLY F 375 13.66 9.10 -18.53
C GLY F 375 13.49 8.97 -20.03
N CYS F 376 12.28 8.59 -20.43
CA CYS F 376 11.91 8.44 -21.84
C CYS F 376 10.41 8.57 -21.95
N ILE F 377 9.96 8.91 -23.16
CA ILE F 377 8.54 8.91 -23.53
C ILE F 377 8.36 8.01 -24.74
N ILE F 378 7.48 7.03 -24.63
CA ILE F 378 7.09 6.21 -25.76
C ILE F 378 5.65 6.53 -26.12
N GLN F 379 5.27 6.17 -27.35
CA GLN F 379 3.95 6.44 -27.88
C GLN F 379 3.40 5.15 -28.47
N VAL F 380 2.33 4.64 -27.90
CA VAL F 380 1.77 3.36 -28.29
C VAL F 380 0.49 3.58 -29.08
N LYS F 381 0.06 2.52 -29.76
CA LYS F 381 -1.21 2.52 -30.47
C LYS F 381 -1.85 1.15 -30.29
N LYS F 382 -3.02 1.13 -29.67
CA LYS F 382 -3.72 -0.12 -29.38
C LYS F 382 -4.68 -0.42 -30.52
N ARG F 383 -4.40 -1.51 -31.25
CA ARG F 383 -5.22 -1.84 -32.41
C ARG F 383 -6.47 -2.62 -32.03
N ASN F 384 -6.41 -3.46 -31.00
CA ASN F 384 -7.56 -4.27 -30.62
C ASN F 384 -7.51 -4.48 -29.11
N GLN F 385 -8.38 -5.38 -28.63
CA GLN F 385 -8.53 -5.64 -27.20
C GLN F 385 -7.37 -6.44 -26.63
N ILE F 386 -6.73 -7.27 -27.46
CA ILE F 386 -5.62 -8.11 -27.03
C ILE F 386 -4.37 -7.24 -26.80
N GLU F 387 -4.17 -6.22 -27.62
CA GLU F 387 -3.03 -5.31 -27.49
C GLU F 387 -3.20 -4.28 -26.38
N GLU F 388 -4.38 -4.17 -25.78
CA GLU F 388 -4.59 -3.34 -24.60
C GLU F 388 -3.85 -3.94 -23.42
N GLY F 389 -3.11 -3.10 -22.70
CA GLY F 389 -2.30 -3.55 -21.59
C GLY F 389 -0.88 -3.90 -21.94
N TRP F 390 -0.52 -3.84 -23.23
CA TRP F 390 0.85 -4.13 -23.64
C TRP F 390 1.80 -3.02 -23.31
N GLN F 391 1.30 -1.80 -23.11
CA GLN F 391 2.17 -0.69 -22.77
C GLN F 391 2.64 -0.74 -21.32
N ARG F 392 1.96 -1.49 -20.44
CA ARG F 392 2.48 -1.69 -19.11
C ARG F 392 3.60 -2.71 -19.10
N ASN F 393 3.58 -3.65 -20.04
CA ASN F 393 4.71 -4.55 -20.25
C ASN F 393 5.90 -3.81 -20.83
N PHE F 394 5.65 -2.77 -21.64
CA PHE F 394 6.72 -2.00 -22.23
C PHE F 394 7.41 -1.14 -21.19
N LEU F 395 6.64 -0.48 -20.31
CA LEU F 395 7.20 0.43 -19.32
C LEU F 395 7.95 -0.31 -18.21
N ALA F 396 7.56 -1.54 -17.92
CA ALA F 396 8.32 -2.35 -16.98
C ALA F 396 9.61 -2.86 -17.62
N ALA F 397 9.58 -3.17 -18.92
CA ALA F 397 10.76 -3.66 -19.61
C ALA F 397 11.74 -2.55 -19.93
N ILE F 398 11.25 -1.33 -20.14
CA ILE F 398 12.14 -0.20 -20.39
C ILE F 398 12.86 0.20 -19.11
N LEU F 399 12.15 0.22 -17.98
CA LEU F 399 12.72 0.63 -16.70
C LEU F 399 13.64 -0.42 -16.10
N ALA F 400 13.53 -1.68 -16.52
CA ALA F 400 14.43 -2.71 -16.01
C ALA F 400 15.66 -2.89 -16.89
N CYS F 401 15.50 -2.87 -18.21
CA CYS F 401 16.64 -3.08 -19.10
C CYS F 401 17.51 -1.84 -19.27
N SER F 402 17.02 -0.67 -18.91
CA SER F 402 17.83 0.54 -18.89
C SER F 402 18.15 0.87 -17.43
N GLN F 403 19.43 0.91 -17.11
CA GLN F 403 19.85 1.10 -15.73
C GLN F 403 19.74 2.57 -15.36
N GLY F 404 18.96 2.86 -14.32
CA GLY F 404 18.86 4.20 -13.80
C GLY F 404 17.84 5.11 -14.46
N MET F 405 16.98 4.58 -15.32
CA MET F 405 15.80 5.31 -15.76
C MET F 405 14.85 5.53 -14.59
N ARG F 406 14.35 6.75 -14.46
CA ARG F 406 13.44 7.07 -13.39
C ARG F 406 12.04 7.46 -13.83
N LEU F 407 11.81 7.76 -15.11
CA LEU F 407 10.49 8.26 -15.50
C LEU F 407 10.18 7.84 -16.93
N ALA F 408 9.51 6.70 -17.08
CA ALA F 408 9.06 6.24 -18.38
C ALA F 408 7.56 6.53 -18.51
N ILE F 409 7.19 7.28 -19.54
CA ILE F 409 5.81 7.71 -19.74
C ILE F 409 5.32 7.11 -21.05
N ALA F 410 4.19 6.43 -21.02
CA ALA F 410 3.55 5.93 -22.23
C ALA F 410 2.34 6.81 -22.54
N VAL F 411 2.28 7.35 -23.75
CA VAL F 411 1.17 8.18 -24.19
C VAL F 411 0.52 7.54 -25.40
N SER F 412 -0.66 8.04 -25.76
CA SER F 412 -1.42 7.51 -26.86
C SER F 412 -1.01 8.17 -28.17
N GLU F 413 -1.72 7.83 -29.24
CA GLU F 413 -1.32 8.23 -30.59
C GLU F 413 -1.76 9.63 -30.96
N ASP F 414 -2.64 10.26 -30.18
CA ASP F 414 -3.13 11.61 -30.48
C ASP F 414 -2.38 12.69 -29.72
N VAL F 415 -1.17 12.38 -29.26
CA VAL F 415 -0.35 13.30 -28.46
C VAL F 415 0.85 13.69 -29.30
N ASP F 416 1.19 14.98 -29.28
CA ASP F 416 2.48 15.43 -29.79
C ASP F 416 3.56 14.99 -28.82
N ILE F 417 4.47 14.13 -29.27
CA ILE F 417 5.47 13.57 -28.37
C ILE F 417 6.64 14.54 -28.15
N TYR F 418 6.76 15.58 -28.97
CA TYR F 418 7.86 16.53 -28.83
C TYR F 418 7.46 17.78 -28.07
N SER F 419 6.18 18.14 -28.09
CA SER F 419 5.68 19.25 -27.29
C SER F 419 5.57 18.78 -25.86
N MET F 420 6.21 19.51 -24.94
CA MET F 420 6.33 18.98 -23.58
C MET F 420 5.18 19.47 -22.72
N ASP F 421 4.43 20.45 -23.22
CA ASP F 421 3.19 20.81 -22.57
C ASP F 421 2.10 19.79 -22.87
N ASP F 422 2.20 19.08 -23.99
CA ASP F 422 1.26 18.02 -24.31
C ASP F 422 1.46 16.79 -23.45
N ILE F 423 2.67 16.57 -22.93
CA ILE F 423 2.91 15.46 -22.02
C ILE F 423 2.32 15.74 -20.64
N MET F 424 2.48 16.98 -20.15
CA MET F 424 1.81 17.45 -18.92
C MET F 424 0.30 17.46 -19.02
N TRP F 425 -0.25 17.64 -20.22
CA TRP F 425 -1.70 17.51 -20.41
C TRP F 425 -2.17 16.06 -20.25
N CYS F 426 -1.34 15.11 -20.64
CA CYS F 426 -1.69 13.71 -20.42
C CYS F 426 -1.50 13.27 -18.98
N LEU F 427 -0.60 13.93 -18.23
CA LEU F 427 -0.46 13.62 -16.81
C LEU F 427 -1.62 14.17 -16.01
N THR F 428 -2.22 15.26 -16.45
CA THR F 428 -3.36 15.83 -15.76
C THR F 428 -4.64 15.01 -16.02
N THR F 429 -4.86 14.62 -17.27
CA THR F 429 -6.16 14.11 -17.66
C THR F 429 -6.25 12.60 -17.79
N ARG F 430 -5.19 11.90 -18.21
CA ARG F 430 -5.29 10.50 -18.57
C ARG F 430 -4.64 9.56 -17.56
N VAL F 431 -4.26 10.05 -16.38
CA VAL F 431 -3.51 9.25 -15.41
C VAL F 431 -4.39 9.02 -14.19
N ASN F 432 -4.67 7.75 -13.91
CA ASN F 432 -5.17 7.36 -12.60
C ASN F 432 -4.00 7.30 -11.63
N PRO F 433 -4.04 8.05 -10.51
CA PRO F 433 -2.91 7.99 -9.57
C PRO F 433 -2.84 6.72 -8.74
N GLN F 434 -3.88 5.89 -8.73
CA GLN F 434 -3.84 4.63 -8.00
C GLN F 434 -3.37 3.47 -8.87
N THR F 435 -3.77 3.43 -10.14
CA THR F 435 -3.50 2.29 -10.98
C THR F 435 -2.43 2.51 -12.05
N ASP F 436 -2.29 3.73 -12.56
CA ASP F 436 -1.45 3.97 -13.73
C ASP F 436 -0.04 4.42 -13.39
N ILE F 437 0.38 4.31 -12.13
CA ILE F 437 1.75 4.62 -11.75
C ILE F 437 2.42 3.32 -11.36
N LEU F 438 3.49 2.97 -12.06
CA LEU F 438 4.20 1.72 -11.86
C LEU F 438 5.49 1.99 -11.09
N ASN F 439 5.77 1.13 -10.12
CA ASN F 439 7.04 1.15 -9.40
C ASN F 439 7.60 -0.26 -9.49
N PRO F 440 8.29 -0.60 -10.59
CA PRO F 440 8.56 -2.02 -10.89
C PRO F 440 9.69 -2.65 -10.09
N LEU F 441 10.75 -1.91 -9.82
CA LEU F 441 11.95 -2.46 -9.18
C LEU F 441 12.43 -1.64 -7.98
N PRO F 442 11.65 -1.63 -6.86
CA PRO F 442 12.01 -0.79 -5.72
C PRO F 442 13.12 -1.41 -4.89
N GLY F 443 14.31 -0.82 -4.98
CA GLY F 443 15.48 -1.39 -4.35
C GLY F 443 16.47 -2.00 -5.31
N GLY F 444 16.32 -1.77 -6.61
CA GLY F 444 17.23 -2.30 -7.60
C GLY F 444 18.43 -1.40 -7.82
N ARG F 445 18.93 -1.41 -9.05
CA ARG F 445 20.11 -0.65 -9.41
C ARG F 445 19.71 0.63 -10.12
N GLY F 446 20.13 1.77 -9.57
CA GLY F 446 19.89 3.04 -10.21
C GLY F 446 21.20 3.69 -10.62
N GLN F 447 21.24 5.02 -10.65
CA GLN F 447 22.46 5.75 -10.93
C GLN F 447 22.87 6.52 -9.68
N THR F 448 24.14 6.38 -9.29
CA THR F 448 24.63 7.01 -8.07
C THR F 448 24.93 8.50 -8.24
N PHE F 449 24.98 8.99 -9.46
CA PHE F 449 25.22 10.41 -9.72
C PHE F 449 24.00 11.25 -9.36
N MET F 450 22.83 10.79 -9.78
CA MET F 450 21.61 11.57 -9.63
C MET F 450 20.88 11.16 -8.35
N PRO F 451 20.73 12.07 -7.35
CA PRO F 451 20.28 11.68 -6.01
C PRO F 451 18.77 11.41 -5.91
N SER F 465 18.15 -7.07 1.21
CA SER F 465 18.74 -7.33 -0.11
C SER F 465 18.25 -6.31 -1.13
N ASN F 466 18.45 -5.03 -0.84
CA ASN F 466 18.01 -3.95 -1.71
C ASN F 466 18.92 -2.74 -1.51
N THR F 467 18.91 -1.85 -2.49
CA THR F 467 19.71 -0.63 -2.47
C THR F 467 18.84 0.57 -2.14
N GLN F 468 19.42 1.75 -2.30
CA GLN F 468 18.75 3.02 -2.04
C GLN F 468 17.96 3.54 -3.23
N PHE F 469 17.95 2.81 -4.35
CA PHE F 469 17.18 3.23 -5.52
C PHE F 469 15.69 3.02 -5.27
N GLU F 470 14.90 4.03 -5.62
CA GLU F 470 13.49 4.04 -5.25
C GLU F 470 12.61 3.28 -6.24
N GLY F 471 13.10 2.96 -7.42
CA GLY F 471 12.37 2.06 -8.28
C GLY F 471 12.07 2.53 -9.68
N GLY F 472 12.09 3.83 -9.90
CA GLY F 472 11.63 4.37 -11.15
C GLY F 472 10.13 4.57 -11.15
N MET F 473 9.64 5.16 -12.23
CA MET F 473 8.22 5.51 -12.31
C MET F 473 7.74 5.22 -13.72
N GLY F 474 6.89 4.22 -13.86
CA GLY F 474 6.21 3.99 -15.12
C GLY F 474 4.84 4.62 -15.08
N ILE F 475 4.58 5.60 -15.94
CA ILE F 475 3.31 6.32 -15.92
C ILE F 475 2.54 5.96 -17.18
N ASP F 476 1.36 5.38 -16.99
CA ASP F 476 0.48 4.99 -18.08
C ASP F 476 -0.49 6.13 -18.34
N ALA F 477 -0.11 7.04 -19.22
CA ALA F 477 -0.96 8.13 -19.65
C ALA F 477 -1.71 7.82 -20.93
N THR F 478 -1.88 6.54 -21.25
CA THR F 478 -2.62 6.14 -22.43
C THR F 478 -4.11 6.04 -22.13
N VAL F 479 -4.90 6.06 -23.19
CA VAL F 479 -6.34 5.86 -23.08
C VAL F 479 -6.58 4.35 -23.04
N PRO F 480 -7.68 3.87 -22.47
CA PRO F 480 -8.05 2.47 -22.66
C PRO F 480 -8.57 2.24 -24.06
N TYR F 481 -8.49 0.98 -24.51
CA TYR F 481 -9.06 0.61 -25.78
C TYR F 481 -10.57 0.51 -25.65
N GLY F 482 -11.29 1.10 -26.59
CA GLY F 482 -12.72 1.16 -26.56
C GLY F 482 -13.28 2.41 -25.89
N TYR F 483 -12.48 3.09 -25.09
CA TYR F 483 -12.85 4.38 -24.50
C TYR F 483 -12.21 5.53 -25.25
N GLU F 484 -11.90 5.33 -26.54
CA GLU F 484 -11.27 6.38 -27.34
C GLU F 484 -12.24 7.48 -27.72
N SER F 485 -13.54 7.20 -27.75
CA SER F 485 -14.54 8.23 -28.04
C SER F 485 -14.75 9.17 -26.87
N ASP F 486 -14.64 8.66 -25.65
CA ASP F 486 -14.75 9.52 -24.48
C ASP F 486 -13.49 10.37 -24.28
N PHE F 487 -12.34 9.89 -24.75
CA PHE F 487 -11.07 10.58 -24.60
C PHE F 487 -10.58 11.24 -25.89
N HIS F 488 -11.48 11.50 -26.84
CA HIS F 488 -11.04 12.02 -28.13
C HIS F 488 -10.88 13.53 -28.01
N ARG F 489 -9.73 14.03 -28.44
CA ARG F 489 -9.50 15.46 -28.45
C ARG F 489 -10.19 16.06 -29.67
N PRO F 490 -11.07 17.04 -29.49
CA PRO F 490 -11.76 17.63 -30.65
C PRO F 490 -10.85 18.54 -31.46
N VAL F 491 -11.12 18.59 -32.75
CA VAL F 491 -10.27 19.29 -33.71
C VAL F 491 -11.05 20.49 -34.24
N TYR F 492 -10.50 21.68 -34.03
CA TYR F 492 -11.10 22.90 -34.54
C TYR F 492 -10.84 23.02 -36.04
N GLY F 493 -11.64 23.86 -36.70
CA GLY F 493 -11.52 24.03 -38.13
C GLY F 493 -10.40 24.96 -38.55
N VAL F 494 -9.15 24.53 -38.41
CA VAL F 494 -8.02 25.35 -38.83
C VAL F 494 -7.69 25.18 -40.30
N ASP F 495 -8.28 24.20 -40.98
CA ASP F 495 -8.09 24.00 -42.40
C ASP F 495 -9.30 24.39 -43.22
N LEU F 496 -10.47 24.54 -42.59
CA LEU F 496 -11.66 24.98 -43.30
C LEU F 496 -11.70 26.48 -43.52
N VAL F 497 -10.87 27.24 -42.79
CA VAL F 497 -10.80 28.69 -42.94
C VAL F 497 -9.37 29.04 -43.33
N LYS F 498 -9.23 30.13 -44.09
CA LYS F 498 -7.94 30.63 -44.50
C LYS F 498 -7.75 32.03 -43.94
N PRO F 499 -6.63 32.32 -43.25
CA PRO F 499 -6.44 33.66 -42.69
C PRO F 499 -6.03 34.71 -43.69
N GLU F 500 -5.66 34.34 -44.91
CA GLU F 500 -5.29 35.30 -45.94
C GLU F 500 -6.51 36.03 -46.51
N ASN F 501 -7.70 35.45 -46.38
CA ASN F 501 -8.92 36.10 -46.86
C ASN F 501 -9.42 37.19 -45.93
N PHE F 502 -8.94 37.22 -44.68
CA PHE F 502 -9.42 38.16 -43.68
C PHE F 502 -8.42 39.26 -43.36
N PHE F 503 -7.14 38.95 -43.31
CA PHE F 503 -6.12 39.93 -42.96
C PHE F 503 -5.07 39.98 -44.06
N ASP F 504 -4.38 41.12 -44.12
CA ASP F 504 -3.22 41.25 -44.98
C ASP F 504 -2.01 40.60 -44.34
N ALA F 505 -0.92 40.50 -45.11
CA ALA F 505 0.28 39.78 -44.70
C ALA F 505 1.09 40.52 -43.65
N LYS F 506 0.87 41.82 -43.48
CA LYS F 506 1.44 42.54 -42.34
C LYS F 506 0.78 42.09 -41.03
N ASP F 507 -0.54 41.91 -41.04
CA ASP F 507 -1.26 41.53 -39.83
C ASP F 507 -1.11 40.05 -39.49
N ILE F 508 -0.73 39.20 -40.45
CA ILE F 508 -0.51 37.78 -40.13
C ILE F 508 0.80 37.61 -39.36
N ASP F 509 1.88 38.23 -39.86
CA ASP F 509 3.19 38.06 -39.25
C ASP F 509 3.36 38.85 -37.96
N LYS F 510 2.52 39.86 -37.73
CA LYS F 510 2.45 40.47 -36.41
C LYS F 510 1.78 39.53 -35.42
N MET F 511 0.77 38.79 -35.88
CA MET F 511 -0.01 37.93 -35.00
C MET F 511 0.64 36.57 -34.81
N LYS F 512 1.43 36.11 -35.77
CA LYS F 512 2.13 34.84 -35.65
C LYS F 512 3.44 34.93 -34.89
N SER F 513 3.97 36.14 -34.65
CA SER F 513 5.24 36.29 -33.98
C SER F 513 5.13 36.26 -32.47
N ARG F 514 3.93 36.26 -31.92
CA ARG F 514 3.71 36.20 -30.49
C ARG F 514 3.32 34.80 -30.02
N MET F 515 3.48 33.80 -30.88
CA MET F 515 3.05 32.44 -30.60
C MET F 515 4.27 31.58 -30.30
N ALA F 516 4.29 31.00 -29.10
CA ALA F 516 5.41 30.14 -28.68
C ALA F 516 4.90 29.16 -27.64
N GLY F 517 5.46 27.95 -27.68
CA GLY F 517 5.18 26.95 -26.68
C GLY F 517 4.16 25.93 -27.16
N TRP F 518 3.09 25.75 -26.39
CA TRP F 518 2.06 24.78 -26.74
C TRP F 518 1.17 25.26 -27.87
N VAL F 519 1.09 26.57 -28.10
CA VAL F 519 0.20 27.10 -29.12
C VAL F 519 0.74 26.92 -30.53
N LEU F 520 2.04 26.66 -30.69
CA LEU F 520 2.56 26.33 -32.01
C LEU F 520 2.18 24.90 -32.39
N SER F 521 2.13 24.00 -31.41
CA SER F 521 1.70 22.64 -31.68
C SER F 521 0.19 22.53 -31.82
N LEU F 522 -0.56 23.33 -31.07
CA LEU F 522 -2.01 23.25 -31.11
C LEU F 522 -2.61 23.91 -32.35
N ALA F 523 -1.96 24.94 -32.89
CA ALA F 523 -2.45 25.56 -34.11
C ALA F 523 -2.16 24.73 -35.34
N ARG F 524 -1.14 23.87 -35.29
CA ARG F 524 -0.82 23.01 -36.44
C ARG F 524 -1.82 21.87 -36.55
N THR F 525 -2.10 21.18 -35.45
CA THR F 525 -3.02 20.06 -35.46
C THR F 525 -4.47 20.49 -35.35
N GLY F 526 -4.74 21.72 -34.94
CA GLY F 526 -6.10 22.15 -34.69
C GLY F 526 -6.70 21.64 -33.41
N ARG F 527 -5.88 21.16 -32.49
CA ARG F 527 -6.35 20.41 -31.34
C ARG F 527 -6.70 21.31 -30.17
#